data_8TBS
#
_entry.id   8TBS
#
_cell.length_a   110.320
_cell.length_b   122.596
_cell.length_c   378.458
_cell.angle_alpha   90.000
_cell.angle_beta   90.000
_cell.angle_gamma   90.000
#
_symmetry.space_group_name_H-M   'P 21 21 21'
#
loop_
_entity.id
_entity.type
_entity.pdbx_description
1 polymer 'Pyruvate kinase PKLR'
2 non-polymer 1,6-di-O-phosphono-beta-D-fructofuranose
3 non-polymer 'MANGANESE (II) ION'
4 non-polymer 'POTASSIUM ION'
5 non-polymer 'PYRUVIC ACID'
6 non-polymer "6-[(6-aminopyridin-2-yl)methyl]-4-methyl-2-[(1H-pyrazol-3-yl)methyl]-4,6-dihydro-5H-[1,3]thiazolo[5',4':4,5]pyrrolo[2,3-d]pyridazin-5-one"
7 water water
#
_entity_poly.entity_id   1
_entity_poly.type   'polypeptide(L)'
_entity_poly.pdbx_seq_one_letter_code
;MGSSHHHHHHSSGLVPRGSELGTAFFQQQQLPAAMADTFLEHLCLLDIDSEPVAARSTSIIATIGPASRSVERLKEMIKA
GMNIARLNFSHGSHEYHAESIANVREAVESFAGSPLSYRPVAIALDTKGPEIRTGILQGGPESEVELVKGSQVLVTVDPA
FRTRGNANTVWVDYPNIVRVVPVGGRIYIDDGLISLVVQKIGPEGLVTQVENGGVLGSRKGVNLPGAQVDLPGLSEQDVR
DLRFGVEHGVDIVFASFVRKASDVAAVRAALGPEGHGIKIISKIENHEGVKRFDEILEVSDGIMVARGDLGIEIPAEKVF
LAQKMMIGRCNLAGKPVVCATQMLESMITKPRPTRAETSDVANAVLDGADCIMLSGETAKGNFPVEAVKMQHAIAREAEA
AVYHRQLFEELRRAAPLSRDPTEVTAIGAVEAAFKCCAAAIIVLTTTGRSAQLLSRYRPRAAVIAVTRSAQAARQVHLCR
GVFPLLYREPPEAIWADDVDRRVQFGIESGKLRGFLRVGDLVIVVTGWRPGSGYTNIMRVLSIS
;
_entity_poly.pdbx_strand_id   A,B,C,D,E,F,G,H
#
loop_
_chem_comp.id
_chem_comp.type
_chem_comp.name
_chem_comp.formula
FBP D-saccharide, beta linking 1,6-di-O-phosphono-beta-D-fructofuranose 'C6 H14 O12 P2'
HVI non-polymer 6-[(6-aminopyridin-2-yl)methyl]-4-methyl-2-[(1H-pyrazol-3-yl)methyl]-4,6-dihydro-5H-[1,3]thiazolo[5',4':4,5]pyrrolo[2,3-d]pyridazin-5-one 'C18 H16 N8 O S'
K non-polymer 'POTASSIUM ION' 'K 1'
MN non-polymer 'MANGANESE (II) ION' 'Mn 2'
PYR non-polymer 'PYRUVIC ACID' 'C3 H4 O3'
#
# COMPACT_ATOMS: atom_id res chain seq x y z
N GLN A 27 58.73 -24.73 -25.68
CA GLN A 27 57.88 -23.80 -26.43
C GLN A 27 57.76 -22.46 -25.71
N GLN A 28 57.93 -21.38 -26.46
CA GLN A 28 57.87 -20.02 -25.90
C GLN A 28 56.85 -19.19 -26.65
N GLN A 29 56.61 -17.98 -26.11
CA GLN A 29 55.63 -17.00 -26.57
C GLN A 29 54.31 -17.61 -27.07
N GLN A 30 53.81 -18.62 -26.35
CA GLN A 30 52.46 -19.17 -26.53
C GLN A 30 52.20 -19.65 -27.95
N LEU A 31 53.22 -20.20 -28.60
CA LEU A 31 53.00 -20.71 -29.95
C LEU A 31 52.03 -21.89 -30.00
N PRO A 32 52.02 -22.83 -29.05
CA PRO A 32 50.94 -23.84 -29.05
C PRO A 32 49.56 -23.22 -28.94
N ALA A 33 49.41 -22.18 -28.12
CA ALA A 33 48.10 -21.53 -28.01
C ALA A 33 47.75 -20.76 -29.27
N ALA A 34 48.73 -20.17 -29.95
CA ALA A 34 48.46 -19.37 -31.14
C ALA A 34 48.14 -20.19 -32.37
N MET A 35 48.59 -21.45 -32.42
CA MET A 35 48.39 -22.30 -33.59
C MET A 35 47.08 -23.09 -33.54
N ALA A 36 46.35 -23.03 -32.44
CA ALA A 36 45.23 -23.94 -32.22
C ALA A 36 44.15 -23.75 -33.29
N ASP A 37 43.40 -24.82 -33.55
CA ASP A 37 42.35 -24.80 -34.56
C ASP A 37 41.10 -24.07 -34.08
N THR A 38 40.89 -23.97 -32.77
CA THR A 38 39.72 -23.29 -32.22
C THR A 38 40.15 -22.38 -31.08
N PHE A 39 39.33 -21.35 -30.84
CA PHE A 39 39.62 -20.47 -29.72
C PHE A 39 39.55 -21.22 -28.40
N LEU A 40 38.64 -22.20 -28.30
CA LEU A 40 38.55 -22.98 -27.07
C LEU A 40 39.82 -23.79 -26.83
N GLU A 41 40.36 -24.42 -27.88
CA GLU A 41 41.64 -25.11 -27.74
C GLU A 41 42.77 -24.13 -27.50
N HIS A 42 42.69 -22.93 -28.08
CA HIS A 42 43.68 -21.89 -27.81
C HIS A 42 43.74 -21.56 -26.33
N LEU A 43 42.58 -21.43 -25.68
CA LEU A 43 42.56 -21.19 -24.24
C LEU A 43 43.20 -22.35 -23.49
N CYS A 44 42.87 -23.59 -23.86
CA CYS A 44 43.36 -24.75 -23.14
C CYS A 44 44.87 -24.89 -23.23
N LEU A 45 45.50 -24.28 -24.23
CA LEU A 45 46.93 -24.46 -24.47
C LEU A 45 47.78 -23.32 -23.93
N LEU A 46 47.17 -22.28 -23.37
CA LEU A 46 47.94 -21.21 -22.77
C LEU A 46 48.77 -21.74 -21.61
N ASP A 47 50.02 -21.29 -21.52
CA ASP A 47 51.02 -21.88 -20.64
C ASP A 47 51.70 -20.79 -19.83
N ILE A 48 51.56 -20.86 -18.50
CA ILE A 48 52.23 -19.91 -17.63
C ILE A 48 53.75 -20.04 -17.69
N ASP A 49 54.27 -21.16 -18.17
CA ASP A 49 55.71 -21.32 -18.30
C ASP A 49 56.24 -20.85 -19.65
N SER A 50 55.38 -20.73 -20.65
CA SER A 50 55.78 -20.20 -21.95
C SER A 50 56.14 -18.72 -21.81
N GLU A 51 57.43 -18.39 -21.99
CA GLU A 51 57.85 -17.02 -21.73
C GLU A 51 57.74 -16.16 -22.98
N PRO A 52 57.38 -14.89 -22.83
CA PRO A 52 57.31 -14.00 -23.99
C PRO A 52 58.71 -13.66 -24.50
N VAL A 53 58.91 -13.87 -25.80
CA VAL A 53 60.18 -13.51 -26.44
C VAL A 53 59.84 -12.59 -27.62
N ALA A 54 59.46 -11.36 -27.30
CA ALA A 54 59.04 -10.37 -28.27
C ALA A 54 58.89 -9.04 -27.55
N ALA A 55 59.26 -7.96 -28.23
CA ALA A 55 59.14 -6.65 -27.63
C ALA A 55 57.68 -6.30 -27.38
N ARG A 56 57.45 -5.52 -26.33
CA ARG A 56 56.11 -5.11 -25.96
C ARG A 56 55.55 -4.13 -27.00
N SER A 57 54.39 -4.47 -27.57
CA SER A 57 53.83 -3.71 -28.67
C SER A 57 52.78 -2.69 -28.24
N THR A 58 52.11 -2.89 -27.11
CA THR A 58 51.10 -1.95 -26.64
C THR A 58 51.78 -0.78 -25.94
N SER A 59 51.59 0.43 -26.45
CA SER A 59 52.26 1.60 -25.88
C SER A 59 51.67 1.96 -24.52
N ILE A 60 52.51 2.56 -23.68
CA ILE A 60 52.12 2.96 -22.33
C ILE A 60 52.06 4.49 -22.28
N ILE A 61 50.93 5.01 -21.83
CA ILE A 61 50.73 6.44 -21.62
C ILE A 61 50.75 6.71 -20.13
N ALA A 62 51.65 7.59 -19.70
CA ALA A 62 51.79 7.95 -18.29
C ALA A 62 51.43 9.41 -18.10
N THR A 63 50.49 9.69 -17.19
CA THR A 63 50.11 11.06 -16.91
C THR A 63 51.16 11.72 -16.03
N ILE A 64 51.55 12.92 -16.41
CA ILE A 64 52.56 13.66 -15.66
C ILE A 64 51.90 14.39 -14.50
N GLY A 65 52.55 14.39 -13.35
CA GLY A 65 52.08 15.07 -12.17
C GLY A 65 53.17 15.16 -11.12
N PRO A 66 52.85 15.60 -9.91
CA PRO A 66 53.88 15.77 -8.86
C PRO A 66 54.77 14.55 -8.65
N ALA A 67 54.23 13.33 -8.83
CA ALA A 67 55.03 12.12 -8.66
C ALA A 67 55.94 11.82 -9.84
N SER A 68 55.85 12.59 -10.93
CA SER A 68 56.59 12.26 -12.13
C SER A 68 57.06 13.50 -12.89
N ARG A 69 57.37 14.59 -12.19
CA ARG A 69 57.87 15.79 -12.84
C ARG A 69 59.40 15.85 -12.87
N SER A 70 60.07 15.25 -11.89
CA SER A 70 61.52 15.34 -11.85
C SER A 70 62.14 14.60 -13.04
N VAL A 71 63.25 15.14 -13.53
CA VAL A 71 63.94 14.53 -14.65
C VAL A 71 64.39 13.13 -14.31
N GLU A 72 64.80 12.91 -13.05
CA GLU A 72 65.33 11.62 -12.65
C GLU A 72 64.24 10.56 -12.68
N ARG A 73 63.04 10.91 -12.22
CA ARG A 73 61.94 9.95 -12.25
C ARG A 73 61.49 9.68 -13.68
N LEU A 74 61.55 10.69 -14.56
CA LEU A 74 61.14 10.48 -15.94
C LEU A 74 62.11 9.56 -16.67
N LYS A 75 63.40 9.65 -16.37
CA LYS A 75 64.37 8.75 -16.99
C LYS A 75 64.09 7.31 -16.59
N GLU A 76 63.77 7.08 -15.31
CA GLU A 76 63.43 5.74 -14.85
C GLU A 76 62.17 5.24 -15.54
N MET A 77 61.21 6.13 -15.78
CA MET A 77 59.97 5.71 -16.44
C MET A 77 60.17 5.47 -17.93
N ILE A 78 61.05 6.23 -18.57
CA ILE A 78 61.42 5.93 -19.96
C ILE A 78 62.05 4.54 -20.05
N LYS A 79 63.03 4.27 -19.19
CA LYS A 79 63.66 2.95 -19.17
C LYS A 79 62.68 1.84 -18.79
N ALA A 80 61.64 2.18 -18.01
CA ALA A 80 60.65 1.19 -17.60
C ALA A 80 59.63 0.89 -18.68
N GLY A 81 59.47 1.78 -19.66
CA GLY A 81 58.61 1.49 -20.78
C GLY A 81 57.63 2.57 -21.19
N MET A 82 57.68 3.73 -20.54
CA MET A 82 56.81 4.83 -20.93
C MET A 82 57.08 5.27 -22.37
N ASN A 83 56.01 5.38 -23.17
CA ASN A 83 56.12 5.82 -24.55
C ASN A 83 55.47 7.17 -24.82
N ILE A 84 54.47 7.56 -24.04
CA ILE A 84 53.74 8.81 -24.25
C ILE A 84 53.54 9.47 -22.91
N ALA A 85 53.86 10.77 -22.83
CA ALA A 85 53.66 11.56 -21.63
C ALA A 85 52.40 12.38 -21.79
N ARG A 86 51.47 12.23 -20.84
CA ARG A 86 50.18 12.90 -20.91
C ARG A 86 50.15 14.11 -19.98
N LEU A 87 49.77 15.26 -20.52
CA LEU A 87 49.60 16.48 -19.74
C LEU A 87 48.11 16.71 -19.52
N ASN A 88 47.69 16.64 -18.26
CA ASN A 88 46.28 16.83 -17.92
C ASN A 88 46.04 18.31 -17.68
N PHE A 89 45.46 18.99 -18.66
CA PHE A 89 45.18 20.41 -18.54
C PHE A 89 43.94 20.70 -17.71
N SER A 90 43.34 19.68 -17.09
CA SER A 90 42.28 19.92 -16.13
C SER A 90 42.81 20.67 -14.91
N HIS A 91 44.10 20.54 -14.63
CA HIS A 91 44.74 21.22 -13.52
C HIS A 91 46.06 21.83 -13.99
N GLY A 92 46.47 22.90 -13.31
CA GLY A 92 47.77 23.48 -13.59
C GLY A 92 47.74 24.58 -14.64
N SER A 93 48.59 25.58 -14.44
CA SER A 93 48.68 26.71 -15.34
C SER A 93 49.61 26.39 -16.51
N HIS A 94 49.66 27.31 -17.47
CA HIS A 94 50.50 27.10 -18.65
C HIS A 94 51.96 26.99 -18.27
N GLU A 95 52.42 27.77 -17.29
CA GLU A 95 53.81 27.69 -16.85
C GLU A 95 54.12 26.36 -16.18
N TYR A 96 53.15 25.81 -15.44
CA TYR A 96 53.33 24.49 -14.85
C TYR A 96 53.51 23.43 -15.94
N HIS A 97 52.75 23.54 -17.03
CA HIS A 97 52.83 22.54 -18.09
C HIS A 97 54.05 22.74 -18.97
N ALA A 98 54.51 23.98 -19.15
CA ALA A 98 55.76 24.20 -19.85
C ALA A 98 56.93 23.57 -19.10
N GLU A 99 56.90 23.63 -17.76
CA GLU A 99 57.91 22.95 -16.96
C GLU A 99 57.87 21.45 -17.18
N SER A 100 56.67 20.87 -17.21
CA SER A 100 56.51 19.43 -17.45
C SER A 100 57.07 19.04 -18.80
N ILE A 101 56.76 19.83 -19.83
CA ILE A 101 57.27 19.55 -21.18
C ILE A 101 58.79 19.63 -21.20
N ALA A 102 59.35 20.64 -20.53
CA ALA A 102 60.80 20.80 -20.50
C ALA A 102 61.47 19.64 -19.78
N ASN A 103 60.88 19.16 -18.68
CA ASN A 103 61.48 18.06 -17.95
C ASN A 103 61.40 16.76 -18.76
N VAL A 104 60.28 16.52 -19.43
CA VAL A 104 60.15 15.30 -20.24
C VAL A 104 61.18 15.31 -21.37
N ARG A 105 61.31 16.45 -22.06
CA ARG A 105 62.26 16.53 -23.16
C ARG A 105 63.70 16.40 -22.68
N GLU A 106 64.02 16.98 -21.52
CA GLU A 106 65.37 16.82 -20.99
C GLU A 106 65.65 15.36 -20.65
N ALA A 107 64.67 14.66 -20.09
CA ALA A 107 64.86 13.24 -19.81
C ALA A 107 64.95 12.43 -21.10
N VAL A 108 64.12 12.75 -22.09
CA VAL A 108 64.14 12.03 -23.35
C VAL A 108 65.47 12.24 -24.08
N GLU A 109 65.86 13.51 -24.25
CA GLU A 109 67.08 13.84 -24.99
C GLU A 109 68.35 13.39 -24.29
N SER A 110 68.27 13.03 -23.00
CA SER A 110 69.44 12.52 -22.29
C SER A 110 69.93 11.19 -22.85
N PHE A 111 69.14 10.52 -23.69
CA PHE A 111 69.55 9.29 -24.34
C PHE A 111 69.95 9.49 -25.80
N ALA A 112 69.95 10.74 -26.29
CA ALA A 112 70.25 11.00 -27.68
C ALA A 112 71.73 10.81 -28.02
N GLY A 113 72.60 10.71 -27.02
CA GLY A 113 74.00 10.40 -27.24
C GLY A 113 74.25 9.07 -27.94
N SER A 114 73.34 8.10 -27.76
CA SER A 114 73.41 6.80 -28.43
C SER A 114 72.23 6.69 -29.39
N PRO A 115 72.37 7.09 -30.65
CA PRO A 115 71.22 7.08 -31.56
C PRO A 115 70.66 5.70 -31.82
N LEU A 116 71.48 4.65 -31.74
CA LEU A 116 71.02 3.29 -31.99
C LEU A 116 70.04 2.80 -30.93
N SER A 117 69.99 3.45 -29.76
CA SER A 117 69.09 3.07 -28.69
C SER A 117 68.11 4.17 -28.31
N TYR A 118 68.15 5.32 -28.98
CA TYR A 118 67.30 6.44 -28.62
C TYR A 118 65.83 6.08 -28.74
N ARG A 119 65.06 6.34 -27.68
CA ARG A 119 63.64 6.05 -27.66
C ARG A 119 62.87 7.35 -27.75
N PRO A 120 62.13 7.60 -28.84
CA PRO A 120 61.25 8.77 -28.86
C PRO A 120 60.13 8.62 -27.84
N VAL A 121 59.70 9.74 -27.29
CA VAL A 121 58.57 9.77 -26.36
C VAL A 121 57.64 10.89 -26.80
N ALA A 122 56.37 10.55 -27.04
CA ALA A 122 55.41 11.55 -27.46
C ALA A 122 54.88 12.34 -26.26
N ILE A 123 54.41 13.56 -26.56
CA ILE A 123 53.79 14.44 -25.58
C ILE A 123 52.35 14.66 -26.00
N ALA A 124 51.41 14.34 -25.13
CA ALA A 124 50.00 14.44 -25.42
C ALA A 124 49.36 15.49 -24.51
N LEU A 125 48.54 16.36 -25.11
CA LEU A 125 47.81 17.37 -24.37
C LEU A 125 46.38 16.89 -24.17
N ASP A 126 45.97 16.77 -22.90
CA ASP A 126 44.63 16.34 -22.53
C ASP A 126 43.83 17.58 -22.12
N THR A 127 42.85 17.95 -22.93
CA THR A 127 42.10 19.17 -22.70
C THR A 127 41.26 19.05 -21.43
N LYS A 128 40.92 20.22 -20.86
CA LYS A 128 40.06 20.24 -19.69
C LYS A 128 38.64 19.80 -20.04
N GLY A 129 38.11 20.29 -21.17
CA GLY A 129 36.77 19.99 -21.56
C GLY A 129 35.75 20.78 -20.76
N PRO A 130 34.47 20.55 -21.01
CA PRO A 130 33.40 21.29 -20.30
C PRO A 130 33.14 20.74 -18.89
N GLU A 131 34.06 21.06 -17.98
CA GLU A 131 33.98 20.55 -16.62
C GLU A 131 32.95 21.31 -15.80
N ILE A 132 32.40 20.63 -14.79
CA ILE A 132 31.56 21.24 -13.78
C ILE A 132 32.06 20.76 -12.42
N ARG A 133 32.34 21.70 -11.53
CA ARG A 133 32.93 21.39 -10.23
C ARG A 133 32.05 21.93 -9.11
N THR A 134 32.22 21.34 -7.93
CA THR A 134 31.51 21.82 -6.74
C THR A 134 32.19 23.08 -6.21
N GLY A 135 31.64 23.62 -5.12
CA GLY A 135 32.11 24.87 -4.56
C GLY A 135 33.11 24.69 -3.44
N ILE A 136 33.90 25.74 -3.21
CA ILE A 136 34.89 25.74 -2.14
C ILE A 136 34.20 25.75 -0.78
N LYS A 149 23.94 12.81 2.81
CA LYS A 149 23.56 12.39 4.14
C LYS A 149 22.05 12.55 4.40
N GLY A 150 21.58 13.80 4.40
CA GLY A 150 20.18 14.10 4.66
C GLY A 150 19.44 14.44 3.37
N SER A 151 18.22 13.90 3.25
CA SER A 151 17.51 13.90 1.97
C SER A 151 17.27 15.30 1.40
N GLN A 152 17.39 16.36 2.21
CA GLN A 152 17.24 17.73 1.72
C GLN A 152 18.61 18.34 1.46
N VAL A 153 18.81 18.83 0.25
CA VAL A 153 20.07 19.43 -0.17
C VAL A 153 19.78 20.43 -1.28
N LEU A 154 20.38 21.61 -1.19
CA LEU A 154 20.17 22.67 -2.18
C LEU A 154 21.48 22.98 -2.89
N VAL A 155 21.44 22.97 -4.22
CA VAL A 155 22.55 23.41 -5.06
C VAL A 155 22.07 24.56 -5.91
N THR A 156 22.90 25.58 -6.04
CA THR A 156 22.52 26.82 -6.72
C THR A 156 23.76 27.47 -7.29
N VAL A 157 23.58 28.22 -8.37
CA VAL A 157 24.67 28.83 -9.12
C VAL A 157 24.91 30.25 -8.63
N ASP A 158 24.25 30.63 -7.55
CA ASP A 158 24.38 32.00 -7.03
C ASP A 158 25.79 32.24 -6.50
N PRO A 159 26.47 33.29 -6.96
CA PRO A 159 27.86 33.52 -6.49
C PRO A 159 27.97 33.82 -5.01
N ALA A 160 26.93 34.35 -4.37
CA ALA A 160 26.97 34.63 -2.95
C ALA A 160 26.88 33.36 -2.11
N PHE A 161 26.32 32.29 -2.67
CA PHE A 161 26.21 31.02 -1.95
C PHE A 161 27.47 30.19 -2.13
N ASN A 166 29.60 23.09 3.31
CA ASN A 166 29.14 22.30 4.44
C ASN A 166 28.28 21.14 3.97
N ALA A 167 27.71 20.38 4.92
CA ALA A 167 26.89 19.22 4.62
C ALA A 167 25.46 19.58 4.22
N ASN A 168 25.15 20.87 4.08
CA ASN A 168 23.80 21.32 3.78
C ASN A 168 23.68 22.10 2.48
N THR A 169 24.72 22.79 2.04
CA THR A 169 24.63 23.63 0.86
C THR A 169 25.95 23.60 0.10
N VAL A 170 25.88 23.31 -1.20
CA VAL A 170 27.05 23.25 -2.07
C VAL A 170 26.79 24.09 -3.32
N TRP A 171 27.87 24.60 -3.89
CA TRP A 171 27.84 25.53 -5.01
C TRP A 171 28.43 24.87 -6.25
N VAL A 172 27.96 25.30 -7.42
CA VAL A 172 28.42 24.76 -8.71
C VAL A 172 28.63 25.91 -9.69
N ASP A 173 29.30 25.61 -10.80
CA ASP A 173 29.73 26.62 -11.75
C ASP A 173 28.87 26.68 -13.01
N TYR A 174 28.22 25.59 -13.41
CA TYR A 174 27.35 25.61 -14.58
C TYR A 174 26.16 26.52 -14.31
N PRO A 175 25.97 27.58 -15.11
CA PRO A 175 24.83 28.49 -14.84
C PRO A 175 23.47 27.83 -14.99
N ASN A 176 23.18 27.22 -16.14
CA ASN A 176 21.86 26.68 -16.42
C ASN A 176 21.95 25.22 -16.85
N ILE A 177 21.01 24.41 -16.37
CA ILE A 177 20.97 22.99 -16.66
C ILE A 177 19.50 22.56 -16.70
N VAL A 178 18.61 23.51 -16.46
CA VAL A 178 17.19 23.21 -16.30
C VAL A 178 16.53 22.68 -17.57
N ARG A 179 17.20 22.73 -18.72
CA ARG A 179 16.63 22.26 -19.97
C ARG A 179 17.16 20.91 -20.44
N VAL A 180 18.29 20.43 -19.90
CA VAL A 180 18.83 19.15 -20.31
C VAL A 180 18.24 17.99 -19.51
N VAL A 181 17.90 18.22 -18.23
CA VAL A 181 17.43 17.14 -17.38
C VAL A 181 15.91 17.00 -17.50
N PRO A 182 15.40 15.79 -17.79
CA PRO A 182 13.95 15.58 -17.73
C PRO A 182 13.51 15.10 -16.35
N VAL A 183 12.24 14.74 -16.19
CA VAL A 183 11.74 14.27 -14.91
C VAL A 183 12.24 12.86 -14.57
N GLY A 184 12.94 12.21 -15.48
CA GLY A 184 13.44 10.87 -15.22
C GLY A 184 14.91 10.81 -14.84
N GLY A 185 15.72 11.65 -15.46
CA GLY A 185 17.16 11.63 -15.26
C GLY A 185 17.56 12.06 -13.85
N ARG A 186 18.86 11.97 -13.59
CA ARG A 186 19.43 12.33 -12.30
C ARG A 186 20.76 13.04 -12.54
N ILE A 187 21.39 13.48 -11.44
CA ILE A 187 22.65 14.22 -11.50
C ILE A 187 23.58 13.69 -10.41
N TYR A 188 24.88 13.60 -10.73
CA TYR A 188 25.88 12.95 -9.88
C TYR A 188 26.91 13.96 -9.38
N ILE A 189 27.42 13.72 -8.17
CA ILE A 189 28.45 14.54 -7.56
C ILE A 189 29.63 13.65 -7.17
N ASP A 190 30.84 14.17 -7.34
CA ASP A 190 32.06 13.57 -6.78
C ASP A 190 32.30 12.17 -7.37
N ASP A 191 32.51 12.15 -8.69
CA ASP A 191 32.84 10.92 -9.41
C ASP A 191 31.78 9.85 -9.23
N GLY A 192 30.52 10.26 -9.11
CA GLY A 192 29.42 9.32 -9.03
C GLY A 192 29.12 8.77 -7.65
N LEU A 193 29.76 9.28 -6.60
CA LEU A 193 29.53 8.75 -5.27
C LEU A 193 28.27 9.31 -4.62
N ILE A 194 27.91 10.55 -4.93
CA ILE A 194 26.71 11.19 -4.40
C ILE A 194 25.82 11.54 -5.59
N SER A 195 24.54 11.17 -5.49
CA SER A 195 23.61 11.35 -6.58
C SER A 195 22.28 11.92 -6.09
N LEU A 196 21.60 12.63 -6.98
CA LEU A 196 20.32 13.27 -6.71
C LEU A 196 19.44 13.13 -7.95
N VAL A 197 18.19 12.70 -7.75
CA VAL A 197 17.24 12.64 -8.87
C VAL A 197 16.59 13.99 -9.02
N VAL A 198 15.51 14.05 -9.81
CA VAL A 198 14.82 15.31 -10.07
C VAL A 198 14.22 15.84 -8.78
N GLN A 199 15.03 16.58 -8.02
CA GLN A 199 14.53 17.21 -6.80
C GLN A 199 13.44 18.22 -7.13
N LYS A 200 13.63 19.00 -8.19
CA LYS A 200 12.63 19.95 -8.71
C LYS A 200 11.96 20.77 -7.62
N GLN A 209 18.06 13.07 -2.52
CA GLN A 209 19.43 12.68 -2.20
C GLN A 209 19.55 11.15 -2.21
N VAL A 210 19.46 10.59 -3.41
CA VAL A 210 19.44 9.14 -3.59
C VAL A 210 20.87 8.60 -3.58
N GLU A 211 20.99 7.28 -3.37
CA GLU A 211 22.27 6.56 -3.47
C GLU A 211 23.27 7.06 -2.44
N ASN A 212 22.78 7.38 -1.25
CA ASN A 212 23.60 7.71 -0.07
C ASN A 212 24.47 8.92 -0.41
N GLY A 213 25.76 8.92 -0.09
CA GLY A 213 26.61 10.06 -0.32
C GLY A 213 27.37 10.45 0.94
N GLY A 214 28.64 10.10 1.01
CA GLY A 214 29.44 10.34 2.19
C GLY A 214 30.17 11.66 2.19
N VAL A 215 31.45 11.63 2.56
CA VAL A 215 32.24 12.84 2.68
C VAL A 215 32.48 13.46 1.31
N LEU A 216 32.18 14.74 1.18
CA LEU A 216 32.42 15.50 -0.03
C LEU A 216 33.37 16.65 0.29
N GLY A 217 34.33 16.88 -0.58
CA GLY A 217 35.37 17.88 -0.37
C GLY A 217 35.09 19.18 -1.07
N SER A 218 36.15 19.89 -1.43
CA SER A 218 36.06 21.17 -2.11
C SER A 218 36.33 20.98 -3.60
N ARG A 219 35.39 21.44 -4.43
CA ARG A 219 35.54 21.44 -5.88
C ARG A 219 35.79 20.04 -6.43
N LYS A 220 34.73 19.25 -6.55
CA LYS A 220 34.78 17.93 -7.18
C LYS A 220 33.72 17.87 -8.27
N GLY A 221 33.82 16.86 -9.12
CA GLY A 221 33.08 16.83 -10.36
C GLY A 221 31.58 16.73 -10.18
N VAL A 222 30.86 17.08 -11.25
CA VAL A 222 29.41 17.00 -11.33
C VAL A 222 29.04 16.43 -12.69
N ASN A 223 28.27 15.35 -12.72
CA ASN A 223 27.92 14.67 -13.96
C ASN A 223 26.41 14.59 -14.13
N LEU A 224 25.97 14.50 -15.39
CA LEU A 224 24.55 14.56 -15.74
C LEU A 224 24.24 13.48 -16.77
N PRO A 225 24.03 12.23 -16.32
CA PRO A 225 23.67 11.12 -17.21
C PRO A 225 22.30 11.31 -17.87
N LEU A 234 33.74 23.61 -27.21
CA LEU A 234 35.11 24.10 -27.08
C LEU A 234 35.16 25.43 -26.33
N SER A 235 35.49 25.36 -25.04
CA SER A 235 35.50 26.54 -24.19
C SER A 235 36.63 27.49 -24.57
N GLU A 236 36.58 28.69 -23.99
CA GLU A 236 37.66 29.66 -24.19
C GLU A 236 38.96 29.15 -23.60
N GLN A 237 38.89 28.50 -22.43
CA GLN A 237 40.09 27.92 -21.83
C GLN A 237 40.69 26.84 -22.74
N ASP A 238 39.85 25.98 -23.32
CA ASP A 238 40.35 24.92 -24.18
C ASP A 238 41.06 25.49 -25.41
N VAL A 239 40.60 26.63 -25.91
CA VAL A 239 41.21 27.24 -27.09
C VAL A 239 42.59 27.78 -26.78
N ARG A 240 42.74 28.45 -25.63
CA ARG A 240 44.06 28.93 -25.22
C ARG A 240 44.99 27.77 -24.88
N ASP A 241 44.42 26.66 -24.39
CA ASP A 241 45.23 25.48 -24.11
C ASP A 241 45.72 24.83 -25.39
N LEU A 242 44.85 24.71 -26.40
CA LEU A 242 45.29 24.13 -27.67
C LEU A 242 46.31 25.02 -28.37
N ARG A 243 46.16 26.34 -28.23
CA ARG A 243 47.17 27.26 -28.77
C ARG A 243 48.50 27.06 -28.08
N PHE A 244 48.48 26.88 -26.75
CA PHE A 244 49.70 26.60 -26.00
C PHE A 244 50.38 25.34 -26.51
N GLY A 245 49.60 24.30 -26.80
CA GLY A 245 50.17 23.05 -27.28
C GLY A 245 50.84 23.18 -28.63
N VAL A 246 50.25 23.98 -29.54
CA VAL A 246 50.90 24.23 -30.82
C VAL A 246 52.23 24.94 -30.62
N GLU A 247 52.27 25.90 -29.69
CA GLU A 247 53.50 26.66 -29.47
C GLU A 247 54.62 25.77 -28.95
N HIS A 248 54.29 24.85 -28.05
CA HIS A 248 55.30 24.00 -27.44
C HIS A 248 55.45 22.68 -28.18
N GLY A 249 54.83 22.55 -29.35
CA GLY A 249 55.10 21.41 -30.22
C GLY A 249 54.67 20.07 -29.66
N VAL A 250 53.50 20.02 -29.00
CA VAL A 250 52.98 18.73 -28.58
C VAL A 250 52.62 17.90 -29.80
N ASP A 251 52.61 16.58 -29.64
CA ASP A 251 52.36 15.66 -30.73
C ASP A 251 50.92 15.19 -30.83
N ILE A 252 50.23 15.08 -29.70
CA ILE A 252 48.92 14.46 -29.63
C ILE A 252 48.01 15.32 -28.78
N VAL A 253 46.75 15.41 -29.19
CA VAL A 253 45.70 16.08 -28.43
C VAL A 253 44.66 15.03 -28.06
N PHE A 254 44.38 14.91 -26.76
CA PHE A 254 43.23 14.15 -26.28
C PHE A 254 42.09 15.14 -26.07
N ALA A 255 41.06 15.05 -26.91
CA ALA A 255 39.94 15.99 -26.88
C ALA A 255 38.85 15.48 -25.94
N SER A 256 38.64 16.18 -24.84
CA SER A 256 37.69 15.73 -23.82
C SER A 256 36.25 15.88 -24.30
N PHE A 257 35.41 14.93 -23.88
CA PHE A 257 33.96 15.00 -24.03
C PHE A 257 33.54 15.31 -25.48
N VAL A 258 33.98 14.44 -26.38
CA VAL A 258 33.63 14.55 -27.80
C VAL A 258 32.27 13.88 -28.00
N ARG A 259 31.28 14.66 -28.46
CA ARG A 259 29.93 14.16 -28.65
C ARG A 259 29.50 14.07 -30.10
N LYS A 260 30.17 14.76 -31.02
CA LYS A 260 29.77 14.76 -32.41
C LYS A 260 30.99 15.12 -33.26
N ALA A 261 30.85 14.92 -34.57
CA ALA A 261 31.97 15.16 -35.47
C ALA A 261 32.38 16.63 -35.48
N SER A 262 31.42 17.54 -35.28
CA SER A 262 31.75 18.96 -35.30
C SER A 262 32.56 19.38 -34.07
N ASP A 263 32.48 18.63 -32.98
CA ASP A 263 33.37 18.90 -31.86
C ASP A 263 34.83 18.68 -32.25
N VAL A 264 35.07 17.69 -33.12
CA VAL A 264 36.43 17.41 -33.58
C VAL A 264 36.90 18.50 -34.54
N ALA A 265 36.00 18.98 -35.42
CA ALA A 265 36.36 20.06 -36.33
C ALA A 265 36.70 21.33 -35.57
N ALA A 266 36.02 21.60 -34.46
CA ALA A 266 36.34 22.78 -33.66
C ALA A 266 37.74 22.67 -33.05
N VAL A 267 38.11 21.47 -32.58
CA VAL A 267 39.44 21.27 -32.04
C VAL A 267 40.49 21.47 -33.13
N ARG A 268 40.27 20.85 -34.30
CA ARG A 268 41.19 21.01 -35.41
C ARG A 268 41.30 22.48 -35.84
N ALA A 269 40.22 23.25 -35.70
CA ALA A 269 40.26 24.66 -36.06
C ALA A 269 41.05 25.47 -35.04
N ALA A 270 40.93 25.11 -33.75
CA ALA A 270 41.66 25.83 -32.71
C ALA A 270 43.16 25.55 -32.74
N LEU A 271 43.58 24.45 -33.36
CA LEU A 271 45.00 24.16 -33.52
C LEU A 271 45.62 24.98 -34.63
N GLY A 272 44.81 25.61 -35.47
CA GLY A 272 45.31 26.50 -36.50
C GLY A 272 46.01 25.77 -37.62
N PRO A 273 46.42 26.53 -38.64
CA PRO A 273 47.20 25.92 -39.74
C PRO A 273 48.61 25.56 -39.35
N GLU A 274 49.05 25.91 -38.14
CA GLU A 274 50.36 25.48 -37.65
C GLU A 274 50.29 24.15 -36.91
N GLY A 275 49.10 23.71 -36.53
CA GLY A 275 48.94 22.43 -35.86
C GLY A 275 48.38 21.37 -36.78
N HIS A 276 48.77 21.42 -38.06
CA HIS A 276 48.24 20.48 -39.04
C HIS A 276 48.68 19.05 -38.74
N GLY A 277 49.92 18.87 -38.29
CA GLY A 277 50.48 17.55 -38.07
C GLY A 277 50.19 16.94 -36.71
N ILE A 278 49.34 17.56 -35.90
CA ILE A 278 49.04 17.06 -34.56
C ILE A 278 47.88 16.08 -34.65
N LYS A 279 48.04 14.92 -34.01
CA LYS A 279 46.99 13.90 -34.03
C LYS A 279 45.93 14.22 -33.00
N ILE A 280 44.68 14.03 -33.39
CA ILE A 280 43.53 14.32 -32.53
C ILE A 280 42.89 13.00 -32.13
N ILE A 281 43.02 12.64 -30.85
CA ILE A 281 42.36 11.48 -30.29
C ILE A 281 41.12 11.95 -29.54
N SER A 282 39.96 11.45 -29.97
CA SER A 282 38.70 11.85 -29.35
C SER A 282 38.41 11.00 -28.13
N LYS A 283 38.10 11.65 -27.01
CA LYS A 283 37.69 10.96 -25.79
C LYS A 283 36.18 10.75 -25.83
N ILE A 284 35.76 9.49 -25.87
CA ILE A 284 34.34 9.15 -25.77
C ILE A 284 34.03 9.01 -24.30
N GLU A 285 33.21 9.94 -23.78
CA GLU A 285 33.07 10.10 -22.35
C GLU A 285 31.63 10.03 -21.87
N ASN A 286 30.65 9.96 -22.77
CA ASN A 286 29.26 9.96 -22.36
C ASN A 286 28.41 9.20 -23.37
N HIS A 287 27.10 9.18 -23.11
CA HIS A 287 26.19 8.35 -23.90
C HIS A 287 26.11 8.82 -25.35
N GLU A 288 26.12 10.13 -25.58
CA GLU A 288 26.02 10.64 -26.96
C GLU A 288 27.28 10.32 -27.76
N GLY A 289 28.45 10.40 -27.13
CA GLY A 289 29.67 9.99 -27.81
C GLY A 289 29.66 8.55 -28.26
N VAL A 290 29.05 7.66 -27.46
CA VAL A 290 28.94 6.26 -27.86
C VAL A 290 27.96 6.11 -29.02
N LYS A 291 26.86 6.86 -28.99
CA LYS A 291 25.83 6.72 -30.01
C LYS A 291 26.29 7.25 -31.36
N ARG A 292 26.94 8.42 -31.37
CA ARG A 292 27.47 8.99 -32.61
C ARG A 292 28.93 8.58 -32.84
N PHE A 293 29.31 7.39 -32.39
CA PHE A 293 30.72 6.99 -32.41
C PHE A 293 31.26 6.94 -33.84
N ASP A 294 30.50 6.34 -34.76
CA ASP A 294 30.99 6.14 -36.12
C ASP A 294 31.35 7.46 -36.79
N GLU A 295 30.50 8.48 -36.64
CA GLU A 295 30.80 9.78 -37.24
C GLU A 295 31.98 10.45 -36.53
N ILE A 296 32.18 10.17 -35.24
CA ILE A 296 33.33 10.72 -34.54
C ILE A 296 34.61 10.04 -35.00
N LEU A 297 34.57 8.70 -35.13
CA LEU A 297 35.73 7.96 -35.58
C LEU A 297 36.18 8.40 -36.97
N GLU A 298 35.22 8.67 -37.86
CA GLU A 298 35.55 9.00 -39.24
C GLU A 298 36.42 10.26 -39.34
N VAL A 299 36.27 11.21 -38.41
CA VAL A 299 36.98 12.47 -38.48
C VAL A 299 38.12 12.57 -37.47
N SER A 300 38.34 11.54 -36.66
CA SER A 300 39.40 11.52 -35.67
C SER A 300 40.57 10.67 -36.12
N ASP A 301 41.74 10.93 -35.53
CA ASP A 301 42.88 10.05 -35.76
C ASP A 301 42.83 8.83 -34.84
N GLY A 302 42.00 8.85 -33.81
CA GLY A 302 41.94 7.76 -32.87
C GLY A 302 40.94 8.08 -31.78
N ILE A 303 40.79 7.13 -30.87
CA ILE A 303 39.75 7.15 -29.85
C ILE A 303 40.37 6.82 -28.51
N MET A 304 39.92 7.48 -27.46
CA MET A 304 40.22 7.06 -26.10
C MET A 304 38.92 6.68 -25.41
N VAL A 305 38.90 5.47 -24.83
CA VAL A 305 37.75 5.03 -24.05
C VAL A 305 37.98 5.55 -22.64
N ALA A 306 37.30 6.63 -22.28
CA ALA A 306 37.53 7.32 -21.01
C ALA A 306 36.55 6.76 -19.98
N ARG A 307 36.92 5.59 -19.43
CA ARG A 307 36.02 4.88 -18.54
C ARG A 307 35.68 5.67 -17.29
N GLY A 308 36.51 6.62 -16.89
CA GLY A 308 36.24 7.41 -15.71
C GLY A 308 34.90 8.11 -15.83
N ASP A 309 34.82 9.08 -16.73
CA ASP A 309 33.55 9.80 -16.93
C ASP A 309 32.49 8.88 -17.52
N LEU A 310 32.86 8.03 -18.48
CA LEU A 310 31.89 7.13 -19.10
C LEU A 310 31.17 6.28 -18.05
N GLY A 311 31.90 5.80 -17.05
CA GLY A 311 31.33 4.98 -15.98
C GLY A 311 30.36 5.73 -15.09
N ILE A 312 30.29 7.05 -15.20
CA ILE A 312 29.28 7.82 -14.49
C ILE A 312 28.14 8.21 -15.42
N GLU A 313 28.45 8.51 -16.69
CA GLU A 313 27.41 8.96 -17.62
C GLU A 313 26.51 7.83 -18.06
N ILE A 314 27.02 6.61 -18.15
CA ILE A 314 26.20 5.43 -18.37
C ILE A 314 26.42 4.50 -17.19
N PRO A 315 25.54 3.51 -16.99
CA PRO A 315 25.71 2.60 -15.86
C PRO A 315 27.06 1.90 -15.90
N ALA A 316 27.66 1.75 -14.72
CA ALA A 316 29.01 1.19 -14.62
C ALA A 316 29.08 -0.22 -15.19
N GLU A 317 28.01 -1.01 -15.07
CA GLU A 317 27.99 -2.37 -15.58
C GLU A 317 28.02 -2.43 -17.11
N LYS A 318 27.84 -1.30 -17.80
CA LYS A 318 27.80 -1.27 -19.26
C LYS A 318 29.09 -0.75 -19.88
N VAL A 319 30.07 -0.38 -19.06
CA VAL A 319 31.29 0.25 -19.60
C VAL A 319 32.09 -0.74 -20.43
N PHE A 320 32.18 -2.00 -20.00
CA PHE A 320 32.94 -2.98 -20.77
C PHE A 320 32.32 -3.22 -22.14
N LEU A 321 31.00 -3.09 -22.26
CA LEU A 321 30.34 -3.19 -23.57
C LEU A 321 30.79 -2.07 -24.49
N ALA A 322 30.82 -0.84 -23.97
CA ALA A 322 31.29 0.29 -24.76
C ALA A 322 32.78 0.15 -25.08
N GLN A 323 33.57 -0.35 -24.14
CA GLN A 323 35.01 -0.54 -24.39
C GLN A 323 35.23 -1.50 -25.55
N LYS A 324 34.59 -2.68 -25.49
CA LYS A 324 34.81 -3.69 -26.52
C LYS A 324 34.25 -3.25 -27.87
N MET A 325 33.16 -2.49 -27.88
CA MET A 325 32.59 -2.01 -29.14
C MET A 325 33.54 -1.02 -29.82
N MET A 326 34.08 -0.07 -29.06
CA MET A 326 34.96 0.94 -29.64
C MET A 326 36.29 0.34 -30.08
N ILE A 327 36.86 -0.56 -29.28
CA ILE A 327 38.12 -1.20 -29.65
C ILE A 327 37.96 -1.99 -30.94
N GLY A 328 36.88 -2.78 -31.03
CA GLY A 328 36.66 -3.56 -32.24
C GLY A 328 36.46 -2.70 -33.48
N ARG A 329 35.71 -1.60 -33.34
CA ARG A 329 35.48 -0.73 -34.49
C ARG A 329 36.74 0.03 -34.86
N CYS A 330 37.55 0.41 -33.87
CA CYS A 330 38.83 1.04 -34.18
C CYS A 330 39.77 0.05 -34.88
N ASN A 331 39.79 -1.20 -34.43
CA ASN A 331 40.58 -2.22 -35.12
C ASN A 331 40.08 -2.39 -36.55
N LEU A 332 38.76 -2.30 -36.75
CA LEU A 332 38.19 -2.42 -38.09
C LEU A 332 38.67 -1.29 -39.00
N ALA A 333 38.59 -0.06 -38.50
CA ALA A 333 38.97 1.11 -39.28
C ALA A 333 40.48 1.33 -39.33
N GLY A 334 41.28 0.51 -38.66
CA GLY A 334 42.72 0.70 -38.66
C GLY A 334 43.20 1.90 -37.88
N LYS A 335 42.41 2.37 -36.91
CA LYS A 335 42.79 3.56 -36.17
C LYS A 335 43.13 3.24 -34.72
N PRO A 336 44.07 3.96 -34.12
CA PRO A 336 44.50 3.63 -32.75
C PRO A 336 43.42 3.93 -31.73
N VAL A 337 43.34 3.06 -30.73
CA VAL A 337 42.38 3.22 -29.64
C VAL A 337 43.11 3.06 -28.32
N VAL A 338 42.79 3.93 -27.36
CA VAL A 338 43.44 3.96 -26.05
C VAL A 338 42.43 3.54 -25.00
N CYS A 339 42.82 2.63 -24.12
CA CYS A 339 42.03 2.28 -22.94
C CYS A 339 42.61 2.98 -21.72
N ALA A 340 41.74 3.61 -20.94
CA ALA A 340 42.20 4.57 -19.95
C ALA A 340 41.44 4.41 -18.64
N THR A 341 42.09 4.87 -17.56
CA THR A 341 41.49 5.17 -16.26
C THR A 341 41.31 3.96 -15.36
N GLN A 342 42.00 3.98 -14.21
CA GLN A 342 41.83 3.02 -13.12
C GLN A 342 42.25 1.61 -13.52
N MET A 343 43.20 1.49 -14.45
CA MET A 343 43.71 0.17 -14.82
C MET A 343 44.48 -0.46 -13.66
N LEU A 344 45.24 0.35 -12.92
CA LEU A 344 46.07 -0.12 -11.81
C LEU A 344 45.89 0.79 -10.60
N GLU A 345 44.62 1.12 -10.29
CA GLU A 345 44.33 2.19 -9.32
C GLU A 345 44.93 1.91 -7.95
N SER A 346 44.88 0.65 -7.49
CA SER A 346 45.42 0.32 -6.19
C SER A 346 46.92 0.63 -6.06
N MET A 347 47.65 0.67 -7.18
CA MET A 347 49.08 0.96 -7.08
C MET A 347 49.37 2.42 -6.76
N ILE A 348 48.34 3.26 -6.64
CA ILE A 348 48.53 4.61 -6.13
C ILE A 348 49.06 4.56 -4.70
N THR A 349 48.55 3.61 -3.89
CA THR A 349 48.95 3.48 -2.50
C THR A 349 49.69 2.18 -2.18
N LYS A 350 49.62 1.17 -3.05
CA LYS A 350 50.18 -0.14 -2.74
C LYS A 350 51.21 -0.54 -3.79
N PRO A 351 52.25 -1.28 -3.41
CA PRO A 351 53.31 -1.60 -4.38
C PRO A 351 52.92 -2.66 -5.39
N ARG A 352 51.84 -3.41 -5.15
CA ARG A 352 51.43 -4.46 -6.07
C ARG A 352 49.93 -4.31 -6.35
N PRO A 353 49.50 -4.64 -7.57
CA PRO A 353 48.11 -4.43 -7.95
C PRO A 353 47.21 -5.59 -7.53
N THR A 354 45.91 -5.33 -7.57
CA THR A 354 44.94 -6.38 -7.29
C THR A 354 44.79 -7.31 -8.49
N ARG A 355 44.18 -8.46 -8.23
CA ARG A 355 43.95 -9.42 -9.30
C ARG A 355 43.05 -8.85 -10.37
N ALA A 356 42.05 -8.06 -9.97
CA ALA A 356 41.15 -7.44 -10.95
C ALA A 356 41.93 -6.49 -11.86
N GLU A 357 42.90 -5.76 -11.31
CA GLU A 357 43.63 -4.78 -12.09
C GLU A 357 44.56 -5.45 -13.09
N THR A 358 45.23 -6.54 -12.68
CA THR A 358 46.09 -7.28 -13.60
C THR A 358 45.29 -7.82 -14.78
N SER A 359 44.16 -8.48 -14.51
CA SER A 359 43.33 -9.00 -15.57
C SER A 359 42.74 -7.89 -16.43
N ASP A 360 42.48 -6.71 -15.84
CA ASP A 360 41.90 -5.62 -16.59
C ASP A 360 42.86 -5.10 -17.66
N VAL A 361 44.14 -4.95 -17.29
CA VAL A 361 45.13 -4.53 -18.28
C VAL A 361 45.31 -5.62 -19.34
N ALA A 362 45.36 -6.88 -18.92
CA ALA A 362 45.54 -7.97 -19.88
C ALA A 362 44.36 -8.05 -20.83
N ASN A 363 43.15 -7.84 -20.33
CA ASN A 363 41.99 -7.95 -21.21
C ASN A 363 41.86 -6.76 -22.15
N ALA A 364 42.39 -5.59 -21.76
CA ALA A 364 42.43 -4.47 -22.69
C ALA A 364 43.32 -4.79 -23.88
N VAL A 365 44.45 -5.46 -23.63
CA VAL A 365 45.36 -5.85 -24.70
C VAL A 365 44.71 -6.93 -25.56
N LEU A 366 44.09 -7.94 -24.93
CA LEU A 366 43.42 -8.98 -25.69
C LEU A 366 42.28 -8.43 -26.52
N ASP A 367 41.58 -7.41 -26.03
CA ASP A 367 40.52 -6.79 -26.82
C ASP A 367 41.06 -6.17 -28.09
N GLY A 368 42.31 -5.70 -28.06
CA GLY A 368 42.92 -5.09 -29.24
C GLY A 368 43.26 -3.63 -29.08
N ALA A 369 43.35 -3.16 -27.84
CA ALA A 369 43.75 -1.78 -27.60
C ALA A 369 45.18 -1.55 -28.08
N ASP A 370 45.41 -0.38 -28.67
CA ASP A 370 46.75 -0.01 -29.11
C ASP A 370 47.56 0.64 -28.00
N CYS A 371 46.89 1.27 -27.04
CA CYS A 371 47.57 1.94 -25.94
C CYS A 371 46.83 1.68 -24.64
N ILE A 372 47.58 1.65 -23.55
CA ILE A 372 47.01 1.61 -22.21
C ILE A 372 47.55 2.80 -21.43
N MET A 373 46.75 3.29 -20.50
CA MET A 373 47.02 4.57 -19.86
C MET A 373 47.14 4.39 -18.35
N LEU A 374 47.99 5.22 -17.75
CA LEU A 374 48.09 5.36 -16.30
C LEU A 374 47.77 6.81 -15.94
N SER A 375 46.94 7.00 -14.91
CA SER A 375 46.50 8.33 -14.52
C SER A 375 47.10 8.65 -13.16
N GLY A 376 46.38 8.44 -12.05
CA GLY A 376 46.92 8.75 -10.74
C GLY A 376 48.09 7.86 -10.34
N GLU A 377 48.23 6.70 -11.00
CA GLU A 377 49.33 5.80 -10.68
C GLU A 377 50.68 6.45 -10.93
N THR A 378 50.76 7.32 -11.94
CA THR A 378 51.99 8.01 -12.28
C THR A 378 51.97 9.51 -11.99
N ALA A 379 50.78 10.11 -11.85
CA ALA A 379 50.69 11.54 -11.60
C ALA A 379 50.90 11.86 -10.13
N LYS A 380 50.25 11.12 -9.24
CA LYS A 380 50.28 11.43 -7.82
C LYS A 380 50.65 10.25 -6.93
N GLY A 381 50.71 9.03 -7.44
CA GLY A 381 50.90 7.87 -6.61
C GLY A 381 52.30 7.80 -6.01
N ASN A 382 52.49 6.75 -5.21
CA ASN A 382 53.77 6.51 -4.54
C ASN A 382 54.66 5.54 -5.29
N PHE A 383 54.16 4.92 -6.36
CA PHE A 383 54.93 3.92 -7.10
C PHE A 383 54.76 4.14 -8.61
N PRO A 384 55.17 5.31 -9.12
CA PRO A 384 54.95 5.58 -10.55
C PRO A 384 55.79 4.71 -11.47
N VAL A 385 57.05 4.45 -11.11
CA VAL A 385 57.89 3.60 -11.94
C VAL A 385 57.40 2.16 -11.90
N GLU A 386 57.03 1.68 -10.71
CA GLU A 386 56.58 0.30 -10.56
C GLU A 386 55.27 0.06 -11.31
N ALA A 387 54.41 1.09 -11.41
CA ALA A 387 53.18 0.92 -12.18
C ALA A 387 53.47 0.82 -13.67
N VAL A 388 54.44 1.59 -14.17
CA VAL A 388 54.85 1.46 -15.56
C VAL A 388 55.45 0.07 -15.79
N LYS A 389 56.31 -0.39 -14.87
CA LYS A 389 56.89 -1.74 -14.99
C LYS A 389 55.80 -2.80 -15.01
N MET A 390 54.74 -2.61 -14.23
CA MET A 390 53.67 -3.61 -14.17
C MET A 390 52.89 -3.67 -15.47
N GLN A 391 52.57 -2.50 -16.05
CA GLN A 391 51.86 -2.48 -17.32
C GLN A 391 52.69 -3.12 -18.42
N HIS A 392 53.98 -2.78 -18.48
CA HIS A 392 54.88 -3.39 -19.46
C HIS A 392 54.89 -4.91 -19.33
N ALA A 393 54.93 -5.41 -18.09
CA ALA A 393 54.98 -6.86 -17.87
C ALA A 393 53.68 -7.54 -18.25
N ILE A 394 52.54 -6.94 -17.90
CA ILE A 394 51.25 -7.54 -18.27
C ILE A 394 51.07 -7.50 -19.78
N ALA A 395 51.44 -6.38 -20.40
CA ALA A 395 51.24 -6.24 -21.84
C ALA A 395 52.03 -7.29 -22.62
N ARG A 396 53.28 -7.55 -22.21
CA ARG A 396 54.09 -8.55 -22.90
C ARG A 396 53.44 -9.93 -22.83
N GLU A 397 52.92 -10.30 -21.66
CA GLU A 397 52.29 -11.61 -21.53
C GLU A 397 51.01 -11.70 -22.34
N ALA A 398 50.21 -10.63 -22.36
CA ALA A 398 48.92 -10.70 -23.03
C ALA A 398 49.07 -10.70 -24.54
N GLU A 399 50.04 -9.94 -25.06
CA GLU A 399 50.28 -9.89 -26.49
C GLU A 399 50.66 -11.26 -27.04
N ALA A 400 51.34 -12.09 -26.25
CA ALA A 400 51.64 -13.43 -26.72
C ALA A 400 50.41 -14.33 -26.66
N ALA A 401 49.48 -14.04 -25.75
CA ALA A 401 48.28 -14.84 -25.58
C ALA A 401 47.19 -14.52 -26.58
N VAL A 402 47.42 -13.58 -27.50
CA VAL A 402 46.40 -13.23 -28.49
C VAL A 402 46.21 -14.38 -29.46
N TYR A 403 44.96 -14.68 -29.79
CA TYR A 403 44.64 -15.70 -30.79
C TYR A 403 44.88 -15.13 -32.19
N HIS A 404 46.17 -15.10 -32.57
CA HIS A 404 46.56 -14.45 -33.81
C HIS A 404 45.93 -15.12 -35.04
N ARG A 405 45.67 -16.43 -34.95
CA ARG A 405 45.15 -17.16 -36.10
C ARG A 405 43.82 -16.57 -36.57
N GLN A 406 42.89 -16.34 -35.64
CA GLN A 406 41.59 -15.78 -36.03
C GLN A 406 41.64 -14.26 -36.17
N LEU A 407 42.42 -13.58 -35.31
CA LEU A 407 42.54 -12.13 -35.43
C LEU A 407 43.05 -11.73 -36.82
N PHE A 408 44.15 -12.33 -37.26
CA PHE A 408 44.70 -11.94 -38.57
C PHE A 408 43.71 -12.25 -39.68
N GLU A 409 43.07 -13.43 -39.62
CA GLU A 409 42.10 -13.79 -40.64
C GLU A 409 40.96 -12.80 -40.70
N GLU A 410 40.35 -12.48 -39.55
CA GLU A 410 39.19 -11.60 -39.56
C GLU A 410 39.55 -10.18 -39.99
N LEU A 411 40.74 -9.68 -39.62
CA LEU A 411 41.13 -8.35 -40.05
C LEU A 411 41.29 -8.28 -41.57
N ARG A 412 41.89 -9.31 -42.18
CA ARG A 412 42.14 -9.27 -43.61
C ARG A 412 40.84 -9.34 -44.41
N ARG A 413 39.90 -10.22 -44.00
CA ARG A 413 38.64 -10.31 -44.74
C ARG A 413 37.77 -9.07 -44.53
N ALA A 414 37.93 -8.38 -43.41
CA ALA A 414 37.16 -7.17 -43.15
C ALA A 414 37.77 -5.96 -43.83
N ALA A 415 39.08 -5.95 -44.01
CA ALA A 415 39.74 -4.87 -44.73
C ALA A 415 39.32 -4.91 -46.20
N PRO A 416 38.75 -3.85 -46.74
CA PRO A 416 38.25 -3.89 -48.12
C PRO A 416 39.38 -3.92 -49.14
N LEU A 417 39.02 -4.36 -50.35
CA LEU A 417 39.96 -4.32 -51.46
C LEU A 417 40.38 -2.88 -51.73
N SER A 418 41.62 -2.71 -52.18
CA SER A 418 42.16 -1.38 -52.37
C SER A 418 43.17 -1.41 -53.50
N ARG A 419 43.29 -0.27 -54.19
CA ARG A 419 44.28 -0.11 -55.24
C ARG A 419 45.42 0.80 -54.82
N ASP A 420 45.50 1.17 -53.55
CA ASP A 420 46.61 1.99 -53.07
C ASP A 420 47.84 1.10 -52.88
N PRO A 421 48.95 1.41 -53.54
CA PRO A 421 50.14 0.54 -53.43
C PRO A 421 50.68 0.39 -52.01
N THR A 422 50.52 1.40 -51.14
CA THR A 422 50.97 1.25 -49.75
C THR A 422 50.15 0.20 -49.02
N GLU A 423 48.83 0.19 -49.25
CA GLU A 423 47.97 -0.81 -48.62
C GLU A 423 48.26 -2.20 -49.15
N VAL A 424 48.49 -2.34 -50.47
CA VAL A 424 48.77 -3.64 -51.06
C VAL A 424 50.10 -4.18 -50.54
N THR A 425 51.12 -3.32 -50.46
CA THR A 425 52.42 -3.75 -49.94
C THR A 425 52.34 -4.16 -48.48
N ALA A 426 51.50 -3.48 -47.69
CA ALA A 426 51.44 -3.75 -46.26
C ALA A 426 50.95 -5.17 -45.99
N ILE A 427 49.86 -5.57 -46.64
CA ILE A 427 49.33 -6.90 -46.38
C ILE A 427 50.24 -7.97 -46.96
N GLY A 428 50.90 -7.69 -48.09
CA GLY A 428 51.89 -8.63 -48.59
C GLY A 428 53.04 -8.84 -47.62
N ALA A 429 53.51 -7.74 -47.00
CA ALA A 429 54.63 -7.84 -46.06
C ALA A 429 54.23 -8.59 -44.80
N VAL A 430 53.03 -8.33 -44.27
CA VAL A 430 52.58 -9.01 -43.06
C VAL A 430 52.44 -10.51 -43.31
N GLU A 431 51.92 -10.89 -44.49
CA GLU A 431 51.85 -12.30 -44.83
C GLU A 431 53.24 -12.91 -44.94
N ALA A 432 54.17 -12.22 -45.62
CA ALA A 432 55.55 -12.71 -45.71
C ALA A 432 56.17 -12.88 -44.33
N ALA A 433 55.89 -11.95 -43.41
CA ALA A 433 56.44 -12.07 -42.06
C ALA A 433 55.93 -13.33 -41.38
N PHE A 434 54.62 -13.61 -41.48
CA PHE A 434 54.06 -14.83 -40.90
C PHE A 434 54.66 -16.08 -41.52
N LYS A 435 55.04 -16.02 -42.79
CA LYS A 435 55.48 -17.22 -43.49
C LYS A 435 56.85 -17.69 -43.00
N CYS A 436 57.68 -16.78 -42.47
CA CYS A 436 59.01 -17.12 -42.01
C CYS A 436 59.26 -16.77 -40.54
N CYS A 437 58.24 -16.32 -39.82
CA CYS A 437 58.42 -15.71 -38.50
C CYS A 437 59.55 -14.69 -38.54
N ALA A 438 59.39 -13.71 -39.42
CA ALA A 438 60.37 -12.64 -39.52
C ALA A 438 60.56 -12.00 -38.15
N ALA A 439 61.82 -11.76 -37.78
CA ALA A 439 62.08 -11.09 -36.51
C ALA A 439 61.46 -9.69 -36.49
N ALA A 440 61.40 -9.03 -37.64
CA ALA A 440 60.87 -7.69 -37.72
C ALA A 440 60.46 -7.37 -39.15
N ILE A 441 59.68 -6.31 -39.29
CA ILE A 441 59.38 -5.69 -40.58
C ILE A 441 59.95 -4.28 -40.52
N ILE A 442 61.02 -4.04 -41.26
CA ILE A 442 61.65 -2.72 -41.30
C ILE A 442 60.97 -1.91 -42.39
N VAL A 443 60.46 -0.74 -42.03
CA VAL A 443 59.72 0.11 -42.98
C VAL A 443 60.26 1.53 -42.90
N LEU A 444 60.48 2.14 -44.06
CA LEU A 444 60.86 3.55 -44.12
C LEU A 444 59.60 4.38 -44.30
N THR A 445 59.49 5.46 -43.54
CA THR A 445 58.27 6.27 -43.57
C THR A 445 58.58 7.70 -43.14
N THR A 446 57.90 8.65 -43.76
N THR A 446 57.91 8.66 -43.76
CA THR A 446 58.05 10.06 -43.46
CA THR A 446 58.07 10.06 -43.41
C THR A 446 56.97 10.57 -42.50
C THR A 446 56.97 10.56 -42.48
N THR A 447 55.71 10.21 -42.75
CA THR A 447 54.59 10.61 -41.91
C THR A 447 54.17 9.52 -40.92
N GLY A 448 54.57 8.27 -41.15
CA GLY A 448 54.13 7.16 -40.33
C GLY A 448 53.05 6.30 -40.95
N ARG A 449 52.49 6.73 -42.09
CA ARG A 449 51.34 6.02 -42.66
C ARG A 449 51.68 4.60 -43.05
N SER A 450 52.86 4.39 -43.65
CA SER A 450 53.27 3.04 -44.03
C SER A 450 53.38 2.14 -42.81
N ALA A 451 53.84 2.67 -41.68
CA ALA A 451 53.91 1.87 -40.47
C ALA A 451 52.52 1.56 -39.93
N GLN A 452 51.61 2.53 -40.01
CA GLN A 452 50.25 2.32 -39.52
C GLN A 452 49.51 1.28 -40.36
N LEU A 453 49.79 1.22 -41.67
CA LEU A 453 49.13 0.22 -42.51
C LEU A 453 49.62 -1.18 -42.22
N LEU A 454 50.87 -1.33 -41.76
CA LEU A 454 51.34 -2.63 -41.30
C LEU A 454 50.73 -2.99 -39.95
N SER A 455 50.71 -2.02 -39.03
CA SER A 455 50.19 -2.25 -37.68
C SER A 455 48.71 -2.66 -37.71
N ARG A 456 47.97 -2.20 -38.73
CA ARG A 456 46.55 -2.50 -38.83
C ARG A 456 46.27 -4.00 -38.80
N TYR A 457 47.12 -4.80 -39.45
CA TYR A 457 46.88 -6.24 -39.53
C TYR A 457 47.45 -7.01 -38.35
N ARG A 458 47.98 -6.32 -37.33
CA ARG A 458 48.50 -6.95 -36.14
C ARG A 458 49.48 -8.10 -36.44
N PRO A 459 50.59 -7.81 -37.11
CA PRO A 459 51.57 -8.87 -37.34
C PRO A 459 52.22 -9.32 -36.04
N ARG A 460 52.65 -10.57 -36.02
CA ARG A 460 53.44 -11.06 -34.89
C ARG A 460 54.80 -10.37 -34.83
N ALA A 461 55.35 -10.00 -35.99
CA ALA A 461 56.67 -9.39 -36.05
C ALA A 461 56.61 -7.91 -35.69
N ALA A 462 57.70 -7.41 -35.11
CA ALA A 462 57.79 -6.01 -34.77
C ALA A 462 57.93 -5.16 -36.03
N VAL A 463 57.23 -4.04 -36.06
CA VAL A 463 57.31 -3.09 -37.17
C VAL A 463 58.30 -2.01 -36.76
N ILE A 464 59.51 -2.10 -37.29
CA ILE A 464 60.57 -1.14 -37.02
C ILE A 464 60.46 -0.02 -38.05
N ALA A 465 60.04 1.17 -37.61
CA ALA A 465 59.79 2.30 -38.50
C ALA A 465 60.94 3.30 -38.42
N VAL A 466 61.60 3.52 -39.56
CA VAL A 466 62.75 4.42 -39.65
C VAL A 466 62.31 5.71 -40.30
N THR A 467 62.59 6.84 -39.65
CA THR A 467 62.05 8.13 -40.10
C THR A 467 63.00 9.25 -39.72
N ARG A 468 63.00 10.30 -40.53
CA ARG A 468 63.70 11.54 -40.22
C ARG A 468 62.85 12.50 -39.39
N SER A 469 61.52 12.38 -39.47
CA SER A 469 60.62 13.31 -38.82
C SER A 469 60.54 12.97 -37.34
N ALA A 470 61.06 13.85 -36.49
CA ALA A 470 61.02 13.62 -35.05
C ALA A 470 59.58 13.55 -34.55
N GLN A 471 58.69 14.33 -35.15
CA GLN A 471 57.28 14.29 -34.76
C GLN A 471 56.65 12.95 -35.10
N ALA A 472 56.85 12.47 -36.34
CA ALA A 472 56.26 11.19 -36.74
C ALA A 472 56.80 10.04 -35.90
N ALA A 473 58.08 10.07 -35.57
CA ALA A 473 58.64 9.06 -34.67
C ALA A 473 57.85 9.00 -33.36
N ARG A 474 57.47 10.15 -32.82
CA ARG A 474 56.74 10.16 -31.56
C ARG A 474 55.29 9.73 -31.74
N GLN A 475 54.69 10.06 -32.89
CA GLN A 475 53.26 9.83 -33.09
C GLN A 475 52.93 8.38 -33.41
N VAL A 476 53.86 7.62 -34.00
CA VAL A 476 53.56 6.23 -34.33
C VAL A 476 53.46 5.34 -33.09
N HIS A 477 53.81 5.86 -31.91
CA HIS A 477 53.60 5.11 -30.67
C HIS A 477 52.14 4.76 -30.44
N LEU A 478 51.21 5.51 -31.07
CA LEU A 478 49.80 5.20 -30.95
C LEU A 478 49.43 3.88 -31.63
N CYS A 479 50.24 3.41 -32.56
CA CYS A 479 49.95 2.19 -33.31
C CYS A 479 50.65 1.00 -32.67
N ARG A 480 49.88 -0.04 -32.34
CA ARG A 480 50.46 -1.20 -31.68
C ARG A 480 51.48 -1.89 -32.57
N GLY A 481 52.62 -2.24 -31.98
CA GLY A 481 53.63 -3.02 -32.68
C GLY A 481 54.61 -2.21 -33.50
N VAL A 482 54.51 -0.88 -33.48
CA VAL A 482 55.42 -0.01 -34.21
C VAL A 482 56.47 0.49 -33.24
N PHE A 483 57.74 0.26 -33.57
CA PHE A 483 58.86 0.71 -32.76
C PHE A 483 59.64 1.76 -33.56
N PRO A 484 59.52 3.05 -33.24
CA PRO A 484 60.12 4.10 -34.08
C PRO A 484 61.61 4.28 -33.81
N LEU A 485 62.35 4.50 -34.89
CA LEU A 485 63.73 4.93 -34.84
C LEU A 485 63.85 6.26 -35.56
N LEU A 486 64.60 7.17 -34.96
CA LEU A 486 64.83 8.49 -35.53
C LEU A 486 66.18 8.49 -36.23
N TYR A 487 66.17 8.71 -37.54
CA TYR A 487 67.39 8.79 -38.33
C TYR A 487 67.86 10.23 -38.37
N ARG A 488 69.13 10.45 -38.02
CA ARG A 488 69.64 11.81 -37.84
C ARG A 488 70.62 12.24 -38.93
N GLU A 489 71.23 11.31 -39.64
CA GLU A 489 72.25 11.66 -40.62
C GLU A 489 71.66 12.45 -41.79
N PRO A 490 72.45 13.31 -42.43
CA PRO A 490 71.94 14.08 -43.57
C PRO A 490 71.85 13.23 -44.82
N PRO A 491 71.07 13.66 -45.81
CA PRO A 491 70.86 12.82 -47.00
C PRO A 491 72.16 12.54 -47.74
N GLU A 492 72.26 11.32 -48.28
CA GLU A 492 73.36 10.98 -49.17
C GLU A 492 73.19 11.69 -50.51
N ALA A 493 74.27 11.73 -51.28
CA ALA A 493 74.18 12.29 -52.62
C ALA A 493 73.19 11.49 -53.46
N ILE A 494 73.40 10.17 -53.54
CA ILE A 494 72.53 9.30 -54.32
C ILE A 494 71.39 8.84 -53.43
N TRP A 495 70.16 8.96 -53.94
CA TRP A 495 68.98 8.65 -53.13
C TRP A 495 68.94 7.18 -52.74
N ALA A 496 69.38 6.29 -53.63
CA ALA A 496 69.31 4.86 -53.33
C ALA A 496 70.25 4.50 -52.17
N ASP A 497 71.44 5.09 -52.14
CA ASP A 497 72.33 4.86 -51.00
C ASP A 497 71.74 5.39 -49.70
N ASP A 498 70.97 6.48 -49.77
CA ASP A 498 70.34 7.00 -48.56
C ASP A 498 69.22 6.08 -48.09
N VAL A 499 68.64 5.31 -49.00
CA VAL A 499 67.60 4.36 -48.61
C VAL A 499 68.23 3.15 -47.93
N ASP A 500 69.32 2.63 -48.49
CA ASP A 500 69.97 1.46 -47.89
C ASP A 500 70.55 1.80 -46.52
N ARG A 501 71.13 3.00 -46.37
CA ARG A 501 71.73 3.35 -45.09
C ARG A 501 70.70 3.50 -43.99
N ARG A 502 69.48 3.95 -44.33
CA ARG A 502 68.39 3.95 -43.37
C ARG A 502 67.94 2.53 -43.05
N VAL A 503 67.97 1.64 -44.05
CA VAL A 503 67.62 0.25 -43.80
C VAL A 503 68.65 -0.40 -42.89
N GLN A 504 69.93 -0.13 -43.12
CA GLN A 504 70.97 -0.69 -42.24
C GLN A 504 70.94 -0.06 -40.86
N PHE A 505 70.49 1.20 -40.76
CA PHE A 505 70.30 1.81 -39.44
C PHE A 505 69.25 1.07 -38.64
N GLY A 506 68.15 0.68 -39.29
CA GLY A 506 67.14 -0.12 -38.62
C GLY A 506 67.62 -1.52 -38.27
N ILE A 507 68.51 -2.09 -39.09
CA ILE A 507 69.09 -3.39 -38.76
C ILE A 507 70.05 -3.25 -37.58
N GLU A 508 70.89 -2.20 -37.59
CA GLU A 508 71.84 -2.01 -36.50
C GLU A 508 71.14 -1.72 -35.19
N SER A 509 70.14 -0.82 -35.20
CA SER A 509 69.38 -0.54 -34.00
C SER A 509 68.65 -1.79 -33.52
N GLY A 510 68.04 -2.54 -34.44
CA GLY A 510 67.34 -3.75 -34.05
C GLY A 510 68.26 -4.79 -33.44
N LYS A 511 69.50 -4.87 -33.93
CA LYS A 511 70.44 -5.81 -33.34
C LYS A 511 70.84 -5.38 -31.93
N LEU A 512 71.07 -4.09 -31.72
CA LEU A 512 71.49 -3.61 -30.40
C LEU A 512 70.39 -3.81 -29.36
N ARG A 513 69.13 -3.64 -29.75
CA ARG A 513 68.00 -3.71 -28.84
C ARG A 513 67.48 -5.12 -28.61
N GLY A 514 68.10 -6.14 -29.22
CA GLY A 514 67.64 -7.50 -29.07
C GLY A 514 66.60 -7.93 -30.08
N PHE A 515 66.10 -7.02 -30.91
CA PHE A 515 65.12 -7.38 -31.94
C PHE A 515 65.71 -8.36 -32.94
N LEU A 516 66.87 -8.04 -33.49
CA LEU A 516 67.45 -8.79 -34.61
C LEU A 516 68.69 -9.55 -34.17
N ARG A 517 68.99 -10.60 -34.92
CA ARG A 517 70.07 -11.51 -34.59
C ARG A 517 70.58 -12.11 -35.89
N VAL A 518 71.90 -12.34 -35.96
CA VAL A 518 72.50 -12.81 -37.21
C VAL A 518 71.87 -14.13 -37.61
N GLY A 519 71.43 -14.21 -38.88
CA GLY A 519 70.74 -15.37 -39.39
C GLY A 519 69.23 -15.21 -39.47
N ASP A 520 68.67 -14.24 -38.77
CA ASP A 520 67.23 -14.03 -38.78
C ASP A 520 66.78 -13.48 -40.13
N LEU A 521 65.51 -13.70 -40.44
CA LEU A 521 64.90 -13.15 -41.65
C LEU A 521 64.13 -11.89 -41.29
N VAL A 522 64.19 -10.90 -42.18
CA VAL A 522 63.52 -9.63 -41.97
C VAL A 522 62.79 -9.25 -43.25
N ILE A 523 61.69 -8.51 -43.09
CA ILE A 523 60.93 -7.97 -44.21
C ILE A 523 61.18 -6.47 -44.24
N VAL A 524 61.63 -5.96 -45.39
CA VAL A 524 61.95 -4.55 -45.55
C VAL A 524 60.97 -3.93 -46.54
N VAL A 525 60.33 -2.85 -46.12
CA VAL A 525 59.30 -2.17 -46.90
C VAL A 525 59.78 -0.76 -47.23
N THR A 526 59.89 -0.46 -48.53
CA THR A 526 60.37 0.84 -49.00
C THR A 526 59.47 1.32 -50.15
N GLY A 527 59.83 2.47 -50.72
CA GLY A 527 59.15 3.02 -51.87
C GLY A 527 60.11 3.22 -53.04
N TRP A 528 59.52 3.61 -54.17
CA TRP A 528 60.28 3.70 -55.41
C TRP A 528 60.77 5.11 -55.74
N ARG A 529 60.34 6.12 -54.99
CA ARG A 529 60.77 7.49 -55.22
C ARG A 529 60.66 8.25 -53.91
N PRO A 530 61.41 9.36 -53.76
CA PRO A 530 61.33 10.14 -52.52
C PRO A 530 59.94 10.74 -52.30
N GLY A 531 59.69 11.11 -51.05
CA GLY A 531 58.40 11.64 -50.66
C GLY A 531 57.44 10.56 -50.21
N SER A 532 56.47 10.97 -49.39
CA SER A 532 55.53 10.03 -48.82
C SER A 532 54.44 9.67 -49.82
N GLY A 533 53.87 8.47 -49.65
CA GLY A 533 52.81 8.01 -50.50
C GLY A 533 53.22 7.05 -51.61
N TYR A 534 54.50 6.69 -51.68
CA TYR A 534 55.00 5.87 -52.79
C TYR A 534 55.54 4.52 -52.33
N THR A 535 55.23 4.11 -51.10
CA THR A 535 55.63 2.79 -50.64
C THR A 535 55.05 1.71 -51.56
N ASN A 536 55.91 0.85 -52.09
CA ASN A 536 55.44 -0.17 -53.02
C ASN A 536 56.39 -1.37 -53.15
N ILE A 537 57.37 -1.49 -52.28
CA ILE A 537 58.38 -2.54 -52.40
C ILE A 537 58.46 -3.30 -51.10
N MET A 538 58.49 -4.63 -51.21
CA MET A 538 58.70 -5.52 -50.08
C MET A 538 59.85 -6.46 -50.43
N ARG A 539 60.83 -6.57 -49.53
CA ARG A 539 61.98 -7.43 -49.75
C ARG A 539 62.17 -8.35 -48.55
N VAL A 540 62.65 -9.57 -48.83
CA VAL A 540 63.03 -10.54 -47.80
C VAL A 540 64.54 -10.55 -47.71
N LEU A 541 65.07 -10.24 -46.53
CA LEU A 541 66.51 -10.15 -46.31
C LEU A 541 66.95 -11.07 -45.17
N SER A 542 68.23 -11.43 -45.20
CA SER A 542 68.89 -12.11 -44.10
C SER A 542 69.80 -11.13 -43.38
N ILE A 543 69.88 -11.25 -42.06
CA ILE A 543 70.79 -10.41 -41.28
C ILE A 543 72.17 -11.05 -41.19
N PHE B 25 13.03 -11.75 -29.84
CA PHE B 25 14.02 -11.25 -30.79
C PHE B 25 14.37 -9.80 -30.45
N PHE B 26 13.81 -8.88 -31.24
CA PHE B 26 14.01 -7.46 -31.03
C PHE B 26 15.49 -7.09 -31.09
N GLN B 27 15.84 -5.92 -30.56
CA GLN B 27 17.21 -5.44 -30.49
C GLN B 27 17.78 -5.57 -29.08
N GLN B 28 17.26 -6.51 -28.30
CA GLN B 28 17.61 -6.68 -26.90
C GLN B 28 18.53 -7.88 -26.72
N GLN B 29 19.02 -8.03 -25.48
CA GLN B 29 20.04 -9.00 -25.07
C GLN B 29 21.14 -9.17 -26.10
N GLN B 30 21.62 -8.06 -26.67
CA GLN B 30 22.74 -8.06 -27.62
C GLN B 30 22.50 -9.03 -28.78
N LEU B 31 21.24 -9.26 -29.13
CA LEU B 31 20.95 -10.16 -30.25
C LEU B 31 21.61 -9.74 -31.55
N PRO B 32 21.69 -8.46 -31.93
CA PRO B 32 22.45 -8.12 -33.15
C PRO B 32 23.91 -8.55 -33.09
N ALA B 33 24.57 -8.38 -31.94
CA ALA B 33 25.94 -8.86 -31.78
C ALA B 33 26.02 -10.37 -31.84
N ALA B 34 24.98 -11.08 -31.38
CA ALA B 34 24.99 -12.54 -31.41
C ALA B 34 24.85 -13.08 -32.82
N MET B 35 24.26 -12.31 -33.73
CA MET B 35 24.04 -12.73 -35.10
C MET B 35 25.21 -12.39 -36.02
N ALA B 36 26.31 -11.89 -35.48
CA ALA B 36 27.45 -11.51 -36.30
C ALA B 36 28.18 -12.75 -36.82
N ASP B 37 28.83 -12.59 -37.97
CA ASP B 37 29.54 -13.68 -38.64
C ASP B 37 30.97 -13.86 -38.16
N THR B 38 31.58 -12.83 -37.57
CA THR B 38 32.93 -12.94 -37.03
C THR B 38 32.93 -12.40 -35.61
N PHE B 39 33.99 -12.75 -34.87
CA PHE B 39 34.15 -12.17 -33.54
C PHE B 39 34.40 -10.68 -33.62
N LEU B 40 35.02 -10.20 -34.71
CA LEU B 40 35.29 -8.78 -34.85
C LEU B 40 34.01 -7.99 -35.04
N GLU B 41 33.10 -8.46 -35.89
CA GLU B 41 31.82 -7.78 -36.05
C GLU B 41 30.94 -7.94 -34.82
N HIS B 42 31.07 -9.07 -34.12
CA HIS B 42 30.38 -9.25 -32.85
C HIS B 42 30.71 -8.10 -31.89
N LEU B 43 32.00 -7.82 -31.72
CA LEU B 43 32.40 -6.69 -30.88
C LEU B 43 31.87 -5.38 -31.42
N CYS B 44 31.89 -5.21 -32.74
CA CYS B 44 31.44 -3.96 -33.34
C CYS B 44 29.95 -3.71 -33.13
N LEU B 45 29.16 -4.75 -32.88
CA LEU B 45 27.71 -4.61 -32.77
C LEU B 45 27.21 -4.59 -31.33
N LEU B 46 28.09 -4.76 -30.35
CA LEU B 46 27.69 -4.65 -28.96
C LEU B 46 27.12 -3.26 -28.69
N ASP B 47 26.04 -3.22 -27.91
CA ASP B 47 25.26 -1.99 -27.71
C ASP B 47 24.97 -1.79 -26.23
N ILE B 48 25.27 -0.58 -25.73
CA ILE B 48 24.96 -0.25 -24.35
C ILE B 48 23.47 -0.02 -24.10
N ASP B 49 22.67 0.14 -25.15
CA ASP B 49 21.24 0.32 -24.99
C ASP B 49 20.44 -0.96 -25.21
N SER B 50 21.12 -2.07 -25.47
CA SER B 50 20.49 -3.38 -25.60
C SER B 50 20.43 -4.01 -24.21
N GLU B 51 19.22 -4.16 -23.68
CA GLU B 51 19.13 -4.55 -22.27
C GLU B 51 19.03 -6.07 -22.12
N PRO B 52 19.65 -6.62 -21.09
CA PRO B 52 19.61 -8.07 -20.88
C PRO B 52 18.29 -8.51 -20.25
N VAL B 53 18.12 -9.83 -20.19
CA VAL B 53 16.96 -10.44 -19.54
C VAL B 53 17.19 -10.46 -18.03
N ALA B 54 16.13 -10.74 -17.26
CA ALA B 54 16.24 -10.78 -15.81
C ALA B 54 17.03 -11.98 -15.31
N ALA B 55 17.13 -13.04 -16.10
CA ALA B 55 17.80 -14.27 -15.67
C ALA B 55 19.31 -14.06 -15.71
N ARG B 56 19.94 -14.21 -14.56
CA ARG B 56 21.39 -14.11 -14.42
C ARG B 56 21.94 -15.52 -14.25
N SER B 57 22.73 -15.98 -15.21
CA SER B 57 23.18 -17.36 -15.26
C SER B 57 24.43 -17.66 -14.42
N THR B 58 25.27 -16.66 -14.17
CA THR B 58 26.49 -16.90 -13.37
C THR B 58 26.16 -16.82 -11.89
N SER B 59 26.43 -17.89 -11.16
CA SER B 59 26.11 -17.90 -9.74
C SER B 59 27.06 -17.02 -8.96
N ILE B 60 26.56 -16.43 -7.87
CA ILE B 60 27.36 -15.57 -6.99
C ILE B 60 27.60 -16.32 -5.69
N ILE B 61 28.87 -16.46 -5.33
CA ILE B 61 29.28 -17.04 -4.05
C ILE B 61 29.69 -15.90 -3.14
N ALA B 62 29.08 -15.81 -1.96
CA ALA B 62 29.39 -14.77 -0.99
C ALA B 62 29.96 -15.42 0.27
N THR B 63 31.11 -14.92 0.73
CA THR B 63 31.73 -15.41 1.94
C THR B 63 31.05 -14.80 3.16
N ILE B 64 30.84 -15.66 4.18
CA ILE B 64 30.19 -15.25 5.43
C ILE B 64 31.23 -14.71 6.39
N GLY B 65 30.91 -13.59 7.03
CA GLY B 65 31.76 -13.00 8.04
C GLY B 65 30.96 -12.04 8.89
N PRO B 66 31.65 -11.21 9.67
CA PRO B 66 30.94 -10.32 10.61
C PRO B 66 29.96 -9.36 9.93
N ALA B 67 30.16 -9.06 8.65
CA ALA B 67 29.27 -8.16 7.91
C ALA B 67 28.14 -8.88 7.20
N SER B 68 28.15 -10.20 7.15
CA SER B 68 27.12 -10.96 6.44
C SER B 68 26.69 -12.17 7.25
N ARG B 69 26.54 -11.98 8.56
CA ARG B 69 26.22 -13.09 9.46
C ARG B 69 24.82 -13.02 10.04
N SER B 70 24.29 -11.82 10.28
CA SER B 70 22.96 -11.70 10.86
C SER B 70 21.91 -12.21 9.88
N VAL B 71 20.87 -12.83 10.45
CA VAL B 71 19.75 -13.33 9.64
C VAL B 71 19.17 -12.22 8.80
N GLU B 72 19.10 -11.00 9.35
CA GLU B 72 18.55 -9.88 8.59
C GLU B 72 19.42 -9.53 7.39
N ARG B 73 20.74 -9.52 7.57
CA ARG B 73 21.62 -9.23 6.45
C ARG B 73 21.55 -10.32 5.38
N LEU B 74 21.53 -11.59 5.81
CA LEU B 74 21.49 -12.68 4.85
C LEU B 74 20.22 -12.65 3.99
N LYS B 75 19.10 -12.19 4.56
CA LYS B 75 17.87 -12.08 3.76
C LYS B 75 18.04 -11.05 2.65
N GLU B 76 18.74 -9.96 2.93
CA GLU B 76 19.02 -8.95 1.91
C GLU B 76 19.96 -9.50 0.83
N MET B 77 20.96 -10.32 1.21
CA MET B 77 21.88 -10.84 0.22
C MET B 77 21.24 -11.91 -0.64
N ILE B 78 20.32 -12.69 -0.07
CA ILE B 78 19.59 -13.67 -0.88
C ILE B 78 18.73 -12.97 -1.91
N LYS B 79 18.04 -11.89 -1.50
CA LYS B 79 17.26 -11.11 -2.44
C LYS B 79 18.15 -10.43 -3.47
N ALA B 80 19.37 -10.05 -3.08
CA ALA B 80 20.28 -9.39 -4.00
C ALA B 80 20.86 -10.35 -5.04
N GLY B 81 20.84 -11.66 -4.78
CA GLY B 81 21.31 -12.61 -5.77
C GLY B 81 22.31 -13.65 -5.31
N MET B 82 22.66 -13.67 -4.03
CA MET B 82 23.61 -14.66 -3.53
C MET B 82 23.04 -16.07 -3.66
N ASN B 83 23.79 -16.95 -4.34
CA ASN B 83 23.36 -18.32 -4.56
C ASN B 83 24.07 -19.35 -3.68
N ILE B 84 25.32 -19.10 -3.32
CA ILE B 84 26.11 -20.01 -2.49
C ILE B 84 26.77 -19.18 -1.39
N ALA B 85 26.61 -19.63 -0.14
CA ALA B 85 27.28 -19.03 1.00
C ALA B 85 28.51 -19.85 1.33
N ARG B 86 29.67 -19.19 1.37
CA ARG B 86 30.94 -19.85 1.62
C ARG B 86 31.36 -19.62 3.07
N LEU B 87 31.69 -20.71 3.77
CA LEU B 87 32.25 -20.65 5.12
C LEU B 87 33.74 -20.92 5.03
N ASN B 88 34.55 -19.95 5.47
CA ASN B 88 36.00 -20.05 5.41
C ASN B 88 36.51 -20.58 6.74
N PHE B 89 36.94 -21.84 6.75
CA PHE B 89 37.38 -22.48 7.98
C PHE B 89 38.81 -22.14 8.36
N SER B 90 39.42 -21.15 7.70
CA SER B 90 40.70 -20.63 8.16
C SER B 90 40.56 -19.76 9.39
N HIS B 91 39.35 -19.27 9.69
CA HIS B 91 39.07 -18.46 10.86
C HIS B 91 37.77 -18.91 11.50
N GLY B 92 37.69 -18.77 12.81
CA GLY B 92 36.50 -19.13 13.56
C GLY B 92 36.46 -20.60 13.95
N SER B 93 35.70 -20.87 14.99
CA SER B 93 35.61 -22.22 15.55
C SER B 93 34.46 -23.00 14.92
N HIS B 94 34.40 -24.29 15.27
CA HIS B 94 33.26 -25.11 14.84
C HIS B 94 31.95 -24.54 15.35
N GLU B 95 31.94 -24.06 16.59
CA GLU B 95 30.72 -23.45 17.13
C GLU B 95 30.37 -22.18 16.36
N TYR B 96 31.37 -21.39 15.99
CA TYR B 96 31.12 -20.17 15.22
C TYR B 96 30.52 -20.48 13.85
N HIS B 97 31.01 -21.54 13.20
CA HIS B 97 30.51 -21.89 11.88
C HIS B 97 29.14 -22.56 11.94
N ALA B 98 28.86 -23.31 13.01
CA ALA B 98 27.53 -23.86 13.18
C ALA B 98 26.50 -22.75 13.33
N GLU B 99 26.90 -21.61 13.91
CA GLU B 99 26.00 -20.47 13.99
C GLU B 99 25.83 -19.80 12.62
N SER B 100 26.87 -19.81 11.79
CA SER B 100 26.74 -19.29 10.43
C SER B 100 25.78 -20.14 9.61
N ILE B 101 25.90 -21.47 9.72
CA ILE B 101 25.00 -22.36 8.99
C ILE B 101 23.55 -22.15 9.43
N ALA B 102 23.33 -22.11 10.75
CA ALA B 102 21.97 -21.93 11.27
C ALA B 102 21.37 -20.61 10.80
N ASN B 103 22.16 -19.53 10.79
CA ASN B 103 21.64 -18.25 10.34
C ASN B 103 21.36 -18.24 8.84
N VAL B 104 22.14 -18.98 8.06
CA VAL B 104 21.88 -19.04 6.62
C VAL B 104 20.59 -19.82 6.36
N ARG B 105 20.49 -21.02 6.93
CA ARG B 105 19.28 -21.82 6.72
C ARG B 105 18.04 -21.15 7.26
N GLU B 106 18.18 -20.34 8.33
CA GLU B 106 17.04 -19.58 8.82
C GLU B 106 16.62 -18.50 7.83
N ALA B 107 17.60 -17.82 7.21
CA ALA B 107 17.26 -16.81 6.21
C ALA B 107 16.71 -17.43 4.94
N VAL B 108 17.27 -18.56 4.52
CA VAL B 108 16.80 -19.21 3.30
C VAL B 108 15.38 -19.71 3.47
N GLU B 109 15.08 -20.34 4.61
CA GLU B 109 13.78 -20.97 4.82
C GLU B 109 12.67 -19.97 5.13
N SER B 110 13.00 -18.71 5.44
CA SER B 110 11.95 -17.72 5.64
C SER B 110 11.20 -17.41 4.34
N PHE B 111 11.75 -17.78 3.19
CA PHE B 111 11.06 -17.60 1.92
C PHE B 111 10.31 -18.84 1.47
N ALA B 112 10.42 -19.96 2.20
CA ALA B 112 9.89 -21.23 1.70
C ALA B 112 8.36 -21.23 1.64
N GLY B 113 7.71 -20.41 2.46
CA GLY B 113 6.25 -20.34 2.47
C GLY B 113 5.63 -19.90 1.16
N SER B 114 6.44 -19.50 0.17
CA SER B 114 5.96 -19.15 -1.17
C SER B 114 6.80 -19.90 -2.19
N PRO B 115 6.40 -21.12 -2.55
CA PRO B 115 7.29 -21.99 -3.32
C PRO B 115 7.65 -21.44 -4.69
N LEU B 116 6.81 -20.61 -5.29
CA LEU B 116 7.10 -20.12 -6.63
C LEU B 116 8.21 -19.09 -6.65
N SER B 117 8.54 -18.48 -5.50
CA SER B 117 9.64 -17.54 -5.43
C SER B 117 10.78 -18.02 -4.54
N TYR B 118 10.70 -19.23 -3.99
CA TYR B 118 11.77 -19.74 -3.14
C TYR B 118 13.06 -19.90 -3.94
N ARG B 119 14.15 -19.35 -3.40
CA ARG B 119 15.47 -19.46 -4.00
C ARG B 119 16.32 -20.40 -3.15
N PRO B 120 16.72 -21.56 -3.65
CA PRO B 120 17.65 -22.39 -2.87
C PRO B 120 19.01 -21.73 -2.79
N VAL B 121 19.68 -21.95 -1.67
CA VAL B 121 21.02 -21.42 -1.42
C VAL B 121 21.91 -22.56 -0.94
N ALA B 122 23.05 -22.74 -1.60
CA ALA B 122 23.99 -23.78 -1.19
C ALA B 122 24.94 -23.25 -0.12
N ILE B 123 25.44 -24.16 0.71
CA ILE B 123 26.45 -23.86 1.72
C ILE B 123 27.72 -24.58 1.32
N ALA B 124 28.82 -23.83 1.25
CA ALA B 124 30.10 -24.37 0.82
C ALA B 124 31.11 -24.19 1.94
N LEU B 125 31.87 -25.25 2.22
CA LEU B 125 32.90 -25.24 3.25
C LEU B 125 34.26 -25.08 2.56
N ASP B 126 34.98 -24.02 2.91
CA ASP B 126 36.34 -23.79 2.41
C ASP B 126 37.32 -24.24 3.49
N THR B 127 38.15 -25.23 3.16
CA THR B 127 39.08 -25.80 4.11
C THR B 127 40.24 -24.82 4.39
N LYS B 128 40.88 -25.02 5.54
CA LYS B 128 42.07 -24.24 5.87
C LYS B 128 43.22 -24.60 4.95
N GLY B 129 43.51 -25.89 4.81
CA GLY B 129 44.57 -26.36 3.94
C GLY B 129 45.93 -26.22 4.59
N PRO B 130 46.99 -26.52 3.82
CA PRO B 130 48.35 -26.39 4.38
C PRO B 130 48.78 -24.93 4.43
N GLU B 131 48.59 -24.29 5.58
CA GLU B 131 48.89 -22.88 5.75
C GLU B 131 50.18 -22.70 6.55
N ILE B 132 50.75 -21.51 6.42
CA ILE B 132 51.90 -21.08 7.22
C ILE B 132 51.58 -19.68 7.72
N ARG B 133 51.39 -19.55 9.03
CA ARG B 133 51.08 -18.26 9.66
C ARG B 133 52.22 -17.86 10.58
N THR B 134 52.35 -16.55 10.80
CA THR B 134 53.43 -16.00 11.61
C THR B 134 53.03 -16.04 13.09
N GLY B 135 53.89 -15.48 13.96
CA GLY B 135 53.58 -15.42 15.37
C GLY B 135 52.93 -14.10 15.75
N ILE B 136 52.32 -14.10 16.95
CA ILE B 136 51.65 -12.90 17.43
C ILE B 136 52.69 -11.85 17.80
N LEU B 137 52.42 -10.61 17.41
CA LEU B 137 53.40 -9.53 17.54
C LEU B 137 53.54 -9.08 18.97
N GLN B 138 54.76 -8.73 19.35
CA GLN B 138 55.05 -8.24 20.70
C GLN B 138 54.36 -6.91 20.94
N GLY B 139 53.70 -6.78 22.09
CA GLY B 139 52.97 -5.58 22.46
C GLY B 139 51.46 -5.76 22.43
N GLY B 140 50.96 -6.63 21.56
CA GLY B 140 49.54 -6.90 21.47
C GLY B 140 49.14 -7.52 20.16
N PRO B 141 48.14 -8.41 20.20
CA PRO B 141 47.61 -8.98 18.96
C PRO B 141 47.02 -7.95 18.00
N GLU B 142 46.83 -6.70 18.43
CA GLU B 142 46.30 -5.64 17.59
C GLU B 142 47.21 -4.41 17.68
N SER B 143 48.49 -4.62 17.39
CA SER B 143 49.47 -3.55 17.24
C SER B 143 50.30 -3.82 16.00
N GLU B 144 51.00 -2.79 15.54
CA GLU B 144 51.70 -2.85 14.25
C GLU B 144 53.20 -2.63 14.42
N VAL B 145 53.95 -3.16 13.46
CA VAL B 145 55.39 -3.01 13.38
C VAL B 145 55.79 -2.92 11.92
N GLU B 146 56.83 -2.13 11.63
CA GLU B 146 57.30 -1.88 10.28
C GLU B 146 58.62 -2.61 10.03
N LEU B 147 58.82 -3.02 8.77
CA LEU B 147 60.07 -3.61 8.32
C LEU B 147 60.81 -2.61 7.44
N VAL B 148 62.11 -2.47 7.68
CA VAL B 148 62.93 -1.55 6.91
C VAL B 148 63.33 -2.20 5.58
N LYS B 149 63.20 -1.45 4.50
CA LYS B 149 63.55 -1.95 3.17
C LYS B 149 65.06 -2.16 3.07
N GLY B 150 65.47 -3.31 2.53
CA GLY B 150 66.88 -3.63 2.38
C GLY B 150 67.60 -3.93 3.66
N SER B 151 66.90 -4.03 4.79
CA SER B 151 67.53 -4.23 6.09
C SER B 151 67.91 -5.69 6.32
N GLN B 152 68.07 -6.07 7.59
CA GLN B 152 68.41 -7.44 7.96
C GLN B 152 67.37 -7.93 8.96
N VAL B 153 66.55 -8.89 8.53
CA VAL B 153 65.49 -9.47 9.35
C VAL B 153 65.76 -10.97 9.50
N LEU B 154 65.59 -11.47 10.72
CA LEU B 154 65.82 -12.86 11.10
C LEU B 154 64.46 -13.55 11.19
N VAL B 155 64.27 -14.62 10.43
CA VAL B 155 63.06 -15.44 10.51
C VAL B 155 63.38 -16.69 11.33
N THR B 156 62.67 -16.90 12.43
CA THR B 156 62.96 -18.01 13.32
C THR B 156 61.71 -18.84 13.55
N VAL B 157 61.93 -20.10 13.94
CA VAL B 157 60.89 -21.01 14.37
C VAL B 157 61.14 -21.51 15.79
N ASP B 158 62.14 -20.95 16.46
CA ASP B 158 62.45 -21.35 17.83
C ASP B 158 61.24 -21.14 18.73
N PRO B 159 60.87 -22.12 19.56
CA PRO B 159 59.66 -21.98 20.38
C PRO B 159 59.75 -20.86 21.40
N ALA B 160 60.95 -20.46 21.79
CA ALA B 160 61.10 -19.38 22.77
C ALA B 160 60.68 -18.04 22.18
N PHE B 161 61.09 -17.75 20.94
CA PHE B 161 60.77 -16.49 20.28
C PHE B 161 59.36 -16.45 19.69
N ARG B 162 58.47 -17.34 20.13
CA ARG B 162 57.13 -17.38 19.54
C ARG B 162 56.36 -16.10 19.80
N THR B 163 56.59 -15.46 20.95
CA THR B 163 55.90 -14.24 21.32
C THR B 163 56.81 -13.01 21.22
N ARG B 164 57.88 -13.10 20.45
CA ARG B 164 58.90 -12.06 20.35
C ARG B 164 58.79 -11.25 19.05
N GLY B 165 57.69 -11.40 18.31
CA GLY B 165 57.52 -10.72 17.04
C GLY B 165 57.80 -9.23 17.07
N ASN B 166 58.82 -8.80 16.33
CA ASN B 166 59.25 -7.41 16.33
C ASN B 166 59.75 -7.04 14.93
N ALA B 167 60.37 -5.86 14.82
CA ALA B 167 60.84 -5.39 13.52
C ALA B 167 62.04 -6.19 13.02
N ASN B 168 62.91 -6.64 13.92
CA ASN B 168 64.10 -7.39 13.52
C ASN B 168 63.85 -8.89 13.42
N THR B 169 62.82 -9.39 14.10
CA THR B 169 62.57 -10.83 14.25
C THR B 169 61.10 -11.15 14.02
N VAL B 170 60.85 -12.21 13.25
CA VAL B 170 59.51 -12.73 13.09
C VAL B 170 59.53 -14.25 13.26
N TRP B 171 58.46 -14.78 13.83
CA TRP B 171 58.31 -16.20 14.11
C TRP B 171 57.30 -16.80 13.15
N VAL B 172 57.54 -18.06 12.78
CA VAL B 172 56.66 -18.79 11.89
C VAL B 172 56.20 -20.07 12.59
N ASP B 173 54.96 -20.47 12.32
CA ASP B 173 54.38 -21.65 12.95
C ASP B 173 54.66 -22.93 12.16
N TYR B 174 55.75 -22.97 11.40
CA TYR B 174 56.10 -24.10 10.56
C TYR B 174 57.53 -24.52 10.86
N PRO B 175 57.73 -25.58 11.64
CA PRO B 175 59.10 -25.95 12.05
C PRO B 175 60.02 -26.29 10.88
N ASN B 176 59.55 -27.10 9.93
CA ASN B 176 60.38 -27.56 8.82
C ASN B 176 60.63 -26.49 7.76
N ILE B 177 60.79 -25.23 8.17
CA ILE B 177 60.96 -24.15 7.20
C ILE B 177 62.43 -23.91 6.86
N VAL B 178 63.35 -24.24 7.77
CA VAL B 178 64.77 -23.98 7.50
C VAL B 178 65.37 -24.99 6.55
N ARG B 179 64.72 -26.14 6.34
CA ARG B 179 65.25 -27.19 5.48
C ARG B 179 64.48 -27.31 4.17
N VAL B 180 63.99 -26.19 3.63
CA VAL B 180 63.26 -26.22 2.36
C VAL B 180 63.73 -25.10 1.44
N VAL B 181 64.05 -23.94 2.01
CA VAL B 181 64.42 -22.78 1.19
C VAL B 181 65.92 -22.74 0.98
N PRO B 182 66.39 -22.62 -0.25
CA PRO B 182 67.82 -22.46 -0.49
C PRO B 182 68.27 -21.03 -0.20
N VAL B 183 69.59 -20.84 -0.26
CA VAL B 183 70.14 -19.50 -0.11
C VAL B 183 69.74 -18.66 -1.31
N GLY B 184 69.38 -17.40 -1.06
CA GLY B 184 68.94 -16.54 -2.13
C GLY B 184 67.47 -16.64 -2.47
N GLY B 185 66.71 -17.42 -1.71
CA GLY B 185 65.30 -17.63 -1.99
C GLY B 185 64.43 -16.42 -1.70
N ARG B 186 63.13 -16.66 -1.49
CA ARG B 186 62.19 -15.58 -1.24
C ARG B 186 61.07 -16.05 -0.34
N ILE B 187 60.75 -15.24 0.66
CA ILE B 187 59.67 -15.51 1.62
C ILE B 187 58.69 -14.35 1.56
N TYR B 188 57.43 -14.66 1.33
CA TYR B 188 56.37 -13.66 1.24
C TYR B 188 55.52 -13.69 2.49
N ILE B 189 55.19 -12.51 3.02
CA ILE B 189 54.34 -12.37 4.19
C ILE B 189 53.26 -11.34 3.89
N ASP B 190 52.07 -11.57 4.46
CA ASP B 190 50.94 -10.65 4.36
C ASP B 190 50.52 -10.46 2.90
N ASP B 191 49.94 -11.54 2.35
CA ASP B 191 49.44 -11.56 0.98
C ASP B 191 50.48 -11.06 -0.02
N GLY B 192 51.71 -11.53 0.16
CA GLY B 192 52.77 -11.17 -0.76
C GLY B 192 53.18 -9.71 -0.76
N LEU B 193 52.80 -8.96 0.27
CA LEU B 193 53.17 -7.54 0.32
C LEU B 193 54.60 -7.36 0.80
N ILE B 194 55.05 -8.19 1.74
CA ILE B 194 56.42 -8.14 2.25
C ILE B 194 57.23 -9.24 1.60
N SER B 195 58.46 -8.92 1.21
CA SER B 195 59.36 -9.86 0.56
C SER B 195 60.67 -9.94 1.33
N LEU B 196 61.11 -11.16 1.62
CA LEU B 196 62.37 -11.41 2.29
C LEU B 196 63.21 -12.33 1.41
N VAL B 197 64.49 -12.00 1.26
CA VAL B 197 65.42 -12.80 0.46
C VAL B 197 66.39 -13.48 1.41
N VAL B 198 66.52 -14.79 1.29
CA VAL B 198 67.40 -15.56 2.16
C VAL B 198 68.85 -15.20 1.83
N GLN B 199 69.61 -14.79 2.84
CA GLN B 199 71.03 -14.55 2.63
C GLN B 199 71.84 -15.72 3.16
N LYS B 200 71.82 -15.91 4.48
CA LYS B 200 72.43 -17.06 5.11
C LYS B 200 71.37 -17.84 5.88
N ILE B 201 71.58 -19.15 6.01
CA ILE B 201 70.76 -20.00 6.85
C ILE B 201 71.55 -20.25 8.13
N GLY B 202 71.02 -19.80 9.26
CA GLY B 202 71.72 -19.86 10.51
C GLY B 202 71.33 -21.07 11.34
N PRO B 203 71.89 -21.17 12.55
CA PRO B 203 71.63 -22.35 13.40
C PRO B 203 70.17 -22.45 13.83
N GLU B 204 69.71 -21.50 14.63
CA GLU B 204 68.33 -21.46 15.11
C GLU B 204 67.63 -20.20 14.63
N GLY B 205 67.85 -19.84 13.36
CA GLY B 205 67.24 -18.66 12.77
C GLY B 205 67.70 -18.41 11.35
N LEU B 206 66.80 -17.92 10.50
CA LEU B 206 67.05 -17.68 9.08
C LEU B 206 67.33 -16.21 8.84
N VAL B 207 68.59 -15.88 8.51
CA VAL B 207 68.97 -14.50 8.23
C VAL B 207 68.47 -14.11 6.84
N THR B 208 67.69 -13.02 6.78
CA THR B 208 67.16 -12.52 5.53
C THR B 208 67.56 -11.07 5.31
N GLN B 209 67.49 -10.65 4.05
CA GLN B 209 67.54 -9.24 3.67
C GLN B 209 66.18 -8.87 3.12
N VAL B 210 65.55 -7.84 3.71
CA VAL B 210 64.25 -7.39 3.22
C VAL B 210 64.41 -6.91 1.79
N GLU B 211 63.59 -7.46 0.90
CA GLU B 211 63.53 -6.99 -0.48
C GLU B 211 62.38 -6.00 -0.71
N ASN B 212 61.25 -6.22 -0.05
CA ASN B 212 60.11 -5.31 -0.09
C ASN B 212 59.61 -5.08 1.33
N GLY B 213 59.72 -3.85 1.81
CA GLY B 213 59.29 -3.51 3.15
C GLY B 213 57.82 -3.20 3.23
N GLY B 214 57.39 -2.86 4.43
CA GLY B 214 56.00 -2.52 4.68
C GLY B 214 55.58 -2.88 6.09
N VAL B 215 54.44 -2.33 6.49
CA VAL B 215 53.90 -2.59 7.81
C VAL B 215 53.51 -4.06 7.93
N LEU B 216 53.71 -4.63 9.12
CA LEU B 216 53.37 -6.03 9.38
C LEU B 216 52.64 -6.14 10.71
N GLY B 217 51.48 -6.79 10.68
CA GLY B 217 50.70 -7.00 11.89
C GLY B 217 51.00 -8.32 12.56
N SER B 218 49.96 -8.98 13.07
CA SER B 218 50.13 -10.21 13.83
C SER B 218 49.47 -11.37 13.10
N ARG B 219 50.17 -12.50 13.05
CA ARG B 219 49.68 -13.77 12.51
C ARG B 219 49.13 -13.58 11.09
N LYS B 220 50.04 -13.21 10.20
CA LYS B 220 49.72 -13.04 8.79
C LYS B 220 50.21 -14.25 7.98
N GLY B 221 49.71 -14.35 6.75
CA GLY B 221 50.03 -15.49 5.92
C GLY B 221 51.45 -15.46 5.40
N VAL B 222 51.95 -16.66 5.08
CA VAL B 222 53.31 -16.82 4.56
C VAL B 222 53.24 -17.74 3.35
N ASN B 223 53.79 -17.29 2.22
CA ASN B 223 53.87 -18.08 1.00
C ASN B 223 55.32 -18.39 0.68
N LEU B 224 55.57 -19.60 0.17
CA LEU B 224 56.91 -20.08 -0.15
C LEU B 224 56.89 -20.69 -1.55
N PRO B 225 57.06 -19.87 -2.59
CA PRO B 225 56.98 -20.33 -3.98
C PRO B 225 58.11 -21.28 -4.38
N VAL B 229 57.42 -28.07 -0.61
CA VAL B 229 56.82 -28.12 0.71
C VAL B 229 56.48 -29.56 1.10
N ASP B 230 56.66 -29.89 2.38
CA ASP B 230 56.38 -31.22 2.89
C ASP B 230 55.19 -31.26 3.84
N LEU B 231 54.54 -30.12 4.08
CA LEU B 231 53.31 -30.12 4.88
C LEU B 231 52.31 -31.05 4.19
N PRO B 232 51.60 -31.89 4.95
CA PRO B 232 50.81 -32.94 4.30
C PRO B 232 49.67 -32.38 3.47
N GLY B 233 49.13 -33.28 2.63
CA GLY B 233 48.05 -32.90 1.76
C GLY B 233 46.72 -32.74 2.46
N LEU B 234 46.57 -33.35 3.63
CA LEU B 234 45.34 -33.24 4.41
C LEU B 234 45.70 -33.31 5.88
N SER B 235 45.48 -32.20 6.59
CA SER B 235 45.93 -32.08 7.98
C SER B 235 44.93 -32.71 8.94
N GLU B 236 45.37 -32.86 10.19
CA GLU B 236 44.51 -33.43 11.22
C GLU B 236 43.33 -32.52 11.51
N GLN B 237 43.56 -31.20 11.48
CA GLN B 237 42.48 -30.26 11.75
C GLN B 237 41.48 -30.20 10.60
N ASP B 238 41.96 -30.31 9.36
CA ASP B 238 41.04 -30.28 8.23
C ASP B 238 40.20 -31.55 8.17
N VAL B 239 40.70 -32.66 8.71
CA VAL B 239 39.88 -33.86 8.83
C VAL B 239 38.67 -33.60 9.72
N ARG B 240 38.91 -32.99 10.88
CA ARG B 240 37.80 -32.60 11.75
C ARG B 240 36.86 -31.63 11.04
N ASP B 241 37.42 -30.70 10.25
CA ASP B 241 36.58 -29.72 9.56
C ASP B 241 35.68 -30.39 8.53
N LEU B 242 36.20 -31.40 7.82
CA LEU B 242 35.40 -32.07 6.80
C LEU B 242 34.28 -32.91 7.44
N ARG B 243 34.59 -33.62 8.52
CA ARG B 243 33.53 -34.37 9.23
C ARG B 243 32.43 -33.43 9.70
N PHE B 244 32.82 -32.27 10.24
CA PHE B 244 31.85 -31.24 10.61
C PHE B 244 30.91 -30.90 9.45
N GLY B 245 31.46 -30.76 8.25
CA GLY B 245 30.62 -30.42 7.11
C GLY B 245 29.64 -31.51 6.73
N VAL B 246 30.02 -32.78 6.96
CA VAL B 246 29.08 -33.88 6.72
C VAL B 246 27.99 -33.88 7.79
N GLU B 247 28.37 -33.72 9.06
CA GLU B 247 27.37 -33.73 10.14
C GLU B 247 26.37 -32.60 9.99
N HIS B 248 26.78 -31.46 9.43
CA HIS B 248 25.90 -30.33 9.25
C HIS B 248 25.33 -30.24 7.85
N GLY B 249 25.64 -31.20 6.98
CA GLY B 249 25.00 -31.30 5.68
C GLY B 249 25.34 -30.19 4.72
N VAL B 250 26.60 -29.79 4.63
CA VAL B 250 27.00 -28.85 3.59
C VAL B 250 26.91 -29.52 2.23
N ASP B 251 26.73 -28.70 1.20
CA ASP B 251 26.58 -29.22 -0.16
C ASP B 251 27.89 -29.26 -0.94
N ILE B 252 28.82 -28.38 -0.64
CA ILE B 252 30.03 -28.18 -1.44
C ILE B 252 31.22 -28.02 -0.51
N VAL B 253 32.35 -28.61 -0.89
CA VAL B 253 33.62 -28.41 -0.20
C VAL B 253 34.58 -27.73 -1.17
N PHE B 254 35.21 -26.65 -0.72
CA PHE B 254 36.33 -26.01 -1.43
C PHE B 254 37.63 -26.48 -0.76
N ALA B 255 38.35 -27.39 -1.42
CA ALA B 255 39.56 -27.98 -0.87
C ALA B 255 40.77 -27.12 -1.24
N SER B 256 41.48 -26.61 -0.23
CA SER B 256 42.56 -25.65 -0.42
C SER B 256 43.86 -26.33 -0.86
N PHE B 257 44.59 -25.64 -1.74
CA PHE B 257 45.96 -26.02 -2.14
C PHE B 257 46.03 -27.46 -2.64
N VAL B 258 45.13 -27.79 -3.56
CA VAL B 258 45.15 -29.10 -4.19
C VAL B 258 46.34 -29.16 -5.14
N ARG B 259 47.22 -30.14 -4.92
CA ARG B 259 48.45 -30.24 -5.69
C ARG B 259 48.51 -31.47 -6.58
N LYS B 260 47.67 -32.48 -6.35
CA LYS B 260 47.68 -33.68 -7.14
C LYS B 260 46.35 -34.41 -6.94
N ALA B 261 46.16 -35.47 -7.72
CA ALA B 261 44.90 -36.20 -7.67
C ALA B 261 44.66 -36.79 -6.29
N SER B 262 45.70 -37.36 -5.67
CA SER B 262 45.52 -38.01 -4.38
C SER B 262 45.12 -37.02 -3.29
N ASP B 263 45.37 -35.72 -3.49
CA ASP B 263 44.87 -34.72 -2.55
C ASP B 263 43.35 -34.68 -2.55
N VAL B 264 42.73 -34.92 -3.69
CA VAL B 264 41.27 -34.96 -3.75
C VAL B 264 40.74 -36.25 -3.17
N ALA B 265 41.40 -37.38 -3.49
CA ALA B 265 40.98 -38.66 -2.94
C ALA B 265 41.02 -38.66 -1.42
N ALA B 266 42.01 -37.96 -0.84
CA ALA B 266 42.08 -37.87 0.61
C ALA B 266 40.91 -37.09 1.18
N VAL B 267 40.49 -36.02 0.49
CA VAL B 267 39.32 -35.26 0.93
C VAL B 267 38.06 -36.10 0.79
N ARG B 268 37.92 -36.81 -0.34
CA ARG B 268 36.79 -37.72 -0.52
C ARG B 268 36.76 -38.78 0.56
N ALA B 269 37.92 -39.31 0.94
CA ALA B 269 37.97 -40.38 1.93
C ALA B 269 37.62 -39.86 3.32
N ALA B 270 38.06 -38.64 3.66
CA ALA B 270 37.69 -38.06 4.94
C ALA B 270 36.20 -37.71 4.99
N LEU B 271 35.59 -37.39 3.84
CA LEU B 271 34.16 -37.17 3.80
C LEU B 271 33.39 -38.45 4.14
N GLY B 272 33.95 -39.60 3.81
CA GLY B 272 33.36 -40.87 4.15
C GLY B 272 32.18 -41.23 3.26
N PRO B 273 31.59 -42.41 3.48
CA PRO B 273 30.39 -42.77 2.72
C PRO B 273 29.18 -41.92 3.08
N GLU B 274 29.18 -41.30 4.26
CA GLU B 274 28.10 -40.38 4.63
C GLU B 274 28.02 -39.21 3.66
N GLY B 275 29.16 -38.63 3.30
CA GLY B 275 29.17 -37.47 2.44
C GLY B 275 29.58 -37.76 1.01
N HIS B 276 29.14 -38.90 0.46
CA HIS B 276 29.49 -39.25 -0.91
C HIS B 276 28.82 -38.33 -1.93
N GLY B 277 27.76 -37.61 -1.55
CA GLY B 277 27.09 -36.72 -2.46
C GLY B 277 27.54 -35.28 -2.42
N ILE B 278 28.55 -34.96 -1.61
CA ILE B 278 29.05 -33.59 -1.53
C ILE B 278 29.98 -33.34 -2.71
N LYS B 279 29.80 -32.19 -3.36
CA LYS B 279 30.65 -31.82 -4.49
C LYS B 279 31.99 -31.32 -3.98
N ILE B 280 33.07 -31.83 -4.57
CA ILE B 280 34.42 -31.40 -4.23
C ILE B 280 34.90 -30.46 -5.32
N ILE B 281 35.17 -29.21 -4.95
CA ILE B 281 35.72 -28.21 -5.84
C ILE B 281 37.18 -27.99 -5.46
N SER B 282 38.08 -28.30 -6.39
CA SER B 282 39.51 -28.20 -6.12
C SER B 282 40.00 -26.77 -6.34
N LYS B 283 40.68 -26.22 -5.33
CA LYS B 283 41.25 -24.89 -5.42
C LYS B 283 42.67 -24.98 -5.95
N ILE B 284 42.91 -24.39 -7.11
CA ILE B 284 44.23 -24.35 -7.73
C ILE B 284 44.92 -23.08 -7.24
N GLU B 285 45.92 -23.22 -6.37
CA GLU B 285 46.49 -22.09 -5.65
C GLU B 285 47.99 -21.91 -5.83
N ASN B 286 48.68 -22.79 -6.57
CA ASN B 286 50.12 -22.64 -6.73
C ASN B 286 50.54 -23.19 -8.08
N HIS B 287 51.85 -23.11 -8.35
CA HIS B 287 52.38 -23.60 -9.63
C HIS B 287 52.15 -25.10 -9.78
N GLU B 288 52.25 -25.85 -8.69
CA GLU B 288 52.06 -27.28 -8.74
C GLU B 288 50.64 -27.62 -9.20
N GLY B 289 49.64 -26.92 -8.65
CA GLY B 289 48.26 -27.17 -9.03
C GLY B 289 48.00 -26.90 -10.49
N VAL B 290 48.58 -25.80 -11.02
CA VAL B 290 48.43 -25.50 -12.43
C VAL B 290 49.11 -26.57 -13.28
N LYS B 291 50.30 -27.02 -12.85
CA LYS B 291 51.02 -28.02 -13.61
C LYS B 291 50.27 -29.34 -13.70
N ARG B 292 49.69 -29.80 -12.57
CA ARG B 292 48.96 -31.06 -12.55
C ARG B 292 47.46 -30.87 -12.69
N PHE B 293 47.04 -29.86 -13.45
CA PHE B 293 45.63 -29.51 -13.51
C PHE B 293 44.79 -30.63 -14.11
N ASP B 294 45.29 -31.28 -15.17
CA ASP B 294 44.51 -32.29 -15.86
C ASP B 294 44.16 -33.45 -14.93
N GLU B 295 45.13 -33.92 -14.14
CA GLU B 295 44.86 -35.03 -13.23
C GLU B 295 44.01 -34.59 -12.04
N ILE B 296 44.10 -33.31 -11.65
CA ILE B 296 43.24 -32.81 -10.58
C ILE B 296 41.81 -32.65 -11.08
N LEU B 297 41.64 -32.21 -12.33
CA LEU B 297 40.30 -31.95 -12.85
C LEU B 297 39.54 -33.24 -13.10
N GLU B 298 40.22 -34.31 -13.51
CA GLU B 298 39.53 -35.55 -13.82
C GLU B 298 38.89 -36.16 -12.58
N VAL B 299 39.44 -35.87 -11.40
CA VAL B 299 39.01 -36.48 -10.15
C VAL B 299 38.22 -35.53 -9.27
N SER B 300 38.02 -34.29 -9.72
CA SER B 300 37.24 -33.31 -8.97
C SER B 300 35.90 -33.08 -9.67
N ASP B 301 34.94 -32.54 -8.90
CA ASP B 301 33.69 -32.11 -9.50
C ASP B 301 33.82 -30.73 -10.14
N GLY B 302 34.80 -29.95 -9.73
CA GLY B 302 35.00 -28.64 -10.31
C GLY B 302 36.29 -28.02 -9.79
N ILE B 303 36.54 -26.81 -10.28
CA ILE B 303 37.81 -26.12 -10.03
C ILE B 303 37.50 -24.70 -9.55
N MET B 304 38.32 -24.20 -8.64
CA MET B 304 38.32 -22.79 -8.28
C MET B 304 39.69 -22.21 -8.64
N VAL B 305 39.70 -21.17 -9.47
CA VAL B 305 40.90 -20.40 -9.73
C VAL B 305 41.09 -19.48 -8.53
N ALA B 306 41.99 -19.84 -7.62
CA ALA B 306 42.20 -19.07 -6.40
C ALA B 306 43.31 -18.06 -6.66
N ARG B 307 42.93 -16.95 -7.29
CA ARG B 307 43.90 -15.96 -7.73
C ARG B 307 44.58 -15.24 -6.58
N GLY B 308 44.03 -15.30 -5.37
CA GLY B 308 44.68 -14.72 -4.21
C GLY B 308 46.06 -15.31 -3.96
N ASP B 309 46.11 -16.58 -3.59
CA ASP B 309 47.40 -17.23 -3.38
C ASP B 309 48.13 -17.44 -4.71
N LEU B 310 47.40 -17.77 -5.78
CA LEU B 310 48.03 -17.96 -7.08
C LEU B 310 48.78 -16.72 -7.53
N GLY B 311 48.25 -15.54 -7.22
CA GLY B 311 48.95 -14.30 -7.50
C GLY B 311 50.24 -14.10 -6.73
N ILE B 312 50.53 -14.94 -5.73
CA ILE B 312 51.75 -14.82 -4.94
C ILE B 312 52.66 -15.96 -5.32
N GLU B 313 52.08 -17.11 -5.64
CA GLU B 313 52.90 -18.28 -5.93
C GLU B 313 53.49 -18.26 -7.33
N ILE B 314 52.87 -17.56 -8.27
CA ILE B 314 53.45 -17.34 -9.59
C ILE B 314 53.40 -15.85 -9.88
N PRO B 315 54.18 -15.37 -10.85
CA PRO B 315 54.20 -13.93 -11.12
C PRO B 315 52.81 -13.37 -11.40
N ALA B 316 52.57 -12.17 -10.88
CA ALA B 316 51.24 -11.56 -10.96
C ALA B 316 50.78 -11.37 -12.40
N GLU B 317 51.71 -11.08 -13.31
CA GLU B 317 51.37 -10.85 -14.71
C GLU B 317 50.94 -12.13 -15.44
N LYS B 318 51.00 -13.28 -14.78
CA LYS B 318 50.67 -14.55 -15.42
C LYS B 318 49.38 -15.17 -14.92
N VAL B 319 48.76 -14.60 -13.87
CA VAL B 319 47.55 -15.19 -13.32
C VAL B 319 46.45 -15.25 -14.37
N PHE B 320 46.33 -14.23 -15.22
CA PHE B 320 45.27 -14.24 -16.23
C PHE B 320 45.46 -15.38 -17.22
N LEU B 321 46.72 -15.74 -17.52
CA LEU B 321 46.97 -16.93 -18.33
C LEU B 321 46.41 -18.17 -17.67
N ALA B 322 46.68 -18.32 -16.37
CA ALA B 322 46.23 -19.52 -15.65
C ALA B 322 44.71 -19.57 -15.52
N GLN B 323 44.08 -18.40 -15.38
CA GLN B 323 42.63 -18.34 -15.28
C GLN B 323 41.96 -18.70 -16.60
N LYS B 324 42.44 -18.12 -17.71
CA LYS B 324 41.84 -18.43 -19.01
C LYS B 324 42.08 -19.87 -19.39
N MET B 325 43.28 -20.39 -19.12
CA MET B 325 43.56 -21.80 -19.38
C MET B 325 42.63 -22.70 -18.60
N MET B 326 42.49 -22.45 -17.30
CA MET B 326 41.69 -23.32 -16.44
C MET B 326 40.21 -23.21 -16.77
N ILE B 327 39.74 -22.03 -17.15
CA ILE B 327 38.33 -21.89 -17.51
C ILE B 327 38.04 -22.62 -18.82
N GLY B 328 38.96 -22.56 -19.78
CA GLY B 328 38.74 -23.24 -21.04
C GLY B 328 38.71 -24.75 -20.89
N ARG B 329 39.61 -25.31 -20.08
CA ARG B 329 39.66 -26.76 -19.92
C ARG B 329 38.48 -27.27 -19.11
N CYS B 330 37.94 -26.45 -18.21
CA CYS B 330 36.72 -26.83 -17.50
C CYS B 330 35.50 -26.78 -18.42
N ASN B 331 35.42 -25.75 -19.28
CA ASN B 331 34.35 -25.68 -20.27
C ASN B 331 34.44 -26.86 -21.24
N LEU B 332 35.65 -27.27 -21.60
CA LEU B 332 35.80 -28.47 -22.42
C LEU B 332 35.26 -29.70 -21.70
N ALA B 333 35.69 -29.90 -20.45
CA ALA B 333 35.30 -31.06 -19.67
C ALA B 333 33.85 -31.02 -19.20
N GLY B 334 33.17 -29.88 -19.32
CA GLY B 334 31.81 -29.77 -18.83
C GLY B 334 31.70 -29.78 -17.31
N LYS B 335 32.73 -29.30 -16.62
CA LYS B 335 32.74 -29.22 -15.16
C LYS B 335 32.82 -27.77 -14.71
N PRO B 336 32.10 -27.40 -13.65
CA PRO B 336 32.05 -25.99 -13.25
C PRO B 336 33.40 -25.45 -12.82
N VAL B 337 33.57 -24.14 -13.02
CA VAL B 337 34.80 -23.46 -12.64
C VAL B 337 34.42 -22.16 -11.95
N VAL B 338 35.08 -21.89 -10.82
CA VAL B 338 34.83 -20.71 -9.99
C VAL B 338 36.00 -19.75 -10.16
N CYS B 339 35.69 -18.47 -10.37
CA CYS B 339 36.68 -17.39 -10.36
C CYS B 339 36.54 -16.59 -9.06
N ALA B 340 37.63 -16.46 -8.32
CA ALA B 340 37.58 -15.89 -6.97
C ALA B 340 38.65 -14.81 -6.77
N THR B 341 38.42 -14.02 -5.70
CA THR B 341 39.38 -13.12 -5.06
C THR B 341 39.55 -11.76 -5.74
N GLN B 342 39.33 -10.70 -4.95
CA GLN B 342 39.59 -9.32 -5.33
C GLN B 342 38.83 -8.88 -6.57
N MET B 343 37.72 -9.54 -6.88
CA MET B 343 36.92 -9.14 -8.04
C MET B 343 36.37 -7.74 -7.86
N LEU B 344 35.93 -7.40 -6.65
CA LEU B 344 35.36 -6.10 -6.32
C LEU B 344 35.99 -5.56 -5.04
N GLU B 345 37.33 -5.66 -4.94
CA GLU B 345 38.01 -5.46 -3.66
C GLU B 345 37.79 -4.05 -3.12
N SER B 346 37.83 -3.03 -3.99
CA SER B 346 37.69 -1.66 -3.52
C SER B 346 36.35 -1.43 -2.84
N MET B 347 35.36 -2.28 -3.08
CA MET B 347 34.06 -2.13 -2.45
C MET B 347 34.05 -2.61 -1.01
N ILE B 348 35.19 -3.03 -0.47
CA ILE B 348 35.29 -3.28 0.97
C ILE B 348 35.06 -1.98 1.74
N THR B 349 35.55 -0.87 1.20
CA THR B 349 35.40 0.42 1.83
C THR B 349 34.59 1.44 1.03
N LYS B 350 34.35 1.20 -0.26
CA LYS B 350 33.68 2.21 -1.07
C LYS B 350 32.40 1.65 -1.69
N PRO B 351 31.39 2.50 -1.91
CA PRO B 351 30.08 1.99 -2.34
C PRO B 351 29.97 1.63 -3.81
N ARG B 352 30.92 2.04 -4.65
CA ARG B 352 30.89 1.61 -6.04
C ARG B 352 32.32 1.24 -6.46
N PRO B 353 32.46 0.28 -7.38
CA PRO B 353 33.78 -0.27 -7.70
C PRO B 353 34.53 0.58 -8.72
N THR B 354 35.79 0.22 -8.91
CA THR B 354 36.61 0.87 -9.94
C THR B 354 36.31 0.26 -11.31
N ARG B 355 36.82 0.94 -12.35
CA ARG B 355 36.61 0.45 -13.71
C ARG B 355 37.31 -0.87 -13.96
N ALA B 356 38.46 -1.11 -13.31
CA ALA B 356 39.15 -2.38 -13.49
C ALA B 356 38.33 -3.52 -12.89
N GLU B 357 37.69 -3.27 -11.76
CA GLU B 357 36.96 -4.34 -11.08
C GLU B 357 35.71 -4.72 -11.87
N THR B 358 34.99 -3.71 -12.39
CA THR B 358 33.83 -4.00 -13.22
C THR B 358 34.21 -4.78 -14.47
N SER B 359 35.37 -4.45 -15.05
CA SER B 359 35.82 -5.17 -16.25
C SER B 359 36.28 -6.59 -15.92
N ASP B 360 36.82 -6.81 -14.73
CA ASP B 360 37.29 -8.14 -14.34
C ASP B 360 36.12 -9.11 -14.16
N VAL B 361 35.04 -8.65 -13.53
CA VAL B 361 33.86 -9.50 -13.38
C VAL B 361 33.25 -9.80 -14.75
N ALA B 362 33.12 -8.78 -15.60
CA ALA B 362 32.58 -8.99 -16.93
C ALA B 362 33.43 -9.97 -17.74
N ASN B 363 34.74 -9.89 -17.60
CA ASN B 363 35.62 -10.75 -18.39
C ASN B 363 35.66 -12.18 -17.86
N ALA B 364 35.49 -12.37 -16.55
CA ALA B 364 35.35 -13.73 -16.03
C ALA B 364 34.10 -14.39 -16.58
N VAL B 365 33.00 -13.66 -16.68
CA VAL B 365 31.81 -14.19 -17.31
C VAL B 365 32.07 -14.46 -18.79
N LEU B 366 32.80 -13.56 -19.47
CA LEU B 366 33.09 -13.76 -20.88
C LEU B 366 34.00 -14.97 -21.10
N ASP B 367 34.98 -15.19 -20.20
CA ASP B 367 35.86 -16.35 -20.32
C ASP B 367 35.11 -17.67 -20.25
N GLY B 368 34.02 -17.72 -19.49
CA GLY B 368 33.25 -18.94 -19.36
C GLY B 368 33.12 -19.44 -17.93
N ALA B 369 33.39 -18.58 -16.96
CA ALA B 369 33.25 -18.95 -15.56
C ALA B 369 31.79 -19.27 -15.23
N ASP B 370 31.60 -20.31 -14.42
CA ASP B 370 30.25 -20.67 -13.97
C ASP B 370 29.85 -19.92 -12.70
N CYS B 371 30.81 -19.56 -11.85
CA CYS B 371 30.52 -18.86 -10.62
C CYS B 371 31.57 -17.78 -10.41
N ILE B 372 31.15 -16.69 -9.79
CA ILE B 372 32.07 -15.65 -9.34
C ILE B 372 31.91 -15.50 -7.84
N MET B 373 32.99 -15.09 -7.18
CA MET B 373 33.03 -15.10 -5.74
C MET B 373 33.32 -13.72 -5.18
N LEU B 374 32.77 -13.47 -3.99
CA LEU B 374 33.12 -12.33 -3.17
C LEU B 374 33.69 -12.84 -1.86
N SER B 375 34.79 -12.22 -1.41
CA SER B 375 35.47 -12.62 -0.18
C SER B 375 35.28 -11.51 0.83
N GLY B 376 36.26 -10.65 1.06
CA GLY B 376 36.10 -9.57 2.03
C GLY B 376 34.99 -8.60 1.70
N GLU B 377 34.59 -8.51 0.42
CA GLU B 377 33.51 -7.62 0.03
C GLU B 377 32.22 -7.95 0.78
N THR B 378 31.99 -9.22 1.10
CA THR B 378 30.83 -9.61 1.88
C THR B 378 31.17 -10.04 3.30
N ALA B 379 32.39 -10.49 3.55
CA ALA B 379 32.76 -10.97 4.89
C ALA B 379 32.99 -9.81 5.85
N LYS B 380 33.84 -8.85 5.47
CA LYS B 380 34.25 -7.78 6.37
C LYS B 380 33.85 -6.39 5.90
N GLY B 381 33.42 -6.21 4.66
CA GLY B 381 33.24 -4.89 4.11
C GLY B 381 32.01 -4.18 4.64
N ASN B 382 31.93 -2.89 4.30
CA ASN B 382 30.82 -2.05 4.70
C ASN B 382 29.67 -2.05 3.70
N PHE B 383 29.81 -2.74 2.56
CA PHE B 383 28.77 -2.77 1.54
C PHE B 383 28.58 -4.20 1.01
N PRO B 384 28.25 -5.16 1.88
CA PRO B 384 28.09 -6.54 1.40
C PRO B 384 26.94 -6.69 0.43
N VAL B 385 25.78 -6.08 0.70
CA VAL B 385 24.63 -6.24 -0.18
C VAL B 385 24.89 -5.55 -1.52
N GLU B 386 25.54 -4.38 -1.49
CA GLU B 386 25.80 -3.65 -2.73
C GLU B 386 26.82 -4.38 -3.60
N ALA B 387 27.79 -5.08 -3.00
CA ALA B 387 28.70 -5.89 -3.79
C ALA B 387 27.96 -6.99 -4.52
N VAL B 388 27.04 -7.68 -3.84
CA VAL B 388 26.24 -8.71 -4.50
C VAL B 388 25.42 -8.10 -5.62
N LYS B 389 24.83 -6.93 -5.38
CA LYS B 389 24.03 -6.27 -6.42
C LYS B 389 24.89 -5.91 -7.63
N MET B 390 26.13 -5.50 -7.39
CA MET B 390 27.00 -5.12 -8.51
C MET B 390 27.41 -6.33 -9.34
N GLN B 391 27.79 -7.43 -8.70
CA GLN B 391 28.09 -8.66 -9.44
C GLN B 391 26.88 -9.13 -10.22
N HIS B 392 25.69 -9.03 -9.63
CA HIS B 392 24.49 -9.43 -10.35
C HIS B 392 24.28 -8.57 -11.59
N ALA B 393 24.48 -7.26 -11.46
CA ALA B 393 24.25 -6.37 -12.60
C ALA B 393 25.29 -6.56 -13.69
N ILE B 394 26.55 -6.80 -13.31
CA ILE B 394 27.59 -6.97 -14.33
C ILE B 394 27.37 -8.28 -15.08
N ALA B 395 27.16 -9.37 -14.34
CA ALA B 395 27.02 -10.68 -14.98
C ALA B 395 25.86 -10.70 -15.98
N ARG B 396 24.76 -10.03 -15.66
CA ARG B 396 23.64 -9.99 -16.60
C ARG B 396 24.05 -9.36 -17.93
N GLU B 397 24.79 -8.25 -17.87
CA GLU B 397 25.23 -7.61 -19.11
C GLU B 397 26.26 -8.48 -19.83
N ALA B 398 27.20 -9.07 -19.09
CA ALA B 398 28.27 -9.85 -19.72
C ALA B 398 27.73 -11.12 -20.36
N GLU B 399 26.77 -11.77 -19.71
CA GLU B 399 26.20 -13.00 -20.26
C GLU B 399 25.56 -12.75 -21.63
N ALA B 400 24.90 -11.61 -21.80
CA ALA B 400 24.33 -11.29 -23.10
C ALA B 400 25.41 -11.02 -24.14
N ALA B 401 26.60 -10.57 -23.72
CA ALA B 401 27.67 -10.25 -24.65
C ALA B 401 28.51 -11.46 -25.06
N VAL B 402 28.22 -12.64 -24.53
CA VAL B 402 28.93 -13.86 -24.93
C VAL B 402 28.63 -14.17 -26.40
N TYR B 403 29.66 -14.52 -27.16
CA TYR B 403 29.52 -14.82 -28.57
C TYR B 403 29.11 -16.30 -28.75
N HIS B 404 27.85 -16.57 -28.40
CA HIS B 404 27.36 -17.94 -28.33
C HIS B 404 27.55 -18.69 -29.63
N ARG B 405 27.53 -17.98 -30.75
CA ARG B 405 27.56 -18.63 -32.05
C ARG B 405 28.84 -19.43 -32.25
N GLN B 406 29.98 -18.86 -31.87
CA GLN B 406 31.22 -19.62 -31.97
C GLN B 406 31.44 -20.52 -30.76
N LEU B 407 30.99 -20.09 -29.57
CA LEU B 407 31.16 -20.91 -28.38
C LEU B 407 30.41 -22.24 -28.51
N PHE B 408 29.15 -22.19 -28.94
CA PHE B 408 28.38 -23.41 -29.09
C PHE B 408 28.98 -24.32 -30.16
N GLU B 409 29.39 -23.75 -31.29
CA GLU B 409 29.99 -24.54 -32.36
C GLU B 409 31.25 -25.25 -31.90
N GLU B 410 32.07 -24.58 -31.08
CA GLU B 410 33.30 -25.21 -30.61
C GLU B 410 33.05 -26.25 -29.53
N LEU B 411 32.11 -26.00 -28.61
CA LEU B 411 31.75 -27.02 -27.64
C LEU B 411 31.13 -28.22 -28.33
N ARG B 412 30.44 -28.00 -29.45
CA ARG B 412 29.86 -29.08 -30.22
C ARG B 412 30.95 -30.02 -30.76
N ARG B 413 31.95 -29.45 -31.43
CA ARG B 413 32.96 -30.28 -32.08
C ARG B 413 33.88 -30.94 -31.07
N ALA B 414 34.20 -30.24 -29.97
CA ALA B 414 35.13 -30.79 -28.99
C ALA B 414 34.50 -31.94 -28.20
N ALA B 415 33.18 -31.93 -28.05
CA ALA B 415 32.51 -32.97 -27.28
C ALA B 415 32.45 -34.25 -28.10
N PRO B 416 32.80 -35.39 -27.52
CA PRO B 416 32.76 -36.64 -28.30
C PRO B 416 31.33 -37.11 -28.52
N LEU B 417 31.18 -37.92 -29.57
CA LEU B 417 29.87 -38.51 -29.84
C LEU B 417 29.41 -39.33 -28.64
N SER B 418 28.10 -39.37 -28.45
CA SER B 418 27.53 -39.99 -27.25
C SER B 418 26.33 -40.84 -27.63
N ARG B 419 26.18 -41.98 -26.95
CA ARG B 419 24.99 -42.80 -27.05
C ARG B 419 24.07 -42.61 -25.85
N ASP B 420 24.43 -41.73 -24.92
CA ASP B 420 23.61 -41.47 -23.75
C ASP B 420 22.44 -40.57 -24.15
N PRO B 421 21.19 -41.05 -24.02
CA PRO B 421 20.05 -40.23 -24.50
C PRO B 421 19.93 -38.91 -23.79
N THR B 422 20.39 -38.81 -22.53
CA THR B 422 20.38 -37.51 -21.85
C THR B 422 21.28 -36.51 -22.54
N GLU B 423 22.49 -36.94 -22.92
CA GLU B 423 23.39 -36.01 -23.61
C GLU B 423 22.88 -35.68 -25.01
N VAL B 424 22.35 -36.68 -25.72
CA VAL B 424 21.79 -36.45 -27.05
C VAL B 424 20.63 -35.45 -26.98
N THR B 425 19.69 -35.67 -26.06
CA THR B 425 18.57 -34.75 -25.89
C THR B 425 19.06 -33.36 -25.52
N ALA B 426 20.08 -33.28 -24.68
CA ALA B 426 20.57 -31.97 -24.22
C ALA B 426 21.01 -31.10 -25.38
N ILE B 427 21.81 -31.67 -26.29
CA ILE B 427 22.32 -30.85 -27.39
C ILE B 427 21.22 -30.51 -28.38
N GLY B 428 20.25 -31.41 -28.57
CA GLY B 428 19.11 -31.09 -29.42
C GLY B 428 18.30 -29.95 -28.86
N ALA B 429 18.09 -29.93 -27.55
CA ALA B 429 17.29 -28.89 -26.91
C ALA B 429 18.00 -27.53 -26.96
N VAL B 430 19.32 -27.52 -26.74
CA VAL B 430 20.07 -26.26 -26.79
C VAL B 430 20.02 -25.68 -28.20
N GLU B 431 20.23 -26.52 -29.21
CA GLU B 431 20.14 -26.06 -30.59
C GLU B 431 18.74 -25.54 -30.90
N ALA B 432 17.70 -26.27 -30.47
CA ALA B 432 16.33 -25.80 -30.67
C ALA B 432 16.08 -24.49 -29.94
N ALA B 433 16.70 -24.29 -28.77
CA ALA B 433 16.53 -23.03 -28.05
C ALA B 433 17.16 -21.87 -28.82
N PHE B 434 18.35 -22.09 -29.40
CA PHE B 434 18.98 -21.04 -30.22
C PHE B 434 18.16 -20.71 -31.45
N LYS B 435 17.46 -21.71 -32.02
CA LYS B 435 16.75 -21.50 -33.28
C LYS B 435 15.56 -20.56 -33.12
N CYS B 436 14.88 -20.60 -31.97
CA CYS B 436 13.71 -19.77 -31.74
C CYS B 436 13.92 -18.71 -30.65
N CYS B 437 15.16 -18.54 -30.18
CA CYS B 437 15.47 -17.63 -29.08
C CYS B 437 14.55 -17.89 -27.90
N ALA B 438 14.57 -19.14 -27.43
CA ALA B 438 13.66 -19.56 -26.38
C ALA B 438 13.97 -18.81 -25.09
N ALA B 439 12.92 -18.45 -24.36
CA ALA B 439 13.12 -17.75 -23.11
C ALA B 439 13.68 -18.68 -22.04
N ALA B 440 13.39 -19.98 -22.12
CA ALA B 440 13.89 -20.92 -21.14
C ALA B 440 13.88 -22.33 -21.71
N ILE B 441 14.73 -23.17 -21.12
CA ILE B 441 14.62 -24.61 -21.23
C ILE B 441 14.21 -25.13 -19.87
N ILE B 442 13.05 -25.77 -19.81
CA ILE B 442 12.53 -26.36 -18.58
C ILE B 442 12.87 -27.84 -18.59
N VAL B 443 13.63 -28.28 -17.60
CA VAL B 443 14.06 -29.67 -17.50
C VAL B 443 13.69 -30.23 -16.14
N LEU B 444 13.24 -31.48 -16.12
CA LEU B 444 13.00 -32.20 -14.89
C LEU B 444 14.25 -33.01 -14.55
N THR B 445 14.68 -32.97 -13.29
CA THR B 445 15.89 -33.68 -12.90
C THR B 445 15.81 -33.99 -11.41
N THR B 446 16.35 -35.14 -11.03
CA THR B 446 16.40 -35.56 -9.63
C THR B 446 17.80 -35.38 -9.04
N THR B 447 18.82 -35.82 -9.76
CA THR B 447 20.20 -35.67 -9.32
C THR B 447 20.85 -34.40 -9.84
N GLY B 448 20.22 -33.71 -10.78
CA GLY B 448 20.82 -32.55 -11.41
C GLY B 448 21.54 -32.82 -12.72
N ARG B 449 21.71 -34.09 -13.10
CA ARG B 449 22.58 -34.40 -14.23
C ARG B 449 22.01 -33.89 -15.56
N SER B 450 20.70 -34.01 -15.76
CA SER B 450 20.09 -33.54 -17.00
C SER B 450 20.28 -32.03 -17.16
N ALA B 451 20.21 -31.28 -16.06
CA ALA B 451 20.44 -29.84 -16.16
C ALA B 451 21.91 -29.52 -16.40
N GLN B 452 22.81 -30.32 -15.84
CA GLN B 452 24.24 -30.09 -16.05
C GLN B 452 24.62 -30.37 -17.49
N LEU B 453 24.01 -31.39 -18.12
CA LEU B 453 24.35 -31.67 -19.51
C LEU B 453 23.79 -30.62 -20.44
N LEU B 454 22.69 -29.96 -20.06
CA LEU B 454 22.24 -28.81 -20.83
C LEU B 454 23.18 -27.63 -20.63
N SER B 455 23.62 -27.42 -19.38
CA SER B 455 24.46 -26.27 -19.06
C SER B 455 25.79 -26.34 -19.77
N ARG B 456 26.36 -27.54 -19.89
CA ARG B 456 27.70 -27.68 -20.46
C ARG B 456 27.76 -27.25 -21.93
N TYR B 457 26.61 -27.12 -22.59
CA TYR B 457 26.56 -26.62 -23.96
C TYR B 457 26.23 -25.13 -24.02
N ARG B 458 26.16 -24.46 -22.87
CA ARG B 458 26.08 -23.00 -22.78
C ARG B 458 24.95 -22.38 -23.60
N PRO B 459 23.69 -22.76 -23.36
CA PRO B 459 22.59 -22.10 -24.05
C PRO B 459 22.44 -20.65 -23.62
N ARG B 460 21.90 -19.84 -24.53
CA ARG B 460 21.48 -18.50 -24.13
C ARG B 460 20.24 -18.56 -23.25
N ALA B 461 19.31 -19.47 -23.57
CA ALA B 461 18.11 -19.62 -22.77
C ALA B 461 18.43 -20.11 -21.36
N ALA B 462 17.69 -19.58 -20.39
CA ALA B 462 17.82 -20.04 -19.02
C ALA B 462 17.38 -21.50 -18.90
N VAL B 463 18.12 -22.26 -18.10
CA VAL B 463 17.80 -23.66 -17.85
C VAL B 463 17.06 -23.71 -16.52
N ILE B 464 15.74 -23.82 -16.59
CA ILE B 464 14.88 -23.90 -15.41
C ILE B 464 14.78 -25.38 -15.01
N ALA B 465 15.43 -25.74 -13.90
CA ALA B 465 15.48 -27.12 -13.43
C ALA B 465 14.51 -27.30 -12.27
N VAL B 466 13.50 -28.14 -12.48
CA VAL B 466 12.50 -28.48 -11.46
C VAL B 466 12.87 -29.81 -10.84
N THR B 467 13.11 -29.81 -9.53
CA THR B 467 13.54 -31.01 -8.82
C THR B 467 12.80 -31.11 -7.50
N ARG B 468 12.62 -32.34 -7.03
CA ARG B 468 12.11 -32.60 -5.69
C ARG B 468 13.23 -32.73 -4.66
N SER B 469 14.48 -32.80 -5.11
CA SER B 469 15.61 -32.99 -4.21
C SER B 469 16.16 -31.64 -3.79
N ALA B 470 16.12 -31.38 -2.47
CA ALA B 470 16.62 -30.12 -1.95
C ALA B 470 18.13 -30.00 -2.16
N GLN B 471 18.85 -31.11 -2.02
CA GLN B 471 20.29 -31.09 -2.23
C GLN B 471 20.62 -30.77 -3.68
N ALA B 472 19.97 -31.45 -4.61
CA ALA B 472 20.23 -31.18 -6.02
C ALA B 472 19.93 -29.72 -6.36
N ALA B 473 18.85 -29.18 -5.79
CA ALA B 473 18.49 -27.79 -6.05
C ALA B 473 19.59 -26.84 -5.60
N ARG B 474 20.25 -27.14 -4.48
CA ARG B 474 21.36 -26.29 -4.05
C ARG B 474 22.60 -26.52 -4.92
N GLN B 475 22.88 -27.78 -5.27
CA GLN B 475 24.15 -28.11 -5.92
C GLN B 475 24.20 -27.64 -7.37
N VAL B 476 23.05 -27.54 -8.05
CA VAL B 476 23.08 -27.12 -9.44
C VAL B 476 23.48 -25.67 -9.63
N HIS B 477 23.51 -24.88 -8.54
CA HIS B 477 24.05 -23.52 -8.62
C HIS B 477 25.48 -23.50 -9.17
N LEU B 478 26.20 -24.62 -9.09
CA LEU B 478 27.55 -24.68 -9.64
C LEU B 478 27.55 -24.58 -11.17
N CYS B 479 26.49 -25.05 -11.82
CA CYS B 479 26.45 -25.10 -13.28
C CYS B 479 25.82 -23.84 -13.86
N ARG B 480 26.54 -23.18 -14.76
CA ARG B 480 26.09 -21.89 -15.27
C ARG B 480 24.75 -22.02 -15.99
N GLY B 481 23.86 -21.06 -15.76
CA GLY B 481 22.62 -20.97 -16.48
C GLY B 481 21.48 -21.81 -15.96
N VAL B 482 21.68 -22.51 -14.85
CA VAL B 482 20.67 -23.40 -14.30
C VAL B 482 19.99 -22.69 -13.14
N PHE B 483 18.69 -22.51 -13.24
CA PHE B 483 17.91 -21.86 -12.19
C PHE B 483 17.09 -22.92 -11.49
N PRO B 484 17.42 -23.30 -10.26
CA PRO B 484 16.76 -24.43 -9.62
C PRO B 484 15.46 -24.04 -8.93
N LEU B 485 14.43 -24.86 -9.13
CA LEU B 485 13.14 -24.72 -8.47
C LEU B 485 12.86 -25.98 -7.68
N LEU B 486 12.62 -25.83 -6.39
CA LEU B 486 12.31 -26.96 -5.52
C LEU B 486 10.81 -27.20 -5.52
N TYR B 487 10.41 -28.34 -6.05
CA TYR B 487 9.01 -28.76 -6.06
C TYR B 487 8.70 -29.56 -4.80
N ARG B 488 7.55 -29.28 -4.16
CA ARG B 488 7.24 -29.83 -2.86
C ARG B 488 5.97 -30.68 -2.80
N GLU B 489 5.33 -30.90 -3.89
CA GLU B 489 4.07 -31.61 -3.78
C GLU B 489 4.26 -33.12 -3.93
N PRO B 490 3.45 -33.91 -3.22
CA PRO B 490 3.48 -35.36 -3.42
C PRO B 490 3.05 -35.72 -4.83
N PRO B 491 3.44 -36.90 -5.32
CA PRO B 491 3.21 -37.22 -6.74
C PRO B 491 1.73 -37.34 -7.06
N GLU B 492 1.38 -36.91 -8.26
CA GLU B 492 0.07 -37.21 -8.83
C GLU B 492 -0.03 -38.71 -9.13
N ALA B 493 -1.25 -39.19 -9.34
CA ALA B 493 -1.44 -40.63 -9.46
C ALA B 493 -1.05 -41.15 -10.82
N ILE B 494 -1.27 -40.36 -11.86
CA ILE B 494 -0.73 -40.66 -13.18
C ILE B 494 0.59 -39.90 -13.31
N TRP B 495 1.66 -40.63 -13.65
CA TRP B 495 2.97 -40.01 -13.72
C TRP B 495 3.00 -38.90 -14.77
N ALA B 496 2.37 -39.13 -15.93
CA ALA B 496 2.34 -38.10 -16.97
C ALA B 496 1.71 -36.80 -16.44
N ASP B 497 0.71 -36.92 -15.57
CA ASP B 497 0.14 -35.75 -14.91
C ASP B 497 1.12 -35.13 -13.94
N ASP B 498 1.91 -35.96 -13.25
CA ASP B 498 2.89 -35.44 -12.31
C ASP B 498 4.00 -34.69 -13.04
N VAL B 499 4.37 -35.18 -14.22
CA VAL B 499 5.31 -34.47 -15.08
C VAL B 499 4.75 -33.11 -15.48
N ASP B 500 3.51 -33.09 -16.00
CA ASP B 500 2.93 -31.83 -16.48
C ASP B 500 2.79 -30.82 -15.35
N ARG B 501 2.44 -31.28 -14.14
CA ARG B 501 2.32 -30.34 -13.03
C ARG B 501 3.67 -29.69 -12.73
N ARG B 502 4.75 -30.47 -12.82
CA ARG B 502 6.08 -29.91 -12.56
C ARG B 502 6.50 -28.94 -13.66
N VAL B 503 6.20 -29.26 -14.93
CA VAL B 503 6.46 -28.33 -16.02
C VAL B 503 5.69 -27.03 -15.79
N GLN B 504 4.41 -27.14 -15.41
CA GLN B 504 3.61 -25.94 -15.15
C GLN B 504 4.15 -25.15 -13.97
N PHE B 505 4.65 -25.85 -12.95
CA PHE B 505 5.29 -25.16 -11.83
C PHE B 505 6.51 -24.36 -12.29
N GLY B 506 7.30 -24.92 -13.21
CA GLY B 506 8.40 -24.16 -13.78
C GLY B 506 7.94 -22.95 -14.57
N ILE B 507 6.85 -23.09 -15.33
CA ILE B 507 6.34 -21.98 -16.12
C ILE B 507 5.77 -20.90 -15.19
N GLU B 508 5.01 -21.31 -14.19
CA GLU B 508 4.45 -20.35 -13.23
C GLU B 508 5.55 -19.61 -12.50
N SER B 509 6.58 -20.32 -12.06
CA SER B 509 7.69 -19.64 -11.40
C SER B 509 8.42 -18.72 -12.36
N GLY B 510 8.64 -19.16 -13.60
CA GLY B 510 9.27 -18.29 -14.59
C GLY B 510 8.46 -17.05 -14.86
N LYS B 511 7.13 -17.18 -14.87
CA LYS B 511 6.26 -16.00 -15.01
C LYS B 511 6.44 -15.06 -13.83
N LEU B 512 6.35 -15.58 -12.61
CA LEU B 512 6.43 -14.74 -11.42
C LEU B 512 7.79 -14.04 -11.32
N ARG B 513 8.88 -14.76 -11.62
CA ARG B 513 10.21 -14.18 -11.51
C ARG B 513 10.59 -13.32 -12.70
N GLY B 514 9.70 -13.16 -13.68
CA GLY B 514 9.99 -12.36 -14.85
C GLY B 514 10.86 -13.01 -15.89
N PHE B 515 11.05 -14.33 -15.83
CA PHE B 515 11.79 -15.03 -16.89
C PHE B 515 10.91 -15.32 -18.10
N LEU B 516 9.59 -15.35 -17.93
CA LEU B 516 8.68 -15.82 -18.96
C LEU B 516 7.49 -14.86 -19.07
N ARG B 517 6.98 -14.73 -20.28
CA ARG B 517 5.77 -13.98 -20.56
C ARG B 517 4.95 -14.74 -21.58
N VAL B 518 3.66 -14.42 -21.66
CA VAL B 518 2.78 -15.06 -22.62
C VAL B 518 3.33 -14.85 -24.03
N GLY B 519 3.20 -15.88 -24.87
CA GLY B 519 3.74 -15.84 -26.21
C GLY B 519 5.18 -16.25 -26.33
N ASP B 520 5.91 -16.37 -25.22
CA ASP B 520 7.28 -16.85 -25.29
C ASP B 520 7.30 -18.32 -25.69
N LEU B 521 8.41 -18.73 -26.30
CA LEU B 521 8.64 -20.13 -26.63
C LEU B 521 9.56 -20.73 -25.58
N VAL B 522 9.26 -21.96 -25.18
CA VAL B 522 10.00 -22.66 -24.15
C VAL B 522 10.28 -24.08 -24.64
N ILE B 523 11.45 -24.61 -24.30
CA ILE B 523 11.82 -25.99 -24.59
C ILE B 523 11.69 -26.80 -23.30
N VAL B 524 10.96 -27.91 -23.35
CA VAL B 524 10.74 -28.75 -22.18
C VAL B 524 11.47 -30.07 -22.36
N VAL B 525 12.28 -30.43 -21.38
CA VAL B 525 13.13 -31.62 -21.44
C VAL B 525 12.71 -32.56 -20.33
N THR B 526 12.26 -33.76 -20.71
CA THR B 526 11.82 -34.78 -19.77
C THR B 526 12.29 -36.14 -20.26
N GLY B 527 11.98 -37.18 -19.48
CA GLY B 527 12.22 -38.56 -19.85
C GLY B 527 10.92 -39.32 -20.07
N TRP B 528 11.07 -40.57 -20.49
CA TRP B 528 9.91 -41.37 -20.81
C TRP B 528 9.38 -42.19 -19.63
N ARG B 529 10.09 -42.21 -18.51
CA ARG B 529 9.67 -42.98 -17.36
C ARG B 529 10.29 -42.35 -16.11
N PRO B 530 9.71 -42.58 -14.94
CA PRO B 530 10.26 -42.00 -13.71
C PRO B 530 11.61 -42.61 -13.34
N GLY B 531 12.32 -41.90 -12.49
CA GLY B 531 13.66 -42.28 -12.11
C GLY B 531 14.71 -41.52 -12.89
N SER B 532 15.87 -41.31 -12.27
CA SER B 532 16.92 -40.58 -12.95
C SER B 532 17.53 -41.45 -14.04
N GLY B 533 18.10 -40.79 -15.06
CA GLY B 533 18.81 -41.47 -16.12
C GLY B 533 18.02 -41.79 -17.37
N TYR B 534 16.75 -41.37 -17.47
CA TYR B 534 15.92 -41.74 -18.61
C TYR B 534 15.50 -40.53 -19.45
N THR B 535 16.15 -39.39 -19.26
CA THR B 535 15.81 -38.19 -20.04
C THR B 535 16.04 -38.45 -21.53
N ASN B 536 15.02 -38.19 -22.34
CA ASN B 536 15.12 -38.51 -23.76
C ASN B 536 14.11 -37.76 -24.62
N ILE B 537 13.38 -36.81 -24.05
CA ILE B 537 12.30 -36.14 -24.76
C ILE B 537 12.50 -34.64 -24.71
N MET B 538 12.29 -34.00 -25.86
CA MET B 538 12.34 -32.56 -26.01
C MET B 538 11.07 -32.10 -26.72
N ARG B 539 10.36 -31.13 -26.13
CA ARG B 539 9.13 -30.60 -26.70
C ARG B 539 9.20 -29.08 -26.81
N VAL B 540 8.62 -28.55 -27.88
CA VAL B 540 8.50 -27.11 -28.09
C VAL B 540 7.11 -26.69 -27.64
N LEU B 541 7.06 -25.85 -26.60
CA LEU B 541 5.82 -25.33 -26.08
C LEU B 541 5.82 -23.80 -26.12
N SER B 542 4.64 -23.22 -26.28
CA SER B 542 4.47 -21.77 -26.22
C SER B 542 3.71 -21.42 -24.95
N ILE B 543 4.16 -20.35 -24.27
CA ILE B 543 3.55 -19.96 -23.01
C ILE B 543 2.20 -19.29 -23.28
N SER B 544 1.17 -19.77 -22.60
CA SER B 544 -0.19 -19.26 -22.81
C SER B 544 -0.65 -18.36 -21.66
N LEU C 21 37.76 0.03 -55.95
CA LEU C 21 37.69 -0.56 -57.27
C LEU C 21 36.42 -0.13 -58.01
N GLY C 22 36.49 -0.07 -59.34
CA GLY C 22 35.34 0.33 -60.12
C GLY C 22 34.19 -0.66 -59.98
N THR C 23 32.97 -0.12 -59.87
CA THR C 23 31.80 -0.97 -59.69
C THR C 23 31.55 -1.87 -60.90
N ALA C 24 31.84 -1.37 -62.11
CA ALA C 24 31.71 -2.21 -63.29
C ALA C 24 32.75 -3.32 -63.29
N PHE C 25 33.95 -3.03 -62.81
CA PHE C 25 34.97 -4.06 -62.67
C PHE C 25 34.53 -5.15 -61.70
N PHE C 26 33.79 -4.78 -60.66
CA PHE C 26 33.36 -5.73 -59.65
C PHE C 26 32.34 -6.73 -60.20
N GLN C 27 31.70 -6.43 -61.32
CA GLN C 27 30.65 -7.30 -61.85
C GLN C 27 31.16 -8.44 -62.74
N GLN C 28 32.40 -8.40 -63.19
CA GLN C 28 32.92 -9.46 -64.04
C GLN C 28 33.51 -10.60 -63.20
N GLN C 29 34.36 -11.42 -63.83
CA GLN C 29 35.20 -12.46 -63.20
C GLN C 29 34.56 -13.16 -62.00
N GLN C 30 33.23 -13.10 -61.83
CA GLN C 30 32.55 -13.62 -60.66
C GLN C 30 33.11 -13.04 -59.35
N LEU C 31 33.53 -11.77 -59.32
CA LEU C 31 33.99 -11.22 -58.03
C LEU C 31 32.91 -11.23 -56.95
N PRO C 32 31.61 -11.00 -57.22
CA PRO C 32 30.64 -11.09 -56.10
C PRO C 32 30.64 -12.45 -55.41
N ALA C 33 30.70 -13.54 -56.19
CA ALA C 33 30.79 -14.86 -55.59
C ALA C 33 32.11 -15.06 -54.85
N ALA C 34 33.17 -14.37 -55.29
CA ALA C 34 34.46 -14.48 -54.62
C ALA C 34 34.44 -13.86 -53.23
N MET C 35 33.69 -12.78 -53.04
CA MET C 35 33.64 -12.08 -51.75
C MET C 35 32.62 -12.68 -50.79
N ALA C 36 31.94 -13.76 -51.16
CA ALA C 36 30.97 -14.36 -50.28
C ALA C 36 31.65 -14.96 -49.05
N ASP C 37 31.00 -14.82 -47.90
CA ASP C 37 31.55 -15.28 -46.63
C ASP C 37 31.44 -16.79 -46.43
N THR C 38 30.64 -17.48 -47.25
CA THR C 38 30.46 -18.92 -47.12
C THR C 38 30.47 -19.54 -48.51
N PHE C 39 30.76 -20.85 -48.55
CA PHE C 39 30.69 -21.55 -49.83
C PHE C 39 29.27 -21.59 -50.37
N LEU C 40 28.29 -21.73 -49.48
CA LEU C 40 26.89 -21.71 -49.89
C LEU C 40 26.55 -20.39 -50.58
N GLU C 41 26.86 -19.26 -49.93
CA GLU C 41 26.59 -17.97 -50.56
C GLU C 41 27.43 -17.79 -51.81
N HIS C 42 28.64 -18.36 -51.83
CA HIS C 42 29.46 -18.31 -53.04
C HIS C 42 28.76 -19.00 -54.21
N LEU C 43 28.13 -20.14 -53.96
CA LEU C 43 27.35 -20.80 -55.01
C LEU C 43 26.18 -19.95 -55.44
N CYS C 44 25.45 -19.37 -54.48
CA CYS C 44 24.24 -18.61 -54.79
C CYS C 44 24.52 -17.36 -55.59
N LEU C 45 25.76 -16.85 -55.57
CA LEU C 45 26.08 -15.58 -56.24
C LEU C 45 26.72 -15.77 -57.62
N LEU C 46 27.05 -17.01 -58.00
CA LEU C 46 27.53 -17.28 -59.34
C LEU C 46 26.57 -16.71 -60.38
N ASP C 47 27.13 -16.06 -61.40
CA ASP C 47 26.36 -15.29 -62.37
C ASP C 47 26.82 -15.64 -63.77
N ILE C 48 25.88 -16.07 -64.62
CA ILE C 48 26.22 -16.43 -65.99
C ILE C 48 26.55 -15.22 -66.85
N ASP C 49 26.18 -14.02 -66.42
CA ASP C 49 26.50 -12.79 -67.13
C ASP C 49 27.84 -12.18 -66.70
N SER C 50 28.49 -12.75 -65.69
CA SER C 50 29.79 -12.28 -65.22
C SER C 50 30.88 -12.85 -66.12
N GLU C 51 31.46 -12.00 -66.96
CA GLU C 51 32.38 -12.55 -67.96
C GLU C 51 33.79 -12.69 -67.38
N PRO C 52 34.49 -13.77 -67.71
CA PRO C 52 35.85 -13.98 -67.23
C PRO C 52 36.85 -13.18 -68.04
N VAL C 53 38.13 -13.26 -67.62
CA VAL C 53 39.23 -12.65 -68.34
C VAL C 53 39.66 -13.57 -69.48
N ALA C 54 40.56 -13.08 -70.34
CA ALA C 54 41.00 -13.86 -71.50
C ALA C 54 42.08 -14.89 -71.16
N ALA C 55 42.67 -14.82 -69.96
CA ALA C 55 43.82 -15.65 -69.61
C ALA C 55 43.35 -16.91 -68.89
N ARG C 56 43.37 -18.04 -69.60
CA ARG C 56 42.98 -19.31 -69.01
C ARG C 56 44.20 -19.98 -68.37
N SER C 57 44.04 -20.39 -67.11
CA SER C 57 45.16 -20.84 -66.31
C SER C 57 45.39 -22.35 -66.39
N THR C 58 44.35 -23.13 -66.70
CA THR C 58 44.48 -24.58 -66.79
C THR C 58 45.03 -24.95 -68.16
N SER C 59 46.16 -25.66 -68.18
CA SER C 59 46.78 -25.99 -69.46
C SER C 59 46.06 -27.16 -70.14
N ILE C 60 46.17 -27.20 -71.46
CA ILE C 60 45.50 -28.20 -72.29
C ILE C 60 46.56 -29.10 -72.91
N ILE C 61 46.45 -30.40 -72.65
CA ILE C 61 47.29 -31.42 -73.27
C ILE C 61 46.48 -32.08 -74.37
N ALA C 62 47.02 -32.10 -75.59
CA ALA C 62 46.34 -32.70 -76.73
C ALA C 62 47.19 -33.85 -77.25
N THR C 63 46.55 -35.00 -77.45
CA THR C 63 47.23 -36.15 -78.01
C THR C 63 47.36 -35.96 -79.52
N ILE C 64 48.57 -36.18 -80.03
CA ILE C 64 48.80 -36.10 -81.48
C ILE C 64 48.44 -37.43 -82.12
N GLY C 65 47.73 -37.37 -83.24
CA GLY C 65 47.36 -38.54 -83.98
C GLY C 65 47.02 -38.19 -85.41
N PRO C 66 46.36 -39.12 -86.12
CA PRO C 66 45.99 -38.85 -87.51
C PRO C 66 45.24 -37.54 -87.71
N ALA C 67 44.39 -37.15 -86.75
CA ALA C 67 43.58 -35.96 -86.93
C ALA C 67 44.30 -34.67 -86.57
N SER C 68 45.48 -34.75 -85.96
CA SER C 68 46.16 -33.56 -85.44
C SER C 68 47.66 -33.65 -85.71
N ARG C 69 48.02 -34.09 -86.91
CA ARG C 69 49.41 -34.32 -87.25
C ARG C 69 49.94 -33.37 -88.31
N SER C 70 49.10 -32.90 -89.22
CA SER C 70 49.55 -31.96 -90.24
C SER C 70 49.94 -30.63 -89.61
N VAL C 71 51.01 -30.03 -90.15
CA VAL C 71 51.53 -28.76 -89.64
C VAL C 71 50.44 -27.69 -89.62
N GLU C 72 49.60 -27.68 -90.65
CA GLU C 72 48.51 -26.71 -90.70
C GLU C 72 47.52 -26.96 -89.57
N ARG C 73 47.28 -28.23 -89.24
CA ARG C 73 46.36 -28.53 -88.15
C ARG C 73 46.97 -28.17 -86.80
N LEU C 74 48.28 -28.42 -86.63
CA LEU C 74 48.92 -28.05 -85.38
C LEU C 74 48.89 -26.55 -85.16
N LYS C 75 49.00 -25.76 -86.23
CA LYS C 75 48.91 -24.30 -86.08
C LYS C 75 47.55 -23.90 -85.53
N GLU C 76 46.47 -24.49 -86.03
CA GLU C 76 45.12 -24.11 -85.59
C GLU C 76 44.89 -24.48 -84.13
N MET C 77 45.49 -25.58 -83.67
CA MET C 77 45.33 -25.97 -82.27
C MET C 77 46.20 -25.16 -81.32
N ILE C 78 47.36 -24.68 -81.78
CA ILE C 78 48.14 -23.75 -80.97
C ILE C 78 47.34 -22.48 -80.71
N LYS C 79 46.73 -21.92 -81.77
CA LYS C 79 45.89 -20.74 -81.59
C LYS C 79 44.63 -21.05 -80.79
N ALA C 80 44.08 -22.27 -80.94
CA ALA C 80 42.94 -22.66 -80.13
C ALA C 80 43.30 -22.83 -78.65
N GLY C 81 44.57 -23.06 -78.34
CA GLY C 81 44.98 -23.06 -76.96
C GLY C 81 45.78 -24.27 -76.47
N MET C 82 46.21 -25.14 -77.38
CA MET C 82 46.98 -26.31 -76.98
C MET C 82 48.33 -25.88 -76.42
N ASN C 83 48.65 -26.37 -75.22
CA ASN C 83 49.89 -26.01 -74.55
C ASN C 83 50.89 -27.15 -74.47
N ILE C 84 50.43 -28.39 -74.46
CA ILE C 84 51.30 -29.56 -74.39
C ILE C 84 50.81 -30.60 -75.39
N ALA C 85 51.72 -31.06 -76.25
CA ALA C 85 51.42 -32.10 -77.22
C ALA C 85 51.86 -33.45 -76.68
N ARG C 86 50.96 -34.42 -76.68
CA ARG C 86 51.20 -35.72 -76.08
C ARG C 86 51.45 -36.75 -77.19
N LEU C 87 52.61 -37.40 -77.14
CA LEU C 87 52.92 -38.50 -78.02
C LEU C 87 52.59 -39.80 -77.28
N ASN C 88 51.62 -40.54 -77.81
CA ASN C 88 51.20 -41.79 -77.20
C ASN C 88 52.00 -42.92 -77.83
N PHE C 89 53.04 -43.36 -77.13
CA PHE C 89 53.93 -44.41 -77.61
C PHE C 89 53.33 -45.80 -77.48
N SER C 90 52.08 -45.92 -77.04
CA SER C 90 51.38 -47.19 -77.13
C SER C 90 51.24 -47.64 -78.58
N HIS C 91 51.15 -46.70 -79.51
CA HIS C 91 51.00 -47.00 -80.93
C HIS C 91 52.10 -46.27 -81.70
N GLY C 92 52.46 -46.84 -82.84
CA GLY C 92 53.34 -46.12 -83.74
C GLY C 92 54.80 -46.37 -83.47
N SER C 93 55.61 -46.26 -84.53
CA SER C 93 57.04 -46.50 -84.44
C SER C 93 57.78 -45.21 -84.08
N HIS C 94 59.09 -45.35 -83.87
CA HIS C 94 59.92 -44.19 -83.56
C HIS C 94 59.93 -43.20 -84.71
N GLU C 95 59.92 -43.69 -85.95
CA GLU C 95 59.92 -42.81 -87.10
C GLU C 95 58.61 -42.03 -87.18
N TYR C 96 57.50 -42.67 -86.82
CA TYR C 96 56.22 -41.98 -86.76
C TYR C 96 56.26 -40.82 -85.79
N HIS C 97 56.81 -41.05 -84.59
CA HIS C 97 56.81 -40.02 -83.56
C HIS C 97 57.87 -38.96 -83.80
N ALA C 98 58.94 -39.28 -84.52
CA ALA C 98 59.91 -38.27 -84.91
C ALA C 98 59.29 -37.26 -85.87
N GLU C 99 58.51 -37.75 -86.85
CA GLU C 99 57.82 -36.83 -87.75
C GLU C 99 56.77 -36.01 -87.01
N SER C 100 56.11 -36.61 -86.01
CA SER C 100 55.17 -35.87 -85.18
C SER C 100 55.89 -34.76 -84.42
N ILE C 101 57.06 -35.06 -83.86
CA ILE C 101 57.83 -34.05 -83.15
C ILE C 101 58.27 -32.94 -84.09
N ALA C 102 58.75 -33.31 -85.28
CA ALA C 102 59.17 -32.30 -86.25
C ALA C 102 58.02 -31.41 -86.65
N ASN C 103 56.84 -32.00 -86.88
CA ASN C 103 55.67 -31.23 -87.29
C ASN C 103 55.20 -30.28 -86.19
N VAL C 104 55.24 -30.74 -84.94
CA VAL C 104 54.85 -29.87 -83.83
C VAL C 104 55.82 -28.69 -83.73
N ARG C 105 57.11 -28.99 -83.79
CA ARG C 105 58.11 -27.93 -83.66
C ARG C 105 58.05 -26.95 -84.83
N GLU C 106 57.74 -27.41 -86.04
CA GLU C 106 57.59 -26.50 -87.17
C GLU C 106 56.41 -25.56 -86.96
N ALA C 107 55.27 -26.11 -86.52
CA ALA C 107 54.10 -25.26 -86.27
C ALA C 107 54.36 -24.30 -85.12
N VAL C 108 55.05 -24.76 -84.07
CA VAL C 108 55.33 -23.89 -82.93
C VAL C 108 56.26 -22.76 -83.34
N GLU C 109 57.37 -23.09 -84.01
CA GLU C 109 58.37 -22.08 -84.35
C GLU C 109 57.90 -21.14 -85.44
N SER C 110 56.81 -21.47 -86.14
CA SER C 110 56.28 -20.59 -87.17
C SER C 110 55.78 -19.27 -86.60
N PHE C 111 55.50 -19.22 -85.29
CA PHE C 111 55.06 -18.00 -84.61
C PHE C 111 56.21 -17.24 -83.97
N ALA C 112 57.43 -17.78 -84.00
CA ALA C 112 58.54 -17.17 -83.27
C ALA C 112 58.95 -15.83 -83.84
N GLY C 113 58.56 -15.52 -85.08
CA GLY C 113 58.90 -14.23 -85.66
C GLY C 113 58.33 -13.04 -84.91
N SER C 114 57.30 -13.26 -84.09
CA SER C 114 56.72 -12.20 -83.26
C SER C 114 56.89 -12.58 -81.79
N PRO C 115 57.92 -12.06 -81.12
CA PRO C 115 58.21 -12.51 -79.75
C PRO C 115 57.08 -12.26 -78.76
N LEU C 116 56.36 -11.14 -78.89
CA LEU C 116 55.35 -10.77 -77.90
C LEU C 116 54.14 -11.69 -77.90
N SER C 117 53.94 -12.46 -78.97
CA SER C 117 52.79 -13.35 -79.04
C SER C 117 53.19 -14.82 -79.17
N TYR C 118 54.48 -15.14 -79.09
CA TYR C 118 54.93 -16.52 -79.17
C TYR C 118 54.40 -17.34 -78.02
N ARG C 119 53.81 -18.49 -78.34
CA ARG C 119 53.24 -19.40 -77.35
C ARG C 119 54.11 -20.64 -77.27
N PRO C 120 54.88 -20.84 -76.20
CA PRO C 120 55.67 -22.06 -76.10
C PRO C 120 54.75 -23.27 -75.93
N VAL C 121 55.16 -24.39 -76.51
CA VAL C 121 54.40 -25.62 -76.47
C VAL C 121 55.32 -26.75 -76.03
N ALA C 122 54.97 -27.43 -74.95
CA ALA C 122 55.79 -28.54 -74.46
C ALA C 122 55.44 -29.82 -75.21
N ILE C 123 56.41 -30.72 -75.29
CA ILE C 123 56.23 -32.03 -75.89
C ILE C 123 56.32 -33.07 -74.78
N ALA C 124 55.30 -33.91 -74.67
CA ALA C 124 55.21 -34.94 -73.63
C ALA C 124 55.22 -36.32 -74.25
N LEU C 125 55.98 -37.23 -73.65
CA LEU C 125 56.09 -38.61 -74.10
C LEU C 125 55.31 -39.50 -73.14
N ASP C 126 54.26 -40.14 -73.64
CA ASP C 126 53.45 -41.09 -72.88
C ASP C 126 53.91 -42.50 -73.19
N THR C 127 54.45 -43.19 -72.19
CA THR C 127 55.06 -44.50 -72.41
C THR C 127 53.99 -45.57 -72.61
N LYS C 128 54.43 -46.69 -73.18
CA LYS C 128 53.53 -47.82 -73.39
C LYS C 128 53.17 -48.48 -72.05
N GLY C 129 54.17 -48.80 -71.25
CA GLY C 129 53.95 -49.41 -69.95
C GLY C 129 53.54 -50.87 -70.06
N PRO C 130 53.33 -51.52 -68.90
CA PRO C 130 52.95 -52.94 -68.91
C PRO C 130 51.54 -53.16 -69.45
N GLU C 131 51.42 -53.19 -70.78
CA GLU C 131 50.13 -53.33 -71.44
C GLU C 131 49.88 -54.78 -71.83
N ILE C 132 48.60 -55.08 -72.10
CA ILE C 132 48.18 -56.39 -72.57
C ILE C 132 47.17 -56.19 -73.69
N ARG C 133 47.43 -56.81 -74.84
CA ARG C 133 46.69 -56.56 -76.06
C ARG C 133 46.07 -57.84 -76.58
N THR C 134 44.84 -57.75 -77.10
CA THR C 134 44.11 -58.94 -77.55
C THR C 134 44.62 -59.43 -78.89
N GLY C 135 43.75 -60.06 -79.67
CA GLY C 135 44.13 -60.71 -80.91
C GLY C 135 43.50 -60.05 -82.13
N ILE C 136 44.15 -60.22 -83.27
CA ILE C 136 43.67 -59.67 -84.53
C ILE C 136 42.78 -60.68 -85.25
N PRO C 141 42.59 -58.29 -90.97
CA PRO C 141 42.94 -57.46 -89.81
C PRO C 141 41.79 -56.57 -89.35
N GLU C 142 41.23 -55.78 -90.27
CA GLU C 142 40.15 -54.85 -89.94
C GLU C 142 38.77 -55.45 -90.13
N SER C 143 38.62 -56.75 -89.92
CA SER C 143 37.30 -57.35 -89.79
C SER C 143 36.81 -57.18 -88.35
N GLU C 144 35.53 -57.51 -88.13
CA GLU C 144 34.92 -57.33 -86.81
C GLU C 144 34.12 -58.57 -86.47
N VAL C 145 34.45 -59.17 -85.32
CA VAL C 145 33.75 -60.35 -84.81
C VAL C 145 32.88 -59.90 -83.65
N GLU C 146 31.57 -60.11 -83.78
CA GLU C 146 30.67 -59.92 -82.65
C GLU C 146 30.74 -61.13 -81.74
N LEU C 147 30.50 -60.91 -80.45
CA LEU C 147 30.67 -61.96 -79.46
C LEU C 147 29.39 -62.10 -78.65
N VAL C 148 28.83 -63.31 -78.63
CA VAL C 148 27.57 -63.56 -77.96
C VAL C 148 27.79 -63.61 -76.45
N LYS C 149 26.86 -63.03 -75.69
CA LYS C 149 26.91 -63.08 -74.25
C LYS C 149 26.72 -64.51 -73.76
N GLY C 150 27.42 -64.87 -72.68
CA GLY C 150 27.26 -66.18 -72.09
C GLY C 150 27.74 -67.32 -72.96
N SER C 151 28.61 -67.06 -73.91
CA SER C 151 29.19 -68.09 -74.76
C SER C 151 30.59 -68.45 -74.26
N GLN C 152 30.88 -69.74 -74.23
CA GLN C 152 32.15 -70.20 -73.69
C GLN C 152 33.30 -69.78 -74.60
N VAL C 153 34.34 -69.20 -74.01
CA VAL C 153 35.43 -68.56 -74.74
C VAL C 153 36.76 -68.99 -74.13
N LEU C 154 37.74 -69.23 -74.98
CA LEU C 154 39.09 -69.59 -74.56
C LEU C 154 40.05 -68.45 -74.85
N VAL C 155 40.94 -68.17 -73.89
CA VAL C 155 42.01 -67.20 -74.07
C VAL C 155 43.28 -67.98 -74.38
N THR C 156 44.10 -67.44 -75.28
CA THR C 156 45.13 -68.22 -75.96
C THR C 156 46.51 -67.64 -75.69
N VAL C 157 47.41 -68.48 -75.18
CA VAL C 157 48.84 -68.17 -75.15
C VAL C 157 49.53 -68.64 -76.44
N ASP C 158 48.95 -69.62 -77.14
CA ASP C 158 49.54 -70.19 -78.33
C ASP C 158 49.82 -69.12 -79.39
N PRO C 159 51.04 -69.05 -79.93
CA PRO C 159 51.26 -68.24 -81.14
C PRO C 159 50.65 -68.86 -82.39
N ALA C 160 50.20 -70.11 -82.32
CA ALA C 160 49.56 -70.78 -83.44
C ALA C 160 48.09 -70.40 -83.54
N GLY C 165 41.46 -65.20 -84.55
CA GLY C 165 40.54 -64.99 -83.44
C GLY C 165 39.09 -64.94 -83.87
N ASN C 166 38.27 -65.80 -83.28
CA ASN C 166 36.85 -65.86 -83.58
C ASN C 166 36.04 -65.63 -82.30
N ALA C 167 34.72 -65.74 -82.43
CA ALA C 167 33.84 -65.46 -81.29
C ALA C 167 33.94 -66.51 -80.19
N ASN C 168 34.51 -67.68 -80.48
CA ASN C 168 34.63 -68.73 -79.47
C ASN C 168 35.99 -68.77 -78.79
N THR C 169 36.99 -68.08 -79.32
CA THR C 169 38.30 -68.02 -78.70
C THR C 169 39.11 -66.89 -79.33
N VAL C 170 39.91 -66.21 -78.52
CA VAL C 170 40.79 -65.14 -78.97
C VAL C 170 42.10 -65.21 -78.20
N TRP C 171 43.17 -64.69 -78.81
CA TRP C 171 44.49 -64.74 -78.23
C TRP C 171 44.89 -63.40 -77.65
N VAL C 172 46.01 -63.40 -76.92
CA VAL C 172 46.44 -62.24 -76.14
C VAL C 172 47.96 -62.19 -76.11
N ASP C 173 48.49 -60.99 -75.86
CA ASP C 173 49.93 -60.74 -75.91
C ASP C 173 50.55 -60.79 -74.51
N TYR C 174 50.33 -61.89 -73.79
CA TYR C 174 50.86 -62.07 -72.44
C TYR C 174 50.97 -63.56 -72.19
N PRO C 175 52.16 -64.14 -72.33
CA PRO C 175 52.27 -65.60 -72.21
C PRO C 175 52.03 -66.12 -70.80
N ASN C 176 52.30 -65.31 -69.78
CA ASN C 176 52.16 -65.72 -68.39
C ASN C 176 50.77 -65.43 -67.82
N ILE C 177 49.78 -65.19 -68.68
CA ILE C 177 48.44 -64.88 -68.19
C ILE C 177 47.81 -66.10 -67.52
N VAL C 178 48.13 -67.30 -67.99
CA VAL C 178 47.55 -68.50 -67.41
C VAL C 178 48.04 -68.74 -65.99
N ARG C 179 49.19 -68.17 -65.63
CA ARG C 179 49.78 -68.42 -64.32
C ARG C 179 49.14 -67.59 -63.21
N VAL C 180 48.58 -66.43 -63.55
CA VAL C 180 48.15 -65.46 -62.55
C VAL C 180 46.66 -65.55 -62.26
N VAL C 181 45.83 -65.63 -63.29
CA VAL C 181 44.39 -65.52 -63.08
C VAL C 181 43.86 -66.77 -62.41
N PRO C 182 43.11 -66.66 -61.32
CA PRO C 182 42.50 -67.82 -60.69
C PRO C 182 41.16 -68.16 -61.36
N VAL C 183 40.60 -69.30 -60.95
CA VAL C 183 39.26 -69.66 -61.40
C VAL C 183 38.24 -68.73 -60.73
N GLY C 184 37.24 -68.32 -61.49
CA GLY C 184 36.31 -67.33 -60.98
C GLY C 184 36.84 -65.92 -60.99
N GLY C 185 37.86 -65.63 -61.80
CA GLY C 185 38.38 -64.29 -61.95
C GLY C 185 37.83 -63.62 -63.20
N ARG C 186 37.99 -62.30 -63.27
CA ARG C 186 37.42 -61.50 -64.34
C ARG C 186 38.51 -60.98 -65.27
N ILE C 187 38.27 -61.08 -66.57
CA ILE C 187 39.12 -60.49 -67.61
C ILE C 187 38.29 -59.48 -68.37
N TYR C 188 38.86 -58.30 -68.59
CA TYR C 188 38.17 -57.24 -69.32
C TYR C 188 38.83 -57.02 -70.68
N ILE C 189 38.02 -56.63 -71.65
CA ILE C 189 38.46 -56.43 -73.02
C ILE C 189 37.75 -55.22 -73.61
N ASP C 190 38.51 -54.36 -74.31
CA ASP C 190 37.98 -53.22 -75.04
C ASP C 190 37.32 -52.22 -74.08
N ASP C 191 38.18 -51.54 -73.33
CA ASP C 191 37.76 -50.58 -72.29
C ASP C 191 36.76 -51.25 -71.34
N GLY C 192 37.12 -52.45 -70.91
CA GLY C 192 36.27 -53.26 -70.02
C GLY C 192 34.84 -53.42 -70.48
N LEU C 193 34.57 -53.20 -71.76
CA LEU C 193 33.21 -53.38 -72.28
C LEU C 193 32.83 -54.85 -72.25
N ILE C 194 33.72 -55.73 -72.73
CA ILE C 194 33.52 -57.17 -72.69
C ILE C 194 34.21 -57.72 -71.46
N SER C 195 33.47 -58.51 -70.67
CA SER C 195 34.00 -59.10 -69.45
C SER C 195 33.85 -60.61 -69.53
N LEU C 196 34.97 -61.32 -69.40
CA LEU C 196 34.98 -62.78 -69.35
C LEU C 196 35.06 -63.25 -67.91
N VAL C 197 34.33 -64.33 -67.61
CA VAL C 197 34.37 -64.98 -66.31
C VAL C 197 34.84 -66.41 -66.50
N VAL C 198 35.92 -66.76 -65.82
CA VAL C 198 36.43 -68.13 -65.81
C VAL C 198 35.41 -69.01 -65.12
N GLN C 199 34.35 -69.40 -65.84
CA GLN C 199 33.30 -70.23 -65.25
C GLN C 199 33.82 -71.63 -64.94
N LYS C 200 34.77 -72.12 -65.73
CA LYS C 200 35.48 -73.36 -65.46
C LYS C 200 36.94 -73.16 -65.85
N ILE C 201 37.79 -74.11 -65.45
CA ILE C 201 39.20 -74.06 -65.84
C ILE C 201 39.62 -75.40 -66.43
N GLY C 205 44.40 -73.60 -71.59
CA GLY C 205 44.48 -72.33 -70.91
C GLY C 205 43.31 -72.06 -69.98
N LEU C 206 42.62 -70.95 -70.19
CA LEU C 206 41.46 -70.56 -69.40
C LEU C 206 40.23 -70.59 -70.31
N VAL C 207 39.33 -71.52 -70.02
CA VAL C 207 38.02 -71.56 -70.69
C VAL C 207 37.08 -70.67 -69.89
N THR C 208 36.60 -69.60 -70.51
CA THR C 208 35.74 -68.64 -69.84
C THR C 208 34.36 -68.64 -70.48
N GLN C 209 33.41 -68.02 -69.78
CA GLN C 209 32.12 -67.68 -70.34
C GLN C 209 31.85 -66.20 -70.09
N VAL C 210 31.11 -65.59 -70.99
CA VAL C 210 31.10 -64.14 -71.14
C VAL C 210 30.07 -63.53 -70.20
N GLU C 211 30.50 -62.51 -69.44
CA GLU C 211 29.60 -61.74 -68.61
C GLU C 211 28.92 -60.62 -69.39
N ASN C 212 29.69 -59.92 -70.23
CA ASN C 212 29.18 -58.83 -71.04
C ASN C 212 29.72 -58.98 -72.45
N GLY C 213 28.84 -58.97 -73.44
CA GLY C 213 29.20 -59.21 -74.82
C GLY C 213 29.11 -57.95 -75.66
N GLY C 214 29.93 -57.88 -76.69
CA GLY C 214 29.93 -56.74 -77.60
C GLY C 214 30.78 -57.03 -78.82
N VAL C 215 30.73 -56.09 -79.76
CA VAL C 215 31.51 -56.21 -80.98
C VAL C 215 32.99 -56.12 -80.63
N LEU C 216 33.75 -57.14 -81.03
CA LEU C 216 35.17 -57.24 -80.71
C LEU C 216 36.01 -56.85 -81.91
N GLY C 217 36.91 -55.89 -81.71
CA GLY C 217 37.83 -55.46 -82.74
C GLY C 217 39.07 -56.32 -82.82
N SER C 218 40.12 -55.77 -83.42
CA SER C 218 41.39 -56.46 -83.60
C SER C 218 42.42 -55.83 -82.67
N ARG C 219 43.02 -56.66 -81.82
CA ARG C 219 44.03 -56.22 -80.85
C ARG C 219 43.53 -55.03 -80.03
N LYS C 220 42.78 -55.31 -78.96
CA LYS C 220 42.27 -54.30 -78.05
C LYS C 220 42.93 -54.44 -76.68
N GLY C 221 42.44 -53.71 -75.70
CA GLY C 221 43.02 -53.71 -74.38
C GLY C 221 42.49 -54.82 -73.48
N VAL C 222 43.36 -55.31 -72.60
CA VAL C 222 43.02 -56.33 -71.61
C VAL C 222 43.45 -55.82 -70.23
N ASN C 223 42.51 -55.84 -69.28
CA ASN C 223 42.79 -55.47 -67.90
C ASN C 223 42.50 -56.64 -66.98
N LEU C 224 43.31 -56.79 -65.93
CA LEU C 224 43.17 -57.86 -64.96
C LEU C 224 43.14 -57.26 -63.55
N PRO C 225 41.98 -56.83 -63.08
CA PRO C 225 41.89 -56.23 -61.74
C PRO C 225 42.08 -57.27 -60.64
N GLY C 226 42.66 -56.83 -59.54
CA GLY C 226 42.92 -57.65 -58.36
C GLY C 226 44.11 -58.59 -58.42
N ALA C 227 44.33 -59.23 -59.56
CA ALA C 227 45.44 -60.16 -59.70
C ALA C 227 46.77 -59.42 -59.77
N GLN C 228 47.74 -59.86 -58.97
CA GLN C 228 49.07 -59.28 -58.97
C GLN C 228 49.84 -59.79 -60.18
N VAL C 229 50.15 -58.90 -61.11
CA VAL C 229 50.90 -59.25 -62.31
C VAL C 229 52.40 -59.12 -62.01
N ASP C 230 53.18 -59.98 -62.64
CA ASP C 230 54.63 -59.97 -62.49
C ASP C 230 55.32 -59.33 -63.68
N LEU C 231 54.64 -58.40 -64.36
CA LEU C 231 55.26 -57.71 -65.48
C LEU C 231 56.13 -56.56 -64.96
N PRO C 232 57.34 -56.40 -65.50
CA PRO C 232 58.23 -55.33 -65.01
C PRO C 232 57.70 -53.96 -65.40
N GLY C 233 57.75 -53.03 -64.45
CA GLY C 233 57.24 -51.68 -64.69
C GLY C 233 57.94 -50.98 -65.84
N LEU C 234 59.23 -51.26 -66.01
CA LEU C 234 60.00 -50.71 -67.13
C LEU C 234 60.38 -51.88 -68.04
N SER C 235 59.60 -52.07 -69.09
CA SER C 235 59.94 -53.08 -70.08
C SER C 235 61.17 -52.62 -70.87
N GLU C 236 61.67 -53.53 -71.71
CA GLU C 236 62.83 -53.21 -72.51
C GLU C 236 62.49 -52.33 -73.71
N GLN C 237 61.22 -52.37 -74.18
CA GLN C 237 60.77 -51.41 -75.17
C GLN C 237 60.58 -50.02 -74.55
N ASP C 238 60.11 -49.97 -73.30
CA ASP C 238 59.99 -48.69 -72.61
C ASP C 238 61.33 -47.98 -72.51
N VAL C 239 62.41 -48.75 -72.36
CA VAL C 239 63.73 -48.14 -72.20
C VAL C 239 64.17 -47.48 -73.50
N ARG C 240 63.89 -48.11 -74.64
CA ARG C 240 64.25 -47.51 -75.92
C ARG C 240 63.41 -46.27 -76.20
N ASP C 241 62.15 -46.24 -75.76
CA ASP C 241 61.31 -45.07 -76.00
C ASP C 241 61.78 -43.88 -75.17
N LEU C 242 62.17 -44.12 -73.92
CA LEU C 242 62.70 -43.05 -73.08
C LEU C 242 64.02 -42.52 -73.62
N ARG C 243 64.89 -43.40 -74.12
CA ARG C 243 66.10 -42.96 -74.79
C ARG C 243 65.77 -42.10 -75.99
N PHE C 244 64.75 -42.51 -76.77
CA PHE C 244 64.29 -41.71 -77.90
C PHE C 244 63.85 -40.32 -77.46
N GLY C 245 63.18 -40.23 -76.30
CA GLY C 245 62.70 -38.95 -75.84
C GLY C 245 63.82 -38.03 -75.39
N VAL C 246 64.85 -38.61 -74.76
CA VAL C 246 66.01 -37.82 -74.40
C VAL C 246 66.76 -37.35 -75.65
N GLU C 247 66.88 -38.23 -76.65
CA GLU C 247 67.61 -37.87 -77.86
C GLU C 247 66.88 -36.82 -78.67
N HIS C 248 65.55 -36.77 -78.56
CA HIS C 248 64.76 -35.78 -79.28
C HIS C 248 64.34 -34.60 -78.41
N GLY C 249 64.77 -34.58 -77.15
CA GLY C 249 64.58 -33.43 -76.30
C GLY C 249 63.15 -33.17 -75.85
N VAL C 250 62.40 -34.22 -75.53
CA VAL C 250 61.07 -34.03 -74.99
C VAL C 250 61.15 -33.42 -73.60
N ASP C 251 60.10 -32.71 -73.21
CA ASP C 251 60.08 -31.99 -71.94
C ASP C 251 59.45 -32.78 -70.81
N ILE C 252 58.50 -33.66 -71.11
CA ILE C 252 57.70 -34.33 -70.10
C ILE C 252 57.58 -35.81 -70.46
N VAL C 253 57.60 -36.66 -69.44
CA VAL C 253 57.35 -38.09 -69.60
C VAL C 253 56.13 -38.46 -68.77
N PHE C 254 55.12 -39.03 -69.42
CA PHE C 254 54.00 -39.65 -68.72
C PHE C 254 54.32 -41.13 -68.54
N ALA C 255 54.64 -41.54 -67.32
CA ALA C 255 55.02 -42.92 -67.03
C ALA C 255 53.77 -43.73 -66.71
N SER C 256 53.46 -44.71 -67.56
CA SER C 256 52.22 -45.47 -67.44
C SER C 256 52.30 -46.52 -66.33
N PHE C 257 51.17 -46.71 -65.64
CA PHE C 257 51.00 -47.79 -64.67
C PHE C 257 52.11 -47.77 -63.61
N VAL C 258 52.28 -46.61 -62.99
CA VAL C 258 53.21 -46.49 -61.87
C VAL C 258 52.54 -47.08 -60.64
N ARG C 259 53.20 -48.04 -60.01
CA ARG C 259 52.68 -48.75 -58.85
C ARG C 259 53.45 -48.52 -57.57
N LYS C 260 54.70 -48.05 -57.65
CA LYS C 260 55.52 -47.87 -56.47
C LYS C 260 56.59 -46.83 -56.78
N ALA C 261 57.28 -46.38 -55.71
CA ALA C 261 58.26 -45.31 -55.85
C ALA C 261 59.40 -45.71 -56.78
N SER C 262 59.87 -46.96 -56.68
CA SER C 262 60.98 -47.37 -57.53
C SER C 262 60.56 -47.63 -58.98
N ASP C 263 59.26 -47.57 -59.28
CA ASP C 263 58.85 -47.54 -60.69
C ASP C 263 59.32 -46.25 -61.36
N VAL C 264 59.33 -45.14 -60.61
CA VAL C 264 59.73 -43.87 -61.18
C VAL C 264 61.24 -43.73 -61.16
N ALA C 265 61.88 -44.22 -60.09
CA ALA C 265 63.34 -44.24 -60.04
C ALA C 265 63.92 -45.03 -61.20
N ALA C 266 63.22 -46.07 -61.65
CA ALA C 266 63.67 -46.79 -62.84
C ALA C 266 63.53 -45.92 -64.08
N VAL C 267 62.45 -45.13 -64.16
CA VAL C 267 62.26 -44.24 -65.30
C VAL C 267 63.37 -43.19 -65.33
N ARG C 268 63.70 -42.61 -64.18
CA ARG C 268 64.75 -41.60 -64.14
C ARG C 268 66.11 -42.19 -64.48
N ALA C 269 66.35 -43.43 -64.08
CA ALA C 269 67.60 -44.09 -64.44
C ALA C 269 67.69 -44.32 -65.94
N ALA C 270 66.57 -44.71 -66.57
CA ALA C 270 66.56 -44.88 -68.01
C ALA C 270 66.78 -43.55 -68.74
N LEU C 271 66.28 -42.45 -68.18
CA LEU C 271 66.49 -41.15 -68.83
C LEU C 271 67.96 -40.75 -68.81
N GLY C 272 68.68 -41.13 -67.76
CA GLY C 272 70.10 -40.87 -67.66
C GLY C 272 70.41 -39.45 -67.23
N PRO C 273 71.70 -39.12 -67.16
CA PRO C 273 72.08 -37.73 -66.83
C PRO C 273 71.65 -36.74 -67.89
N GLU C 274 71.60 -37.17 -69.16
CA GLU C 274 71.11 -36.29 -70.22
C GLU C 274 69.65 -35.90 -69.99
N GLY C 275 68.83 -36.84 -69.52
CA GLY C 275 67.43 -36.55 -69.29
C GLY C 275 67.11 -36.14 -67.88
N HIS C 276 68.11 -35.67 -67.13
CA HIS C 276 67.88 -35.29 -65.74
C HIS C 276 66.93 -34.10 -65.60
N GLY C 277 66.80 -33.27 -66.63
CA GLY C 277 65.92 -32.14 -66.59
C GLY C 277 64.50 -32.38 -67.08
N ILE C 278 64.17 -33.61 -67.47
CA ILE C 278 62.83 -33.91 -67.98
C ILE C 278 61.90 -34.15 -66.80
N LYS C 279 60.72 -33.54 -66.85
CA LYS C 279 59.74 -33.74 -65.80
C LYS C 279 59.10 -35.12 -65.95
N ILE C 280 58.97 -35.82 -64.83
CA ILE C 280 58.36 -37.13 -64.80
C ILE C 280 56.99 -37.01 -64.16
N ILE C 281 55.95 -37.29 -64.93
CA ILE C 281 54.59 -37.34 -64.42
C ILE C 281 54.18 -38.80 -64.30
N SER C 282 53.82 -39.22 -63.10
CA SER C 282 53.41 -40.60 -62.86
C SER C 282 51.92 -40.78 -63.09
N LYS C 283 51.57 -41.74 -63.94
CA LYS C 283 50.18 -42.08 -64.23
C LYS C 283 49.70 -43.11 -63.22
N ILE C 284 48.68 -42.75 -62.44
CA ILE C 284 48.07 -43.63 -61.47
C ILE C 284 46.90 -44.31 -62.17
N GLU C 285 47.03 -45.61 -62.43
CA GLU C 285 46.11 -46.31 -63.29
C GLU C 285 45.41 -47.51 -62.66
N ASN C 286 45.78 -47.91 -61.46
CA ASN C 286 45.18 -49.10 -60.85
C ASN C 286 45.10 -48.91 -59.35
N HIS C 287 44.57 -49.94 -58.69
CA HIS C 287 44.31 -49.87 -57.25
C HIS C 287 45.60 -49.68 -56.45
N GLU C 288 46.67 -50.37 -56.85
CA GLU C 288 47.92 -50.27 -56.10
C GLU C 288 48.51 -48.87 -56.16
N GLY C 289 48.45 -48.23 -57.32
CA GLY C 289 48.95 -46.87 -57.45
C GLY C 289 48.22 -45.89 -56.54
N VAL C 290 46.92 -46.09 -56.37
CA VAL C 290 46.16 -45.25 -55.44
C VAL C 290 46.58 -45.53 -54.01
N LYS C 291 46.82 -46.80 -53.67
CA LYS C 291 47.16 -47.15 -52.29
C LYS C 291 48.57 -46.69 -51.93
N ARG C 292 49.49 -46.67 -52.89
CA ARG C 292 50.84 -46.18 -52.67
C ARG C 292 51.05 -44.79 -53.25
N PHE C 293 49.99 -43.97 -53.29
CA PHE C 293 50.07 -42.66 -53.93
C PHE C 293 51.09 -41.77 -53.24
N ASP C 294 51.13 -41.78 -51.90
CA ASP C 294 51.99 -40.83 -51.19
C ASP C 294 53.46 -41.05 -51.51
N GLU C 295 53.90 -42.31 -51.57
CA GLU C 295 55.29 -42.56 -51.91
C GLU C 295 55.57 -42.31 -53.38
N ILE C 296 54.55 -42.45 -54.24
CA ILE C 296 54.74 -42.14 -55.65
C ILE C 296 54.88 -40.63 -55.85
N LEU C 297 54.05 -39.85 -55.15
CA LEU C 297 54.07 -38.40 -55.31
C LEU C 297 55.38 -37.80 -54.85
N GLU C 298 56.04 -38.41 -53.87
CA GLU C 298 57.27 -37.83 -53.31
C GLU C 298 58.42 -37.86 -54.31
N VAL C 299 58.50 -38.89 -55.16
CA VAL C 299 59.59 -39.03 -56.12
C VAL C 299 59.18 -38.61 -57.52
N SER C 300 58.00 -38.03 -57.69
CA SER C 300 57.49 -37.63 -58.99
C SER C 300 57.37 -36.12 -59.08
N ASP C 301 57.53 -35.59 -60.28
CA ASP C 301 57.29 -34.16 -60.52
C ASP C 301 55.81 -33.84 -60.58
N GLY C 302 54.97 -34.85 -60.75
CA GLY C 302 53.54 -34.62 -60.88
C GLY C 302 52.83 -35.94 -61.08
N ILE C 303 51.51 -35.85 -61.19
CA ILE C 303 50.63 -37.01 -61.20
C ILE C 303 49.63 -36.84 -62.34
N MET C 304 49.30 -37.94 -63.00
CA MET C 304 48.18 -37.98 -63.93
C MET C 304 47.14 -38.94 -63.39
N VAL C 305 45.92 -38.44 -63.19
CA VAL C 305 44.78 -39.28 -62.89
C VAL C 305 44.36 -39.93 -64.21
N ALA C 306 44.79 -41.17 -64.43
CA ALA C 306 44.55 -41.87 -65.70
C ALA C 306 43.22 -42.61 -65.60
N ARG C 307 42.14 -41.84 -65.80
CA ARG C 307 40.80 -42.33 -65.49
C ARG C 307 40.39 -43.50 -66.38
N GLY C 308 40.94 -43.62 -67.59
CA GLY C 308 40.61 -44.72 -68.46
C GLY C 308 40.91 -46.08 -67.86
N ASP C 309 42.19 -46.36 -67.60
CA ASP C 309 42.54 -47.63 -66.97
C ASP C 309 42.05 -47.71 -65.54
N LEU C 310 42.06 -46.59 -64.81
CA LEU C 310 41.56 -46.59 -63.44
C LEU C 310 40.10 -47.03 -63.40
N GLY C 311 39.27 -46.52 -64.31
CA GLY C 311 37.86 -46.87 -64.35
C GLY C 311 37.59 -48.34 -64.64
N ILE C 312 38.55 -49.04 -65.22
CA ILE C 312 38.40 -50.48 -65.40
C ILE C 312 39.00 -51.24 -64.22
N GLU C 313 40.12 -50.76 -63.67
CA GLU C 313 40.78 -51.49 -62.59
C GLU C 313 40.02 -51.39 -61.27
N ILE C 314 39.29 -50.29 -61.07
CA ILE C 314 38.45 -50.14 -59.88
C ILE C 314 37.04 -49.81 -60.36
N PRO C 315 36.03 -50.01 -59.50
CA PRO C 315 34.65 -49.71 -59.91
C PRO C 315 34.51 -48.30 -60.44
N ALA C 316 33.66 -48.17 -61.47
CA ALA C 316 33.45 -46.86 -62.10
C ALA C 316 32.93 -45.84 -61.12
N GLU C 317 32.15 -46.27 -60.12
CA GLU C 317 31.55 -45.32 -59.17
C GLU C 317 32.59 -44.68 -58.27
N LYS C 318 33.80 -45.23 -58.19
CA LYS C 318 34.81 -44.75 -57.25
C LYS C 318 35.87 -43.86 -57.90
N VAL C 319 35.83 -43.68 -59.21
CA VAL C 319 36.90 -42.93 -59.88
C VAL C 319 36.94 -41.49 -59.38
N PHE C 320 35.78 -40.85 -59.25
CA PHE C 320 35.74 -39.46 -58.79
C PHE C 320 36.31 -39.34 -57.38
N LEU C 321 36.13 -40.37 -56.55
CA LEU C 321 36.77 -40.36 -55.23
C LEU C 321 38.29 -40.33 -55.37
N ALA C 322 38.82 -41.16 -56.26
CA ALA C 322 40.26 -41.21 -56.48
C ALA C 322 40.75 -39.90 -57.11
N GLN C 323 40.02 -39.39 -58.11
CA GLN C 323 40.41 -38.13 -58.73
C GLN C 323 40.46 -37.00 -57.72
N LYS C 324 39.41 -36.85 -56.91
CA LYS C 324 39.38 -35.76 -55.95
C LYS C 324 40.42 -35.94 -54.85
N MET C 325 40.73 -37.18 -54.49
CA MET C 325 41.76 -37.43 -53.49
C MET C 325 43.13 -37.02 -54.01
N MET C 326 43.46 -37.40 -55.26
CA MET C 326 44.78 -37.14 -55.80
C MET C 326 44.96 -35.66 -56.12
N ILE C 327 43.91 -35.01 -56.61
CA ILE C 327 44.02 -33.57 -56.90
C ILE C 327 44.29 -32.81 -55.60
N GLY C 328 43.56 -33.14 -54.54
CA GLY C 328 43.76 -32.45 -53.27
C GLY C 328 45.14 -32.68 -52.68
N ARG C 329 45.63 -33.93 -52.76
CA ARG C 329 46.95 -34.22 -52.21
C ARG C 329 48.05 -33.59 -53.05
N CYS C 330 47.87 -33.53 -54.37
CA CYS C 330 48.81 -32.80 -55.20
C CYS C 330 48.78 -31.31 -54.89
N ASN C 331 47.58 -30.74 -54.75
CA ASN C 331 47.44 -29.33 -54.36
C ASN C 331 48.10 -29.07 -53.02
N LEU C 332 47.98 -30.03 -52.09
CA LEU C 332 48.67 -29.90 -50.81
C LEU C 332 50.18 -29.91 -51.00
N ALA C 333 50.68 -30.86 -51.79
CA ALA C 333 52.11 -30.98 -52.02
C ALA C 333 52.66 -29.91 -52.97
N GLY C 334 51.80 -29.11 -53.60
CA GLY C 334 52.27 -28.14 -54.56
C GLY C 334 52.87 -28.73 -55.82
N LYS C 335 52.38 -29.88 -56.26
CA LYS C 335 52.89 -30.49 -57.47
C LYS C 335 51.78 -30.62 -58.52
N PRO C 336 52.11 -30.46 -59.80
CA PRO C 336 51.06 -30.47 -60.84
C PRO C 336 50.32 -31.79 -60.89
N VAL C 337 49.04 -31.71 -61.24
CA VAL C 337 48.19 -32.88 -61.40
C VAL C 337 47.39 -32.73 -62.70
N VAL C 338 47.37 -33.79 -63.50
CA VAL C 338 46.68 -33.82 -64.79
C VAL C 338 45.43 -34.67 -64.66
N CYS C 339 44.31 -34.19 -65.22
CA CYS C 339 43.09 -34.97 -65.36
C CYS C 339 42.92 -35.39 -66.81
N ALA C 340 42.73 -36.69 -67.04
CA ALA C 340 42.77 -37.22 -68.40
C ALA C 340 41.62 -38.18 -68.65
N THR C 341 41.31 -38.34 -69.94
CA THR C 341 40.51 -39.43 -70.53
C THR C 341 39.01 -39.21 -70.50
N GLN C 342 38.42 -39.14 -71.69
CA GLN C 342 36.97 -39.07 -71.90
C GLN C 342 36.34 -37.81 -71.33
N MET C 343 37.12 -36.72 -71.22
CA MET C 343 36.54 -35.46 -70.79
C MET C 343 35.53 -34.92 -71.79
N LEU C 344 35.79 -35.10 -73.08
CA LEU C 344 34.94 -34.58 -74.16
C LEU C 344 34.66 -35.66 -75.20
N GLU C 345 34.43 -36.88 -74.72
CA GLU C 345 34.51 -38.06 -75.58
C GLU C 345 33.50 -38.03 -76.73
N SER C 346 32.32 -37.45 -76.53
CA SER C 346 31.34 -37.43 -77.60
C SER C 346 31.84 -36.60 -78.79
N MET C 347 32.73 -35.63 -78.55
CA MET C 347 33.22 -34.77 -79.63
C MET C 347 34.12 -35.49 -80.63
N ILE C 348 34.43 -36.77 -80.42
CA ILE C 348 35.12 -37.54 -81.44
C ILE C 348 34.30 -37.59 -82.72
N THR C 349 32.97 -37.63 -82.61
CA THR C 349 32.07 -37.65 -83.75
C THR C 349 31.13 -36.47 -83.85
N LYS C 350 30.88 -35.74 -82.74
CA LYS C 350 29.93 -34.65 -82.77
C LYS C 350 30.63 -33.30 -82.62
N PRO C 351 30.07 -32.23 -83.19
CA PRO C 351 30.70 -30.91 -83.07
C PRO C 351 30.47 -30.22 -81.74
N ARG C 352 29.52 -30.69 -80.92
CA ARG C 352 29.26 -30.13 -79.62
C ARG C 352 29.25 -31.25 -78.58
N PRO C 353 29.74 -31.00 -77.37
CA PRO C 353 29.78 -32.04 -76.34
C PRO C 353 28.44 -32.17 -75.62
N THR C 354 28.34 -33.22 -74.81
CA THR C 354 27.17 -33.42 -73.96
C THR C 354 27.28 -32.56 -72.71
N ARG C 355 26.15 -32.44 -71.99
CA ARG C 355 26.14 -31.64 -70.78
C ARG C 355 26.96 -32.28 -69.67
N ALA C 356 27.07 -33.62 -69.68
CA ALA C 356 27.93 -34.27 -68.70
C ALA C 356 29.40 -33.96 -68.97
N GLU C 357 29.78 -33.86 -70.23
CA GLU C 357 31.19 -33.63 -70.53
C GLU C 357 31.62 -32.21 -70.19
N THR C 358 30.74 -31.23 -70.43
CA THR C 358 31.10 -29.85 -70.12
C THR C 358 31.23 -29.65 -68.62
N SER C 359 30.34 -30.29 -67.84
CA SER C 359 30.44 -30.16 -66.39
C SER C 359 31.61 -30.95 -65.84
N ASP C 360 32.04 -32.01 -66.53
CA ASP C 360 33.20 -32.76 -66.06
C ASP C 360 34.48 -31.96 -66.19
N VAL C 361 34.64 -31.23 -67.31
CA VAL C 361 35.79 -30.36 -67.47
C VAL C 361 35.79 -29.29 -66.39
N ALA C 362 34.63 -28.62 -66.22
CA ALA C 362 34.51 -27.55 -65.24
C ALA C 362 34.83 -28.05 -63.84
N ASN C 363 34.30 -29.21 -63.49
CA ASN C 363 34.49 -29.72 -62.14
C ASN C 363 35.92 -30.19 -61.91
N ALA C 364 36.62 -30.65 -62.95
CA ALA C 364 38.04 -30.96 -62.81
C ALA C 364 38.86 -29.70 -62.52
N VAL C 365 38.51 -28.60 -63.16
CA VAL C 365 39.17 -27.33 -62.88
C VAL C 365 38.79 -26.84 -61.50
N LEU C 366 37.52 -27.00 -61.11
CA LEU C 366 37.09 -26.58 -59.78
C LEU C 366 37.75 -27.41 -58.68
N ASP C 367 38.08 -28.68 -58.97
CA ASP C 367 38.76 -29.52 -57.97
C ASP C 367 40.18 -29.05 -57.71
N GLY C 368 40.82 -28.40 -58.67
CA GLY C 368 42.19 -27.96 -58.48
C GLY C 368 43.18 -28.58 -59.44
N ALA C 369 42.69 -29.17 -60.53
CA ALA C 369 43.56 -29.77 -61.51
C ALA C 369 44.38 -28.69 -62.23
N ASP C 370 45.65 -29.01 -62.49
CA ASP C 370 46.53 -28.08 -63.19
C ASP C 370 46.40 -28.20 -64.71
N CYS C 371 46.05 -29.39 -65.20
CA CYS C 371 46.03 -29.66 -66.62
C CYS C 371 44.83 -30.55 -66.93
N ILE C 372 44.26 -30.36 -68.12
CA ILE C 372 43.21 -31.23 -68.62
C ILE C 372 43.66 -31.75 -69.98
N MET C 373 43.23 -32.96 -70.31
CA MET C 373 43.79 -33.69 -71.42
C MET C 373 42.69 -34.11 -72.40
N LEU C 374 43.06 -34.15 -73.68
CA LEU C 374 42.24 -34.72 -74.73
C LEU C 374 42.99 -35.89 -75.34
N SER C 375 42.28 -37.00 -75.60
CA SER C 375 42.90 -38.20 -76.12
C SER C 375 42.39 -38.41 -77.53
N GLY C 376 41.37 -39.25 -77.75
CA GLY C 376 40.85 -39.45 -79.09
C GLY C 376 40.19 -38.22 -79.69
N GLU C 377 39.77 -37.26 -78.86
CA GLU C 377 39.14 -36.04 -79.38
C GLU C 377 40.07 -35.30 -80.33
N THR C 378 41.38 -35.31 -80.05
CA THR C 378 42.35 -34.68 -80.93
C THR C 378 43.18 -35.68 -81.73
N ALA C 379 43.35 -36.92 -81.26
CA ALA C 379 44.14 -37.89 -82.00
C ALA C 379 43.39 -38.44 -83.21
N LYS C 380 42.12 -38.83 -83.04
CA LYS C 380 41.36 -39.47 -84.12
C LYS C 380 40.09 -38.73 -84.54
N GLY C 381 39.50 -37.90 -83.69
CA GLY C 381 38.17 -37.38 -83.95
C GLY C 381 38.11 -36.50 -85.18
N ASN C 382 36.90 -36.09 -85.51
CA ASN C 382 36.67 -35.19 -86.63
C ASN C 382 36.65 -33.73 -86.21
N PHE C 383 36.82 -33.42 -84.93
CA PHE C 383 36.74 -32.05 -84.43
C PHE C 383 37.87 -31.76 -83.44
N PRO C 384 39.13 -31.92 -83.86
CA PRO C 384 40.22 -31.70 -82.89
C PRO C 384 40.35 -30.24 -82.46
N VAL C 385 40.20 -29.30 -83.39
CA VAL C 385 40.34 -27.88 -83.03
C VAL C 385 39.19 -27.44 -82.14
N GLU C 386 37.97 -27.88 -82.46
CA GLU C 386 36.81 -27.50 -81.66
C GLU C 386 36.88 -28.06 -80.25
N ALA C 387 37.41 -29.27 -80.09
CA ALA C 387 37.59 -29.82 -78.75
C ALA C 387 38.55 -28.98 -77.93
N VAL C 388 39.65 -28.53 -78.53
CA VAL C 388 40.56 -27.64 -77.82
C VAL C 388 39.85 -26.33 -77.47
N LYS C 389 39.11 -25.76 -78.42
CA LYS C 389 38.40 -24.52 -78.15
C LYS C 389 37.37 -24.70 -77.03
N MET C 390 36.72 -25.86 -76.98
CA MET C 390 35.72 -26.12 -75.96
C MET C 390 36.34 -26.20 -74.57
N GLN C 391 37.47 -26.90 -74.46
CA GLN C 391 38.16 -26.96 -73.17
C GLN C 391 38.66 -25.59 -72.74
N HIS C 392 39.15 -24.79 -73.69
CA HIS C 392 39.59 -23.42 -73.37
C HIS C 392 38.45 -22.61 -72.77
N ALA C 393 37.27 -22.63 -73.41
CA ALA C 393 36.15 -21.82 -72.96
C ALA C 393 35.63 -22.28 -71.61
N ILE C 394 35.59 -23.58 -71.36
CA ILE C 394 35.10 -24.09 -70.08
C ILE C 394 36.06 -23.72 -68.96
N ALA C 395 37.36 -23.92 -69.19
CA ALA C 395 38.35 -23.62 -68.16
C ALA C 395 38.29 -22.15 -67.76
N ARG C 396 38.11 -21.26 -68.73
CA ARG C 396 38.00 -19.83 -68.42
C ARG C 396 36.83 -19.59 -67.46
N GLU C 397 35.68 -20.19 -67.75
CA GLU C 397 34.51 -20.00 -66.89
C GLU C 397 34.74 -20.61 -65.51
N ALA C 398 35.29 -21.83 -65.46
CA ALA C 398 35.42 -22.52 -64.18
C ALA C 398 36.49 -21.90 -63.29
N GLU C 399 37.52 -21.30 -63.88
CA GLU C 399 38.55 -20.69 -63.05
C GLU C 399 38.01 -19.50 -62.28
N ALA C 400 37.16 -18.70 -62.91
CA ALA C 400 36.54 -17.58 -62.20
C ALA C 400 35.61 -18.03 -61.09
N ALA C 401 35.08 -19.26 -61.17
CA ALA C 401 34.13 -19.78 -60.19
C ALA C 401 34.81 -20.48 -59.02
N VAL C 402 36.14 -20.57 -59.00
CA VAL C 402 36.83 -21.11 -57.84
C VAL C 402 36.62 -20.18 -56.65
N TYR C 403 36.31 -20.77 -55.49
CA TYR C 403 36.16 -20.02 -54.24
C TYR C 403 37.54 -19.76 -53.65
N HIS C 404 38.23 -18.78 -54.24
CA HIS C 404 39.62 -18.52 -53.85
C HIS C 404 39.75 -18.20 -52.38
N ARG C 405 38.72 -17.57 -51.79
CA ARG C 405 38.82 -17.16 -50.39
C ARG C 405 39.18 -18.35 -49.50
N GLN C 406 38.43 -19.45 -49.59
CA GLN C 406 38.75 -20.60 -48.75
C GLN C 406 39.93 -21.40 -49.28
N LEU C 407 40.10 -21.46 -50.60
CA LEU C 407 41.24 -22.19 -51.17
C LEU C 407 42.57 -21.61 -50.69
N PHE C 408 42.73 -20.29 -50.79
CA PHE C 408 43.99 -19.67 -50.38
C PHE C 408 44.22 -19.82 -48.89
N GLU C 409 43.18 -19.60 -48.08
CA GLU C 409 43.33 -19.75 -46.62
C GLU C 409 43.75 -21.16 -46.24
N GLU C 410 43.19 -22.18 -46.90
CA GLU C 410 43.53 -23.56 -46.55
C GLU C 410 44.91 -23.95 -47.09
N LEU C 411 45.27 -23.47 -48.29
CA LEU C 411 46.60 -23.75 -48.81
C LEU C 411 47.67 -23.08 -47.96
N ARG C 412 47.41 -21.86 -47.49
N ARG C 412 47.42 -21.85 -47.50
CA ARG C 412 48.41 -21.16 -46.68
CA ARG C 412 48.40 -21.16 -46.67
C ARG C 412 48.49 -21.74 -45.26
C ARG C 412 48.51 -21.82 -45.30
N ARG C 413 47.40 -22.31 -44.76
CA ARG C 413 47.43 -22.89 -43.42
C ARG C 413 48.12 -24.26 -43.43
N ALA C 414 48.03 -24.98 -44.54
CA ALA C 414 48.60 -26.32 -44.66
C ALA C 414 50.07 -26.29 -45.07
N ALA C 415 50.50 -25.26 -45.79
CA ALA C 415 51.89 -25.18 -46.20
C ALA C 415 52.77 -24.91 -44.99
N PRO C 416 53.85 -25.66 -44.80
CA PRO C 416 54.72 -25.43 -43.64
C PRO C 416 55.46 -24.11 -43.77
N LEU C 417 55.91 -23.61 -42.62
CA LEU C 417 56.67 -22.36 -42.59
C LEU C 417 58.00 -22.55 -43.31
N SER C 418 58.49 -21.46 -43.90
CA SER C 418 59.63 -21.52 -44.80
C SER C 418 60.60 -20.39 -44.53
N ARG C 419 61.89 -20.71 -44.58
CA ARG C 419 62.95 -19.71 -44.55
C ARG C 419 63.53 -19.43 -45.93
N ASP C 420 62.96 -20.02 -46.98
CA ASP C 420 63.40 -19.75 -48.34
C ASP C 420 62.77 -18.47 -48.84
N PRO C 421 63.56 -17.45 -49.18
CA PRO C 421 62.96 -16.17 -49.60
C PRO C 421 62.06 -16.27 -50.82
N THR C 422 62.29 -17.26 -51.69
CA THR C 422 61.40 -17.43 -52.84
C THR C 422 60.00 -17.82 -52.40
N GLU C 423 59.89 -18.74 -51.45
CA GLU C 423 58.58 -19.13 -50.93
C GLU C 423 57.93 -17.99 -50.16
N VAL C 424 58.72 -17.28 -49.35
CA VAL C 424 58.19 -16.16 -48.57
C VAL C 424 57.70 -15.05 -49.49
N THR C 425 58.48 -14.69 -50.50
CA THR C 425 58.03 -13.68 -51.46
C THR C 425 56.78 -14.13 -52.21
N ALA C 426 56.71 -15.41 -52.56
CA ALA C 426 55.60 -15.91 -53.36
C ALA C 426 54.26 -15.72 -52.64
N ILE C 427 54.18 -16.13 -51.38
CA ILE C 427 52.91 -15.99 -50.66
C ILE C 427 52.58 -14.53 -50.43
N GLY C 428 53.60 -13.68 -50.23
CA GLY C 428 53.32 -12.25 -50.10
C GLY C 428 52.77 -11.65 -51.37
N ALA C 429 53.31 -12.04 -52.53
CA ALA C 429 52.84 -11.51 -53.79
C ALA C 429 51.43 -11.98 -54.10
N VAL C 430 51.11 -13.23 -53.74
CA VAL C 430 49.77 -13.74 -54.02
C VAL C 430 48.75 -13.03 -53.15
N GLU C 431 49.07 -12.84 -51.86
CA GLU C 431 48.21 -12.07 -50.98
C GLU C 431 48.05 -10.64 -51.48
N ALA C 432 49.14 -10.00 -51.91
CA ALA C 432 49.05 -8.65 -52.47
C ALA C 432 48.17 -8.63 -53.72
N ALA C 433 48.27 -9.66 -54.57
CA ALA C 433 47.44 -9.72 -55.76
C ALA C 433 45.96 -9.88 -55.42
N PHE C 434 45.62 -10.61 -54.35
CA PHE C 434 44.23 -10.69 -53.93
C PHE C 434 43.71 -9.38 -53.37
N LYS C 435 44.59 -8.54 -52.80
CA LYS C 435 44.14 -7.33 -52.13
C LYS C 435 43.66 -6.28 -53.14
N CYS C 436 44.30 -6.21 -54.30
CA CYS C 436 43.97 -5.21 -55.32
C CYS C 436 43.38 -5.82 -56.58
N CYS C 437 43.10 -7.13 -56.58
CA CYS C 437 42.65 -7.85 -57.78
C CYS C 437 43.59 -7.58 -58.95
N ALA C 438 44.89 -7.76 -58.68
CA ALA C 438 45.91 -7.45 -59.67
C ALA C 438 45.64 -8.23 -60.95
N ALA C 439 45.87 -7.57 -62.09
CA ALA C 439 45.63 -8.24 -63.36
C ALA C 439 46.64 -9.36 -63.60
N ALA C 440 47.83 -9.26 -63.01
CA ALA C 440 48.84 -10.27 -63.23
C ALA C 440 49.91 -10.18 -62.15
N ILE C 441 50.64 -11.27 -62.01
CA ILE C 441 51.91 -11.30 -61.30
C ILE C 441 52.99 -11.60 -62.33
N ILE C 442 53.92 -10.67 -62.50
CA ILE C 442 55.03 -10.85 -63.43
C ILE C 442 56.23 -11.31 -62.63
N VAL C 443 56.76 -12.48 -62.97
CA VAL C 443 57.88 -13.06 -62.26
C VAL C 443 58.97 -13.41 -63.27
N LEU C 444 60.20 -13.09 -62.93
CA LEU C 444 61.38 -13.52 -63.69
C LEU C 444 61.85 -14.85 -63.10
N THR C 445 62.13 -15.81 -63.97
CA THR C 445 62.59 -17.11 -63.49
C THR C 445 63.43 -17.77 -64.58
N THR C 446 64.49 -18.47 -64.16
CA THR C 446 65.33 -19.19 -65.10
C THR C 446 65.03 -20.68 -65.13
N THR C 447 64.77 -21.28 -63.97
CA THR C 447 64.40 -22.68 -63.87
C THR C 447 62.90 -22.91 -63.79
N GLY C 448 62.12 -21.86 -63.50
CA GLY C 448 60.69 -21.97 -63.32
C GLY C 448 60.24 -22.05 -61.87
N ARG C 449 61.18 -22.20 -60.93
N ARG C 449 61.17 -22.22 -60.93
CA ARG C 449 60.81 -22.47 -59.54
CA ARG C 449 60.79 -22.47 -59.54
C ARG C 449 60.05 -21.30 -58.93
C ARG C 449 60.03 -21.29 -58.93
N SER C 450 60.42 -20.06 -59.26
CA SER C 450 59.71 -18.91 -58.71
C SER C 450 58.28 -18.87 -59.20
N ALA C 451 58.05 -19.24 -60.47
CA ALA C 451 56.70 -19.25 -60.99
C ALA C 451 55.87 -20.37 -60.35
N GLN C 452 56.49 -21.54 -60.14
CA GLN C 452 55.74 -22.65 -59.55
C GLN C 452 55.36 -22.37 -58.11
N LEU C 453 56.24 -21.69 -57.36
CA LEU C 453 55.89 -21.36 -55.98
C LEU C 453 54.76 -20.33 -55.93
N LEU C 454 54.67 -19.47 -56.94
CA LEU C 454 53.51 -18.58 -57.00
C LEU C 454 52.25 -19.38 -57.34
N SER C 455 52.35 -20.28 -58.33
CA SER C 455 51.24 -21.14 -58.71
C SER C 455 50.79 -22.02 -57.55
N ARG C 456 51.73 -22.37 -56.66
CA ARG C 456 51.42 -23.21 -55.50
C ARG C 456 50.29 -22.65 -54.65
N TYR C 457 50.16 -21.32 -54.59
CA TYR C 457 49.15 -20.71 -53.74
C TYR C 457 47.90 -20.31 -54.51
N ARG C 458 47.82 -20.67 -55.80
CA ARG C 458 46.62 -20.51 -56.61
C ARG C 458 46.10 -19.06 -56.62
N PRO C 459 46.89 -18.10 -57.08
CA PRO C 459 46.35 -16.74 -57.22
C PRO C 459 45.27 -16.70 -58.28
N ARG C 460 44.37 -15.73 -58.14
CA ARG C 460 43.43 -15.44 -59.22
C ARG C 460 44.14 -14.71 -60.36
N ALA C 461 45.10 -13.86 -60.02
CA ALA C 461 45.88 -13.15 -61.02
C ALA C 461 46.70 -14.13 -61.84
N ALA C 462 46.82 -13.85 -63.14
CA ALA C 462 47.70 -14.63 -64.01
C ALA C 462 49.15 -14.44 -63.59
N VAL C 463 49.90 -15.54 -63.60
CA VAL C 463 51.33 -15.50 -63.34
C VAL C 463 52.05 -15.47 -64.69
N ILE C 464 52.58 -14.31 -65.04
CA ILE C 464 53.31 -14.12 -66.30
C ILE C 464 54.79 -14.37 -66.00
N ALA C 465 55.31 -15.47 -66.53
CA ALA C 465 56.69 -15.88 -66.27
C ALA C 465 57.57 -15.54 -67.47
N VAL C 466 58.54 -14.65 -67.24
CA VAL C 466 59.50 -14.24 -68.26
C VAL C 466 60.80 -15.00 -68.04
N THR C 467 61.25 -15.72 -69.06
CA THR C 467 62.40 -16.59 -68.93
C THR C 467 63.19 -16.58 -70.22
N ARG C 468 64.50 -16.75 -70.10
CA ARG C 468 65.38 -16.96 -71.24
C ARG C 468 65.54 -18.43 -71.58
N SER C 469 65.00 -19.33 -70.75
CA SER C 469 65.19 -20.77 -70.92
C SER C 469 63.99 -21.37 -71.65
N ALA C 470 64.23 -21.81 -72.89
CA ALA C 470 63.14 -22.33 -73.71
C ALA C 470 62.50 -23.57 -73.09
N GLN C 471 63.32 -24.42 -72.46
CA GLN C 471 62.77 -25.60 -71.79
C GLN C 471 61.92 -25.22 -70.59
N ALA C 472 62.38 -24.26 -69.78
CA ALA C 472 61.56 -23.78 -68.68
C ALA C 472 60.24 -23.21 -69.19
N ALA C 473 60.28 -22.46 -70.28
CA ALA C 473 59.06 -21.91 -70.86
C ALA C 473 58.08 -23.02 -71.24
N ARG C 474 58.58 -24.19 -71.65
CA ARG C 474 57.70 -25.29 -72.00
C ARG C 474 57.21 -26.02 -70.77
N GLN C 475 58.11 -26.32 -69.83
CA GLN C 475 57.75 -27.16 -68.70
C GLN C 475 56.84 -26.45 -67.71
N VAL C 476 56.85 -25.12 -67.68
CA VAL C 476 56.03 -24.44 -66.69
C VAL C 476 54.55 -24.50 -67.03
N HIS C 477 54.18 -24.95 -68.24
CA HIS C 477 52.78 -25.22 -68.55
C HIS C 477 52.16 -26.23 -67.60
N LEU C 478 52.98 -27.00 -66.87
CA LEU C 478 52.45 -27.94 -65.89
C LEU C 478 51.81 -27.23 -64.71
N CYS C 479 52.20 -25.99 -64.43
CA CYS C 479 51.75 -25.26 -63.25
C CYS C 479 50.57 -24.36 -63.59
N ARG C 480 49.45 -24.59 -62.91
CA ARG C 480 48.25 -23.82 -63.18
C ARG C 480 48.50 -22.33 -62.98
N GLY C 481 48.03 -21.52 -63.93
CA GLY C 481 48.07 -20.08 -63.80
C GLY C 481 49.32 -19.42 -64.32
N VAL C 482 50.28 -20.17 -64.84
CA VAL C 482 51.56 -19.63 -65.29
C VAL C 482 51.51 -19.49 -66.81
N PHE C 483 51.75 -18.27 -67.28
CA PHE C 483 51.79 -18.00 -68.72
C PHE C 483 53.24 -17.72 -69.10
N PRO C 484 53.90 -18.64 -69.80
CA PRO C 484 55.34 -18.47 -70.06
C PRO C 484 55.59 -17.57 -71.25
N LEU C 485 56.56 -16.67 -71.09
CA LEU C 485 57.04 -15.81 -72.16
C LEU C 485 58.53 -16.04 -72.34
N LEU C 486 58.94 -16.33 -73.58
CA LEU C 486 60.34 -16.58 -73.89
C LEU C 486 61.00 -15.27 -74.30
N TYR C 487 61.96 -14.82 -73.51
CA TYR C 487 62.72 -13.62 -73.80
C TYR C 487 63.96 -13.98 -74.62
N ARG C 488 64.19 -13.25 -75.70
CA ARG C 488 65.23 -13.62 -76.65
C ARG C 488 66.36 -12.62 -76.79
N GLU C 489 66.38 -11.57 -76.00
CA GLU C 489 67.42 -10.56 -76.22
C GLU C 489 68.65 -10.86 -75.37
N PRO C 490 69.84 -10.51 -75.87
CA PRO C 490 71.05 -10.59 -75.04
C PRO C 490 70.98 -9.62 -73.88
N PRO C 491 71.73 -9.85 -72.81
CA PRO C 491 71.57 -9.02 -71.60
C PRO C 491 72.02 -7.59 -71.81
N GLU C 492 71.31 -6.68 -71.15
CA GLU C 492 71.82 -5.33 -70.97
C GLU C 492 73.03 -5.35 -70.05
N ALA C 493 73.85 -4.32 -70.12
CA ALA C 493 75.11 -4.38 -69.41
C ALA C 493 74.95 -4.05 -67.94
N ILE C 494 73.94 -3.27 -67.59
CA ILE C 494 73.53 -3.12 -66.20
C ILE C 494 72.42 -4.13 -65.96
N TRP C 495 72.65 -5.04 -65.02
CA TRP C 495 71.69 -6.09 -64.75
C TRP C 495 70.33 -5.51 -64.35
N ALA C 496 70.32 -4.44 -63.56
CA ALA C 496 69.07 -3.85 -63.12
C ALA C 496 68.23 -3.39 -64.31
N ASP C 497 68.87 -2.81 -65.32
CA ASP C 497 68.18 -2.46 -66.56
C ASP C 497 67.71 -3.71 -67.29
N ASP C 498 68.51 -4.78 -67.24
CA ASP C 498 68.10 -6.03 -67.88
C ASP C 498 66.86 -6.61 -67.20
N VAL C 499 66.75 -6.45 -65.88
CA VAL C 499 65.56 -6.89 -65.18
C VAL C 499 64.34 -6.07 -65.62
N ASP C 500 64.50 -4.75 -65.73
CA ASP C 500 63.37 -3.90 -66.10
C ASP C 500 62.92 -4.15 -67.53
N ARG C 501 63.84 -4.48 -68.44
CA ARG C 501 63.44 -4.78 -69.81
C ARG C 501 62.61 -6.06 -69.87
N ARG C 502 62.94 -7.05 -69.05
CA ARG C 502 62.15 -8.27 -69.03
C ARG C 502 60.78 -8.03 -68.41
N VAL C 503 60.72 -7.21 -67.33
CA VAL C 503 59.43 -6.83 -66.76
C VAL C 503 58.57 -6.13 -67.81
N GLN C 504 59.18 -5.19 -68.54
CA GLN C 504 58.46 -4.46 -69.59
C GLN C 504 58.00 -5.41 -70.68
N PHE C 505 58.88 -6.34 -71.09
CA PHE C 505 58.50 -7.37 -72.04
C PHE C 505 57.28 -8.16 -71.54
N GLY C 506 57.25 -8.48 -70.24
CA GLY C 506 56.06 -9.11 -69.69
C GLY C 506 54.82 -8.24 -69.79
N ILE C 507 54.99 -6.93 -69.56
CA ILE C 507 53.86 -6.01 -69.64
C ILE C 507 53.37 -5.88 -71.08
N GLU C 508 54.29 -5.62 -72.01
CA GLU C 508 53.90 -5.44 -73.41
C GLU C 508 53.22 -6.71 -73.95
N SER C 509 53.70 -7.88 -73.52
CA SER C 509 53.08 -9.13 -73.96
C SER C 509 51.67 -9.28 -73.38
N GLY C 510 51.49 -8.91 -72.11
CA GLY C 510 50.17 -8.99 -71.52
C GLY C 510 49.20 -8.00 -72.12
N LYS C 511 49.68 -6.79 -72.43
CA LYS C 511 48.83 -5.82 -73.12
C LYS C 511 48.39 -6.34 -74.47
N LEU C 512 49.30 -6.95 -75.22
CA LEU C 512 48.98 -7.40 -76.57
C LEU C 512 48.00 -8.57 -76.56
N ARG C 513 48.09 -9.44 -75.56
CA ARG C 513 47.21 -10.59 -75.44
C ARG C 513 45.91 -10.29 -74.71
N GLY C 514 45.68 -9.03 -74.32
CA GLY C 514 44.46 -8.65 -73.63
C GLY C 514 44.49 -8.77 -72.12
N PHE C 515 45.55 -9.35 -71.55
CA PHE C 515 45.61 -9.57 -70.10
C PHE C 515 45.76 -8.27 -69.32
N LEU C 516 46.32 -7.22 -69.93
CA LEU C 516 46.67 -6.01 -69.22
C LEU C 516 46.11 -4.80 -69.94
N ARG C 517 45.76 -3.78 -69.16
CA ARG C 517 45.30 -2.50 -69.68
C ARG C 517 45.98 -1.39 -68.89
N VAL C 518 45.97 -0.18 -69.46
CA VAL C 518 46.45 0.97 -68.73
C VAL C 518 45.61 1.16 -67.48
N GLY C 519 46.26 1.42 -66.36
CA GLY C 519 45.57 1.57 -65.09
C GLY C 519 45.44 0.30 -64.27
N ASP C 520 45.77 -0.85 -64.85
CA ASP C 520 45.78 -2.09 -64.09
C ASP C 520 46.94 -2.09 -63.09
N LEU C 521 46.72 -2.74 -61.96
CA LEU C 521 47.80 -2.97 -61.01
C LEU C 521 48.41 -4.33 -61.29
N VAL C 522 49.73 -4.39 -61.17
CA VAL C 522 50.46 -5.62 -61.41
C VAL C 522 51.45 -5.81 -60.25
N ILE C 523 51.68 -7.07 -59.89
CA ILE C 523 52.68 -7.43 -58.90
C ILE C 523 53.92 -7.94 -59.64
N VAL C 524 55.09 -7.44 -59.28
CA VAL C 524 56.33 -7.80 -59.97
C VAL C 524 57.26 -8.49 -58.99
N VAL C 525 57.66 -9.71 -59.31
CA VAL C 525 58.44 -10.56 -58.43
C VAL C 525 59.80 -10.80 -59.08
N THR C 526 60.87 -10.36 -58.40
CA THR C 526 62.24 -10.50 -58.89
C THR C 526 63.16 -10.87 -57.73
N GLY C 527 64.46 -10.95 -58.04
CA GLY C 527 65.47 -11.21 -57.04
C GLY C 527 66.49 -10.08 -56.97
N TRP C 528 67.36 -10.16 -55.96
CA TRP C 528 68.33 -9.10 -55.72
C TRP C 528 69.62 -9.26 -56.52
N ARG C 529 69.84 -10.41 -57.18
CA ARG C 529 71.07 -10.62 -57.93
C ARG C 529 70.82 -11.66 -59.00
N PRO C 530 71.59 -11.66 -60.09
CA PRO C 530 71.36 -12.63 -61.17
C PRO C 530 71.66 -14.06 -60.72
N GLY C 531 71.12 -15.00 -61.49
CA GLY C 531 71.20 -16.41 -61.18
C GLY C 531 69.93 -16.90 -60.50
N SER C 532 69.65 -18.19 -60.65
CA SER C 532 68.45 -18.76 -60.09
C SER C 532 68.61 -18.95 -58.58
N GLY C 533 67.50 -18.80 -57.86
CA GLY C 533 67.46 -19.09 -56.44
C GLY C 533 67.51 -17.91 -55.51
N TYR C 534 67.50 -16.67 -56.02
CA TYR C 534 67.62 -15.49 -55.18
C TYR C 534 66.38 -14.60 -55.22
N THR C 535 65.24 -15.12 -55.67
CA THR C 535 64.02 -14.32 -55.69
C THR C 535 63.67 -13.86 -54.27
N ASN C 536 63.44 -12.55 -54.10
CA ASN C 536 63.16 -12.03 -52.77
C ASN C 536 62.47 -10.67 -52.77
N ILE C 537 62.03 -10.18 -53.92
CA ILE C 537 61.50 -8.82 -54.03
C ILE C 537 60.13 -8.83 -54.70
N MET C 538 59.18 -8.11 -54.09
CA MET C 538 57.84 -7.93 -54.62
C MET C 538 57.58 -6.43 -54.75
N ARG C 539 57.08 -6.00 -55.90
CA ARG C 539 56.77 -4.58 -56.13
C ARG C 539 55.38 -4.45 -56.72
N VAL C 540 54.68 -3.39 -56.32
CA VAL C 540 53.37 -3.03 -56.83
C VAL C 540 53.56 -1.93 -57.87
N LEU C 541 53.08 -2.15 -59.08
CA LEU C 541 53.26 -1.20 -60.18
C LEU C 541 51.95 -0.97 -60.91
N SER C 542 51.74 0.27 -61.35
CA SER C 542 50.61 0.64 -62.19
C SER C 542 51.04 0.59 -63.66
N ILE C 543 50.17 0.03 -64.50
CA ILE C 543 50.47 -0.08 -65.92
C ILE C 543 50.22 1.25 -66.63
N GLN D 27 37.66 -45.95 -41.52
CA GLN D 27 36.24 -46.12 -41.24
C GLN D 27 35.43 -46.18 -42.54
N GLN D 28 34.13 -46.47 -42.41
CA GLN D 28 33.24 -46.52 -43.55
C GLN D 28 32.56 -45.17 -43.76
N GLN D 29 31.78 -45.08 -44.84
CA GLN D 29 31.06 -43.85 -45.22
C GLN D 29 31.98 -42.63 -45.23
N GLN D 30 33.24 -42.81 -45.61
CA GLN D 30 34.20 -41.70 -45.74
C GLN D 30 34.24 -40.84 -44.48
N LEU D 31 34.17 -41.48 -43.33
CA LEU D 31 34.07 -40.74 -42.07
C LEU D 31 35.33 -39.95 -41.77
N PRO D 32 36.54 -40.48 -42.00
CA PRO D 32 37.73 -39.61 -41.84
C PRO D 32 37.66 -38.34 -42.67
N ALA D 33 37.10 -38.42 -43.88
CA ALA D 33 37.00 -37.25 -44.72
C ALA D 33 35.88 -36.31 -44.28
N ALA D 34 34.77 -36.86 -43.79
CA ALA D 34 33.64 -36.02 -43.41
C ALA D 34 33.92 -35.21 -42.15
N MET D 35 34.89 -35.63 -41.33
CA MET D 35 35.23 -34.94 -40.09
C MET D 35 36.36 -33.93 -40.24
N ALA D 36 37.02 -33.90 -41.40
CA ALA D 36 38.26 -33.15 -41.54
C ALA D 36 38.07 -31.68 -41.16
N ASP D 37 39.16 -31.06 -40.70
CA ASP D 37 39.11 -29.66 -40.30
C ASP D 37 38.96 -28.72 -41.48
N THR D 38 39.44 -29.12 -42.66
CA THR D 38 39.40 -28.27 -43.84
C THR D 38 38.86 -29.08 -45.02
N PHE D 39 38.33 -28.35 -46.01
CA PHE D 39 37.86 -29.04 -47.21
C PHE D 39 39.02 -29.66 -47.98
N LEU D 40 40.20 -29.03 -47.94
CA LEU D 40 41.36 -29.60 -48.60
C LEU D 40 41.76 -30.93 -47.96
N GLU D 41 41.79 -30.97 -46.62
CA GLU D 41 42.08 -32.23 -45.94
C GLU D 41 40.95 -33.24 -46.14
N HIS D 42 39.72 -32.75 -46.29
CA HIS D 42 38.60 -33.63 -46.61
C HIS D 42 38.86 -34.37 -47.92
N LEU D 43 39.25 -33.65 -48.97
CA LEU D 43 39.59 -34.29 -50.24
C LEU D 43 40.74 -35.27 -50.07
N CYS D 44 41.78 -34.86 -49.35
CA CYS D 44 42.95 -35.71 -49.18
C CYS D 44 42.61 -37.04 -48.52
N LEU D 45 41.57 -37.06 -47.68
CA LEU D 45 41.23 -38.26 -46.91
C LEU D 45 40.17 -39.12 -47.57
N LEU D 46 39.60 -38.71 -48.70
CA LEU D 46 38.66 -39.56 -49.41
C LEU D 46 39.32 -40.88 -49.79
N ASP D 47 38.64 -41.99 -49.53
CA ASP D 47 39.20 -43.33 -49.67
C ASP D 47 38.32 -44.18 -50.56
N ILE D 48 38.90 -44.78 -51.60
CA ILE D 48 38.16 -45.67 -52.49
C ILE D 48 37.81 -46.98 -51.83
N ASP D 49 38.43 -47.31 -50.71
CA ASP D 49 38.17 -48.55 -50.00
C ASP D 49 37.24 -48.36 -48.81
N SER D 50 36.64 -47.19 -48.66
CA SER D 50 35.69 -46.91 -47.57
C SER D 50 34.28 -47.11 -48.14
N GLU D 51 33.66 -48.26 -47.81
CA GLU D 51 32.41 -48.63 -48.46
C GLU D 51 31.24 -47.82 -47.91
N PRO D 52 30.32 -47.39 -48.78
CA PRO D 52 29.13 -46.69 -48.30
C PRO D 52 28.24 -47.63 -47.51
N VAL D 53 27.61 -47.09 -46.47
CA VAL D 53 26.80 -47.85 -45.54
C VAL D 53 25.35 -47.39 -45.55
N ALA D 54 25.12 -46.08 -45.53
CA ALA D 54 23.78 -45.53 -45.52
C ALA D 54 23.07 -45.83 -46.85
N ALA D 55 21.74 -45.87 -46.77
CA ALA D 55 20.93 -45.95 -47.98
C ALA D 55 21.06 -44.66 -48.77
N ARG D 56 20.90 -44.76 -50.09
CA ARG D 56 21.12 -43.58 -50.93
C ARG D 56 19.91 -42.65 -50.85
N SER D 57 20.20 -41.36 -50.76
CA SER D 57 19.19 -40.35 -50.44
C SER D 57 18.77 -39.50 -51.63
N THR D 58 19.55 -39.50 -52.71
CA THR D 58 19.20 -38.77 -53.91
C THR D 58 18.23 -39.60 -54.75
N SER D 59 17.03 -39.05 -54.99
CA SER D 59 16.04 -39.80 -55.76
C SER D 59 16.46 -39.92 -57.20
N ILE D 60 16.01 -41.00 -57.85
CA ILE D 60 16.28 -41.26 -59.25
C ILE D 60 14.96 -41.08 -60.02
N ILE D 61 14.97 -40.18 -60.99
CA ILE D 61 13.82 -39.96 -61.86
C ILE D 61 14.11 -40.63 -63.19
N ALA D 62 13.28 -41.58 -63.58
CA ALA D 62 13.46 -42.30 -64.84
C ALA D 62 12.34 -41.95 -65.79
N THR D 63 12.69 -41.65 -67.03
CA THR D 63 11.70 -41.32 -68.04
C THR D 63 11.14 -42.59 -68.64
N ILE D 64 9.82 -42.65 -68.77
CA ILE D 64 9.15 -43.79 -69.36
C ILE D 64 9.19 -43.68 -70.87
N GLY D 65 9.50 -44.80 -71.52
CA GLY D 65 9.47 -44.87 -72.97
C GLY D 65 9.39 -46.31 -73.41
N PRO D 66 9.56 -46.55 -74.72
CA PRO D 66 9.49 -47.93 -75.23
C PRO D 66 10.38 -48.92 -74.47
N ALA D 67 11.52 -48.46 -73.98
CA ALA D 67 12.46 -49.33 -73.28
C ALA D 67 12.08 -49.56 -71.82
N SER D 68 11.02 -48.94 -71.33
CA SER D 68 10.69 -49.00 -69.91
C SER D 68 9.19 -48.86 -69.70
N ARG D 69 8.40 -49.44 -70.61
CA ARG D 69 6.96 -49.36 -70.52
C ARG D 69 6.29 -50.66 -70.09
N SER D 70 6.96 -51.80 -70.26
CA SER D 70 6.35 -53.06 -69.87
C SER D 70 6.34 -53.19 -68.35
N VAL D 71 5.35 -53.93 -67.86
CA VAL D 71 5.20 -54.12 -66.42
C VAL D 71 6.43 -54.83 -65.84
N GLU D 72 6.96 -55.82 -66.55
CA GLU D 72 8.07 -56.59 -65.99
C GLU D 72 9.36 -55.78 -65.95
N ARG D 73 9.59 -54.92 -66.94
CA ARG D 73 10.77 -54.06 -66.91
C ARG D 73 10.66 -52.99 -65.83
N LEU D 74 9.45 -52.43 -65.65
CA LEU D 74 9.25 -51.46 -64.57
C LEU D 74 9.48 -52.08 -63.20
N LYS D 75 9.12 -53.35 -63.02
CA LYS D 75 9.43 -54.04 -61.77
C LYS D 75 10.94 -54.15 -61.56
N GLU D 76 11.69 -54.37 -62.65
CA GLU D 76 13.14 -54.41 -62.54
C GLU D 76 13.69 -53.05 -62.14
N MET D 77 13.13 -51.98 -62.69
CA MET D 77 13.67 -50.65 -62.42
C MET D 77 13.31 -50.18 -61.03
N ILE D 78 12.18 -50.63 -60.49
CA ILE D 78 11.82 -50.31 -59.12
C ILE D 78 12.79 -50.97 -58.14
N LYS D 79 13.09 -52.26 -58.37
CA LYS D 79 14.07 -52.94 -57.53
C LYS D 79 15.46 -52.34 -57.68
N ALA D 80 15.74 -51.69 -58.81
CA ALA D 80 17.04 -51.08 -59.03
C ALA D 80 17.15 -49.68 -58.41
N GLY D 81 16.05 -49.08 -58.00
CA GLY D 81 16.09 -47.83 -57.26
C GLY D 81 15.34 -46.64 -57.85
N MET D 82 14.54 -46.86 -58.89
CA MET D 82 13.72 -45.79 -59.44
C MET D 82 12.68 -45.33 -58.41
N ASN D 83 12.59 -44.02 -58.20
CA ASN D 83 11.63 -43.45 -57.26
C ASN D 83 10.53 -42.64 -57.92
N ILE D 84 10.81 -42.01 -59.06
CA ILE D 84 9.85 -41.17 -59.75
C ILE D 84 9.84 -41.57 -61.22
N ALA D 85 8.64 -41.77 -61.77
CA ALA D 85 8.45 -42.06 -63.18
C ALA D 85 8.05 -40.77 -63.88
N ARG D 86 8.83 -40.38 -64.89
CA ARG D 86 8.60 -39.15 -65.63
C ARG D 86 7.88 -39.47 -66.94
N LEU D 87 6.74 -38.83 -67.14
CA LEU D 87 6.00 -38.93 -68.39
C LEU D 87 6.30 -37.70 -69.23
N ASN D 88 6.88 -37.90 -70.41
CA ASN D 88 7.27 -36.80 -71.28
C ASN D 88 6.13 -36.54 -72.26
N PHE D 89 5.36 -35.49 -72.01
CA PHE D 89 4.23 -35.15 -72.86
C PHE D 89 4.64 -34.36 -74.10
N SER D 90 5.94 -34.25 -74.36
CA SER D 90 6.40 -33.71 -75.65
C SER D 90 6.00 -34.62 -76.80
N HIS D 91 5.83 -35.91 -76.52
CA HIS D 91 5.38 -36.88 -77.51
C HIS D 91 4.35 -37.79 -76.87
N GLY D 92 3.55 -38.43 -77.72
CA GLY D 92 2.61 -39.42 -77.23
C GLY D 92 1.22 -38.86 -77.04
N SER D 93 0.22 -39.69 -77.33
CA SER D 93 -1.18 -39.33 -77.17
C SER D 93 -1.60 -39.51 -75.70
N HIS D 94 -2.80 -39.02 -75.37
CA HIS D 94 -3.30 -39.18 -74.01
C HIS D 94 -3.48 -40.64 -73.66
N GLU D 95 -3.98 -41.44 -74.60
CA GLU D 95 -4.13 -42.87 -74.35
C GLU D 95 -2.77 -43.53 -74.10
N TYR D 96 -1.76 -43.14 -74.90
CA TYR D 96 -0.42 -43.67 -74.71
C TYR D 96 0.07 -43.45 -73.29
N HIS D 97 -0.13 -42.24 -72.75
CA HIS D 97 0.33 -41.95 -71.40
C HIS D 97 -0.54 -42.63 -70.35
N ALA D 98 -1.82 -42.88 -70.66
CA ALA D 98 -2.65 -43.63 -69.73
C ALA D 98 -2.14 -45.06 -69.56
N GLU D 99 -1.69 -45.69 -70.66
CA GLU D 99 -1.07 -47.00 -70.54
C GLU D 99 0.20 -46.94 -69.70
N SER D 100 1.00 -45.89 -69.88
CA SER D 100 2.19 -45.69 -69.07
C SER D 100 1.83 -45.61 -67.59
N ILE D 101 0.84 -44.80 -67.25
CA ILE D 101 0.41 -44.68 -65.86
C ILE D 101 -0.11 -46.01 -65.33
N ALA D 102 -0.90 -46.72 -66.14
CA ALA D 102 -1.46 -47.99 -65.66
C ALA D 102 -0.37 -49.03 -65.44
N ASN D 103 0.61 -49.10 -66.35
CA ASN D 103 1.66 -50.08 -66.18
C ASN D 103 2.56 -49.74 -65.00
N VAL D 104 2.83 -48.45 -64.79
CA VAL D 104 3.63 -48.05 -63.63
C VAL D 104 2.90 -48.43 -62.35
N ARG D 105 1.60 -48.13 -62.29
CA ARG D 105 0.84 -48.42 -61.09
C ARG D 105 0.69 -49.92 -60.88
N GLU D 106 0.57 -50.69 -61.96
CA GLU D 106 0.49 -52.14 -61.81
C GLU D 106 1.79 -52.69 -61.24
N ALA D 107 2.93 -52.22 -61.76
CA ALA D 107 4.22 -52.69 -61.26
C ALA D 107 4.45 -52.22 -59.82
N VAL D 108 4.06 -50.99 -59.51
CA VAL D 108 4.24 -50.48 -58.14
C VAL D 108 3.37 -51.25 -57.16
N GLU D 109 2.11 -51.50 -57.52
CA GLU D 109 1.18 -52.16 -56.61
C GLU D 109 1.43 -53.65 -56.48
N SER D 110 2.25 -54.24 -57.35
CA SER D 110 2.59 -55.65 -57.20
C SER D 110 3.45 -55.92 -55.98
N PHE D 111 4.03 -54.88 -55.36
CA PHE D 111 4.78 -55.02 -54.13
C PHE D 111 3.97 -54.65 -52.90
N ALA D 112 2.71 -54.24 -53.07
CA ALA D 112 1.91 -53.79 -51.94
C ALA D 112 1.51 -54.93 -51.03
N GLY D 113 1.63 -56.19 -51.49
CA GLY D 113 1.35 -57.32 -50.65
C GLY D 113 2.23 -57.41 -49.42
N SER D 114 3.38 -56.73 -49.44
CA SER D 114 4.30 -56.67 -48.30
C SER D 114 4.43 -55.22 -47.86
N PRO D 115 3.54 -54.74 -46.99
CA PRO D 115 3.57 -53.32 -46.61
C PRO D 115 4.87 -52.89 -45.96
N LEU D 116 5.58 -53.79 -45.29
CA LEU D 116 6.82 -53.38 -44.63
C LEU D 116 7.93 -53.04 -45.61
N SER D 117 7.84 -53.52 -46.85
CA SER D 117 8.87 -53.26 -47.85
C SER D 117 8.34 -52.52 -49.08
N TYR D 118 7.08 -52.12 -49.06
CA TYR D 118 6.48 -51.45 -50.21
C TYR D 118 7.12 -50.09 -50.45
N ARG D 119 7.50 -49.83 -51.70
CA ARG D 119 8.15 -48.59 -52.10
C ARG D 119 7.20 -47.75 -52.94
N PRO D 120 6.76 -46.58 -52.47
CA PRO D 120 5.94 -45.71 -53.32
C PRO D 120 6.77 -45.13 -54.45
N VAL D 121 6.14 -44.97 -55.60
CA VAL D 121 6.79 -44.42 -56.79
C VAL D 121 5.94 -43.27 -57.30
N ALA D 122 6.53 -42.07 -57.32
CA ALA D 122 5.79 -40.91 -57.80
C ALA D 122 5.68 -40.93 -59.31
N ILE D 123 4.60 -40.33 -59.82
CA ILE D 123 4.41 -40.15 -61.25
C ILE D 123 4.47 -38.66 -61.50
N ALA D 124 5.35 -38.25 -62.42
CA ALA D 124 5.56 -36.84 -62.73
C ALA D 124 5.20 -36.58 -64.18
N LEU D 125 4.48 -35.50 -64.42
CA LEU D 125 4.06 -35.10 -65.76
C LEU D 125 4.96 -33.96 -66.23
N ASP D 126 5.66 -34.17 -67.34
CA ASP D 126 6.53 -33.15 -67.93
C ASP D 126 5.78 -32.52 -69.11
N THR D 127 5.43 -31.24 -68.97
CA THR D 127 4.67 -30.57 -70.02
C THR D 127 5.52 -30.37 -71.27
N LYS D 128 4.85 -30.33 -72.42
CA LYS D 128 5.54 -30.06 -73.67
C LYS D 128 6.04 -28.62 -73.73
N GLY D 129 5.26 -27.67 -73.21
CA GLY D 129 5.65 -26.29 -73.18
C GLY D 129 5.55 -25.61 -74.53
N PRO D 130 5.61 -24.28 -74.54
CA PRO D 130 5.57 -23.55 -75.82
C PRO D 130 6.80 -23.87 -76.66
N GLU D 131 6.55 -24.31 -77.88
CA GLU D 131 7.60 -24.70 -78.82
C GLU D 131 7.45 -23.87 -80.08
N ILE D 132 8.48 -23.11 -80.44
CA ILE D 132 8.54 -22.39 -81.70
C ILE D 132 9.15 -23.34 -82.72
N ARG D 133 8.33 -23.78 -83.67
CA ARG D 133 8.78 -24.66 -84.75
C ARG D 133 8.72 -23.92 -86.08
N THR D 134 9.62 -24.28 -86.99
CA THR D 134 9.70 -23.62 -88.29
C THR D 134 8.52 -24.04 -89.17
N GLY D 135 8.50 -23.53 -90.41
CA GLY D 135 7.47 -23.87 -91.36
C GLY D 135 7.77 -25.16 -92.12
N ILE D 136 6.70 -25.73 -92.68
CA ILE D 136 6.76 -26.94 -93.51
C ILE D 136 7.14 -26.50 -94.92
N LEU D 137 7.45 -27.45 -95.79
CA LEU D 137 7.83 -27.20 -97.19
C LEU D 137 9.16 -26.45 -97.23
N ALA D 167 12.40 -22.64 -98.48
CA ALA D 167 13.82 -22.71 -98.78
C ALA D 167 14.62 -21.84 -97.81
N ASN D 168 15.40 -20.92 -98.35
CA ASN D 168 16.19 -20.01 -97.54
C ASN D 168 15.33 -18.88 -96.99
N THR D 169 15.71 -18.38 -95.81
CA THR D 169 14.94 -17.39 -95.06
C THR D 169 13.53 -17.93 -94.80
N VAL D 170 13.39 -18.77 -93.79
CA VAL D 170 12.11 -19.38 -93.44
C VAL D 170 11.40 -18.45 -92.47
N TRP D 171 10.15 -18.77 -92.13
CA TRP D 171 9.38 -18.04 -91.14
C TRP D 171 9.01 -18.98 -90.00
N VAL D 172 8.69 -18.37 -88.85
CA VAL D 172 8.37 -19.10 -87.64
C VAL D 172 6.96 -18.76 -87.23
N ASP D 173 6.34 -19.66 -86.45
CA ASP D 173 4.96 -19.44 -86.01
C ASP D 173 4.87 -18.39 -84.92
N TYR D 174 5.98 -18.02 -84.29
CA TYR D 174 6.01 -16.92 -83.31
C TYR D 174 6.03 -15.59 -84.04
N PRO D 175 4.93 -14.81 -84.00
CA PRO D 175 4.87 -13.58 -84.80
C PRO D 175 5.65 -12.41 -84.22
N ASN D 176 5.94 -12.41 -82.92
CA ASN D 176 6.69 -11.33 -82.28
C ASN D 176 8.20 -11.54 -82.37
N ILE D 177 8.67 -12.43 -83.24
CA ILE D 177 10.10 -12.67 -83.37
C ILE D 177 10.82 -11.42 -83.89
N VAL D 178 10.14 -10.62 -84.72
CA VAL D 178 10.75 -9.39 -85.22
C VAL D 178 10.98 -8.39 -84.09
N ARG D 179 10.11 -8.38 -83.09
CA ARG D 179 10.21 -7.42 -82.00
C ARG D 179 11.14 -7.87 -80.88
N VAL D 180 11.25 -9.18 -80.64
CA VAL D 180 12.00 -9.66 -79.48
C VAL D 180 13.50 -9.79 -79.73
N VAL D 181 13.94 -9.88 -80.98
CA VAL D 181 15.34 -10.08 -81.30
C VAL D 181 15.90 -8.77 -81.85
N PRO D 182 16.75 -8.08 -81.11
CA PRO D 182 17.32 -6.82 -81.61
C PRO D 182 18.51 -7.09 -82.53
N VAL D 183 18.97 -6.01 -83.18
CA VAL D 183 20.07 -6.11 -84.13
C VAL D 183 21.31 -6.68 -83.45
N GLY D 184 21.95 -7.63 -84.11
CA GLY D 184 23.10 -8.31 -83.53
C GLY D 184 22.72 -9.51 -82.69
N ARG D 186 20.88 -13.08 -82.45
CA ARG D 186 21.19 -14.45 -82.86
C ARG D 186 19.99 -15.38 -82.71
N ILE D 187 19.86 -16.34 -83.62
CA ILE D 187 18.75 -17.28 -83.63
C ILE D 187 19.29 -18.68 -83.94
N TYR D 188 19.08 -19.63 -83.05
CA TYR D 188 19.42 -21.03 -83.28
C TYR D 188 18.18 -21.81 -83.71
N ILE D 189 18.40 -22.79 -84.57
CA ILE D 189 17.34 -23.63 -85.10
C ILE D 189 17.82 -25.07 -85.09
N ASP D 190 16.90 -26.00 -84.77
CA ASP D 190 17.16 -27.43 -84.82
C ASP D 190 18.32 -27.80 -83.87
N ASP D 191 18.01 -27.70 -82.59
CA ASP D 191 18.91 -28.07 -81.50
C ASP D 191 20.20 -27.26 -81.51
N GLY D 192 20.19 -26.09 -82.14
CA GLY D 192 21.36 -25.24 -82.21
C GLY D 192 22.29 -25.50 -83.38
N LEU D 193 21.86 -26.31 -84.36
CA LEU D 193 22.72 -26.58 -85.51
C LEU D 193 22.93 -25.33 -86.35
N ILE D 194 21.84 -24.72 -86.81
CA ILE D 194 21.92 -23.49 -87.60
C ILE D 194 21.90 -22.30 -86.66
N SER D 195 22.69 -21.28 -86.98
CA SER D 195 22.72 -20.05 -86.21
C SER D 195 22.68 -18.85 -87.16
N LEU D 196 21.74 -17.95 -86.92
CA LEU D 196 21.57 -16.75 -87.74
C LEU D 196 21.75 -15.52 -86.87
N VAL D 197 22.44 -14.52 -87.41
CA VAL D 197 22.59 -13.22 -86.77
C VAL D 197 21.76 -12.22 -87.56
N VAL D 198 21.27 -11.19 -86.86
CA VAL D 198 20.44 -10.15 -87.48
C VAL D 198 21.19 -8.83 -87.45
N GLN D 199 21.12 -8.10 -88.56
CA GLN D 199 21.79 -6.81 -88.71
C GLN D 199 20.86 -5.70 -89.17
N LYS D 200 19.57 -5.98 -89.33
CA LYS D 200 18.59 -4.97 -89.72
C LYS D 200 17.18 -5.52 -89.53
N ILE D 201 16.32 -4.74 -88.88
CA ILE D 201 14.92 -5.10 -88.68
C ILE D 201 14.10 -4.28 -89.69
N GLY D 202 13.52 -4.98 -90.67
CA GLY D 202 12.76 -4.34 -91.71
C GLY D 202 11.30 -4.77 -91.71
N PRO D 203 10.51 -4.17 -92.61
CA PRO D 203 9.07 -4.54 -92.64
C PRO D 203 8.82 -5.97 -93.05
N GLU D 204 9.62 -6.50 -93.97
CA GLU D 204 9.48 -7.91 -94.37
C GLU D 204 9.79 -8.84 -93.21
N GLY D 205 10.84 -8.54 -92.45
CA GLY D 205 11.23 -9.37 -91.32
C GLY D 205 12.68 -9.13 -90.91
N LEU D 206 13.39 -10.21 -90.62
CA LEU D 206 14.80 -10.12 -90.24
C LEU D 206 15.67 -10.34 -91.49
N VAL D 207 16.98 -10.22 -91.32
CA VAL D 207 17.90 -10.26 -92.45
C VAL D 207 18.35 -11.69 -92.76
N THR D 208 18.54 -12.51 -91.73
CA THR D 208 18.95 -13.91 -91.87
C THR D 208 20.32 -14.03 -92.54
N GLN D 209 21.34 -13.62 -91.78
CA GLN D 209 22.73 -13.89 -92.15
C GLN D 209 23.19 -15.15 -91.43
N VAL D 210 23.80 -16.07 -92.18
CA VAL D 210 24.16 -17.38 -91.66
C VAL D 210 25.51 -17.30 -90.95
N GLU D 211 25.50 -17.59 -89.65
CA GLU D 211 26.74 -17.68 -88.87
C GLU D 211 27.32 -19.09 -88.87
N ASN D 212 26.47 -20.11 -88.74
CA ASN D 212 26.89 -21.50 -88.77
C ASN D 212 25.97 -22.27 -89.70
N GLY D 213 26.55 -23.01 -90.65
CA GLY D 213 25.75 -23.72 -91.62
C GLY D 213 25.04 -24.93 -91.04
N GLY D 214 24.00 -25.36 -91.74
CA GLY D 214 23.21 -26.49 -91.29
C GLY D 214 22.27 -26.96 -92.38
N VAL D 215 21.53 -28.02 -92.04
CA VAL D 215 20.60 -28.67 -92.96
C VAL D 215 19.39 -29.17 -92.20
N LEU D 216 18.49 -29.89 -92.89
CA LEU D 216 17.33 -30.54 -92.28
C LEU D 216 16.46 -29.56 -91.50
N GLY D 217 15.59 -28.82 -92.20
CA GLY D 217 14.81 -27.78 -91.55
C GLY D 217 13.34 -27.73 -91.88
N SER D 218 12.64 -28.85 -91.70
CA SER D 218 11.19 -28.91 -91.89
C SER D 218 10.54 -29.05 -90.51
N ARG D 219 9.99 -27.94 -90.01
CA ARG D 219 9.28 -27.90 -88.73
C ARG D 219 10.19 -28.34 -87.58
N LYS D 220 11.39 -27.77 -87.54
CA LYS D 220 12.35 -28.08 -86.49
C LYS D 220 12.36 -27.00 -85.42
N GLY D 221 12.90 -27.37 -84.26
CA GLY D 221 12.81 -26.49 -83.09
C GLY D 221 13.62 -25.22 -83.27
N VAL D 222 13.05 -24.10 -82.83
CA VAL D 222 13.68 -22.79 -82.90
C VAL D 222 14.01 -22.34 -81.49
N ASN D 223 15.23 -21.85 -81.30
CA ASN D 223 15.68 -21.28 -80.04
C ASN D 223 16.29 -19.92 -80.31
N LEU D 224 15.90 -18.91 -79.55
CA LEU D 224 16.53 -17.59 -79.67
C LEU D 224 17.11 -17.18 -78.31
N PRO D 225 18.42 -17.21 -78.16
CA PRO D 225 19.03 -16.85 -76.88
C PRO D 225 18.91 -15.36 -76.60
N GLY D 226 19.14 -15.00 -75.34
CA GLY D 226 19.19 -13.61 -74.94
C GLY D 226 17.83 -12.98 -74.70
N ALA D 227 16.86 -13.32 -75.55
CA ALA D 227 15.52 -12.75 -75.45
C ALA D 227 14.51 -13.80 -74.99
N PRO D 232 3.32 -17.41 -74.71
CA PRO D 232 2.63 -17.37 -73.41
C PRO D 232 3.11 -18.46 -72.46
N GLY D 233 2.69 -18.37 -71.19
CA GLY D 233 3.13 -19.34 -70.21
C GLY D 233 2.60 -20.74 -70.44
N LEU D 234 1.43 -20.86 -71.04
CA LEU D 234 0.77 -22.15 -71.20
C LEU D 234 0.07 -22.19 -72.56
N SER D 235 0.49 -23.12 -73.42
CA SER D 235 -0.21 -23.34 -74.66
C SER D 235 -1.54 -24.06 -74.40
N GLU D 236 -2.36 -24.15 -75.45
CA GLU D 236 -3.62 -24.86 -75.31
C GLU D 236 -3.39 -26.35 -75.06
N GLN D 237 -2.33 -26.92 -75.64
CA GLN D 237 -2.00 -28.32 -75.41
C GLN D 237 -1.66 -28.58 -73.95
N ASP D 238 -0.84 -27.70 -73.35
CA ASP D 238 -0.47 -27.88 -71.96
C ASP D 238 -1.68 -27.83 -71.04
N VAL D 239 -2.68 -27.01 -71.37
CA VAL D 239 -3.90 -26.96 -70.56
C VAL D 239 -4.61 -28.30 -70.58
N ARG D 240 -4.67 -28.94 -71.77
CA ARG D 240 -5.32 -30.23 -71.86
C ARG D 240 -4.51 -31.32 -71.18
N ASP D 241 -3.18 -31.29 -71.36
CA ASP D 241 -2.31 -32.25 -70.70
C ASP D 241 -2.36 -32.10 -69.19
N LEU D 242 -2.42 -30.86 -68.69
CA LEU D 242 -2.50 -30.67 -67.24
C LEU D 242 -3.82 -31.17 -66.69
N ARG D 243 -4.92 -30.99 -67.44
CA ARG D 243 -6.20 -31.57 -67.03
C ARG D 243 -6.12 -33.09 -66.98
N PHE D 244 -5.49 -33.70 -67.98
CA PHE D 244 -5.26 -35.15 -67.96
C PHE D 244 -4.55 -35.57 -66.67
N GLY D 245 -3.49 -34.85 -66.29
CA GLY D 245 -2.75 -35.20 -65.09
C GLY D 245 -3.55 -35.13 -63.82
N VAL D 246 -4.47 -34.16 -63.71
CA VAL D 246 -5.34 -34.10 -62.55
C VAL D 246 -6.32 -35.26 -62.56
N GLU D 247 -6.95 -35.52 -63.72
CA GLU D 247 -7.95 -36.58 -63.80
C GLU D 247 -7.33 -37.95 -63.57
N HIS D 248 -6.04 -38.11 -63.84
CA HIS D 248 -5.37 -39.38 -63.61
C HIS D 248 -4.53 -39.39 -62.34
N GLY D 249 -4.60 -38.33 -61.53
CA GLY D 249 -3.94 -38.30 -60.24
C GLY D 249 -2.43 -38.34 -60.24
N VAL D 250 -1.78 -37.62 -61.17
CA VAL D 250 -0.32 -37.52 -61.11
C VAL D 250 0.07 -36.66 -59.93
N ASP D 251 1.29 -36.88 -59.42
CA ASP D 251 1.74 -36.26 -58.19
C ASP D 251 2.55 -34.99 -58.41
N ILE D 252 3.25 -34.89 -59.54
CA ILE D 252 4.22 -33.85 -59.80
C ILE D 252 4.05 -33.37 -61.23
N VAL D 253 4.29 -32.09 -61.45
CA VAL D 253 4.29 -31.50 -62.78
C VAL D 253 5.62 -30.80 -62.99
N PHE D 254 6.28 -31.11 -64.09
CA PHE D 254 7.47 -30.39 -64.54
C PHE D 254 7.01 -29.35 -65.57
N ALA D 255 6.92 -28.10 -65.14
CA ALA D 255 6.47 -27.03 -66.01
C ALA D 255 7.61 -26.55 -66.89
N SER D 256 7.46 -26.72 -68.19
CA SER D 256 8.51 -26.38 -69.14
C SER D 256 8.59 -24.87 -69.36
N PHE D 257 9.83 -24.38 -69.57
CA PHE D 257 10.07 -23.05 -70.12
C PHE D 257 9.55 -21.95 -69.19
N VAL D 258 9.73 -22.12 -67.89
CA VAL D 258 9.27 -21.14 -66.91
C VAL D 258 10.27 -19.99 -66.87
N ARG D 259 9.79 -18.77 -67.13
CA ARG D 259 10.66 -17.61 -67.15
C ARG D 259 10.22 -16.49 -66.21
N LYS D 260 9.09 -16.63 -65.52
CA LYS D 260 8.66 -15.63 -64.55
C LYS D 260 7.63 -16.26 -63.63
N ALA D 261 7.30 -15.53 -62.56
CA ALA D 261 6.38 -16.06 -61.56
C ALA D 261 4.98 -16.29 -62.13
N SER D 262 4.54 -15.40 -63.02
CA SER D 262 3.22 -15.55 -63.60
C SER D 262 3.09 -16.82 -64.43
N ASP D 263 4.21 -17.37 -64.91
CA ASP D 263 4.18 -18.63 -65.64
C ASP D 263 3.70 -19.78 -64.77
N VAL D 264 4.23 -19.87 -63.54
CA VAL D 264 3.83 -20.98 -62.68
C VAL D 264 2.44 -20.72 -62.10
N ALA D 265 2.05 -19.45 -61.98
CA ALA D 265 0.68 -19.15 -61.58
C ALA D 265 -0.32 -19.66 -62.61
N ALA D 266 0.01 -19.54 -63.90
CA ALA D 266 -0.89 -20.05 -64.94
C ALA D 266 -0.96 -21.56 -64.93
N VAL D 267 0.14 -22.24 -64.62
CA VAL D 267 0.11 -23.69 -64.42
C VAL D 267 -0.79 -24.04 -63.24
N ARG D 268 -0.69 -23.26 -62.17
CA ARG D 268 -1.53 -23.49 -60.99
C ARG D 268 -3.01 -23.36 -61.34
N ALA D 269 -3.38 -22.36 -62.14
CA ALA D 269 -4.79 -22.14 -62.46
C ALA D 269 -5.32 -23.26 -63.36
N ALA D 270 -4.49 -23.74 -64.29
CA ALA D 270 -4.91 -24.82 -65.16
C ALA D 270 -5.12 -26.11 -64.39
N LEU D 271 -4.38 -26.30 -63.29
CA LEU D 271 -4.58 -27.49 -62.46
C LEU D 271 -5.89 -27.42 -61.69
N GLY D 272 -6.40 -26.21 -61.44
CA GLY D 272 -7.67 -26.02 -60.77
C GLY D 272 -7.62 -26.40 -59.30
N PRO D 273 -8.74 -26.21 -58.60
CA PRO D 273 -8.77 -26.60 -57.18
C PRO D 273 -8.69 -28.10 -56.97
N GLU D 274 -9.09 -28.91 -57.96
CA GLU D 274 -8.99 -30.35 -57.85
C GLU D 274 -7.53 -30.82 -57.84
N GLY D 275 -6.61 -30.00 -58.32
CA GLY D 275 -5.21 -30.38 -58.34
C GLY D 275 -4.35 -29.50 -57.46
N HIS D 276 -4.90 -29.01 -56.35
CA HIS D 276 -4.14 -28.13 -55.47
C HIS D 276 -3.00 -28.86 -54.77
N GLY D 277 -3.14 -30.18 -54.59
CA GLY D 277 -2.11 -30.96 -53.92
C GLY D 277 -0.94 -31.37 -54.79
N ILE D 278 -0.96 -31.05 -56.08
CA ILE D 278 0.09 -31.48 -56.99
C ILE D 278 1.30 -30.55 -56.85
N LYS D 279 2.49 -31.14 -56.82
CA LYS D 279 3.70 -30.34 -56.72
C LYS D 279 4.11 -29.82 -58.09
N ILE D 280 4.54 -28.55 -58.12
CA ILE D 280 4.92 -27.87 -59.36
C ILE D 280 6.42 -27.63 -59.33
N ILE D 281 7.14 -28.31 -60.20
CA ILE D 281 8.59 -28.15 -60.36
C ILE D 281 8.82 -27.32 -61.61
N SER D 282 9.42 -26.14 -61.45
CA SER D 282 9.63 -25.24 -62.57
C SER D 282 10.93 -25.59 -63.28
N LYS D 283 10.84 -25.86 -64.58
CA LYS D 283 12.02 -26.12 -65.38
C LYS D 283 12.61 -24.80 -65.85
N ILE D 284 13.84 -24.52 -65.47
CA ILE D 284 14.55 -23.33 -65.91
C ILE D 284 15.35 -23.68 -67.15
N GLU D 285 15.00 -23.06 -68.27
CA GLU D 285 15.49 -23.50 -69.58
C GLU D 285 16.14 -22.41 -70.42
N ASN D 286 16.12 -21.15 -70.00
CA ASN D 286 16.69 -20.09 -70.82
C ASN D 286 17.27 -19.01 -69.92
N HIS D 287 17.80 -17.96 -70.56
CA HIS D 287 18.48 -16.89 -69.83
C HIS D 287 17.53 -16.14 -68.91
N GLU D 288 16.27 -15.93 -69.34
CA GLU D 288 15.34 -15.18 -68.51
C GLU D 288 15.00 -15.92 -67.22
N GLY D 289 14.72 -17.22 -67.32
CA GLY D 289 14.45 -17.99 -66.12
C GLY D 289 15.62 -17.99 -65.15
N VAL D 290 16.84 -17.89 -65.65
CA VAL D 290 18.01 -17.83 -64.78
C VAL D 290 18.07 -16.50 -64.04
N LYS D 291 17.76 -15.40 -64.73
CA LYS D 291 17.89 -14.09 -64.10
C LYS D 291 16.70 -13.77 -63.20
N ARG D 292 15.53 -14.37 -63.46
CA ARG D 292 14.37 -14.22 -62.59
C ARG D 292 14.16 -15.42 -61.70
N PHE D 293 15.24 -16.15 -61.41
CA PHE D 293 15.16 -17.39 -60.64
C PHE D 293 14.54 -17.16 -59.26
N ASP D 294 14.88 -16.05 -58.61
CA ASP D 294 14.41 -15.83 -57.24
C ASP D 294 12.89 -15.70 -57.20
N GLU D 295 12.31 -14.95 -58.13
CA GLU D 295 10.86 -14.83 -58.19
C GLU D 295 10.21 -16.15 -58.60
N ILE D 296 10.91 -16.94 -59.43
CA ILE D 296 10.34 -18.22 -59.85
C ILE D 296 10.33 -19.20 -58.70
N LEU D 297 11.45 -19.31 -57.99
CA LEU D 297 11.56 -20.25 -56.88
C LEU D 297 10.55 -19.92 -55.78
N GLU D 298 10.24 -18.63 -55.59
CA GLU D 298 9.35 -18.22 -54.50
C GLU D 298 7.97 -18.87 -54.62
N VAL D 299 7.46 -19.02 -55.84
CA VAL D 299 6.11 -19.53 -56.05
C VAL D 299 6.08 -20.98 -56.50
N SER D 300 7.24 -21.64 -56.62
CA SER D 300 7.33 -23.02 -57.06
C SER D 300 7.67 -23.94 -55.88
N ASP D 301 7.23 -25.19 -55.98
CA ASP D 301 7.62 -26.19 -54.99
C ASP D 301 9.05 -26.67 -55.20
N GLY D 302 9.60 -26.50 -56.40
CA GLY D 302 10.95 -26.94 -56.65
C GLY D 302 11.40 -26.47 -58.01
N ILE D 303 12.62 -26.87 -58.36
CA ILE D 303 13.28 -26.42 -59.57
C ILE D 303 13.90 -27.61 -60.28
N MET D 304 13.82 -27.63 -61.59
CA MET D 304 14.61 -28.54 -62.41
C MET D 304 15.55 -27.71 -63.26
N VAL D 305 16.85 -28.00 -63.16
CA VAL D 305 17.86 -27.44 -64.06
C VAL D 305 17.79 -28.24 -65.35
N ALA D 306 17.19 -27.67 -66.39
CA ALA D 306 16.98 -28.37 -67.67
C ALA D 306 18.17 -28.10 -68.58
N ARG D 307 19.26 -28.85 -68.34
CA ARG D 307 20.53 -28.54 -69.01
C ARG D 307 20.42 -28.69 -70.51
N GLY D 308 19.57 -29.58 -71.00
CA GLY D 308 19.39 -29.78 -72.43
C GLY D 308 19.06 -28.51 -73.18
N ASP D 309 17.91 -27.89 -72.87
CA ASP D 309 17.57 -26.64 -73.52
C ASP D 309 18.43 -25.49 -73.03
N LEU D 310 18.82 -25.52 -71.75
CA LEU D 310 19.68 -24.49 -71.20
C LEU D 310 21.00 -24.39 -71.96
N GLY D 311 21.55 -25.54 -72.37
CA GLY D 311 22.77 -25.58 -73.16
C GLY D 311 22.64 -25.05 -74.57
N ILE D 312 21.41 -24.82 -75.05
CA ILE D 312 21.21 -24.15 -76.33
C ILE D 312 20.89 -22.68 -76.14
N GLU D 313 20.11 -22.35 -75.12
CA GLU D 313 19.70 -20.98 -74.86
C GLU D 313 20.82 -20.12 -74.30
N ILE D 314 21.83 -20.71 -73.66
CA ILE D 314 22.99 -19.98 -73.16
C ILE D 314 24.23 -20.79 -73.53
N PRO D 315 25.40 -20.14 -73.57
CA PRO D 315 26.62 -20.86 -73.98
C PRO D 315 26.85 -22.11 -73.14
N ALA D 316 27.18 -23.20 -73.83
CA ALA D 316 27.26 -24.51 -73.16
C ALA D 316 28.24 -24.48 -72.00
N GLU D 317 29.35 -23.75 -72.15
CA GLU D 317 30.33 -23.67 -71.09
C GLU D 317 29.85 -22.86 -69.88
N LYS D 318 28.65 -22.29 -69.92
CA LYS D 318 28.11 -21.55 -68.79
C LYS D 318 27.06 -22.33 -68.02
N VAL D 319 26.69 -23.53 -68.48
CA VAL D 319 25.57 -24.25 -67.87
C VAL D 319 25.91 -24.67 -66.45
N PHE D 320 27.15 -25.11 -66.21
CA PHE D 320 27.54 -25.53 -64.87
C PHE D 320 27.43 -24.38 -63.87
N LEU D 321 27.68 -23.15 -64.31
CA LEU D 321 27.46 -22.00 -63.44
C LEU D 321 25.99 -21.89 -63.04
N ALA D 322 25.09 -22.00 -64.02
CA ALA D 322 23.68 -21.95 -63.73
C ALA D 322 23.27 -23.10 -62.81
N GLN D 323 23.82 -24.29 -63.04
CA GLN D 323 23.46 -25.44 -62.23
C GLN D 323 23.86 -25.23 -60.78
N LYS D 324 25.11 -24.84 -60.56
CA LYS D 324 25.59 -24.68 -59.19
C LYS D 324 24.93 -23.51 -58.48
N MET D 325 24.58 -22.45 -59.22
CA MET D 325 23.85 -21.34 -58.61
C MET D 325 22.46 -21.75 -58.17
N MET D 326 21.75 -22.51 -59.03
CA MET D 326 20.38 -22.87 -58.72
C MET D 326 20.32 -23.90 -57.61
N ILE D 327 21.23 -24.89 -57.62
CA ILE D 327 21.25 -25.87 -56.56
C ILE D 327 21.54 -25.21 -55.23
N GLY D 328 22.49 -24.28 -55.20
CA GLY D 328 22.80 -23.58 -53.97
C GLY D 328 21.63 -22.77 -53.43
N ARG D 329 20.91 -22.07 -54.32
CA ARG D 329 19.79 -21.26 -53.86
C ARG D 329 18.61 -22.14 -53.46
N CYS D 330 18.43 -23.29 -54.11
CA CYS D 330 17.40 -24.23 -53.67
C CYS D 330 17.76 -24.85 -52.33
N ASN D 331 19.02 -25.24 -52.14
CA ASN D 331 19.46 -25.72 -50.83
C ASN D 331 19.21 -24.66 -49.77
N LEU D 332 19.47 -23.39 -50.10
CA LEU D 332 19.28 -22.30 -49.16
C LEU D 332 17.81 -22.16 -48.77
N ALA D 333 16.90 -22.32 -49.72
CA ALA D 333 15.47 -22.16 -49.47
C ALA D 333 14.81 -23.43 -48.95
N GLY D 334 15.54 -24.54 -48.88
CA GLY D 334 14.92 -25.79 -48.48
C GLY D 334 13.93 -26.33 -49.48
N LYS D 335 14.15 -26.12 -50.78
CA LYS D 335 13.23 -26.63 -51.77
C LYS D 335 13.94 -27.63 -52.69
N PRO D 336 13.23 -28.66 -53.15
CA PRO D 336 13.87 -29.69 -53.98
C PRO D 336 14.40 -29.13 -55.29
N VAL D 337 15.54 -29.66 -55.73
CA VAL D 337 16.15 -29.27 -57.00
C VAL D 337 16.51 -30.55 -57.75
N VAL D 338 16.20 -30.56 -59.05
CA VAL D 338 16.42 -31.71 -59.92
C VAL D 338 17.44 -31.34 -60.97
N CYS D 339 18.46 -32.19 -61.13
CA CYS D 339 19.44 -32.06 -62.20
C CYS D 339 19.15 -33.09 -63.28
N ALA D 340 19.09 -32.66 -64.53
CA ALA D 340 18.56 -33.49 -65.60
C ALA D 340 19.37 -33.32 -66.88
N THR D 341 19.29 -34.33 -67.74
CA THR D 341 19.70 -34.34 -69.15
C THR D 341 21.14 -34.81 -69.37
N GLN D 342 21.27 -35.94 -70.05
CA GLN D 342 22.56 -36.47 -70.53
C GLN D 342 23.51 -36.79 -69.39
N MET D 343 22.98 -37.19 -68.24
CA MET D 343 23.85 -37.61 -67.15
C MET D 343 24.59 -38.91 -67.49
N LEU D 344 23.94 -39.83 -68.18
CA LEU D 344 24.56 -41.11 -68.55
C LEU D 344 24.28 -41.42 -70.01
N GLU D 345 24.43 -40.40 -70.88
CA GLU D 345 23.94 -40.48 -72.25
C GLU D 345 24.56 -41.63 -73.04
N SER D 346 25.86 -41.89 -72.82
CA SER D 346 26.51 -42.97 -73.56
C SER D 346 25.90 -44.33 -73.27
N MET D 347 25.24 -44.49 -72.12
CA MET D 347 24.62 -45.75 -71.77
C MET D 347 23.36 -46.03 -72.57
N ILE D 348 22.91 -45.09 -73.41
CA ILE D 348 21.83 -45.39 -74.35
C ILE D 348 22.25 -46.53 -75.28
N THR D 349 23.54 -46.60 -75.61
CA THR D 349 24.10 -47.59 -76.53
C THR D 349 25.13 -48.52 -75.88
N LYS D 350 25.87 -48.07 -74.88
CA LYS D 350 26.90 -48.89 -74.26
C LYS D 350 26.46 -49.38 -72.88
N PRO D 351 26.96 -50.54 -72.43
CA PRO D 351 26.58 -51.04 -71.10
C PRO D 351 27.29 -50.34 -69.95
N ARG D 352 28.32 -49.53 -70.21
CA ARG D 352 29.04 -48.82 -69.17
C ARG D 352 29.23 -47.36 -69.57
N PRO D 353 29.13 -46.43 -68.63
CA PRO D 353 29.20 -45.01 -68.98
C PRO D 353 30.64 -44.53 -69.12
N THR D 354 30.78 -43.33 -69.68
CA THR D 354 32.08 -42.70 -69.79
C THR D 354 32.51 -42.11 -68.45
N ARG D 355 33.80 -41.80 -68.35
CA ARG D 355 34.33 -41.21 -67.11
C ARG D 355 33.73 -39.83 -66.84
N ALA D 356 33.43 -39.06 -67.89
CA ALA D 356 32.81 -37.76 -67.67
C ALA D 356 31.40 -37.92 -67.11
N GLU D 357 30.63 -38.88 -67.62
CA GLU D 357 29.26 -39.07 -67.17
C GLU D 357 29.23 -39.51 -65.71
N THR D 358 30.14 -40.41 -65.33
CA THR D 358 30.20 -40.87 -63.95
C THR D 358 30.63 -39.75 -63.01
N SER D 359 31.55 -38.89 -63.45
CA SER D 359 31.91 -37.72 -62.66
C SER D 359 30.75 -36.72 -62.59
N ASP D 360 29.96 -36.64 -63.66
CA ASP D 360 28.86 -35.68 -63.72
C ASP D 360 27.77 -36.00 -62.70
N VAL D 361 27.41 -37.28 -62.60
CA VAL D 361 26.42 -37.70 -61.62
C VAL D 361 26.93 -37.44 -60.21
N ALA D 362 28.19 -37.81 -59.93
CA ALA D 362 28.73 -37.63 -58.58
C ALA D 362 28.79 -36.16 -58.21
N ASN D 363 29.13 -35.30 -59.17
CA ASN D 363 29.25 -33.89 -58.83
C ASN D 363 27.90 -33.22 -58.65
N ALA D 364 26.86 -33.73 -59.33
CA ALA D 364 25.52 -33.20 -59.11
C ALA D 364 25.06 -33.47 -57.67
N VAL D 365 25.35 -34.68 -57.17
CA VAL D 365 25.05 -35.01 -55.78
C VAL D 365 25.89 -34.17 -54.82
N LEU D 366 27.17 -33.96 -55.15
CA LEU D 366 28.03 -33.15 -54.30
C LEU D 366 27.57 -31.69 -54.28
N ASP D 367 27.08 -31.20 -55.43
CA ASP D 367 26.56 -29.83 -55.48
C ASP D 367 25.38 -29.64 -54.53
N GLY D 368 24.61 -30.71 -54.29
CA GLY D 368 23.47 -30.62 -53.39
C GLY D 368 22.14 -30.94 -54.05
N ALA D 369 22.17 -31.58 -55.20
CA ALA D 369 20.93 -31.90 -55.92
C ALA D 369 20.10 -32.91 -55.15
N ASP D 370 18.78 -32.69 -55.16
CA ASP D 370 17.87 -33.60 -54.46
C ASP D 370 17.55 -34.82 -55.31
N CYS D 371 17.41 -34.66 -56.62
CA CYS D 371 17.12 -35.76 -57.53
C CYS D 371 17.99 -35.67 -58.78
N ILE D 372 18.28 -36.82 -59.36
CA ILE D 372 18.96 -36.90 -60.64
C ILE D 372 18.04 -37.63 -61.61
N MET D 373 18.14 -37.26 -62.88
CA MET D 373 17.18 -37.73 -63.88
C MET D 373 17.88 -38.54 -64.95
N LEU D 374 17.13 -39.51 -65.49
CA LEU D 374 17.51 -40.22 -66.70
C LEU D 374 16.46 -39.95 -67.76
N SER D 375 16.90 -39.60 -68.97
CA SER D 375 16.01 -39.31 -70.08
C SER D 375 16.06 -40.46 -71.06
N GLY D 376 16.75 -40.34 -72.19
CA GLY D 376 16.78 -41.41 -73.17
C GLY D 376 17.43 -42.69 -72.66
N GLU D 377 18.21 -42.59 -71.58
CA GLU D 377 18.87 -43.77 -71.01
C GLU D 377 17.86 -44.82 -70.56
N THR D 378 16.68 -44.40 -70.10
CA THR D 378 15.62 -45.32 -69.73
C THR D 378 14.44 -45.31 -70.69
N ALA D 379 14.23 -44.22 -71.43
CA ALA D 379 13.07 -44.14 -72.31
C ALA D 379 13.25 -44.97 -73.57
N LYS D 380 14.43 -44.91 -74.20
CA LYS D 380 14.66 -45.60 -75.46
C LYS D 380 15.99 -46.34 -75.54
N GLY D 381 16.79 -46.37 -74.47
CA GLY D 381 18.09 -47.01 -74.53
C GLY D 381 18.02 -48.52 -74.41
N ASN D 382 19.17 -49.15 -74.69
CA ASN D 382 19.29 -50.60 -74.61
C ASN D 382 19.61 -51.10 -73.21
N PHE D 383 19.98 -50.22 -72.27
CA PHE D 383 20.34 -50.62 -70.91
C PHE D 383 19.61 -49.77 -69.87
N PRO D 384 18.28 -49.79 -69.85
CA PRO D 384 17.56 -48.93 -68.90
C PRO D 384 17.76 -49.33 -67.45
N VAL D 385 17.75 -50.63 -67.16
CA VAL D 385 17.91 -51.07 -65.77
C VAL D 385 19.34 -50.81 -65.29
N GLU D 386 20.33 -51.06 -66.15
CA GLU D 386 21.72 -50.81 -65.79
C GLU D 386 21.99 -49.32 -65.59
N ALA D 387 21.29 -48.44 -66.32
CA ALA D 387 21.48 -47.01 -66.12
C ALA D 387 20.95 -46.57 -64.76
N VAL D 388 19.82 -47.15 -64.33
CA VAL D 388 19.31 -46.85 -62.98
C VAL D 388 20.26 -47.37 -61.93
N LYS D 389 20.79 -48.59 -62.11
CA LYS D 389 21.72 -49.14 -61.14
C LYS D 389 22.98 -48.28 -61.03
N MET D 390 23.49 -47.81 -62.17
CA MET D 390 24.68 -46.97 -62.16
C MET D 390 24.45 -45.67 -61.40
N GLN D 391 23.29 -45.02 -61.61
CA GLN D 391 22.99 -43.82 -60.86
C GLN D 391 22.90 -44.12 -59.37
N HIS D 392 22.30 -45.26 -59.02
CA HIS D 392 22.18 -45.66 -57.61
C HIS D 392 23.56 -45.84 -56.97
N ALA D 393 24.46 -46.56 -57.65
CA ALA D 393 25.78 -46.82 -57.09
C ALA D 393 26.60 -45.54 -56.96
N ILE D 394 26.55 -44.67 -57.96
CA ILE D 394 27.32 -43.43 -57.90
C ILE D 394 26.79 -42.53 -56.80
N ALA D 395 25.47 -42.36 -56.73
CA ALA D 395 24.87 -41.51 -55.71
C ALA D 395 25.26 -41.95 -54.31
N ARG D 396 25.29 -43.27 -54.06
CA ARG D 396 25.68 -43.77 -52.75
C ARG D 396 27.09 -43.32 -52.38
N GLU D 397 28.04 -43.46 -53.30
CA GLU D 397 29.42 -43.03 -53.04
C GLU D 397 29.50 -41.52 -52.89
N ALA D 398 28.72 -40.79 -53.69
CA ALA D 398 28.84 -39.33 -53.67
C ALA D 398 28.29 -38.75 -52.38
N GLU D 399 27.18 -39.31 -51.88
CA GLU D 399 26.58 -38.83 -50.64
C GLU D 399 27.49 -39.05 -49.45
N ALA D 400 28.25 -40.14 -49.44
CA ALA D 400 29.17 -40.36 -48.33
C ALA D 400 30.38 -39.42 -48.41
N ALA D 401 30.71 -38.95 -49.60
CA ALA D 401 31.85 -38.06 -49.81
C ALA D 401 31.49 -36.59 -49.62
N VAL D 402 30.26 -36.29 -49.22
CA VAL D 402 29.88 -34.91 -48.96
C VAL D 402 30.59 -34.41 -47.71
N TYR D 403 31.22 -33.24 -47.81
CA TYR D 403 31.85 -32.60 -46.66
C TYR D 403 30.75 -32.11 -45.71
N HIS D 404 30.19 -33.06 -44.95
CA HIS D 404 29.01 -32.75 -44.14
C HIS D 404 29.29 -31.70 -43.08
N ARG D 405 30.54 -31.59 -42.62
CA ARG D 405 30.87 -30.67 -41.54
C ARG D 405 30.57 -29.23 -41.94
N GLN D 406 31.08 -28.79 -43.10
CA GLN D 406 30.80 -27.43 -43.52
C GLN D 406 29.39 -27.25 -44.06
N LEU D 407 28.82 -28.31 -44.66
CA LEU D 407 27.47 -28.18 -45.22
C LEU D 407 26.44 -27.89 -44.14
N PHE D 408 26.44 -28.68 -43.06
CA PHE D 408 25.45 -28.45 -42.02
C PHE D 408 25.69 -27.13 -41.30
N GLU D 409 26.96 -26.78 -41.09
CA GLU D 409 27.29 -25.49 -40.49
C GLU D 409 26.71 -24.34 -41.31
N GLU D 410 26.93 -24.36 -42.63
CA GLU D 410 26.46 -23.24 -43.45
C GLU D 410 24.94 -23.21 -43.55
N LEU D 411 24.30 -24.36 -43.71
CA LEU D 411 22.84 -24.39 -43.78
C LEU D 411 22.23 -23.90 -42.48
N ARG D 412 22.86 -24.22 -41.35
CA ARG D 412 22.37 -23.80 -40.04
C ARG D 412 22.38 -22.28 -39.91
N ARG D 413 23.53 -21.64 -40.15
CA ARG D 413 23.62 -20.20 -39.98
C ARG D 413 22.77 -19.44 -40.99
N ALA D 414 22.66 -19.96 -42.21
CA ALA D 414 21.89 -19.28 -43.24
C ALA D 414 20.39 -19.37 -42.98
N ALA D 415 19.92 -20.45 -42.36
CA ALA D 415 18.51 -20.58 -42.02
C ALA D 415 18.14 -19.57 -40.94
N PRO D 416 17.11 -18.74 -41.16
CA PRO D 416 16.81 -17.67 -40.19
C PRO D 416 16.11 -18.19 -38.95
N LEU D 417 16.13 -17.36 -37.92
CA LEU D 417 15.39 -17.67 -36.71
C LEU D 417 13.91 -17.84 -37.03
N SER D 418 13.26 -18.74 -36.33
CA SER D 418 11.87 -19.05 -36.59
C SER D 418 11.20 -19.48 -35.31
N ARG D 419 9.95 -19.08 -35.14
CA ARG D 419 9.15 -19.47 -34.00
C ARG D 419 8.12 -20.53 -34.35
N ASP D 420 8.23 -21.14 -35.52
CA ASP D 420 7.35 -22.25 -35.88
C ASP D 420 7.84 -23.53 -35.20
N PRO D 421 7.00 -24.21 -34.42
CA PRO D 421 7.49 -25.37 -33.66
C PRO D 421 7.99 -26.51 -34.55
N THR D 422 7.47 -26.64 -35.77
CA THR D 422 7.97 -27.70 -36.65
C THR D 422 9.41 -27.43 -37.07
N GLU D 423 9.72 -26.16 -37.42
CA GLU D 423 11.08 -25.80 -37.78
C GLU D 423 12.03 -25.94 -36.59
N VAL D 424 11.57 -25.56 -35.40
CA VAL D 424 12.42 -25.67 -34.21
C VAL D 424 12.71 -27.13 -33.90
N THR D 425 11.69 -27.98 -33.94
CA THR D 425 11.87 -29.40 -33.66
C THR D 425 12.78 -30.06 -34.69
N ALA D 426 12.70 -29.62 -35.95
CA ALA D 426 13.50 -30.22 -37.01
C ALA D 426 14.99 -30.02 -36.76
N ILE D 427 15.41 -28.79 -36.46
CA ILE D 427 16.84 -28.55 -36.31
C ILE D 427 17.35 -29.24 -35.04
N GLY D 428 16.50 -29.34 -34.02
CA GLY D 428 16.89 -30.10 -32.83
C GLY D 428 17.04 -31.58 -33.12
N ALA D 429 16.16 -32.11 -33.98
CA ALA D 429 16.23 -33.53 -34.31
C ALA D 429 17.47 -33.85 -35.14
N VAL D 430 17.83 -32.98 -36.08
CA VAL D 430 19.02 -33.20 -36.89
C VAL D 430 20.28 -33.12 -36.04
N GLU D 431 20.35 -32.12 -35.15
CA GLU D 431 21.49 -32.02 -34.24
C GLU D 431 21.61 -33.26 -33.37
N ALA D 432 20.49 -33.72 -32.79
CA ALA D 432 20.52 -34.93 -31.97
C ALA D 432 20.96 -36.14 -32.77
N ALA D 433 20.56 -36.22 -34.05
CA ALA D 433 20.99 -37.34 -34.88
C ALA D 433 22.51 -37.34 -35.06
N PHE D 434 23.10 -36.17 -35.34
CA PHE D 434 24.55 -36.09 -35.49
C PHE D 434 25.27 -36.46 -34.20
N LYS D 435 24.71 -36.10 -33.05
CA LYS D 435 25.39 -36.29 -31.78
C LYS D 435 25.57 -37.77 -31.42
N CYS D 436 24.64 -38.63 -31.87
CA CYS D 436 24.77 -40.06 -31.63
C CYS D 436 24.91 -40.87 -32.92
N CYS D 437 25.18 -40.22 -34.06
CA CYS D 437 25.03 -40.81 -35.39
C CYS D 437 23.86 -41.78 -35.42
N ALA D 438 22.66 -41.26 -35.21
CA ALA D 438 21.47 -42.09 -35.22
C ALA D 438 21.29 -42.77 -36.56
N ALA D 439 20.76 -43.99 -36.51
CA ALA D 439 20.52 -44.74 -37.75
C ALA D 439 19.46 -44.07 -38.61
N ALA D 440 18.47 -43.42 -38.00
CA ALA D 440 17.40 -42.79 -38.76
C ALA D 440 16.69 -41.75 -37.90
N ILE D 441 15.95 -40.88 -38.58
CA ILE D 441 15.00 -39.98 -37.95
C ILE D 441 13.62 -40.39 -38.45
N ILE D 442 12.79 -40.94 -37.57
CA ILE D 442 11.44 -41.32 -37.92
C ILE D 442 10.51 -40.16 -37.62
N VAL D 443 9.73 -39.76 -38.62
CA VAL D 443 8.82 -38.62 -38.50
C VAL D 443 7.45 -39.02 -39.04
N LEU D 444 6.40 -38.64 -38.33
CA LEU D 444 5.03 -38.80 -38.80
C LEU D 444 4.61 -37.51 -39.47
N THR D 445 4.01 -37.62 -40.66
CA THR D 445 3.66 -36.42 -41.40
C THR D 445 2.45 -36.71 -42.25
N THR D 446 1.56 -35.71 -42.36
CA THR D 446 0.37 -35.84 -43.18
C THR D 446 0.59 -35.36 -44.61
N THR D 447 1.32 -34.26 -44.77
CA THR D 447 1.60 -33.66 -46.06
C THR D 447 3.06 -33.74 -46.46
N GLY D 448 3.94 -34.19 -45.57
CA GLY D 448 5.35 -34.30 -45.87
C GLY D 448 6.18 -33.12 -45.43
N ARG D 449 5.54 -32.03 -44.96
CA ARG D 449 6.30 -30.81 -44.64
C ARG D 449 7.28 -31.05 -43.50
N SER D 450 6.86 -31.80 -42.47
CA SER D 450 7.76 -32.11 -41.36
C SER D 450 8.99 -32.86 -41.85
N ALA D 451 8.82 -33.76 -42.83
CA ALA D 451 9.96 -34.48 -43.37
C ALA D 451 10.83 -33.59 -44.25
N GLN D 452 10.23 -32.61 -44.92
CA GLN D 452 11.01 -31.69 -45.75
C GLN D 452 11.84 -30.74 -44.90
N LEU D 453 11.28 -30.27 -43.78
CA LEU D 453 12.04 -29.40 -42.89
C LEU D 453 13.22 -30.14 -42.25
N LEU D 454 13.13 -31.45 -42.10
CA LEU D 454 14.29 -32.23 -41.67
C LEU D 454 15.29 -32.38 -42.80
N SER D 455 14.81 -32.67 -44.00
CA SER D 455 15.68 -32.88 -45.16
C SER D 455 16.48 -31.64 -45.51
N ARG D 456 15.93 -30.44 -45.25
CA ARG D 456 16.62 -29.20 -45.64
C ARG D 456 17.95 -29.02 -44.93
N TYR D 457 18.12 -29.62 -43.75
CA TYR D 457 19.37 -29.53 -43.02
C TYR D 457 20.36 -30.62 -43.40
N ARG D 458 20.05 -31.39 -44.45
CA ARG D 458 20.91 -32.45 -44.99
C ARG D 458 21.52 -33.33 -43.89
N PRO D 459 20.69 -33.99 -43.08
CA PRO D 459 21.25 -34.91 -42.09
C PRO D 459 21.87 -36.13 -42.77
N ARG D 460 22.78 -36.76 -42.04
CA ARG D 460 23.36 -38.01 -42.50
C ARG D 460 22.44 -39.20 -42.23
N ALA D 461 21.72 -39.16 -41.11
CA ALA D 461 20.75 -40.20 -40.81
C ALA D 461 19.59 -40.16 -41.80
N ALA D 462 19.05 -41.33 -42.12
CA ALA D 462 17.89 -41.40 -42.99
C ALA D 462 16.68 -40.76 -42.31
N VAL D 463 15.88 -40.05 -43.08
CA VAL D 463 14.64 -39.47 -42.59
C VAL D 463 13.52 -40.40 -43.06
N ILE D 464 13.05 -41.24 -42.15
CA ILE D 464 12.02 -42.23 -42.45
C ILE D 464 10.66 -41.60 -42.14
N ALA D 465 9.86 -41.36 -43.17
CA ALA D 465 8.61 -40.63 -43.06
C ALA D 465 7.43 -41.58 -43.16
N VAL D 466 6.61 -41.62 -42.11
CA VAL D 466 5.45 -42.51 -42.03
C VAL D 466 4.20 -41.67 -42.21
N THR D 467 3.40 -41.99 -43.23
CA THR D 467 2.24 -41.20 -43.59
C THR D 467 1.09 -42.12 -43.99
N ARG D 468 -0.14 -41.62 -43.81
CA ARG D 468 -1.31 -42.30 -44.35
C ARG D 468 -1.66 -41.83 -45.76
N SER D 469 -1.14 -40.67 -46.17
CA SER D 469 -1.44 -40.11 -47.48
C SER D 469 -0.55 -40.76 -48.54
N ALA D 470 -1.16 -41.51 -49.45
CA ALA D 470 -0.41 -42.13 -50.53
C ALA D 470 0.22 -41.11 -51.46
N GLN D 471 -0.44 -39.97 -51.67
CA GLN D 471 0.13 -38.93 -52.52
C GLN D 471 1.34 -38.28 -51.85
N ALA D 472 1.26 -37.99 -50.55
CA ALA D 472 2.38 -37.37 -49.86
C ALA D 472 3.57 -38.31 -49.80
N ALA D 473 3.31 -39.61 -49.60
CA ALA D 473 4.40 -40.60 -49.67
C ALA D 473 5.13 -40.53 -50.99
N ARG D 474 4.40 -40.35 -52.10
CA ARG D 474 5.06 -40.27 -53.39
C ARG D 474 5.81 -38.96 -53.57
N GLN D 475 5.27 -37.86 -53.02
CA GLN D 475 5.82 -36.54 -53.27
C GLN D 475 7.08 -36.26 -52.46
N VAL D 476 7.23 -36.86 -51.28
CA VAL D 476 8.43 -36.62 -50.49
C VAL D 476 9.70 -37.20 -51.10
N HIS D 477 9.59 -37.96 -52.21
CA HIS D 477 10.76 -38.38 -52.97
C HIS D 477 11.53 -37.20 -53.55
N LEU D 478 10.89 -36.04 -53.65
CA LEU D 478 11.59 -34.85 -54.12
C LEU D 478 12.65 -34.36 -53.14
N CYS D 479 12.51 -34.66 -51.85
CA CYS D 479 13.44 -34.15 -50.83
C CYS D 479 14.50 -35.20 -50.54
N ARG D 480 15.77 -34.81 -50.70
CA ARG D 480 16.86 -35.74 -50.47
C ARG D 480 16.85 -36.24 -49.03
N GLY D 481 17.01 -37.55 -48.86
CA GLY D 481 17.11 -38.15 -47.55
C GLY D 481 15.83 -38.68 -46.98
N VAL D 482 14.70 -38.47 -47.64
CA VAL D 482 13.40 -38.88 -47.10
C VAL D 482 13.00 -40.20 -47.73
N PHE D 483 12.71 -41.18 -46.88
CA PHE D 483 12.31 -42.50 -47.34
C PHE D 483 10.86 -42.73 -46.94
N PRO D 484 9.91 -42.70 -47.86
CA PRO D 484 8.49 -42.75 -47.47
C PRO D 484 8.05 -44.17 -47.15
N LEU D 485 7.25 -44.28 -46.09
CA LEU D 485 6.53 -45.50 -45.75
C LEU D 485 5.06 -45.16 -45.74
N LEU D 486 4.27 -45.95 -46.45
CA LEU D 486 2.82 -45.78 -46.49
C LEU D 486 2.18 -46.66 -45.42
N TYR D 487 1.51 -46.02 -44.46
CA TYR D 487 0.77 -46.73 -43.44
C TYR D 487 -0.66 -46.95 -43.92
N ARG D 488 -1.17 -48.17 -43.74
CA ARG D 488 -2.47 -48.56 -44.31
C ARG D 488 -3.53 -48.87 -43.25
N GLU D 489 -3.14 -49.05 -41.99
CA GLU D 489 -4.10 -49.45 -40.97
C GLU D 489 -5.09 -48.32 -40.67
N PRO D 490 -6.32 -48.67 -40.27
CA PRO D 490 -7.28 -47.65 -39.85
C PRO D 490 -6.94 -47.12 -38.47
N PRO D 491 -7.35 -45.88 -38.15
CA PRO D 491 -6.92 -45.28 -36.88
C PRO D 491 -7.43 -46.05 -35.68
N GLU D 492 -6.59 -46.14 -34.65
CA GLU D 492 -7.00 -46.67 -33.37
C GLU D 492 -8.03 -45.76 -32.72
N ALA D 493 -8.78 -46.32 -31.77
CA ALA D 493 -9.77 -45.51 -31.05
C ALA D 493 -9.09 -44.36 -30.30
N ILE D 494 -7.96 -44.64 -29.68
CA ILE D 494 -7.24 -43.65 -28.89
C ILE D 494 -6.03 -43.19 -29.71
N TRP D 495 -5.87 -41.87 -29.82
CA TRP D 495 -4.93 -41.30 -30.77
C TRP D 495 -3.48 -41.57 -30.37
N ALA D 496 -3.17 -41.56 -29.08
CA ALA D 496 -1.79 -41.81 -28.66
C ALA D 496 -1.33 -43.22 -29.03
N ASP D 497 -2.25 -44.18 -29.07
CA ASP D 497 -1.88 -45.52 -29.51
C ASP D 497 -1.71 -45.58 -31.02
N ASP D 498 -2.45 -44.76 -31.76
CA ASP D 498 -2.26 -44.69 -33.21
C ASP D 498 -0.87 -44.17 -33.55
N VAL D 499 -0.40 -43.18 -32.78
CA VAL D 499 0.95 -42.64 -32.97
C VAL D 499 1.99 -43.71 -32.69
N ASP D 500 1.86 -44.41 -31.57
CA ASP D 500 2.79 -45.48 -31.23
C ASP D 500 2.85 -46.54 -32.33
N ARG D 501 1.68 -46.93 -32.87
CA ARG D 501 1.65 -47.94 -33.92
C ARG D 501 2.43 -47.50 -35.14
N ARG D 502 2.21 -46.27 -35.60
CA ARG D 502 2.91 -45.77 -36.78
C ARG D 502 4.41 -45.67 -36.54
N VAL D 503 4.82 -45.28 -35.33
CA VAL D 503 6.25 -45.23 -35.03
C VAL D 503 6.85 -46.62 -35.07
N GLN D 504 6.12 -47.61 -34.55
CA GLN D 504 6.63 -48.98 -34.57
C GLN D 504 6.63 -49.55 -35.98
N PHE D 505 5.67 -49.14 -36.82
CA PHE D 505 5.67 -49.54 -38.22
C PHE D 505 6.90 -49.02 -38.94
N GLY D 506 7.28 -47.77 -38.67
CA GLY D 506 8.52 -47.25 -39.21
C GLY D 506 9.75 -47.96 -38.69
N ILE D 507 9.72 -48.40 -37.42
CA ILE D 507 10.84 -49.16 -36.88
C ILE D 507 10.92 -50.53 -37.54
N GLU D 508 9.79 -51.23 -37.62
CA GLU D 508 9.79 -52.58 -38.18
C GLU D 508 10.12 -52.56 -39.67
N SER D 509 9.61 -51.57 -40.40
CA SER D 509 10.01 -51.43 -41.80
C SER D 509 11.49 -51.11 -41.93
N GLY D 510 12.00 -50.22 -41.07
CA GLY D 510 13.41 -49.91 -41.08
C GLY D 510 14.29 -51.11 -40.74
N LYS D 511 13.80 -52.01 -39.89
CA LYS D 511 14.57 -53.21 -39.57
C LYS D 511 14.60 -54.18 -40.74
N LEU D 512 13.47 -54.35 -41.44
CA LEU D 512 13.44 -55.25 -42.59
C LEU D 512 14.35 -54.75 -43.70
N ARG D 513 14.30 -53.45 -43.99
CA ARG D 513 15.01 -52.87 -45.12
C ARG D 513 16.49 -52.58 -44.83
N GLY D 514 17.02 -53.07 -43.70
CA GLY D 514 18.42 -52.85 -43.38
C GLY D 514 18.76 -51.48 -42.83
N PHE D 515 17.76 -50.63 -42.61
CA PHE D 515 18.05 -49.30 -42.07
C PHE D 515 18.43 -49.37 -40.59
N LEU D 516 17.74 -50.20 -39.81
CA LEU D 516 17.88 -50.22 -38.37
C LEU D 516 18.29 -51.60 -37.89
N ARG D 517 19.15 -51.63 -36.88
CA ARG D 517 19.56 -52.86 -36.22
C ARG D 517 19.27 -52.75 -34.73
N VAL D 518 19.23 -53.90 -34.07
CA VAL D 518 18.99 -53.92 -32.63
C VAL D 518 20.19 -53.31 -31.92
N GLY D 519 19.92 -52.35 -31.03
CA GLY D 519 20.96 -51.59 -30.37
C GLY D 519 21.20 -50.22 -30.96
N ASP D 520 20.55 -49.88 -32.06
CA ASP D 520 20.73 -48.58 -32.69
C ASP D 520 19.96 -47.51 -31.95
N LEU D 521 20.33 -46.25 -32.20
CA LEU D 521 19.60 -45.11 -31.69
C LEU D 521 18.83 -44.47 -32.83
N VAL D 522 17.59 -44.10 -32.56
CA VAL D 522 16.73 -43.47 -33.54
C VAL D 522 16.12 -42.22 -32.93
N ILE D 523 15.90 -41.21 -33.77
CA ILE D 523 15.25 -39.97 -33.37
C ILE D 523 13.84 -39.98 -33.93
N VAL D 524 12.83 -39.90 -33.06
CA VAL D 524 11.44 -39.93 -33.47
C VAL D 524 10.84 -38.54 -33.31
N VAL D 525 10.13 -38.09 -34.34
CA VAL D 525 9.58 -36.73 -34.39
C VAL D 525 8.08 -36.84 -34.58
N THR D 526 7.32 -36.34 -33.59
CA THR D 526 5.85 -36.37 -33.59
C THR D 526 5.30 -35.03 -33.15
N GLY D 527 3.98 -34.97 -33.01
CA GLY D 527 3.29 -33.76 -32.58
C GLY D 527 2.34 -34.06 -31.43
N TRP D 528 1.75 -32.98 -30.92
CA TRP D 528 0.96 -33.03 -29.68
C TRP D 528 -0.53 -33.23 -29.91
N ARG D 529 -1.00 -33.26 -31.15
CA ARG D 529 -2.42 -33.42 -31.45
C ARG D 529 -2.56 -33.81 -32.93
N PRO D 530 -3.69 -34.37 -33.33
CA PRO D 530 -3.86 -34.82 -34.72
C PRO D 530 -3.93 -33.65 -35.68
N GLY D 531 -3.80 -33.98 -36.97
CA GLY D 531 -3.74 -33.00 -38.03
C GLY D 531 -2.34 -32.46 -38.27
N SER D 532 -2.16 -31.85 -39.43
CA SER D 532 -0.84 -31.37 -39.82
C SER D 532 -0.56 -29.99 -39.24
N GLY D 533 0.72 -29.69 -39.05
CA GLY D 533 1.16 -28.40 -38.54
C GLY D 533 1.45 -28.33 -37.06
N TYR D 534 1.34 -29.43 -36.32
CA TYR D 534 1.54 -29.42 -34.87
C TYR D 534 2.74 -30.27 -34.43
N THR D 535 3.68 -30.54 -35.33
CA THR D 535 4.90 -31.25 -34.95
C THR D 535 5.70 -30.42 -33.94
N ASN D 536 6.04 -31.04 -32.79
CA ASN D 536 6.73 -30.29 -31.75
C ASN D 536 7.48 -31.20 -30.77
N ILE D 537 7.62 -32.48 -31.07
CA ILE D 537 8.21 -33.43 -30.13
C ILE D 537 9.35 -34.18 -30.80
N MET D 538 10.46 -34.31 -30.09
CA MET D 538 11.61 -35.08 -30.54
C MET D 538 12.02 -36.03 -29.42
N ARG D 539 12.17 -37.32 -29.74
CA ARG D 539 12.51 -38.34 -28.76
C ARG D 539 13.70 -39.17 -29.23
N VAL D 540 14.52 -39.60 -28.27
CA VAL D 540 15.65 -40.48 -28.53
C VAL D 540 15.26 -41.88 -28.06
N LEU D 541 15.33 -42.85 -28.97
CA LEU D 541 14.90 -44.22 -28.69
C LEU D 541 15.99 -45.19 -29.07
N SER D 542 15.95 -46.36 -28.45
CA SER D 542 16.82 -47.49 -28.81
C SER D 542 15.96 -48.60 -29.38
N ILE D 543 16.47 -49.26 -30.42
CA ILE D 543 15.75 -50.35 -31.09
C ILE D 543 15.92 -51.63 -30.30
N GLU E 20 -26.26 44.71 35.57
CA GLU E 20 -26.67 44.23 36.89
C GLU E 20 -27.91 44.99 37.38
N LEU E 21 -28.93 44.26 37.79
CA LEU E 21 -30.11 44.88 38.37
C LEU E 21 -29.77 45.47 39.72
N GLY E 22 -30.18 46.72 39.94
CA GLY E 22 -29.98 47.34 41.23
C GLY E 22 -30.67 46.58 42.34
N THR E 23 -30.26 46.86 43.58
CA THR E 23 -30.91 46.20 44.71
C THR E 23 -32.37 46.58 44.81
N ALA E 24 -32.68 47.88 44.74
CA ALA E 24 -34.07 48.35 44.75
C ALA E 24 -34.98 47.44 43.92
N PHE E 25 -34.43 46.88 42.84
CA PHE E 25 -35.19 45.95 42.00
C PHE E 25 -35.46 44.64 42.74
N PHE E 26 -34.41 44.00 43.27
CA PHE E 26 -34.56 42.70 43.89
C PHE E 26 -35.43 42.72 45.14
N GLN E 27 -35.77 43.90 45.66
CA GLN E 27 -36.56 44.01 46.88
C GLN E 27 -38.03 44.28 46.60
N GLN E 28 -38.51 43.82 45.46
CA GLN E 28 -39.91 43.96 45.08
C GLN E 28 -40.32 42.72 44.31
N GLN E 29 -41.64 42.55 44.19
CA GLN E 29 -42.25 41.52 43.35
C GLN E 29 -41.77 40.11 43.68
N GLN E 30 -41.41 39.84 44.93
CA GLN E 30 -40.98 38.49 45.34
C GLN E 30 -39.82 37.98 44.48
N LEU E 31 -38.97 38.89 44.02
CA LEU E 31 -37.86 38.48 43.16
C LEU E 31 -36.91 37.48 43.82
N PRO E 32 -36.57 37.58 45.11
CA PRO E 32 -35.75 36.50 45.70
C PRO E 32 -36.42 35.14 45.66
N ALA E 33 -37.73 35.07 45.90
CA ALA E 33 -38.43 33.80 45.77
C ALA E 33 -38.50 33.34 44.33
N ALA E 34 -38.44 34.28 43.37
CA ALA E 34 -38.47 33.92 41.96
C ALA E 34 -37.17 33.29 41.51
N MET E 35 -36.07 33.62 42.16
CA MET E 35 -34.74 33.13 41.81
C MET E 35 -34.37 31.83 42.50
N ALA E 36 -35.26 31.26 43.31
CA ALA E 36 -34.95 30.06 44.07
C ALA E 36 -34.78 28.84 43.17
N ASP E 37 -33.91 27.92 43.59
CA ASP E 37 -33.57 26.74 42.80
C ASP E 37 -34.57 25.61 42.95
N THR E 38 -35.39 25.62 43.98
CA THR E 38 -36.43 24.62 44.19
C THR E 38 -37.71 25.31 44.62
N PHE E 39 -38.83 24.60 44.48
CA PHE E 39 -40.10 25.15 44.91
C PHE E 39 -40.15 25.30 46.42
N LEU E 40 -39.53 24.38 47.16
CA LEU E 40 -39.50 24.50 48.61
C LEU E 40 -38.74 25.76 49.02
N GLU E 41 -37.59 26.02 48.40
CA GLU E 41 -36.85 27.24 48.70
C GLU E 41 -37.63 28.48 48.28
N HIS E 42 -38.37 28.38 47.18
CA HIS E 42 -39.19 29.50 46.72
C HIS E 42 -40.25 29.86 47.75
N LEU E 43 -40.90 28.84 48.34
CA LEU E 43 -41.83 29.10 49.43
C LEU E 43 -41.13 29.79 50.60
N CYS E 44 -39.94 29.30 50.97
CA CYS E 44 -39.23 29.82 52.12
C CYS E 44 -38.83 31.28 51.96
N LEU E 45 -38.64 31.74 50.72
CA LEU E 45 -38.18 33.09 50.49
C LEU E 45 -39.33 34.07 50.23
N LEU E 46 -40.58 33.60 50.23
CA LEU E 46 -41.69 34.53 50.12
C LEU E 46 -41.65 35.51 51.28
N ASP E 47 -41.99 36.78 50.99
CA ASP E 47 -41.75 37.89 51.90
C ASP E 47 -42.94 38.83 51.83
N ILE E 48 -43.56 39.09 52.99
CA ILE E 48 -44.71 39.98 53.03
C ILE E 48 -44.33 41.44 52.89
N ASP E 49 -43.04 41.75 52.90
CA ASP E 49 -42.59 43.13 52.67
C ASP E 49 -42.18 43.40 51.24
N SER E 50 -42.17 42.38 50.38
CA SER E 50 -41.82 42.55 48.97
C SER E 50 -43.07 43.00 48.22
N GLU E 51 -43.14 44.29 47.90
CA GLU E 51 -44.37 44.83 47.36
C GLU E 51 -44.51 44.47 45.88
N PRO E 52 -45.71 44.09 45.44
CA PRO E 52 -45.92 43.83 44.01
C PRO E 52 -45.84 45.14 43.23
N VAL E 53 -44.96 45.17 42.24
CA VAL E 53 -44.83 46.34 41.38
C VAL E 53 -45.13 45.90 39.95
N ALA E 54 -46.40 45.61 39.70
CA ALA E 54 -46.88 45.17 38.40
C ALA E 54 -48.40 45.18 38.45
N ALA E 55 -49.01 45.64 37.36
CA ALA E 55 -50.46 45.63 37.26
C ALA E 55 -50.99 44.21 37.36
N ARG E 56 -52.22 44.08 37.86
CA ARG E 56 -52.79 42.77 38.09
C ARG E 56 -53.16 42.12 36.76
N SER E 57 -52.59 40.96 36.50
CA SER E 57 -52.78 40.27 35.23
C SER E 57 -54.02 39.38 35.21
N THR E 58 -54.64 39.14 36.35
CA THR E 58 -55.84 38.30 36.42
C THR E 58 -57.08 39.17 36.25
N SER E 59 -57.86 38.88 35.21
CA SER E 59 -59.08 39.65 34.96
C SER E 59 -60.14 39.33 36.01
N ILE E 60 -60.92 40.35 36.35
CA ILE E 60 -62.02 40.24 37.31
C ILE E 60 -63.32 40.29 36.55
N ILE E 61 -64.15 39.27 36.74
CA ILE E 61 -65.50 39.21 36.18
C ILE E 61 -66.47 39.53 37.29
N ALA E 62 -67.32 40.55 37.09
CA ALA E 62 -68.29 40.98 38.08
C ALA E 62 -69.70 40.79 37.54
N THR E 63 -70.53 40.07 38.29
CA THR E 63 -71.90 39.81 37.88
C THR E 63 -72.75 41.04 38.14
N ILE E 64 -73.51 41.46 37.13
CA ILE E 64 -74.38 42.63 37.26
C ILE E 64 -75.67 42.21 37.96
N GLY E 65 -76.12 43.05 38.89
CA GLY E 65 -77.37 42.81 39.59
C GLY E 65 -77.90 44.09 40.21
N PRO E 66 -78.93 43.97 41.05
CA PRO E 66 -79.51 45.17 41.69
C PRO E 66 -78.47 46.03 42.38
N ALA E 67 -77.44 45.40 42.97
CA ALA E 67 -76.40 46.11 43.68
C ALA E 67 -75.35 46.69 42.75
N SER E 68 -75.41 46.41 41.45
CA SER E 68 -74.32 46.81 40.57
C SER E 68 -74.84 47.35 39.24
N ARG E 69 -76.10 47.77 39.19
CA ARG E 69 -76.72 48.20 37.94
C ARG E 69 -76.65 49.69 37.71
N SER E 70 -76.56 50.48 38.78
CA SER E 70 -76.54 51.93 38.64
C SER E 70 -75.29 52.39 37.89
N VAL E 71 -75.49 53.34 36.97
CA VAL E 71 -74.37 53.82 36.14
C VAL E 71 -73.27 54.41 36.99
N GLU E 72 -73.63 55.15 38.05
CA GLU E 72 -72.62 55.80 38.86
C GLU E 72 -71.81 54.81 39.68
N ARG E 73 -72.43 53.69 40.10
CA ARG E 73 -71.68 52.67 40.80
C ARG E 73 -70.85 51.82 39.83
N LEU E 74 -71.36 51.60 38.62
CA LEU E 74 -70.59 50.90 37.60
C LEU E 74 -69.29 51.63 37.29
N LYS E 75 -69.29 52.96 37.38
CA LYS E 75 -68.05 53.71 37.21
C LYS E 75 -67.08 53.43 38.35
N GLU E 76 -67.61 53.24 39.56
CA GLU E 76 -66.76 52.95 40.72
C GLU E 76 -66.16 51.56 40.63
N MET E 77 -66.90 50.59 40.07
CA MET E 77 -66.32 49.26 39.92
C MET E 77 -65.28 49.21 38.80
N ILE E 78 -65.45 50.03 37.76
CA ILE E 78 -64.47 50.07 36.69
C ILE E 78 -63.14 50.60 37.21
N LYS E 79 -63.18 51.72 37.95
CA LYS E 79 -61.98 52.25 38.56
C LYS E 79 -61.41 51.31 39.62
N ALA E 80 -62.20 50.36 40.12
CA ALA E 80 -61.74 49.39 41.09
C ALA E 80 -61.04 48.20 40.46
N GLY E 81 -61.28 47.94 39.17
CA GLY E 81 -60.54 46.90 38.47
C GLY E 81 -61.40 45.90 37.73
N MET E 82 -62.68 46.21 37.55
CA MET E 82 -63.56 45.31 36.80
C MET E 82 -63.18 45.32 35.32
N ASN E 83 -63.10 44.13 34.74
CA ASN E 83 -62.74 43.97 33.33
C ASN E 83 -63.82 43.30 32.49
N ILE E 84 -64.61 42.40 33.06
CA ILE E 84 -65.66 41.68 32.35
C ILE E 84 -66.95 41.81 33.15
N ALA E 85 -68.02 42.25 32.51
CA ALA E 85 -69.33 42.38 33.14
C ALA E 85 -70.20 41.20 32.72
N ARG E 86 -70.63 40.41 33.69
CA ARG E 86 -71.42 39.22 33.43
C ARG E 86 -72.91 39.53 33.53
N LEU E 87 -73.68 39.07 32.54
CA LEU E 87 -75.13 39.15 32.56
C LEU E 87 -75.67 37.74 32.77
N ASN E 88 -76.30 37.51 33.92
CA ASN E 88 -76.80 36.19 34.27
C ASN E 88 -78.23 36.07 33.77
N PHE E 89 -78.44 35.28 32.72
CA PHE E 89 -79.75 35.08 32.13
C PHE E 89 -80.56 33.99 32.85
N SER E 90 -80.13 33.58 34.05
CA SER E 90 -80.99 32.73 34.86
C SER E 90 -82.14 33.50 35.47
N HIS E 91 -81.98 34.82 35.62
CA HIS E 91 -83.03 35.69 36.10
C HIS E 91 -83.04 36.97 35.27
N GLY E 92 -84.16 37.67 35.30
CA GLY E 92 -84.27 38.92 34.56
C GLY E 92 -84.76 38.70 33.14
N SER E 93 -85.46 39.71 32.64
CA SER E 93 -86.07 39.64 31.32
C SER E 93 -85.12 40.20 30.26
N HIS E 94 -85.45 39.94 29.00
CA HIS E 94 -84.63 40.45 27.90
C HIS E 94 -84.49 41.97 27.97
N GLU E 95 -85.52 42.64 28.51
CA GLU E 95 -85.49 44.09 28.63
C GLU E 95 -84.66 44.53 29.84
N TYR E 96 -84.68 43.73 30.90
CA TYR E 96 -83.86 44.01 32.07
C TYR E 96 -82.38 44.02 31.71
N HIS E 97 -81.92 43.01 30.97
CA HIS E 97 -80.52 42.95 30.58
C HIS E 97 -80.17 44.03 29.56
N ALA E 98 -81.11 44.36 28.67
CA ALA E 98 -80.85 45.42 27.69
C ALA E 98 -80.53 46.74 28.38
N GLU E 99 -81.25 47.05 29.46
CA GLU E 99 -80.93 48.24 30.24
C GLU E 99 -79.57 48.09 30.92
N SER E 100 -79.28 46.89 31.45
CA SER E 100 -77.98 46.65 32.06
C SER E 100 -76.84 46.90 31.08
N ILE E 101 -76.99 46.45 29.84
CA ILE E 101 -75.94 46.64 28.83
C ILE E 101 -75.70 48.12 28.58
N ALA E 102 -76.79 48.90 28.48
CA ALA E 102 -76.66 50.33 28.23
C ALA E 102 -76.00 51.04 29.41
N ASN E 103 -76.33 50.63 30.64
CA ASN E 103 -75.69 51.23 31.80
C ASN E 103 -74.21 50.89 31.84
N VAL E 104 -73.85 49.64 31.54
CA VAL E 104 -72.44 49.27 31.46
C VAL E 104 -71.74 50.10 30.39
N ARG E 105 -72.33 50.16 29.20
CA ARG E 105 -71.69 50.87 28.10
C ARG E 105 -71.58 52.37 28.39
N GLU E 106 -72.60 52.94 29.04
CA GLU E 106 -72.51 54.35 29.42
C GLU E 106 -71.38 54.58 30.42
N ALA E 107 -71.28 53.71 31.43
CA ALA E 107 -70.18 53.84 32.40
C ALA E 107 -68.82 53.60 31.74
N VAL E 108 -68.75 52.71 30.76
CA VAL E 108 -67.47 52.43 30.09
C VAL E 108 -67.07 53.61 29.20
N GLU E 109 -67.99 54.08 28.35
CA GLU E 109 -67.61 55.17 27.47
C GLU E 109 -67.47 56.50 28.18
N SER E 110 -67.89 56.59 29.45
CA SER E 110 -67.72 57.84 30.19
C SER E 110 -66.26 58.18 30.42
N PHE E 111 -65.37 57.19 30.34
CA PHE E 111 -63.93 57.43 30.50
C PHE E 111 -63.22 57.69 29.18
N ALA E 112 -63.91 57.53 28.04
CA ALA E 112 -63.26 57.64 26.75
C ALA E 112 -62.70 59.03 26.47
N GLY E 113 -63.05 60.02 27.29
CA GLY E 113 -62.50 61.37 27.12
C GLY E 113 -61.00 61.44 27.28
N SER E 114 -60.40 60.48 27.99
CA SER E 114 -58.95 60.39 28.18
C SER E 114 -58.48 59.06 27.60
N PRO E 115 -58.04 59.04 26.34
CA PRO E 115 -57.66 57.75 25.72
C PRO E 115 -56.48 57.09 26.40
N LEU E 116 -55.60 57.85 27.05
CA LEU E 116 -54.45 57.26 27.72
C LEU E 116 -54.83 56.48 28.97
N SER E 117 -56.03 56.70 29.51
CA SER E 117 -56.49 56.01 30.71
C SER E 117 -57.70 55.12 30.46
N TYR E 118 -58.20 55.07 29.23
CA TYR E 118 -59.43 54.33 28.94
C TYR E 118 -59.23 52.84 29.19
N ARG E 119 -60.18 52.21 29.87
CA ARG E 119 -60.13 50.79 30.14
C ARG E 119 -61.28 50.09 29.42
N PRO E 120 -60.99 49.27 28.41
CA PRO E 120 -62.06 48.46 27.80
C PRO E 120 -62.65 47.50 28.83
N VAL E 121 -63.96 47.28 28.71
CA VAL E 121 -64.68 46.35 29.58
C VAL E 121 -65.51 45.43 28.69
N ALA E 122 -65.29 44.12 28.84
CA ALA E 122 -66.08 43.18 28.06
C ALA E 122 -67.45 42.98 28.68
N ILE E 123 -68.38 42.47 27.87
CA ILE E 123 -69.71 42.11 28.34
C ILE E 123 -69.91 40.63 28.05
N ALA E 124 -70.24 39.86 29.09
CA ALA E 124 -70.39 38.42 28.99
C ALA E 124 -71.82 38.02 29.28
N LEU E 125 -72.32 37.08 28.49
CA LEU E 125 -73.67 36.55 28.64
C LEU E 125 -73.58 35.14 29.21
N ASP E 126 -74.15 34.92 30.38
CA ASP E 126 -74.17 33.61 31.02
C ASP E 126 -75.48 32.91 30.69
N THR E 127 -75.38 31.74 30.07
CA THR E 127 -76.56 30.97 29.67
C THR E 127 -77.27 30.38 30.89
N LYS E 128 -78.61 30.44 30.87
CA LYS E 128 -79.39 29.83 31.94
C LYS E 128 -79.19 28.32 31.97
N GLY E 129 -79.25 27.68 30.81
CA GLY E 129 -79.06 26.25 30.71
C GLY E 129 -80.21 25.47 31.29
N PRO E 130 -80.04 24.16 31.43
CA PRO E 130 -81.10 23.33 31.99
C PRO E 130 -81.36 23.65 33.46
N GLU E 131 -82.64 23.69 33.82
CA GLU E 131 -83.05 23.96 35.20
C GLU E 131 -84.16 23.01 35.59
N ILE E 132 -84.01 22.37 36.75
CA ILE E 132 -85.06 21.54 37.34
C ILE E 132 -85.44 22.16 38.67
N ARG E 133 -86.74 22.41 38.84
CA ARG E 133 -87.24 23.10 40.03
C ARG E 133 -88.34 22.27 40.69
N THR E 134 -88.49 22.44 42.00
CA THR E 134 -89.54 21.77 42.73
C THR E 134 -90.85 22.56 42.61
N GLY E 135 -91.93 21.95 43.11
CA GLY E 135 -93.23 22.59 43.10
C GLY E 135 -93.46 23.43 44.34
N ILE E 136 -94.60 24.11 44.36
CA ILE E 136 -94.99 24.93 45.51
C ILE E 136 -95.71 24.05 46.52
N LEU E 137 -95.54 24.38 47.79
CA LEU E 137 -96.18 23.63 48.85
C LEU E 137 -97.56 24.20 49.15
N GLN E 138 -97.74 24.73 50.35
CA GLN E 138 -98.98 25.43 50.71
C GLN E 138 -98.83 26.94 50.62
N GLY E 139 -98.11 27.40 49.60
CA GLY E 139 -97.83 28.81 49.40
C GLY E 139 -96.34 29.10 49.44
N GLY E 140 -96.01 30.35 49.16
CA GLY E 140 -94.64 30.81 49.24
C GLY E 140 -94.45 31.82 50.35
N PRO E 141 -94.51 33.12 50.01
CA PRO E 141 -94.37 34.22 50.97
C PRO E 141 -95.66 34.51 51.73
N VAL E 145 -92.48 27.19 52.19
CA VAL E 145 -92.83 27.06 53.59
C VAL E 145 -91.73 26.31 54.35
N GLU E 146 -91.94 25.02 54.61
CA GLU E 146 -90.98 24.25 55.40
C GLU E 146 -91.21 22.75 55.16
N LEU E 147 -90.34 21.95 55.77
CA LEU E 147 -90.35 20.49 55.61
C LEU E 147 -89.53 19.88 56.74
N VAL E 148 -89.72 18.57 56.96
CA VAL E 148 -89.02 17.86 58.03
C VAL E 148 -87.85 17.09 57.42
N LYS E 149 -87.32 16.11 58.14
CA LYS E 149 -86.06 15.47 57.76
C LYS E 149 -86.01 14.04 58.28
N GLY E 150 -85.02 13.30 57.79
CA GLY E 150 -84.71 11.96 58.27
C GLY E 150 -85.73 10.88 57.96
N SER E 151 -86.82 11.21 57.27
CA SER E 151 -87.91 10.29 57.01
C SER E 151 -87.94 9.90 55.53
N GLN E 152 -88.93 9.10 55.15
CA GLN E 152 -89.12 8.70 53.77
C GLN E 152 -89.98 9.72 53.03
N VAL E 153 -89.59 10.01 51.79
CA VAL E 153 -90.24 11.06 50.99
C VAL E 153 -90.49 10.51 49.59
N LEU E 154 -91.67 10.82 49.05
CA LEU E 154 -92.08 10.36 47.72
C LEU E 154 -91.98 11.53 46.74
N VAL E 155 -91.16 11.36 45.70
CA VAL E 155 -90.99 12.37 44.66
C VAL E 155 -91.79 11.95 43.43
N THR E 156 -92.67 12.84 42.97
CA THR E 156 -93.57 12.54 41.86
C THR E 156 -93.44 13.60 40.77
N VAL E 157 -93.87 13.22 39.56
CA VAL E 157 -93.99 14.11 38.42
C VAL E 157 -95.45 14.34 38.03
N ASP E 158 -96.40 13.81 38.80
CA ASP E 158 -97.81 13.94 38.48
C ASP E 158 -98.18 15.42 38.53
N PRO E 159 -98.80 15.97 37.48
CA PRO E 159 -99.17 17.39 37.49
C PRO E 159 -100.19 17.76 38.56
N ALA E 160 -100.91 16.82 39.16
CA ALA E 160 -101.86 17.19 40.20
C ALA E 160 -101.16 17.56 41.50
N PHE E 161 -100.00 16.96 41.79
CA PHE E 161 -99.23 17.30 42.98
C PHE E 161 -98.31 18.50 42.78
N ARG E 162 -98.38 19.17 41.62
CA ARG E 162 -97.55 20.34 41.39
C ARG E 162 -97.84 21.48 42.34
N THR E 163 -98.97 21.45 43.05
CA THR E 163 -99.39 22.53 43.92
C THR E 163 -99.55 22.11 45.38
N ARG E 164 -99.31 20.84 45.72
CA ARG E 164 -99.52 20.33 47.08
C ARG E 164 -98.31 19.49 47.50
N GLY E 165 -97.21 20.17 47.83
CA GLY E 165 -96.06 19.52 48.41
C GLY E 165 -96.12 19.55 49.93
N ASN E 166 -95.49 18.57 50.57
CA ASN E 166 -95.52 18.47 52.02
C ASN E 166 -94.22 17.81 52.48
N ALA E 167 -94.21 17.37 53.74
CA ALA E 167 -93.01 16.79 54.34
C ALA E 167 -92.64 15.44 53.71
N ASN E 168 -93.58 14.79 53.03
CA ASN E 168 -93.32 13.48 52.42
C ASN E 168 -93.66 13.47 50.93
N THR E 169 -93.86 14.62 50.31
CA THR E 169 -94.20 14.70 48.89
C THR E 169 -93.47 15.87 48.28
N VAL E 170 -92.76 15.61 47.18
CA VAL E 170 -92.04 16.63 46.43
C VAL E 170 -92.34 16.43 44.95
N TRP E 171 -92.65 17.53 44.25
CA TRP E 171 -92.96 17.51 42.82
C TRP E 171 -91.90 18.30 42.08
N VAL E 172 -91.45 17.78 40.94
CA VAL E 172 -90.47 18.46 40.11
C VAL E 172 -91.06 18.62 38.71
N ASP E 173 -90.51 19.60 37.98
CA ASP E 173 -90.96 19.90 36.62
C ASP E 173 -90.17 19.15 35.56
N TYR E 174 -89.56 18.01 35.91
CA TYR E 174 -88.79 17.19 34.96
C TYR E 174 -89.35 15.78 35.03
N PRO E 175 -90.22 15.38 34.08
CA PRO E 175 -90.89 14.08 34.20
C PRO E 175 -89.96 12.87 34.10
N ASN E 176 -88.80 13.01 33.47
CA ASN E 176 -87.90 11.88 33.26
C ASN E 176 -87.03 11.56 34.47
N ILE E 177 -87.33 12.16 35.63
CA ILE E 177 -86.59 11.81 36.85
C ILE E 177 -86.97 10.41 37.33
N VAL E 178 -88.14 9.90 36.94
CA VAL E 178 -88.66 8.63 37.41
C VAL E 178 -87.98 7.48 36.66
N ARG E 179 -87.16 7.81 35.68
CA ARG E 179 -86.44 6.80 34.92
C ARG E 179 -84.94 7.02 34.87
N VAL E 180 -84.44 8.13 35.41
CA VAL E 180 -83.01 8.46 35.33
C VAL E 180 -82.28 8.08 36.61
N VAL E 181 -82.90 8.30 37.76
CA VAL E 181 -82.30 7.97 39.05
C VAL E 181 -82.71 6.54 39.40
N PRO E 182 -81.76 5.59 39.49
CA PRO E 182 -82.13 4.19 39.79
C PRO E 182 -82.22 3.93 41.28
N VAL E 183 -82.29 2.66 41.66
CA VAL E 183 -82.21 2.31 43.08
C VAL E 183 -80.77 2.48 43.53
N GLY E 184 -80.58 3.27 44.58
CA GLY E 184 -79.27 3.71 45.02
C GLY E 184 -78.95 5.14 44.65
N GLY E 185 -79.68 5.73 43.69
CA GLY E 185 -79.37 7.05 43.20
C GLY E 185 -79.68 8.14 44.21
N ARG E 186 -79.09 9.31 43.96
CA ARG E 186 -79.19 10.45 44.85
C ARG E 186 -79.82 11.64 44.12
N ILE E 187 -80.47 12.51 44.90
CA ILE E 187 -81.18 13.66 44.37
C ILE E 187 -81.03 14.82 45.36
N TYR E 188 -80.57 15.97 44.86
CA TYR E 188 -80.28 17.14 45.68
C TYR E 188 -81.30 18.24 45.42
N ILE E 189 -81.74 18.91 46.50
CA ILE E 189 -82.73 19.99 46.42
C ILE E 189 -82.16 21.21 47.15
N ASP E 190 -82.49 22.40 46.64
CA ASP E 190 -82.08 23.67 47.24
C ASP E 190 -80.57 23.75 47.35
N ASP E 191 -79.92 24.22 46.28
CA ASP E 191 -78.50 24.00 46.09
C ASP E 191 -78.24 22.52 46.29
N GLY E 192 -77.51 22.19 47.35
CA GLY E 192 -77.34 20.81 47.78
C GLY E 192 -77.46 20.69 49.28
N LEU E 193 -78.42 21.43 49.86
CA LEU E 193 -78.56 21.51 51.30
C LEU E 193 -79.40 20.39 51.89
N ILE E 194 -80.31 19.81 51.11
CA ILE E 194 -80.99 18.58 51.47
C ILE E 194 -80.78 17.58 50.34
N SER E 195 -80.82 16.29 50.67
CA SER E 195 -80.54 15.25 49.69
C SER E 195 -81.43 14.04 49.95
N LEU E 196 -81.79 13.36 48.87
CA LEU E 196 -82.58 12.14 48.95
C LEU E 196 -81.84 10.99 48.27
N VAL E 197 -81.99 9.79 48.82
CA VAL E 197 -81.53 8.58 48.15
C VAL E 197 -82.72 8.05 47.36
N VAL E 198 -82.97 6.74 47.44
CA VAL E 198 -84.25 6.15 47.04
C VAL E 198 -84.56 5.01 48.01
N GLY E 205 -94.74 8.00 42.31
CA GLY E 205 -93.43 8.21 41.77
C GLY E 205 -92.34 7.34 42.39
N LEU E 206 -91.30 7.99 42.92
CA LEU E 206 -90.17 7.29 43.52
C LEU E 206 -90.21 7.43 45.04
N VAL E 207 -89.86 6.35 45.74
CA VAL E 207 -89.82 6.32 47.19
C VAL E 207 -88.38 6.53 47.63
N THR E 208 -88.12 7.63 48.33
CA THR E 208 -86.78 8.01 48.72
C THR E 208 -86.72 8.28 50.23
N GLN E 209 -85.53 8.18 50.79
CA GLN E 209 -85.28 8.49 52.19
C GLN E 209 -84.50 9.78 52.29
N VAL E 210 -84.86 10.62 53.26
CA VAL E 210 -84.17 11.89 53.48
C VAL E 210 -82.82 11.63 54.11
N GLU E 211 -81.76 11.62 53.29
CA GLU E 211 -80.42 11.47 53.83
C GLU E 211 -80.01 12.72 54.60
N ASN E 212 -80.15 13.89 53.98
CA ASN E 212 -79.88 15.17 54.61
C ASN E 212 -81.17 15.98 54.61
N GLY E 213 -81.50 16.55 55.77
CA GLY E 213 -82.72 17.31 55.93
C GLY E 213 -82.48 18.81 55.99
N GLY E 214 -83.58 19.54 56.05
CA GLY E 214 -83.51 20.98 56.13
C GLY E 214 -84.87 21.60 55.85
N VAL E 215 -84.87 22.93 55.84
CA VAL E 215 -86.09 23.69 55.60
C VAL E 215 -86.27 23.81 54.09
N LEU E 216 -87.28 23.12 53.56
CA LEU E 216 -87.55 23.12 52.12
C LEU E 216 -88.54 24.22 51.78
N GLY E 217 -88.14 25.14 50.92
CA GLY E 217 -89.01 26.19 50.43
C GLY E 217 -89.80 25.74 49.22
N SER E 218 -90.30 26.73 48.47
CA SER E 218 -91.09 26.49 47.28
C SER E 218 -90.25 26.77 46.04
N ARG E 219 -90.37 25.90 45.03
CA ARG E 219 -89.69 26.05 43.75
C ARG E 219 -88.17 26.17 43.91
N LYS E 220 -87.59 25.12 44.48
CA LYS E 220 -86.16 25.07 44.75
C LYS E 220 -85.42 24.28 43.68
N GLY E 221 -84.15 24.60 43.50
CA GLY E 221 -83.37 23.97 42.44
C GLY E 221 -83.06 22.52 42.74
N VAL E 222 -82.95 21.73 41.66
CA VAL E 222 -82.73 20.30 41.73
C VAL E 222 -81.47 19.96 40.95
N ASN E 223 -80.61 19.13 41.54
CA ASN E 223 -79.43 18.60 40.87
C ASN E 223 -79.42 17.09 41.00
N LEU E 224 -79.07 16.40 39.91
CA LEU E 224 -79.02 14.94 39.88
C LEU E 224 -77.59 14.48 39.66
N PRO E 225 -76.85 14.15 40.72
CA PRO E 225 -75.45 13.76 40.55
C PRO E 225 -75.32 12.39 39.89
N GLY E 226 -74.34 12.27 39.00
CA GLY E 226 -74.06 11.02 38.32
C GLY E 226 -75.26 10.43 37.63
N ALA E 227 -76.03 11.25 36.92
CA ALA E 227 -77.29 10.83 36.31
C ALA E 227 -77.24 11.11 34.82
N GLN E 228 -77.64 10.13 34.02
CA GLN E 228 -77.78 10.35 32.59
C GLN E 228 -78.91 11.32 32.31
N VAL E 229 -78.70 12.21 31.36
CA VAL E 229 -79.66 13.27 31.05
C VAL E 229 -79.89 13.31 29.55
N ASP E 230 -81.16 13.24 29.14
CA ASP E 230 -81.55 13.47 27.77
C ASP E 230 -82.04 14.90 27.55
N LEU E 231 -81.81 15.79 28.51
CA LEU E 231 -82.18 17.18 28.36
C LEU E 231 -81.42 17.79 27.19
N PRO E 232 -82.03 18.73 26.46
CA PRO E 232 -81.38 19.27 25.26
C PRO E 232 -80.11 20.02 25.60
N GLY E 233 -79.10 19.87 24.74
CA GLY E 233 -77.86 20.62 24.91
C GLY E 233 -78.08 22.11 24.89
N LEU E 234 -79.08 22.57 24.14
CA LEU E 234 -79.44 23.98 24.10
C LEU E 234 -80.95 24.11 24.17
N SER E 235 -81.44 24.73 25.23
CA SER E 235 -82.87 24.99 25.36
C SER E 235 -83.32 26.02 24.34
N GLU E 236 -84.59 25.96 23.98
CA GLU E 236 -85.14 26.94 23.05
C GLU E 236 -85.09 28.35 23.65
N GLN E 237 -85.19 28.46 24.98
CA GLN E 237 -85.02 29.75 25.63
C GLN E 237 -83.57 30.22 25.54
N ASP E 238 -82.61 29.29 25.63
CA ASP E 238 -81.21 29.64 25.47
C ASP E 238 -80.92 30.20 24.08
N VAL E 239 -81.53 29.61 23.05
CA VAL E 239 -81.35 30.11 21.70
C VAL E 239 -81.83 31.55 21.58
N ARG E 240 -82.97 31.86 22.20
CA ARG E 240 -83.46 33.24 22.16
C ARG E 240 -82.56 34.17 22.98
N ASP E 241 -81.94 33.66 24.05
CA ASP E 241 -80.99 34.47 24.80
C ASP E 241 -79.71 34.71 24.00
N LEU E 242 -79.24 33.69 23.28
CA LEU E 242 -78.05 33.85 22.46
C LEU E 242 -78.28 34.81 21.31
N ARG E 243 -79.42 34.68 20.62
CA ARG E 243 -79.76 35.62 19.56
C ARG E 243 -79.83 37.04 20.10
N PHE E 244 -80.35 37.20 21.31
CA PHE E 244 -80.35 38.50 21.98
C PHE E 244 -78.92 39.02 22.14
N GLY E 245 -78.00 38.15 22.58
CA GLY E 245 -76.63 38.60 22.78
C GLY E 245 -75.97 39.05 21.50
N VAL E 246 -76.19 38.33 20.40
CA VAL E 246 -75.62 38.73 19.12
C VAL E 246 -76.16 40.10 18.71
N GLU E 247 -77.44 40.36 19.01
CA GLU E 247 -78.06 41.62 18.63
C GLU E 247 -77.46 42.80 19.36
N HIS E 248 -77.15 42.64 20.65
CA HIS E 248 -76.61 43.71 21.47
C HIS E 248 -75.09 43.72 21.52
N GLY E 249 -74.43 42.87 20.74
CA GLY E 249 -72.98 42.86 20.67
C GLY E 249 -72.27 42.46 21.95
N VAL E 250 -72.64 41.33 22.53
CA VAL E 250 -71.88 40.82 23.66
C VAL E 250 -70.52 40.36 23.17
N ASP E 251 -69.53 40.38 24.06
CA ASP E 251 -68.19 39.96 23.69
C ASP E 251 -67.96 38.48 23.97
N ILE E 252 -68.54 37.96 25.06
CA ILE E 252 -68.29 36.60 25.52
C ILE E 252 -69.61 35.96 25.91
N VAL E 253 -69.69 34.64 25.72
CA VAL E 253 -70.84 33.85 26.13
C VAL E 253 -70.34 32.73 27.05
N PHE E 254 -70.94 32.62 28.23
CA PHE E 254 -70.72 31.50 29.14
C PHE E 254 -71.82 30.47 28.94
N ALA E 255 -71.49 29.34 28.33
CA ALA E 255 -72.49 28.31 28.00
C ALA E 255 -72.57 27.31 29.14
N SER E 256 -73.72 27.26 29.80
CA SER E 256 -73.86 26.48 31.02
C SER E 256 -74.05 24.99 30.74
N PHE E 257 -73.59 24.18 31.69
CA PHE E 257 -73.80 22.73 31.71
C PHE E 257 -73.38 22.07 30.39
N VAL E 258 -72.17 22.39 29.94
CA VAL E 258 -71.61 21.78 28.75
C VAL E 258 -71.08 20.39 29.11
N ARG E 259 -71.63 19.35 28.45
CA ARG E 259 -71.29 17.98 28.76
C ARG E 259 -70.55 17.26 27.65
N LYS E 260 -70.58 17.77 26.43
CA LYS E 260 -69.93 17.12 25.30
C LYS E 260 -69.64 18.18 24.23
N ALA E 261 -68.83 17.79 23.25
CA ALA E 261 -68.44 18.71 22.19
C ALA E 261 -69.65 19.21 21.39
N SER E 262 -70.69 18.37 21.26
CA SER E 262 -71.86 18.78 20.49
C SER E 262 -72.61 19.92 21.18
N ASP E 263 -72.51 20.01 22.51
CA ASP E 263 -73.22 21.05 23.24
C ASP E 263 -72.74 22.44 22.83
N VAL E 264 -71.42 22.64 22.80
CA VAL E 264 -70.88 23.94 22.46
C VAL E 264 -70.95 24.19 20.95
N ALA E 265 -70.91 23.13 20.14
CA ALA E 265 -71.16 23.29 18.71
C ALA E 265 -72.57 23.78 18.45
N ALA E 266 -73.53 23.33 19.27
CA ALA E 266 -74.90 23.83 19.13
C ALA E 266 -75.02 25.27 19.57
N VAL E 267 -74.21 25.71 20.54
CA VAL E 267 -74.16 27.11 20.92
C VAL E 267 -73.58 27.94 19.78
N ARG E 268 -72.56 27.41 19.08
CA ARG E 268 -71.98 28.12 17.95
C ARG E 268 -72.99 28.28 16.83
N ALA E 269 -73.79 27.24 16.56
CA ALA E 269 -74.80 27.34 15.52
C ALA E 269 -75.87 28.36 15.87
N ALA E 270 -76.26 28.43 17.14
CA ALA E 270 -77.26 29.42 17.55
C ALA E 270 -76.72 30.84 17.39
N LEU E 271 -75.44 31.04 17.71
CA LEU E 271 -74.83 32.35 17.46
C LEU E 271 -74.81 32.65 15.97
N GLY E 272 -74.57 31.64 15.15
CA GLY E 272 -74.60 31.77 13.71
C GLY E 272 -73.43 32.57 13.17
N PRO E 273 -73.43 32.81 11.86
CA PRO E 273 -72.37 33.64 11.27
C PRO E 273 -72.36 35.06 11.80
N GLU E 274 -73.51 35.58 12.24
CA GLU E 274 -73.56 36.92 12.81
C GLU E 274 -72.70 37.03 14.06
N GLY E 275 -72.65 35.98 14.87
CA GLY E 275 -71.87 36.02 16.09
C GLY E 275 -70.66 35.10 16.06
N HIS E 276 -70.07 34.94 14.88
CA HIS E 276 -68.91 34.05 14.74
C HIS E 276 -67.69 34.57 15.48
N GLY E 277 -67.64 35.86 15.81
CA GLY E 277 -66.51 36.42 16.52
C GLY E 277 -66.73 36.52 18.01
N ILE E 278 -67.73 35.82 18.52
CA ILE E 278 -68.03 35.81 19.95
C ILE E 278 -67.27 34.65 20.59
N LYS E 279 -66.56 34.94 21.68
CA LYS E 279 -65.80 33.92 22.39
C LYS E 279 -66.72 33.08 23.26
N ILE E 280 -66.61 31.76 23.15
CA ILE E 280 -67.46 30.82 23.88
C ILE E 280 -66.64 30.22 25.01
N ILE E 281 -67.10 30.41 26.25
CA ILE E 281 -66.49 29.81 27.43
C ILE E 281 -67.44 28.75 27.95
N SER E 282 -67.02 27.50 27.91
CA SER E 282 -67.85 26.39 28.37
C SER E 282 -67.76 26.26 29.88
N LYS E 283 -68.91 26.29 30.56
CA LYS E 283 -68.97 26.05 31.99
C LYS E 283 -69.01 24.56 32.25
N ILE E 284 -68.01 24.05 32.96
CA ILE E 284 -67.99 22.64 33.37
C ILE E 284 -68.67 22.54 34.73
N GLU E 285 -69.77 21.81 34.79
CA GLU E 285 -70.66 21.86 35.94
C GLU E 285 -71.03 20.50 36.51
N ASN E 286 -70.70 19.40 35.86
CA ASN E 286 -71.11 18.09 36.36
C ASN E 286 -70.07 17.05 35.98
N HIS E 287 -70.35 15.80 36.34
CA HIS E 287 -69.37 14.72 36.20
C HIS E 287 -68.99 14.49 34.74
N GLU E 288 -69.98 14.41 33.85
CA GLU E 288 -69.70 14.14 32.45
C GLU E 288 -68.90 15.27 31.80
N GLY E 289 -69.17 16.52 32.20
CA GLY E 289 -68.36 17.62 31.70
C GLY E 289 -66.91 17.51 32.12
N VAL E 290 -66.65 16.92 33.29
CA VAL E 290 -65.26 16.76 33.74
C VAL E 290 -64.60 15.59 33.02
N LYS E 291 -65.30 14.47 32.89
CA LYS E 291 -64.67 13.28 32.32
C LYS E 291 -64.44 13.44 30.82
N ARG E 292 -65.31 14.17 30.13
CA ARG E 292 -65.13 14.48 28.72
C ARG E 292 -64.55 15.88 28.50
N PHE E 293 -63.85 16.41 29.50
CA PHE E 293 -63.28 17.75 29.41
C PHE E 293 -62.38 17.91 28.20
N ASP E 294 -61.67 16.85 27.80
CA ASP E 294 -60.73 16.96 26.69
C ASP E 294 -61.44 17.36 25.40
N GLU E 295 -62.47 16.60 25.01
CA GLU E 295 -63.19 16.94 23.78
C GLU E 295 -63.87 18.30 23.89
N ILE E 296 -64.25 18.72 25.09
CA ILE E 296 -64.88 20.02 25.28
C ILE E 296 -63.87 21.13 25.05
N LEU E 297 -62.62 20.92 25.48
CA LEU E 297 -61.64 21.99 25.45
C LEU E 297 -61.15 22.25 24.02
N GLU E 298 -61.02 21.21 23.20
CA GLU E 298 -60.52 21.42 21.83
C GLU E 298 -61.43 22.34 21.04
N VAL E 299 -62.74 22.29 21.32
CA VAL E 299 -63.72 23.00 20.51
C VAL E 299 -64.13 24.34 21.13
N SER E 300 -63.95 24.51 22.43
CA SER E 300 -64.30 25.77 23.07
C SER E 300 -63.14 26.76 22.97
N ASP E 301 -63.43 28.03 23.26
CA ASP E 301 -62.41 29.06 23.36
C ASP E 301 -61.83 29.19 24.76
N GLY E 302 -62.50 28.61 25.75
CA GLY E 302 -62.05 28.67 27.13
C GLY E 302 -62.93 27.79 27.97
N ILE E 303 -62.60 27.74 29.25
CA ILE E 303 -63.31 26.88 30.19
C ILE E 303 -63.62 27.70 31.44
N MET E 304 -64.76 27.43 32.03
CA MET E 304 -65.12 28.02 33.31
C MET E 304 -65.35 26.91 34.31
N VAL E 305 -64.66 26.98 35.45
CA VAL E 305 -64.85 26.03 36.55
C VAL E 305 -66.03 26.55 37.36
N ALA E 306 -67.23 26.03 37.10
CA ALA E 306 -68.43 26.46 37.80
C ALA E 306 -68.55 25.65 39.10
N ARG E 307 -67.81 26.09 40.12
CA ARG E 307 -67.75 25.31 41.35
C ARG E 307 -69.10 25.24 42.04
N GLY E 308 -69.98 26.21 41.80
CA GLY E 308 -71.30 26.21 42.38
C GLY E 308 -72.09 24.95 42.12
N ASP E 309 -72.53 24.75 40.87
CA ASP E 309 -73.23 23.51 40.55
C ASP E 309 -72.30 22.31 40.62
N LEU E 310 -71.03 22.48 40.26
CA LEU E 310 -70.09 21.36 40.32
C LEU E 310 -69.93 20.84 41.75
N GLY E 311 -69.94 21.74 42.73
CA GLY E 311 -69.90 21.35 44.13
C GLY E 311 -71.10 20.55 44.61
N ILE E 312 -72.16 20.47 43.80
CA ILE E 312 -73.28 19.59 44.09
C ILE E 312 -73.22 18.32 43.25
N GLU E 313 -72.83 18.45 41.98
CA GLU E 313 -72.86 17.30 41.08
C GLU E 313 -71.83 16.25 41.44
N ILE E 314 -70.69 16.66 42.00
CA ILE E 314 -69.69 15.72 42.51
C ILE E 314 -69.49 16.04 43.99
N PRO E 315 -68.94 15.12 44.77
CA PRO E 315 -68.71 15.39 46.19
C PRO E 315 -67.88 16.65 46.38
N ALA E 316 -68.28 17.46 47.37
CA ALA E 316 -67.67 18.77 47.54
C ALA E 316 -66.18 18.67 47.86
N GLU E 317 -65.75 17.58 48.49
CA GLU E 317 -64.33 17.42 48.79
C GLU E 317 -63.48 17.30 47.53
N LYS E 318 -64.09 16.98 46.39
CA LYS E 318 -63.37 16.70 45.15
C LYS E 318 -63.32 17.89 44.20
N VAL E 319 -63.94 19.02 44.56
CA VAL E 319 -64.01 20.15 43.64
C VAL E 319 -62.61 20.70 43.38
N PHE E 320 -61.78 20.81 44.42
CA PHE E 320 -60.43 21.32 44.22
C PHE E 320 -59.62 20.46 43.25
N LEU E 321 -59.87 19.14 43.24
CA LEU E 321 -59.23 18.28 42.25
C LEU E 321 -59.63 18.69 40.83
N ALA E 322 -60.93 18.91 40.61
CA ALA E 322 -61.41 19.27 39.28
C ALA E 322 -60.89 20.64 38.87
N GLN E 323 -60.86 21.59 39.81
CA GLN E 323 -60.39 22.93 39.50
C GLN E 323 -58.92 22.91 39.07
N LYS E 324 -58.09 22.16 39.79
CA LYS E 324 -56.67 22.12 39.47
C LYS E 324 -56.40 21.37 38.18
N MET E 325 -57.12 20.27 37.95
CA MET E 325 -56.94 19.53 36.70
C MET E 325 -57.32 20.39 35.50
N MET E 326 -58.45 21.09 35.56
CA MET E 326 -58.92 21.89 34.44
C MET E 326 -58.01 23.09 34.19
N ILE E 327 -57.58 23.77 35.27
CA ILE E 327 -56.66 24.90 35.09
C ILE E 327 -55.36 24.42 34.47
N GLY E 328 -54.84 23.29 34.96
CA GLY E 328 -53.61 22.74 34.40
C GLY E 328 -53.75 22.41 32.91
N ARG E 329 -54.84 21.72 32.55
CA ARG E 329 -55.03 21.35 31.16
C ARG E 329 -55.27 22.57 30.27
N CYS E 330 -55.88 23.63 30.82
CA CYS E 330 -56.08 24.85 30.05
C CYS E 330 -54.76 25.60 29.86
N ASN E 331 -53.95 25.69 30.93
CA ASN E 331 -52.61 26.27 30.81
C ASN E 331 -51.79 25.52 29.76
N LEU E 332 -51.87 24.19 29.78
CA LEU E 332 -51.17 23.39 28.79
C LEU E 332 -51.68 23.69 27.38
N ALA E 333 -52.99 23.78 27.22
CA ALA E 333 -53.57 24.06 25.91
C ALA E 333 -53.49 25.53 25.53
N GLY E 334 -53.09 26.40 26.44
CA GLY E 334 -53.01 27.81 26.14
C GLY E 334 -54.34 28.53 26.01
N LYS E 335 -55.41 27.99 26.61
CA LYS E 335 -56.73 28.59 26.52
C LYS E 335 -57.16 29.16 27.87
N PRO E 336 -57.90 30.27 27.88
CA PRO E 336 -58.30 30.89 29.15
C PRO E 336 -59.12 29.94 30.01
N VAL E 337 -58.99 30.11 31.32
CA VAL E 337 -59.76 29.34 32.29
C VAL E 337 -60.22 30.27 33.41
N VAL E 338 -61.50 30.17 33.78
CA VAL E 338 -62.12 31.06 34.75
C VAL E 338 -62.49 30.26 35.99
N CYS E 339 -62.16 30.80 37.16
CA CYS E 339 -62.57 30.24 38.44
C CYS E 339 -63.68 31.09 39.04
N ALA E 340 -64.75 30.45 39.49
CA ALA E 340 -65.97 31.19 39.82
C ALA E 340 -66.71 30.56 40.99
N THR E 341 -67.49 31.41 41.67
CA THR E 341 -68.53 31.08 42.65
C THR E 341 -68.02 31.00 44.09
N GLN E 342 -68.62 31.78 44.98
CA GLN E 342 -68.37 31.76 46.42
C GLN E 342 -66.91 32.05 46.76
N MET E 343 -66.25 32.87 45.94
CA MET E 343 -64.85 33.17 46.21
C MET E 343 -64.69 34.19 47.33
N LEU E 344 -65.63 35.12 47.45
CA LEU E 344 -65.66 36.07 48.55
C LEU E 344 -67.08 36.18 49.08
N GLU E 345 -67.69 35.01 49.32
CA GLU E 345 -69.12 34.93 49.66
C GLU E 345 -69.47 35.79 50.88
N SER E 346 -68.63 35.76 51.92
CA SER E 346 -68.95 36.47 53.15
C SER E 346 -69.09 37.97 52.93
N MET E 347 -68.40 38.52 51.93
CA MET E 347 -68.47 39.95 51.64
C MET E 347 -69.82 40.40 51.11
N ILE E 348 -70.75 39.47 50.83
CA ILE E 348 -72.11 39.86 50.49
C ILE E 348 -72.71 40.70 51.61
N THR E 349 -72.48 40.29 52.87
CA THR E 349 -72.98 41.03 54.02
C THR E 349 -71.89 41.64 54.90
N LYS E 350 -70.61 41.34 54.64
CA LYS E 350 -69.57 41.81 55.54
C LYS E 350 -68.56 42.67 54.78
N PRO E 351 -67.93 43.64 55.47
CA PRO E 351 -66.97 44.51 54.78
C PRO E 351 -65.63 43.86 54.48
N ARG E 352 -65.27 42.79 55.19
CA ARG E 352 -64.00 42.11 54.99
C ARG E 352 -64.24 40.62 54.78
N PRO E 353 -63.45 39.99 53.92
CA PRO E 353 -63.64 38.55 53.67
C PRO E 353 -63.03 37.72 54.79
N THR E 354 -63.32 36.43 54.76
CA THR E 354 -62.73 35.51 55.71
C THR E 354 -61.32 35.11 55.25
N ARG E 355 -60.56 34.51 56.17
CA ARG E 355 -59.22 34.04 55.82
C ARG E 355 -59.28 32.96 54.73
N ALA E 356 -60.33 32.13 54.74
CA ALA E 356 -60.44 31.09 53.72
C ALA E 356 -60.75 31.69 52.35
N GLU E 357 -61.57 32.74 52.31
CA GLU E 357 -61.92 33.33 51.03
C GLU E 357 -60.73 34.05 50.41
N THR E 358 -59.93 34.72 51.23
CA THR E 358 -58.73 35.38 50.72
C THR E 358 -57.73 34.34 50.19
N SER E 359 -57.54 33.24 50.91
CA SER E 359 -56.60 32.23 50.44
C SER E 359 -57.12 31.52 49.20
N ASP E 360 -58.44 31.36 49.09
CA ASP E 360 -59.03 30.69 47.94
C ASP E 360 -58.79 31.48 46.65
N VAL E 361 -58.92 32.82 46.72
CA VAL E 361 -58.62 33.66 45.57
C VAL E 361 -57.14 33.57 45.21
N ALA E 362 -56.27 33.71 46.22
CA ALA E 362 -54.83 33.65 45.96
C ALA E 362 -54.44 32.33 45.32
N ASN E 363 -55.06 31.23 45.77
CA ASN E 363 -54.66 29.93 45.26
C ASN E 363 -55.17 29.69 43.84
N ALA E 364 -56.30 30.31 43.47
CA ALA E 364 -56.77 30.21 42.09
C ALA E 364 -55.78 30.88 41.15
N VAL E 365 -55.22 32.02 41.56
CA VAL E 365 -54.19 32.67 40.75
C VAL E 365 -52.92 31.83 40.71
N LEU E 366 -52.50 31.29 41.85
CA LEU E 366 -51.31 30.44 41.89
C LEU E 366 -51.48 29.21 41.01
N ASP E 367 -52.70 28.68 40.90
CA ASP E 367 -52.92 27.49 40.10
C ASP E 367 -52.82 27.79 38.61
N GLY E 368 -53.09 29.03 38.21
CA GLY E 368 -52.92 29.41 36.83
C GLY E 368 -54.15 30.00 36.18
N ALA E 369 -55.16 30.36 36.99
CA ALA E 369 -56.42 30.85 36.45
C ALA E 369 -56.24 32.19 35.77
N ASP E 370 -56.83 32.32 34.58
CA ASP E 370 -56.76 33.58 33.85
C ASP E 370 -57.72 34.62 34.43
N CYS E 371 -58.89 34.19 34.88
CA CYS E 371 -59.93 35.09 35.35
C CYS E 371 -60.56 34.56 36.63
N ILE E 372 -61.01 35.49 37.46
CA ILE E 372 -61.71 35.19 38.69
C ILE E 372 -63.03 35.95 38.69
N MET E 373 -64.06 35.35 39.26
CA MET E 373 -65.40 35.90 39.15
C MET E 373 -65.97 36.27 40.51
N LEU E 374 -66.87 37.25 40.49
CA LEU E 374 -67.72 37.61 41.61
C LEU E 374 -69.16 37.43 41.17
N SER E 375 -69.94 36.69 41.98
CA SER E 375 -71.34 36.43 41.67
C SER E 375 -72.24 37.30 42.53
N GLY E 376 -72.78 36.73 43.62
CA GLY E 376 -73.63 37.50 44.51
C GLY E 376 -72.91 38.64 45.20
N GLU E 377 -71.58 38.59 45.27
CA GLU E 377 -70.82 39.64 45.94
C GLU E 377 -70.99 40.99 45.23
N THR E 378 -71.20 40.98 43.93
CA THR E 378 -71.48 42.19 43.17
C THR E 378 -72.93 42.30 42.74
N ALA E 379 -73.63 41.17 42.56
CA ALA E 379 -74.99 41.21 42.04
C ALA E 379 -75.99 41.59 43.12
N LYS E 380 -75.84 41.05 44.32
CA LYS E 380 -76.81 41.27 45.40
C LYS E 380 -76.22 41.93 46.64
N GLY E 381 -74.93 41.74 46.91
CA GLY E 381 -74.37 42.11 48.19
C GLY E 381 -74.35 43.60 48.45
N ASN E 382 -73.97 43.94 49.68
CA ASN E 382 -73.91 45.33 50.11
C ASN E 382 -72.53 45.97 49.90
N PHE E 383 -71.53 45.20 49.48
CA PHE E 383 -70.17 45.71 49.29
C PHE E 383 -69.65 45.28 47.92
N PRO E 384 -70.19 45.83 46.83
CA PRO E 384 -69.77 45.41 45.49
C PRO E 384 -68.40 45.97 45.11
N VAL E 385 -68.19 47.26 45.35
CA VAL E 385 -66.93 47.87 44.98
C VAL E 385 -65.79 47.31 45.83
N GLU E 386 -66.03 47.18 47.14
CA GLU E 386 -64.99 46.68 48.03
C GLU E 386 -64.59 45.25 47.65
N ALA E 387 -65.55 44.44 47.20
CA ALA E 387 -65.22 43.08 46.78
C ALA E 387 -64.33 43.08 45.54
N VAL E 388 -64.56 44.02 44.62
CA VAL E 388 -63.69 44.15 43.45
C VAL E 388 -62.32 44.63 43.87
N LYS E 389 -62.26 45.58 44.83
CA LYS E 389 -60.96 46.05 45.31
C LYS E 389 -60.21 44.94 46.02
N MET E 390 -60.93 44.07 46.74
CA MET E 390 -60.29 42.97 47.45
C MET E 390 -59.67 41.98 46.47
N GLN E 391 -60.44 41.58 45.45
CA GLN E 391 -59.90 40.67 44.44
C GLN E 391 -58.67 41.26 43.75
N HIS E 392 -58.73 42.55 43.41
CA HIS E 392 -57.59 43.19 42.77
C HIS E 392 -56.35 43.13 43.65
N ALA E 393 -56.53 43.40 44.95
CA ALA E 393 -55.40 43.38 45.88
C ALA E 393 -54.80 41.98 46.02
N ILE E 394 -55.65 40.96 46.15
CA ILE E 394 -55.15 39.60 46.30
C ILE E 394 -54.46 39.14 45.04
N ALA E 395 -55.06 39.39 43.87
CA ALA E 395 -54.48 38.92 42.62
C ALA E 395 -53.10 39.51 42.39
N ARG E 396 -52.91 40.79 42.71
CA ARG E 396 -51.59 41.40 42.56
C ARG E 396 -50.55 40.67 43.41
N GLU E 397 -50.89 40.41 44.67
CA GLU E 397 -49.96 39.74 45.57
C GLU E 397 -49.64 38.32 45.11
N ALA E 398 -50.66 37.62 44.60
CA ALA E 398 -50.46 36.22 44.25
C ALA E 398 -49.71 36.06 42.94
N GLU E 399 -49.96 36.95 41.97
CA GLU E 399 -49.24 36.87 40.70
C GLU E 399 -47.74 36.97 40.92
N ALA E 400 -47.31 37.78 41.88
CA ALA E 400 -45.89 37.92 42.15
C ALA E 400 -45.31 36.69 42.85
N ALA E 401 -46.15 35.89 43.48
CA ALA E 401 -45.71 34.71 44.21
C ALA E 401 -45.75 33.45 43.35
N VAL E 402 -46.07 33.58 42.06
CA VAL E 402 -46.00 32.45 41.14
C VAL E 402 -44.54 32.06 40.93
N TYR E 403 -44.24 30.77 41.01
CA TYR E 403 -42.89 30.26 40.77
C TYR E 403 -42.64 30.19 39.27
N HIS E 404 -42.42 31.37 38.67
CA HIS E 404 -42.30 31.49 37.22
C HIS E 404 -41.21 30.60 36.64
N ARG E 405 -40.15 30.35 37.41
CA ARG E 405 -39.04 29.55 36.91
C ARG E 405 -39.49 28.17 36.45
N GLN E 406 -40.17 27.43 37.33
CA GLN E 406 -40.67 26.12 36.92
C GLN E 406 -41.89 26.21 36.01
N LEU E 407 -42.72 27.24 36.16
CA LEU E 407 -43.87 27.40 35.29
C LEU E 407 -43.44 27.62 33.85
N PHE E 408 -42.53 28.58 33.63
CA PHE E 408 -42.08 28.89 32.28
C PHE E 408 -41.35 27.70 31.66
N GLU E 409 -40.55 27.01 32.45
CA GLU E 409 -39.80 25.86 31.96
C GLU E 409 -40.74 24.74 31.54
N GLU E 410 -41.77 24.45 32.34
CA GLU E 410 -42.66 23.34 32.01
C GLU E 410 -43.54 23.67 30.81
N LEU E 411 -43.94 24.93 30.65
CA LEU E 411 -44.73 25.32 29.49
C LEU E 411 -43.88 25.30 28.22
N ARG E 412 -42.62 25.73 28.31
CA ARG E 412 -41.73 25.67 27.16
C ARG E 412 -41.57 24.24 26.66
N ARG E 413 -41.25 23.32 27.58
CA ARG E 413 -40.97 21.95 27.16
C ARG E 413 -42.23 21.21 26.73
N ALA E 414 -43.40 21.60 27.26
CA ALA E 414 -44.63 20.95 26.85
C ALA E 414 -45.06 21.39 25.46
N ALA E 415 -44.87 22.67 25.14
CA ALA E 415 -45.27 23.20 23.84
C ALA E 415 -44.39 22.62 22.75
N PRO E 416 -44.98 22.20 21.62
CA PRO E 416 -44.19 21.59 20.55
C PRO E 416 -43.39 22.64 19.77
N LEU E 417 -42.46 22.14 18.96
CA LEU E 417 -41.71 23.01 18.08
C LEU E 417 -42.65 23.72 17.11
N SER E 418 -42.33 24.96 16.77
CA SER E 418 -43.18 25.76 15.90
C SER E 418 -42.33 26.51 14.88
N ARG E 419 -42.84 26.60 13.65
CA ARG E 419 -42.25 27.41 12.61
C ARG E 419 -43.06 28.67 12.34
N ASP E 420 -44.08 28.94 13.15
CA ASP E 420 -44.89 30.14 12.99
C ASP E 420 -44.12 31.34 13.54
N PRO E 421 -43.83 32.35 12.71
CA PRO E 421 -42.98 33.46 13.20
C PRO E 421 -43.59 34.22 14.36
N THR E 422 -44.91 34.27 14.49
CA THR E 422 -45.50 34.91 15.67
C THR E 422 -45.22 34.11 16.93
N GLU E 423 -45.28 32.77 16.83
CA GLU E 423 -44.97 31.92 17.98
C GLU E 423 -43.50 32.03 18.37
N VAL E 424 -42.60 32.04 17.38
CA VAL E 424 -41.18 32.11 17.66
C VAL E 424 -40.81 33.45 18.28
N THR E 425 -41.40 34.55 17.77
CA THR E 425 -41.14 35.86 18.37
C THR E 425 -41.68 35.96 19.78
N ALA E 426 -42.81 35.31 20.05
CA ALA E 426 -43.44 35.41 21.37
C ALA E 426 -42.53 34.81 22.44
N ILE E 427 -42.05 33.59 22.23
CA ILE E 427 -41.24 32.96 23.25
C ILE E 427 -39.90 33.70 23.39
N GLY E 428 -39.41 34.31 22.30
CA GLY E 428 -38.20 35.12 22.41
C GLY E 428 -38.42 36.39 23.22
N ALA E 429 -39.58 37.03 23.03
CA ALA E 429 -39.90 38.22 23.81
C ALA E 429 -40.13 37.89 25.28
N VAL E 430 -40.78 36.76 25.57
CA VAL E 430 -40.98 36.38 26.96
C VAL E 430 -39.64 36.05 27.61
N GLU E 431 -38.77 35.33 26.89
CA GLU E 431 -37.46 35.00 27.44
C GLU E 431 -36.64 36.25 27.71
N ALA E 432 -36.69 37.21 26.79
CA ALA E 432 -35.98 38.46 27.01
C ALA E 432 -36.58 39.24 28.18
N ALA E 433 -37.90 39.20 28.34
CA ALA E 433 -38.52 39.92 29.45
C ALA E 433 -38.08 39.35 30.80
N PHE E 434 -37.99 38.03 30.91
CA PHE E 434 -37.48 37.43 32.14
C PHE E 434 -36.04 37.84 32.42
N LYS E 435 -35.23 38.00 31.36
CA LYS E 435 -33.81 38.26 31.52
C LYS E 435 -33.54 39.61 32.18
N CYS E 436 -34.37 40.62 31.88
CA CYS E 436 -34.14 41.96 32.40
C CYS E 436 -35.24 42.41 33.36
N CYS E 437 -36.18 41.53 33.69
CA CYS E 437 -37.38 41.90 34.44
C CYS E 437 -38.02 43.14 33.82
N ALA E 438 -38.38 43.00 32.55
CA ALA E 438 -38.96 44.09 31.80
C ALA E 438 -40.25 44.56 32.48
N ALA E 439 -40.47 45.87 32.46
CA ALA E 439 -41.73 46.39 33.01
C ALA E 439 -42.92 45.93 32.19
N ALA E 440 -42.74 45.69 30.89
CA ALA E 440 -43.86 45.34 30.04
C ALA E 440 -43.36 44.81 28.70
N ILE E 441 -44.22 44.01 28.07
CA ILE E 441 -44.08 43.63 26.67
C ILE E 441 -45.19 44.36 25.91
N ILE E 442 -44.80 45.26 25.00
CA ILE E 442 -45.74 46.06 24.23
C ILE E 442 -45.91 45.42 22.85
N VAL E 443 -47.14 45.03 22.53
CA VAL E 443 -47.48 44.38 21.26
C VAL E 443 -48.49 45.24 20.51
N LEU E 444 -48.33 45.30 19.18
CA LEU E 444 -49.40 45.72 18.29
C LEU E 444 -50.13 44.48 17.80
N THR E 445 -51.45 44.48 17.89
CA THR E 445 -52.18 43.30 17.47
C THR E 445 -53.53 43.71 16.91
N THR E 446 -53.99 42.96 15.92
CA THR E 446 -55.29 43.21 15.30
C THR E 446 -56.38 42.31 15.86
N THR E 447 -56.13 41.01 15.92
CA THR E 447 -57.09 40.05 16.46
C THR E 447 -56.82 39.71 17.92
N GLY E 448 -55.68 40.12 18.47
CA GLY E 448 -55.27 39.72 19.78
C GLY E 448 -54.40 38.47 19.83
N ARG E 449 -54.21 37.80 18.69
CA ARG E 449 -53.51 36.51 18.70
C ARG E 449 -52.07 36.65 19.17
N SER E 450 -51.38 37.69 18.71
CA SER E 450 -49.98 37.84 19.10
C SER E 450 -49.86 38.18 20.58
N ALA E 451 -50.85 38.89 21.13
CA ALA E 451 -50.87 39.09 22.57
C ALA E 451 -51.24 37.80 23.30
N GLN E 452 -52.15 37.01 22.74
CA GLN E 452 -52.51 35.73 23.34
C GLN E 452 -51.33 34.76 23.35
N LEU E 453 -50.54 34.73 22.27
CA LEU E 453 -49.39 33.82 22.20
C LEU E 453 -48.31 34.21 23.19
N LEU E 454 -48.19 35.49 23.51
CA LEU E 454 -47.25 35.92 24.54
C LEU E 454 -47.73 35.48 25.92
N SER E 455 -48.98 35.82 26.26
CA SER E 455 -49.50 35.52 27.58
C SER E 455 -49.58 34.02 27.84
N ARG E 456 -49.60 33.19 26.80
CA ARG E 456 -49.60 31.75 26.96
C ARG E 456 -48.34 31.22 27.63
N TYR E 457 -47.26 32.00 27.64
CA TYR E 457 -46.03 31.62 28.32
C TYR E 457 -45.93 32.19 29.72
N ARG E 458 -47.00 32.80 30.23
CA ARG E 458 -47.07 33.31 31.60
C ARG E 458 -45.89 34.22 31.97
N PRO E 459 -45.61 35.26 31.20
CA PRO E 459 -44.53 36.17 31.58
C PRO E 459 -44.84 36.92 32.85
N ARG E 460 -43.79 37.35 33.54
N ARG E 460 -43.80 37.37 33.54
CA ARG E 460 -43.95 38.24 34.69
CA ARG E 460 -43.97 38.24 34.69
C ARG E 460 -44.35 39.64 34.22
C ARG E 460 -44.27 39.68 34.27
N ALA E 461 -43.81 40.07 33.08
CA ALA E 461 -44.06 41.42 32.59
C ALA E 461 -45.48 41.54 32.04
N ALA E 462 -46.07 42.71 32.25
CA ALA E 462 -47.37 42.99 31.66
C ALA E 462 -47.28 42.99 30.14
N VAL E 463 -48.30 42.41 29.50
CA VAL E 463 -48.38 42.40 28.05
C VAL E 463 -49.35 43.52 27.66
N ILE E 464 -48.80 44.67 27.28
CA ILE E 464 -49.59 45.81 26.86
C ILE E 464 -49.92 45.65 25.39
N ALA E 465 -51.19 45.37 25.08
CA ALA E 465 -51.63 45.11 23.71
C ALA E 465 -52.29 46.37 23.15
N VAL E 466 -51.65 46.97 22.15
CA VAL E 466 -52.21 48.13 21.46
C VAL E 466 -52.96 47.63 20.22
N THR E 467 -54.24 47.98 20.13
CA THR E 467 -55.09 47.51 19.05
C THR E 467 -56.07 48.59 18.65
N ARG E 468 -56.59 48.47 17.43
CA ARG E 468 -57.67 49.32 16.94
C ARG E 468 -59.04 48.66 17.04
N SER E 469 -59.08 47.34 17.15
CA SER E 469 -60.35 46.62 17.19
C SER E 469 -60.92 46.72 18.61
N ALA E 470 -62.03 47.44 18.74
CA ALA E 470 -62.65 47.59 20.04
C ALA E 470 -63.06 46.23 20.62
N GLN E 471 -63.54 45.33 19.77
CA GLN E 471 -63.96 44.01 20.25
C GLN E 471 -62.76 43.20 20.70
N ALA E 472 -61.66 43.28 19.96
CA ALA E 472 -60.44 42.58 20.38
C ALA E 472 -59.92 43.14 21.69
N ALA E 473 -60.00 44.46 21.87
CA ALA E 473 -59.58 45.06 23.14
C ALA E 473 -60.39 44.53 24.30
N ARG E 474 -61.66 44.19 24.07
CA ARG E 474 -62.50 43.67 25.15
C ARG E 474 -62.30 42.18 25.35
N GLN E 475 -62.20 41.41 24.26
CA GLN E 475 -62.10 39.96 24.38
C GLN E 475 -60.74 39.52 24.91
N VAL E 476 -59.72 40.37 24.79
CA VAL E 476 -58.39 40.01 25.24
C VAL E 476 -58.27 39.98 26.76
N HIS E 477 -59.27 40.48 27.48
CA HIS E 477 -59.30 40.35 28.93
C HIS E 477 -59.37 38.90 29.38
N LEU E 478 -59.79 37.99 28.50
CA LEU E 478 -59.79 36.57 28.83
C LEU E 478 -58.37 36.03 29.05
N CYS E 479 -57.36 36.67 28.48
CA CYS E 479 -56.00 36.16 28.49
C CYS E 479 -55.24 36.75 29.66
N ARG E 480 -54.75 35.89 30.55
CA ARG E 480 -54.01 36.36 31.71
C ARG E 480 -52.77 37.13 31.29
N GLY E 481 -52.64 38.36 31.79
CA GLY E 481 -51.46 39.16 31.55
C GLY E 481 -51.60 40.24 30.51
N VAL E 482 -52.70 40.29 29.76
CA VAL E 482 -52.84 41.21 28.64
C VAL E 482 -53.62 42.44 29.10
N PHE E 483 -53.00 43.60 28.94
CA PHE E 483 -53.64 44.86 29.28
C PHE E 483 -53.98 45.61 27.99
N PRO E 484 -55.24 45.60 27.56
CA PRO E 484 -55.57 46.16 26.24
C PRO E 484 -55.60 47.68 26.26
N LEU E 485 -55.10 48.25 25.17
CA LEU E 485 -55.21 49.68 24.91
C LEU E 485 -55.91 49.87 23.57
N LEU E 486 -56.93 50.73 23.55
CA LEU E 486 -57.70 51.01 22.35
C LEU E 486 -57.13 52.25 21.68
N TYR E 487 -56.54 52.07 20.50
CA TYR E 487 -56.02 53.17 19.69
C TYR E 487 -57.14 53.66 18.77
N ARG E 488 -57.43 54.97 18.83
CA ARG E 488 -58.56 55.53 18.09
C ARG E 488 -58.15 56.36 16.88
N GLU E 489 -56.89 56.80 16.81
CA GLU E 489 -56.47 57.70 15.75
C GLU E 489 -56.49 56.99 14.40
N PRO E 490 -56.71 57.74 13.32
CA PRO E 490 -56.71 57.13 11.97
C PRO E 490 -55.31 56.82 11.51
N PRO E 491 -55.17 55.91 10.53
CA PRO E 491 -53.83 55.53 10.07
C PRO E 491 -53.07 56.71 9.48
N GLU E 492 -51.75 56.70 9.69
CA GLU E 492 -50.87 57.70 9.12
C GLU E 492 -50.54 57.38 7.67
N ALA E 493 -49.99 58.37 6.97
CA ALA E 493 -49.63 58.18 5.57
C ALA E 493 -48.56 57.11 5.42
N ILE E 494 -47.48 57.23 6.19
CA ILE E 494 -46.40 56.25 6.17
C ILE E 494 -46.65 55.22 7.27
N TRP E 495 -46.64 53.94 6.89
CA TRP E 495 -47.01 52.88 7.82
C TRP E 495 -46.03 52.77 8.98
N ALA E 496 -44.73 52.95 8.71
CA ALA E 496 -43.75 52.87 9.79
C ALA E 496 -43.99 53.94 10.86
N ASP E 497 -44.51 55.10 10.46
CA ASP E 497 -44.87 56.11 11.44
C ASP E 497 -46.10 55.70 12.24
N ASP E 498 -47.09 55.10 11.57
CA ASP E 498 -48.28 54.62 12.27
C ASP E 498 -47.92 53.58 13.32
N VAL E 499 -47.03 52.64 12.96
CA VAL E 499 -46.55 51.66 13.93
C VAL E 499 -45.82 52.35 15.07
N ASP E 500 -44.97 53.31 14.74
CA ASP E 500 -44.23 54.07 15.75
C ASP E 500 -45.16 54.79 16.72
N ARG E 501 -46.21 55.43 16.19
CA ARG E 501 -47.12 56.17 17.06
C ARG E 501 -47.90 55.22 17.97
N ARG E 502 -48.24 54.03 17.47
CA ARG E 502 -48.99 53.08 18.28
C ARG E 502 -48.13 52.55 19.42
N VAL E 503 -46.84 52.32 19.16
CA VAL E 503 -45.92 51.91 20.22
C VAL E 503 -45.79 53.01 21.25
N GLN E 504 -45.72 54.26 20.79
CA GLN E 504 -45.67 55.40 21.70
C GLN E 504 -46.95 55.54 22.52
N PHE E 505 -48.10 55.17 21.92
CA PHE E 505 -49.35 55.16 22.67
C PHE E 505 -49.29 54.17 23.83
N GLY E 506 -48.70 53.00 23.60
CA GLY E 506 -48.53 52.04 24.68
C GLY E 506 -47.64 52.57 25.78
N ILE E 507 -46.51 53.17 25.40
CA ILE E 507 -45.56 53.68 26.39
C ILE E 507 -46.21 54.79 27.23
N GLU E 508 -46.86 55.75 26.57
CA GLU E 508 -47.47 56.86 27.29
C GLU E 508 -48.57 56.39 28.22
N SER E 509 -49.45 55.51 27.73
CA SER E 509 -50.51 54.99 28.60
C SER E 509 -49.94 54.27 29.81
N GLY E 510 -48.91 53.44 29.59
CA GLY E 510 -48.32 52.71 30.71
C GLY E 510 -47.65 53.63 31.71
N LYS E 511 -47.11 54.76 31.24
CA LYS E 511 -46.55 55.74 32.15
C LYS E 511 -47.62 56.39 33.01
N LEU E 512 -48.75 56.77 32.38
CA LEU E 512 -49.83 57.43 33.12
C LEU E 512 -50.46 56.47 34.13
N ARG E 513 -50.66 55.21 33.75
CA ARG E 513 -51.25 54.22 34.63
C ARG E 513 -50.26 53.66 35.65
N GLY E 514 -49.03 54.15 35.67
CA GLY E 514 -48.04 53.68 36.63
C GLY E 514 -47.40 52.35 36.31
N PHE E 515 -47.64 51.78 35.13
CA PHE E 515 -47.05 50.49 34.79
C PHE E 515 -45.60 50.67 34.35
N LEU E 516 -45.24 51.84 33.82
CA LEU E 516 -43.91 52.09 33.28
C LEU E 516 -43.33 53.32 33.95
N ARG E 517 -42.02 53.30 34.18
CA ARG E 517 -41.30 54.44 34.74
C ARG E 517 -40.08 54.72 33.87
N VAL E 518 -39.56 55.95 33.98
CA VAL E 518 -38.37 56.31 33.23
C VAL E 518 -37.20 55.46 33.72
N GLY E 519 -36.46 54.88 32.77
CA GLY E 519 -35.39 53.96 33.09
C GLY E 519 -35.79 52.51 33.09
N ASP E 520 -37.06 52.18 32.83
CA ASP E 520 -37.49 50.80 32.75
C ASP E 520 -37.17 50.24 31.36
N LEU E 521 -37.02 48.92 31.29
CA LEU E 521 -36.89 48.23 30.02
C LEU E 521 -38.23 47.67 29.59
N VAL E 522 -38.46 47.71 28.27
CA VAL E 522 -39.66 47.13 27.69
C VAL E 522 -39.25 46.33 26.46
N ILE E 523 -40.07 45.35 26.13
CA ILE E 523 -39.89 44.55 24.93
C ILE E 523 -41.03 44.94 24.00
N VAL E 524 -40.69 45.53 22.85
CA VAL E 524 -41.68 45.93 21.86
C VAL E 524 -41.73 44.87 20.77
N VAL E 525 -42.93 44.37 20.49
CA VAL E 525 -43.15 43.29 19.54
C VAL E 525 -44.03 43.83 18.41
N THR E 526 -43.50 43.83 17.18
CA THR E 526 -44.24 44.33 16.02
C THR E 526 -44.14 43.36 14.85
N GLY E 527 -44.55 43.82 13.66
CA GLY E 527 -44.54 43.00 12.47
C GLY E 527 -43.82 43.69 11.32
N TRP E 528 -43.75 42.98 10.19
CA TRP E 528 -43.02 43.48 9.03
C TRP E 528 -43.93 44.05 7.96
N ARG E 529 -45.25 43.98 8.13
CA ARG E 529 -46.19 44.54 7.19
C ARG E 529 -47.57 44.59 7.85
N PRO E 530 -48.48 45.43 7.35
CA PRO E 530 -49.80 45.57 7.99
C PRO E 530 -50.61 44.29 7.87
N GLY E 531 -51.69 44.24 8.65
CA GLY E 531 -52.57 43.09 8.67
C GLY E 531 -52.13 42.05 9.68
N SER E 532 -53.03 41.08 9.92
CA SER E 532 -52.84 40.07 10.94
C SER E 532 -51.90 38.97 10.47
N GLY E 533 -51.13 38.43 11.41
CA GLY E 533 -50.33 37.23 11.18
C GLY E 533 -48.88 37.44 10.80
N TYR E 534 -48.35 38.66 10.87
CA TYR E 534 -46.99 38.93 10.40
C TYR E 534 -46.08 39.47 11.50
N THR E 535 -46.40 39.20 12.77
CA THR E 535 -45.51 39.56 13.86
C THR E 535 -44.22 38.76 13.75
N ASN E 536 -43.07 39.44 13.75
CA ASN E 536 -41.79 38.73 13.66
C ASN E 536 -40.61 39.54 14.20
N ILE E 537 -40.88 40.70 14.81
CA ILE E 537 -39.83 41.60 15.27
C ILE E 537 -39.96 41.79 16.77
N MET E 538 -38.81 41.84 17.45
CA MET E 538 -38.75 42.02 18.90
C MET E 538 -37.62 43.00 19.21
N ARG E 539 -37.92 44.09 19.92
CA ARG E 539 -36.93 45.10 20.25
C ARG E 539 -36.86 45.33 21.75
N VAL E 540 -35.67 45.65 22.25
CA VAL E 540 -35.44 45.96 23.66
C VAL E 540 -35.24 47.47 23.77
N LEU E 541 -36.16 48.16 24.44
CA LEU E 541 -36.11 49.60 24.57
C LEU E 541 -36.10 50.01 26.03
N SER E 542 -35.38 51.09 26.33
CA SER E 542 -35.40 51.69 27.65
C SER E 542 -36.28 52.94 27.60
N ILE E 543 -37.04 53.14 28.67
CA ILE E 543 -38.01 54.24 28.69
C ILE E 543 -37.32 55.57 28.96
N ALA F 24 -55.05 -1.77 38.40
CA ALA F 24 -56.12 -1.35 39.30
C ALA F 24 -55.56 -0.62 40.51
N PHE F 25 -54.49 -1.17 41.09
CA PHE F 25 -53.82 -0.49 42.19
C PHE F 25 -53.25 0.85 41.72
N PHE F 26 -52.75 0.90 40.49
CA PHE F 26 -52.19 2.13 39.93
C PHE F 26 -53.23 3.21 39.69
N GLN F 27 -54.51 2.85 39.62
CA GLN F 27 -55.56 3.83 39.36
C GLN F 27 -56.03 4.56 40.61
N GLN F 28 -55.67 4.07 41.80
CA GLN F 28 -56.14 4.65 43.06
C GLN F 28 -55.17 5.71 43.59
N GLN F 29 -55.61 6.40 44.66
CA GLN F 29 -54.89 7.44 45.39
C GLN F 29 -54.01 8.33 44.51
N GLN F 30 -54.53 8.72 43.34
CA GLN F 30 -53.87 9.68 42.44
C GLN F 30 -52.45 9.24 42.06
N LEU F 31 -52.26 7.93 41.89
CA LEU F 31 -50.95 7.39 41.53
C LEU F 31 -50.52 7.80 40.12
N PRO F 32 -51.41 7.89 39.13
CA PRO F 32 -50.96 8.43 37.83
C PRO F 32 -50.47 9.87 37.94
N ALA F 33 -51.16 10.72 38.71
CA ALA F 33 -50.64 12.05 38.97
C ALA F 33 -49.38 12.02 39.82
N ALA F 34 -49.15 10.92 40.54
CA ALA F 34 -47.91 10.79 41.30
C ALA F 34 -46.72 10.49 40.40
N MET F 35 -46.92 9.63 39.39
CA MET F 35 -45.87 9.21 38.47
C MET F 35 -45.58 10.25 37.38
N ALA F 36 -46.18 11.44 37.47
CA ALA F 36 -45.96 12.47 36.46
C ALA F 36 -44.56 13.03 36.56
N ASP F 37 -43.99 13.38 35.40
CA ASP F 37 -42.62 13.87 35.33
C ASP F 37 -42.52 15.36 35.63
N THR F 38 -43.60 16.12 35.46
CA THR F 38 -43.61 17.54 35.74
C THR F 38 -44.81 17.89 36.61
N PHE F 39 -44.72 19.03 37.29
CA PHE F 39 -45.86 19.47 38.10
C PHE F 39 -47.05 19.78 37.22
N LEU F 40 -46.82 20.35 36.04
CA LEU F 40 -47.92 20.67 35.15
C LEU F 40 -48.66 19.43 34.69
N GLU F 41 -47.93 18.37 34.35
CA GLU F 41 -48.56 17.11 33.99
C GLU F 41 -49.25 16.47 35.19
N HIS F 42 -48.66 16.65 36.38
CA HIS F 42 -49.29 16.15 37.59
C HIS F 42 -50.68 16.76 37.79
N LEU F 43 -50.81 18.07 37.56
CA LEU F 43 -52.13 18.70 37.65
C LEU F 43 -53.09 18.10 36.63
N CYS F 44 -52.61 17.89 35.41
CA CYS F 44 -53.46 17.43 34.32
C CYS F 44 -53.97 16.02 34.55
N LEU F 45 -53.25 15.20 35.31
CA LEU F 45 -53.61 13.81 35.55
C LEU F 45 -54.42 13.61 36.83
N LEU F 46 -54.72 14.67 37.56
CA LEU F 46 -55.56 14.54 38.75
C LEU F 46 -56.95 14.08 38.35
N ASP F 47 -57.49 13.13 39.11
CA ASP F 47 -58.69 12.38 38.72
C ASP F 47 -59.69 12.39 39.86
N ILE F 48 -60.87 12.94 39.61
CA ILE F 48 -61.92 12.96 40.62
C ILE F 48 -62.49 11.58 40.91
N ASP F 49 -62.18 10.58 40.09
CA ASP F 49 -62.60 9.22 40.37
C ASP F 49 -61.54 8.39 41.06
N SER F 50 -60.32 8.91 41.19
CA SER F 50 -59.28 8.23 41.95
C SER F 50 -59.62 8.33 43.42
N GLU F 51 -59.93 7.20 44.05
CA GLU F 51 -60.38 7.24 45.43
C GLU F 51 -59.19 7.15 46.39
N PRO F 52 -59.23 7.91 47.47
CA PRO F 52 -58.13 7.82 48.46
C PRO F 52 -58.15 6.49 49.16
N VAL F 53 -56.96 5.91 49.32
CA VAL F 53 -56.78 4.65 50.02
C VAL F 53 -56.17 4.85 51.40
N ALA F 54 -55.16 5.70 51.51
CA ALA F 54 -54.47 5.90 52.77
C ALA F 54 -55.38 6.56 53.80
N ALA F 55 -55.12 6.29 55.07
CA ALA F 55 -55.79 6.98 56.15
C ALA F 55 -55.39 8.44 56.18
N ARG F 56 -56.27 9.29 56.72
CA ARG F 56 -55.98 10.72 56.77
C ARG F 56 -54.80 11.00 57.69
N SER F 57 -53.81 11.70 57.15
CA SER F 57 -52.55 11.94 57.86
C SER F 57 -52.46 13.33 58.50
N THR F 58 -53.31 14.28 58.10
CA THR F 58 -53.30 15.61 58.68
C THR F 58 -54.22 15.64 59.89
N SER F 59 -53.66 15.96 61.06
CA SER F 59 -54.46 15.94 62.27
C SER F 59 -55.47 17.09 62.27
N ILE F 60 -56.59 16.85 62.94
CA ILE F 60 -57.65 17.84 63.11
C ILE F 60 -57.61 18.31 64.55
N ILE F 61 -57.43 19.61 64.73
CA ILE F 61 -57.55 20.26 66.04
C ILE F 61 -58.92 20.90 66.11
N ALA F 62 -59.70 20.54 67.13
CA ALA F 62 -61.03 21.10 67.35
C ALA F 62 -61.04 21.86 68.67
N THR F 63 -61.59 23.07 68.63
CA THR F 63 -61.69 23.92 69.82
C THR F 63 -62.89 23.53 70.64
N ILE F 64 -62.67 23.32 71.94
CA ILE F 64 -63.74 22.94 72.86
C ILE F 64 -64.52 24.18 73.28
N GLY F 65 -65.84 24.06 73.34
CA GLY F 65 -66.72 25.16 73.69
C GLY F 65 -68.12 24.65 73.95
N PRO F 66 -69.10 25.57 74.07
CA PRO F 66 -70.46 25.15 74.45
C PRO F 66 -71.07 24.12 73.52
N ALA F 67 -70.69 24.12 72.24
CA ALA F 67 -71.26 23.18 71.28
C ALA F 67 -70.58 21.83 71.29
N SER F 68 -69.49 21.67 72.04
CA SER F 68 -68.67 20.46 71.96
C SER F 68 -68.08 20.13 73.31
N ARG F 69 -68.85 20.30 74.37
CA ARG F 69 -68.36 20.10 75.72
C ARG F 69 -68.88 18.83 76.37
N SER F 70 -70.04 18.35 75.96
CA SER F 70 -70.59 17.16 76.57
C SER F 70 -69.80 15.93 76.15
N VAL F 71 -69.85 14.90 77.00
CA VAL F 71 -69.20 13.64 76.71
C VAL F 71 -69.77 13.03 75.43
N GLU F 72 -71.11 13.10 75.26
CA GLU F 72 -71.73 12.57 74.07
C GLU F 72 -71.19 13.26 72.82
N ARG F 73 -71.21 14.59 72.81
CA ARG F 73 -70.71 15.35 71.66
C ARG F 73 -69.23 15.06 71.40
N LEU F 74 -68.42 14.98 72.45
CA LEU F 74 -67.00 14.69 72.28
C LEU F 74 -66.78 13.31 71.70
N LYS F 75 -67.61 12.34 72.10
CA LYS F 75 -67.52 11.00 71.54
C LYS F 75 -67.73 11.01 70.02
N GLU F 76 -68.78 11.70 69.55
CA GLU F 76 -69.02 11.75 68.11
C GLU F 76 -67.90 12.48 67.38
N MET F 77 -67.28 13.47 68.02
CA MET F 77 -66.19 14.19 67.36
C MET F 77 -64.93 13.34 67.27
N ILE F 78 -64.68 12.50 68.29
CA ILE F 78 -63.57 11.56 68.19
C ILE F 78 -63.82 10.56 67.07
N LYS F 79 -65.04 10.03 66.98
CA LYS F 79 -65.38 9.13 65.89
C LYS F 79 -65.27 9.82 64.54
N ALA F 80 -65.50 11.13 64.49
CA ALA F 80 -65.43 11.84 63.22
C ALA F 80 -63.99 12.19 62.82
N GLY F 81 -63.03 12.13 63.75
CA GLY F 81 -61.64 12.35 63.38
C GLY F 81 -60.85 13.35 64.21
N MET F 82 -61.41 13.86 65.30
CA MET F 82 -60.68 14.83 66.11
C MET F 82 -59.48 14.16 66.79
N ASN F 83 -58.30 14.74 66.62
CA ASN F 83 -57.09 14.21 67.23
C ASN F 83 -56.59 15.03 68.40
N ILE F 84 -56.86 16.34 68.41
CA ILE F 84 -56.33 17.27 69.40
C ILE F 84 -57.48 18.17 69.84
N ALA F 85 -57.67 18.27 71.15
CA ALA F 85 -58.68 19.16 71.73
C ALA F 85 -58.00 20.45 72.17
N ARG F 86 -58.53 21.58 71.71
CA ARG F 86 -57.96 22.88 72.02
C ARG F 86 -58.83 23.59 73.06
N LEU F 87 -58.19 24.05 74.13
CA LEU F 87 -58.85 24.85 75.14
C LEU F 87 -58.40 26.29 74.95
N ASN F 88 -59.37 27.16 74.69
CA ASN F 88 -59.10 28.58 74.44
C ASN F 88 -59.19 29.29 75.77
N PHE F 89 -58.04 29.56 76.38
CA PHE F 89 -58.00 30.28 77.66
C PHE F 89 -58.17 31.79 77.49
N SER F 90 -58.57 32.25 76.30
CA SER F 90 -58.97 33.65 76.17
C SER F 90 -60.27 33.92 76.92
N HIS F 91 -61.06 32.90 77.20
CA HIS F 91 -62.29 33.03 77.96
C HIS F 91 -62.45 31.80 78.85
N GLY F 92 -63.24 31.96 79.91
CA GLY F 92 -63.58 30.84 80.75
C GLY F 92 -62.70 30.73 81.98
N SER F 93 -63.28 30.23 83.07
CA SER F 93 -62.56 30.09 84.32
C SER F 93 -61.75 28.80 84.33
N HIS F 94 -60.84 28.69 85.30
CA HIS F 94 -60.07 27.47 85.47
C HIS F 94 -60.99 26.28 85.72
N GLU F 95 -62.03 26.48 86.54
CA GLU F 95 -62.99 25.40 86.79
C GLU F 95 -63.68 24.99 85.50
N TYR F 96 -64.11 25.96 84.69
CA TYR F 96 -64.73 25.66 83.39
C TYR F 96 -63.80 24.81 82.53
N HIS F 97 -62.51 25.16 82.49
CA HIS F 97 -61.60 24.38 81.64
C HIS F 97 -61.23 23.05 82.27
N ALA F 98 -61.36 22.91 83.60
CA ALA F 98 -61.15 21.60 84.20
C ALA F 98 -62.24 20.62 83.81
N GLU F 99 -63.51 21.08 83.77
CA GLU F 99 -64.57 20.20 83.30
C GLU F 99 -64.35 19.79 81.85
N SER F 100 -63.92 20.75 81.01
CA SER F 100 -63.66 20.46 79.61
C SER F 100 -62.61 19.36 79.47
N ILE F 101 -61.47 19.52 80.14
CA ILE F 101 -60.42 18.50 80.10
C ILE F 101 -60.96 17.16 80.59
N ALA F 102 -61.71 17.18 81.70
CA ALA F 102 -62.23 15.94 82.26
C ALA F 102 -63.21 15.27 81.31
N ASN F 103 -64.06 16.07 80.64
CA ASN F 103 -65.02 15.49 79.70
C ASN F 103 -64.30 14.90 78.48
N VAL F 104 -63.22 15.53 78.03
CA VAL F 104 -62.45 14.98 76.92
C VAL F 104 -61.88 13.62 77.32
N ARG F 105 -61.24 13.56 78.48
CA ARG F 105 -60.65 12.31 78.94
C ARG F 105 -61.71 11.23 79.11
N GLU F 106 -62.91 11.58 79.56
CA GLU F 106 -63.95 10.57 79.70
C GLU F 106 -64.42 10.06 78.34
N ALA F 107 -64.53 10.95 77.35
CA ALA F 107 -64.90 10.53 76.00
C ALA F 107 -63.83 9.62 75.40
N VAL F 108 -62.55 9.95 75.63
CA VAL F 108 -61.46 9.09 75.15
C VAL F 108 -61.51 7.73 75.83
N GLU F 109 -61.72 7.71 77.15
CA GLU F 109 -61.73 6.46 77.91
C GLU F 109 -62.84 5.53 77.47
N SER F 110 -63.96 6.08 76.99
CA SER F 110 -65.09 5.25 76.58
C SER F 110 -64.76 4.32 75.43
N PHE F 111 -63.69 4.60 74.68
CA PHE F 111 -63.26 3.75 73.58
C PHE F 111 -62.10 2.84 73.95
N ALA F 112 -61.62 2.92 75.20
CA ALA F 112 -60.43 2.17 75.61
C ALA F 112 -60.68 0.67 75.71
N GLY F 113 -61.94 0.23 75.68
CA GLY F 113 -62.22 -1.18 75.84
C GLY F 113 -61.65 -2.03 74.71
N SER F 114 -61.71 -1.52 73.49
CA SER F 114 -61.22 -2.25 72.32
C SER F 114 -60.18 -1.42 71.59
N PRO F 115 -58.95 -1.92 71.39
CA PRO F 115 -57.94 -1.15 70.66
C PRO F 115 -58.23 -1.02 69.16
N LEU F 116 -59.51 -1.09 68.79
CA LEU F 116 -59.98 -0.79 67.44
C LEU F 116 -60.50 0.64 67.34
N SER F 117 -61.38 1.03 68.25
CA SER F 117 -61.93 2.39 68.27
C SER F 117 -61.13 3.32 69.18
N TYR F 118 -60.19 2.80 69.96
CA TYR F 118 -59.42 3.66 70.86
C TYR F 118 -58.47 4.54 70.07
N ARG F 119 -58.60 5.85 70.26
CA ARG F 119 -57.73 6.82 69.60
C ARG F 119 -57.25 7.81 70.66
N PRO F 120 -55.95 7.92 70.90
CA PRO F 120 -55.47 8.94 71.83
C PRO F 120 -55.83 10.31 71.32
N VAL F 121 -56.16 11.21 72.24
CA VAL F 121 -56.47 12.59 71.91
C VAL F 121 -55.58 13.49 72.75
N ALA F 122 -54.84 14.37 72.11
CA ALA F 122 -54.02 15.34 72.81
C ALA F 122 -54.86 16.52 73.28
N ILE F 123 -54.49 17.07 74.43
CA ILE F 123 -55.13 18.27 74.95
C ILE F 123 -54.14 19.42 74.80
N ALA F 124 -54.56 20.48 74.11
CA ALA F 124 -53.73 21.64 73.86
C ALA F 124 -54.32 22.85 74.57
N LEU F 125 -53.45 23.63 75.21
CA LEU F 125 -53.84 24.82 75.94
C LEU F 125 -53.45 26.04 75.12
N ASP F 126 -54.44 26.82 74.70
CA ASP F 126 -54.22 28.04 73.93
C ASP F 126 -54.25 29.21 74.91
N THR F 127 -53.11 29.85 75.11
CA THR F 127 -52.99 30.90 76.11
C THR F 127 -53.69 32.18 75.68
N LYS F 128 -54.10 32.97 76.68
CA LYS F 128 -54.71 34.27 76.43
C LYS F 128 -53.74 35.20 75.71
N GLY F 129 -52.52 35.34 76.24
CA GLY F 129 -51.50 36.13 75.61
C GLY F 129 -51.53 37.59 76.03
N PRO F 130 -50.45 38.32 75.74
CA PRO F 130 -50.47 39.77 75.94
C PRO F 130 -51.64 40.41 75.21
N GLU F 131 -52.31 41.34 75.89
CA GLU F 131 -53.49 42.01 75.36
C GLU F 131 -53.36 43.52 75.53
N ILE F 132 -53.93 44.25 74.58
CA ILE F 132 -54.06 45.69 74.68
C ILE F 132 -55.55 46.00 74.53
N ARG F 133 -56.10 46.70 75.52
CA ARG F 133 -57.53 46.95 75.58
C ARG F 133 -57.80 48.43 75.83
N THR F 134 -58.95 48.89 75.32
CA THR F 134 -59.42 50.23 75.61
C THR F 134 -60.00 50.28 77.03
N GLY F 135 -60.47 51.47 77.42
CA GLY F 135 -61.00 51.67 78.75
C GLY F 135 -62.50 51.49 78.82
N ILE F 136 -63.02 51.68 80.03
CA ILE F 136 -64.45 51.58 80.27
C ILE F 136 -65.12 52.90 79.88
N LEU F 137 -66.23 52.81 79.15
CA LEU F 137 -66.88 53.96 78.53
C LEU F 137 -67.72 54.79 79.50
N GLN F 138 -67.63 54.56 80.80
CA GLN F 138 -68.54 55.16 81.78
C GLN F 138 -69.95 54.77 81.35
N GLY F 139 -70.87 55.72 81.17
CA GLY F 139 -72.20 55.40 80.70
C GLY F 139 -73.00 54.51 81.63
N PRO F 141 -71.80 49.76 82.99
CA PRO F 141 -71.28 50.62 81.92
C PRO F 141 -71.44 49.99 80.53
N GLU F 142 -72.61 49.39 80.29
CA GLU F 142 -72.83 48.61 79.08
C GLU F 142 -73.28 49.49 77.93
N SER F 143 -72.80 50.72 77.90
CA SER F 143 -73.13 51.65 76.85
C SER F 143 -72.07 51.60 75.76
N GLU F 144 -72.34 52.31 74.66
CA GLU F 144 -71.44 52.31 73.52
C GLU F 144 -71.53 53.66 72.79
N VAL F 145 -70.37 54.16 72.38
CA VAL F 145 -70.31 55.34 71.54
C VAL F 145 -70.02 54.91 70.11
N GLU F 146 -70.13 55.85 69.18
CA GLU F 146 -69.96 55.57 67.76
C GLU F 146 -68.86 56.46 67.20
N LEU F 147 -67.90 55.84 66.52
CA LEU F 147 -66.82 56.56 65.85
C LEU F 147 -67.16 56.65 64.37
N VAL F 148 -67.24 57.86 63.84
CA VAL F 148 -67.67 58.06 62.46
C VAL F 148 -66.45 58.28 61.58
N LYS F 149 -66.55 57.81 60.33
CA LYS F 149 -65.45 57.93 59.38
C LYS F 149 -65.12 59.40 59.13
N GLY F 150 -63.84 59.73 59.17
CA GLY F 150 -63.36 61.06 58.92
C GLY F 150 -63.21 61.93 60.16
N SER F 151 -63.86 61.56 61.26
CA SER F 151 -63.78 62.35 62.48
C SER F 151 -62.39 62.24 63.10
N GLN F 152 -62.12 63.14 64.06
CA GLN F 152 -60.86 63.18 64.78
C GLN F 152 -61.03 62.49 66.13
N VAL F 153 -60.12 61.57 66.45
CA VAL F 153 -60.18 60.78 67.67
C VAL F 153 -58.82 60.79 68.33
N LEU F 154 -58.78 61.11 69.62
CA LEU F 154 -57.55 61.15 70.39
C LEU F 154 -57.34 59.82 71.12
N VAL F 155 -56.18 59.21 70.90
CA VAL F 155 -55.78 58.00 71.61
C VAL F 155 -54.78 58.41 72.69
N THR F 156 -55.16 58.20 73.95
CA THR F 156 -54.40 58.73 75.07
C THR F 156 -54.05 57.62 76.06
N VAL F 157 -52.91 57.80 76.72
CA VAL F 157 -52.52 56.93 77.82
C VAL F 157 -52.49 57.72 79.13
N ASP F 158 -53.14 58.88 79.18
CA ASP F 158 -53.22 59.67 80.40
C ASP F 158 -54.09 58.92 81.42
N PRO F 159 -53.57 58.58 82.60
CA PRO F 159 -54.40 57.89 83.60
C PRO F 159 -55.68 58.63 83.94
N ALA F 160 -55.66 59.96 83.86
CA ALA F 160 -56.86 60.75 84.13
C ALA F 160 -57.97 60.50 83.11
N PHE F 161 -57.68 59.84 82.00
CA PHE F 161 -58.67 59.59 80.97
C PHE F 161 -59.10 58.12 80.93
N ARG F 162 -58.77 57.34 81.96
CA ARG F 162 -59.09 55.92 81.96
C ARG F 162 -60.58 55.67 81.77
N THR F 163 -61.42 56.49 82.43
CA THR F 163 -62.86 56.32 82.40
C THR F 163 -63.56 57.32 81.48
N ARG F 164 -62.81 58.13 80.75
CA ARG F 164 -63.37 59.24 79.99
C ARG F 164 -63.50 58.94 78.50
N GLY F 165 -63.68 57.67 78.14
CA GLY F 165 -63.85 57.34 76.73
C GLY F 165 -65.14 57.93 76.17
N ASN F 166 -65.04 58.46 74.96
CA ASN F 166 -66.18 59.07 74.29
C ASN F 166 -65.98 58.91 72.79
N ALA F 167 -66.80 59.61 72.01
CA ALA F 167 -66.75 59.49 70.56
C ALA F 167 -65.48 60.06 69.95
N ASN F 168 -64.68 60.83 70.71
CA ASN F 168 -63.49 61.46 70.17
C ASN F 168 -62.24 61.19 70.99
N THR F 169 -62.33 60.32 72.00
CA THR F 169 -61.21 60.07 72.92
C THR F 169 -61.21 58.59 73.29
N VAL F 170 -60.05 57.95 73.17
CA VAL F 170 -59.90 56.54 73.46
C VAL F 170 -58.67 56.36 74.36
N TRP F 171 -58.86 55.74 75.51
CA TRP F 171 -57.77 55.39 76.42
C TRP F 171 -57.41 53.92 76.22
N VAL F 172 -56.12 53.59 76.35
CA VAL F 172 -55.68 52.21 76.26
C VAL F 172 -54.76 51.90 77.43
N ASP F 173 -54.70 50.61 77.80
CA ASP F 173 -53.92 50.15 78.94
C ASP F 173 -52.43 49.97 78.63
N TYR F 174 -51.96 50.35 77.45
CA TYR F 174 -50.58 50.12 77.04
C TYR F 174 -49.85 51.45 76.90
N PRO F 175 -49.10 51.89 77.93
CA PRO F 175 -48.52 53.24 77.89
C PRO F 175 -47.59 53.51 76.72
N ASN F 176 -46.89 52.49 76.23
CA ASN F 176 -45.91 52.70 75.19
C ASN F 176 -46.52 52.85 73.80
N ILE F 177 -47.84 52.79 73.66
CA ILE F 177 -48.45 52.93 72.35
C ILE F 177 -48.10 54.27 71.70
N VAL F 178 -47.85 55.30 72.51
CA VAL F 178 -47.57 56.64 71.98
C VAL F 178 -46.13 56.74 71.51
N ARG F 179 -45.42 55.61 71.50
CA ARG F 179 -44.04 55.58 71.05
C ARG F 179 -43.76 54.53 69.98
N VAL F 180 -44.74 53.71 69.59
CA VAL F 180 -44.49 52.57 68.73
C VAL F 180 -45.29 52.61 67.44
N VAL F 181 -46.14 53.61 67.22
CA VAL F 181 -46.88 53.74 65.97
C VAL F 181 -46.63 55.13 65.41
N PRO F 182 -46.02 55.26 64.24
CA PRO F 182 -45.69 56.56 63.69
C PRO F 182 -46.88 57.17 62.95
N VAL F 183 -46.73 58.44 62.57
CA VAL F 183 -47.75 59.10 61.79
C VAL F 183 -47.90 58.35 60.47
N GLY F 184 -49.15 58.10 60.07
CA GLY F 184 -49.44 57.20 58.99
C GLY F 184 -49.69 55.76 59.44
N GLY F 185 -49.24 55.38 60.62
CA GLY F 185 -49.52 54.06 61.15
C GLY F 185 -50.98 53.89 61.51
N ARG F 186 -51.38 52.63 61.60
CA ARG F 186 -52.78 52.28 61.83
C ARG F 186 -52.97 51.72 63.22
N ILE F 187 -54.18 51.90 63.75
CA ILE F 187 -54.62 51.30 65.01
C ILE F 187 -55.97 50.67 64.77
N TYR F 188 -56.11 49.40 65.13
CA TYR F 188 -57.34 48.65 64.97
C TYR F 188 -57.98 48.41 66.33
N ILE F 189 -59.30 48.54 66.40
CA ILE F 189 -60.04 48.32 67.64
C ILE F 189 -61.17 47.34 67.36
N ASP F 190 -61.39 46.40 68.29
CA ASP F 190 -62.49 45.45 68.23
C ASP F 190 -62.41 44.58 66.98
N ASP F 191 -61.55 43.56 67.01
CA ASP F 191 -61.43 42.57 65.93
C ASP F 191 -61.18 43.23 64.57
N GLY F 192 -60.66 44.46 64.59
CA GLY F 192 -60.39 45.18 63.36
C GLY F 192 -61.57 45.87 62.73
N LEU F 193 -62.70 45.97 63.44
CA LEU F 193 -63.85 46.67 62.88
C LEU F 193 -63.56 48.15 62.68
N ILE F 194 -62.98 48.78 63.69
CA ILE F 194 -62.63 50.20 63.65
C ILE F 194 -61.15 50.32 63.37
N SER F 195 -60.78 51.25 62.50
CA SER F 195 -59.39 51.52 62.17
C SER F 195 -59.13 53.02 62.29
N LEU F 196 -58.00 53.37 62.90
CA LEU F 196 -57.57 54.75 63.07
C LEU F 196 -56.22 54.94 62.38
N VAL F 197 -56.06 56.06 61.69
CA VAL F 197 -54.78 56.42 61.07
C VAL F 197 -54.21 57.60 61.84
N VAL F 198 -52.99 57.46 62.32
CA VAL F 198 -52.38 58.48 63.17
C VAL F 198 -52.04 59.70 62.30
N GLN F 199 -52.75 60.80 62.53
CA GLN F 199 -52.46 62.05 61.83
C GLN F 199 -51.26 62.76 62.43
N LYS F 200 -51.18 62.80 63.76
CA LYS F 200 -50.17 63.59 64.45
C LYS F 200 -49.97 63.02 65.84
N ILE F 201 -48.75 63.17 66.36
CA ILE F 201 -48.40 62.70 67.68
C ILE F 201 -47.89 63.87 68.52
N GLY F 202 -48.54 64.11 69.65
CA GLY F 202 -48.15 65.17 70.55
C GLY F 202 -48.15 64.71 71.99
N PRO F 203 -47.86 65.64 72.92
CA PRO F 203 -47.90 65.29 74.35
C PRO F 203 -49.23 64.70 74.79
N GLU F 204 -50.35 65.15 74.21
CA GLU F 204 -51.65 64.60 74.57
C GLU F 204 -51.80 63.14 74.16
N GLY F 205 -50.95 62.66 73.26
CA GLY F 205 -51.05 61.30 72.76
C GLY F 205 -51.10 61.26 71.25
N LEU F 206 -51.83 60.30 70.69
CA LEU F 206 -51.91 60.12 69.25
C LEU F 206 -53.21 60.73 68.74
N VAL F 207 -53.08 61.78 67.91
CA VAL F 207 -54.22 62.37 67.24
C VAL F 207 -54.44 61.60 65.95
N THR F 208 -55.59 60.97 65.81
CA THR F 208 -55.86 60.08 64.68
C THR F 208 -57.15 60.50 63.98
N GLN F 209 -57.27 60.05 62.73
CA GLN F 209 -58.48 60.20 61.94
C GLN F 209 -59.11 58.84 61.73
N VAL F 210 -60.41 58.73 61.97
CA VAL F 210 -61.13 57.46 61.84
C VAL F 210 -61.18 57.09 60.37
N GLU F 211 -60.46 56.02 59.99
CA GLU F 211 -60.53 55.53 58.62
C GLU F 211 -61.76 54.66 58.41
N ASN F 212 -61.98 53.70 59.30
CA ASN F 212 -63.16 52.84 59.28
C ASN F 212 -63.93 53.06 60.55
N GLY F 213 -65.17 53.53 60.42
CA GLY F 213 -65.99 53.82 61.58
C GLY F 213 -66.80 52.63 62.05
N GLY F 214 -67.26 52.72 63.30
CA GLY F 214 -68.05 51.65 63.86
C GLY F 214 -68.50 52.00 65.26
N VAL F 215 -69.39 51.17 65.79
CA VAL F 215 -69.88 51.33 67.16
C VAL F 215 -68.88 50.69 68.12
N LEU F 216 -68.43 51.47 69.09
CA LEU F 216 -67.34 51.08 69.98
C LEU F 216 -67.88 50.85 71.39
N GLY F 217 -67.57 49.68 71.95
CA GLY F 217 -67.98 49.33 73.29
C GLY F 217 -66.88 49.55 74.31
N SER F 218 -66.97 48.83 75.42
CA SER F 218 -66.05 48.98 76.54
C SER F 218 -64.99 47.88 76.51
N ARG F 219 -63.73 48.29 76.61
CA ARG F 219 -62.60 47.37 76.76
C ARG F 219 -62.48 46.42 75.57
N LYS F 220 -62.36 47.00 74.39
CA LYS F 220 -62.20 46.20 73.19
C LYS F 220 -60.71 46.01 72.89
N GLY F 221 -60.42 44.93 72.16
CA GLY F 221 -59.03 44.60 71.88
C GLY F 221 -58.43 45.53 70.85
N VAL F 222 -57.13 45.78 70.99
CA VAL F 222 -56.42 46.74 70.16
C VAL F 222 -55.26 46.03 69.47
N ASN F 223 -55.19 46.15 68.15
CA ASN F 223 -54.08 45.65 67.36
C ASN F 223 -53.30 46.81 66.76
N LEU F 224 -51.97 46.66 66.70
CA LEU F 224 -51.09 47.70 66.18
C LEU F 224 -50.28 47.11 65.04
N PRO F 225 -50.81 47.12 63.82
CA PRO F 225 -50.09 46.51 62.69
C PRO F 225 -48.71 47.12 62.51
N GLY F 226 -47.70 46.26 62.42
CA GLY F 226 -46.34 46.69 62.18
C GLY F 226 -45.61 47.22 63.40
N ALA F 227 -46.29 47.44 64.53
CA ALA F 227 -45.66 48.02 65.69
C ALA F 227 -44.78 47.02 66.42
N GLN F 228 -43.63 47.48 66.88
CA GLN F 228 -42.71 46.71 67.71
C GLN F 228 -43.20 46.80 69.15
N VAL F 229 -44.09 45.89 69.52
CA VAL F 229 -44.72 45.90 70.83
C VAL F 229 -43.81 45.22 71.84
N ASP F 230 -43.51 45.92 72.93
CA ASP F 230 -42.56 45.46 73.95
C ASP F 230 -43.26 44.87 75.17
N LEU F 231 -44.51 44.44 75.03
CA LEU F 231 -45.18 43.73 76.11
C LEU F 231 -44.40 42.47 76.48
N PRO F 232 -44.48 42.03 77.73
CA PRO F 232 -43.74 40.82 78.12
C PRO F 232 -44.24 39.58 77.39
N GLY F 233 -43.37 38.58 77.29
CA GLY F 233 -43.74 37.34 76.62
C GLY F 233 -44.92 36.66 77.27
N LEU F 234 -45.01 36.74 78.59
CA LEU F 234 -46.06 36.10 79.36
C LEU F 234 -46.75 37.12 80.25
N SER F 235 -48.06 37.24 80.12
CA SER F 235 -48.83 38.01 81.09
C SER F 235 -48.89 37.26 82.42
N GLU F 236 -49.35 37.96 83.45
CA GLU F 236 -49.48 37.32 84.76
C GLU F 236 -50.54 36.23 84.73
N GLN F 237 -51.63 36.46 83.98
CA GLN F 237 -52.66 35.44 83.85
C GLN F 237 -52.15 34.24 83.07
N ASP F 238 -51.21 34.44 82.14
CA ASP F 238 -50.68 33.31 81.39
C ASP F 238 -49.84 32.40 82.27
N VAL F 239 -49.11 32.98 83.24
CA VAL F 239 -48.31 32.17 84.15
C VAL F 239 -49.20 31.28 85.00
N ARG F 240 -50.33 31.82 85.49
CA ARG F 240 -51.28 31.01 86.23
C ARG F 240 -51.92 29.96 85.32
N ASP F 241 -52.26 30.33 84.09
CA ASP F 241 -52.91 29.38 83.20
C ASP F 241 -51.96 28.26 82.79
N LEU F 242 -50.66 28.55 82.62
CA LEU F 242 -49.72 27.49 82.28
C LEU F 242 -49.47 26.56 83.46
N ARG F 243 -49.53 27.10 84.68
CA ARG F 243 -49.44 26.24 85.86
C ARG F 243 -50.64 25.32 85.98
N PHE F 244 -51.84 25.86 85.73
CA PHE F 244 -53.03 25.03 85.63
C PHE F 244 -52.84 23.93 84.59
N GLY F 245 -52.27 24.27 83.43
CA GLY F 245 -52.10 23.29 82.38
C GLY F 245 -51.17 22.15 82.74
N VAL F 246 -50.13 22.44 83.53
CA VAL F 246 -49.21 21.38 83.95
C VAL F 246 -49.88 20.43 84.91
N GLU F 247 -50.57 20.96 85.93
CA GLU F 247 -51.24 20.11 86.91
C GLU F 247 -52.40 19.32 86.32
N HIS F 248 -52.98 19.80 85.22
CA HIS F 248 -54.08 19.09 84.58
C HIS F 248 -53.62 18.29 83.38
N GLY F 249 -52.31 18.20 83.14
CA GLY F 249 -51.76 17.25 82.19
C GLY F 249 -51.95 17.55 80.72
N VAL F 250 -51.84 18.81 80.31
CA VAL F 250 -51.96 19.10 78.89
C VAL F 250 -50.69 18.66 78.17
N ASP F 251 -50.83 18.32 76.89
CA ASP F 251 -49.72 17.83 76.09
C ASP F 251 -49.06 18.91 75.26
N ILE F 252 -49.78 19.98 74.93
CA ILE F 252 -49.33 20.98 73.98
C ILE F 252 -49.75 22.35 74.50
N VAL F 253 -48.89 23.34 74.31
CA VAL F 253 -49.21 24.73 74.59
C VAL F 253 -49.12 25.50 73.27
N PHE F 254 -50.20 26.19 72.91
CA PHE F 254 -50.17 27.17 71.83
C PHE F 254 -49.87 28.52 72.47
N ALA F 255 -48.65 29.00 72.30
CA ALA F 255 -48.22 30.24 72.95
C ALA F 255 -48.60 31.43 72.08
N SER F 256 -49.44 32.32 72.60
CA SER F 256 -49.99 33.42 71.83
C SER F 256 -48.98 34.54 71.63
N PHE F 257 -49.02 35.16 70.44
CA PHE F 257 -48.36 36.45 70.19
C PHE F 257 -46.85 36.36 70.39
N VAL F 258 -46.25 35.26 69.92
CA VAL F 258 -44.81 35.08 70.05
C VAL F 258 -44.12 35.99 69.04
N ARG F 259 -43.25 36.87 69.55
CA ARG F 259 -42.56 37.86 68.72
C ARG F 259 -41.07 37.60 68.58
N LYS F 260 -40.47 36.80 69.45
CA LYS F 260 -39.03 36.60 69.47
C LYS F 260 -38.72 35.36 70.28
N ALA F 261 -37.45 34.96 70.25
CA ALA F 261 -37.04 33.72 70.91
C ALA F 261 -37.26 33.79 72.42
N SER F 262 -37.05 34.98 73.01
CA SER F 262 -37.20 35.11 74.45
C SER F 262 -38.62 34.86 74.92
N ASP F 263 -39.61 35.06 74.05
CA ASP F 263 -41.01 34.78 74.42
C ASP F 263 -41.21 33.30 74.74
N VAL F 264 -40.70 32.42 73.89
CA VAL F 264 -40.90 30.99 74.15
C VAL F 264 -40.04 30.52 75.30
N ALA F 265 -38.88 31.14 75.51
CA ALA F 265 -38.08 30.83 76.69
C ALA F 265 -38.85 31.12 77.97
N ALA F 266 -39.65 32.20 77.97
CA ALA F 266 -40.48 32.50 79.13
C ALA F 266 -41.59 31.48 79.30
N VAL F 267 -42.21 31.04 78.20
CA VAL F 267 -43.21 29.98 78.29
C VAL F 267 -42.59 28.72 78.86
N ARG F 268 -41.38 28.37 78.41
CA ARG F 268 -40.74 27.16 78.92
C ARG F 268 -40.43 27.27 80.41
N ALA F 269 -40.02 28.46 80.87
CA ALA F 269 -39.72 28.64 82.28
C ALA F 269 -40.98 28.55 83.13
N ALA F 270 -42.09 29.11 82.65
CA ALA F 270 -43.33 29.02 83.40
C ALA F 270 -43.84 27.59 83.49
N LEU F 271 -43.63 26.78 82.45
CA LEU F 271 -44.01 25.38 82.52
C LEU F 271 -43.32 24.66 83.67
N GLY F 272 -42.12 25.10 84.06
CA GLY F 272 -41.42 24.53 85.18
C GLY F 272 -40.84 23.18 84.88
N PRO F 273 -40.28 22.53 85.90
CA PRO F 273 -39.67 21.19 85.66
C PRO F 273 -40.69 20.09 85.44
N GLU F 274 -41.86 20.19 86.08
CA GLU F 274 -42.92 19.20 85.87
C GLU F 274 -43.51 19.25 84.46
N GLY F 275 -43.21 20.29 83.68
CA GLY F 275 -43.75 20.40 82.35
C GLY F 275 -42.71 20.30 81.25
N HIS F 276 -41.57 19.66 81.56
CA HIS F 276 -40.49 19.57 80.60
C HIS F 276 -40.88 18.80 79.35
N GLY F 277 -41.89 17.93 79.41
CA GLY F 277 -42.33 17.18 78.25
C GLY F 277 -43.39 17.84 77.40
N ILE F 278 -43.89 19.00 77.78
CA ILE F 278 -44.97 19.64 77.04
C ILE F 278 -44.39 20.32 75.80
N LYS F 279 -45.04 20.11 74.65
CA LYS F 279 -44.60 20.73 73.40
C LYS F 279 -45.09 22.16 73.35
N ILE F 280 -44.20 23.08 72.96
CA ILE F 280 -44.55 24.48 72.81
C ILE F 280 -44.69 24.77 71.32
N ILE F 281 -45.90 25.16 70.90
CA ILE F 281 -46.19 25.58 69.54
C ILE F 281 -46.37 27.09 69.57
N SER F 282 -45.52 27.81 68.85
CA SER F 282 -45.53 29.27 68.87
C SER F 282 -46.53 29.79 67.85
N LYS F 283 -47.44 30.65 68.30
CA LYS F 283 -48.42 31.28 67.44
C LYS F 283 -47.82 32.55 66.86
N ILE F 284 -47.65 32.59 65.55
CA ILE F 284 -47.15 33.77 64.85
C ILE F 284 -48.38 34.59 64.46
N GLU F 285 -48.50 35.78 65.05
CA GLU F 285 -49.73 36.55 64.95
C GLU F 285 -49.54 37.97 64.43
N ASN F 286 -48.31 38.45 64.25
CA ASN F 286 -48.12 39.84 63.84
C ASN F 286 -46.87 39.95 62.99
N HIS F 287 -46.57 41.17 62.57
CA HIS F 287 -45.51 41.42 61.60
C HIS F 287 -44.13 41.05 62.17
N GLU F 288 -43.87 41.42 63.42
CA GLU F 288 -42.55 41.14 64.00
C GLU F 288 -42.30 39.64 64.09
N GLY F 289 -43.31 38.87 64.50
CA GLY F 289 -43.16 37.43 64.56
C GLY F 289 -42.86 36.81 63.21
N VAL F 290 -43.42 37.37 62.13
CA VAL F 290 -43.13 36.88 60.79
C VAL F 290 -41.69 37.17 60.42
N LYS F 291 -41.22 38.39 60.72
CA LYS F 291 -39.86 38.78 60.35
C LYS F 291 -38.82 38.01 61.15
N ARG F 292 -39.09 37.72 62.41
CA ARG F 292 -38.15 36.99 63.25
C ARG F 292 -38.50 35.51 63.32
N PHE F 293 -39.20 35.00 62.32
CA PHE F 293 -39.67 33.62 62.31
C PHE F 293 -38.52 32.63 62.58
N ASP F 294 -37.36 32.88 61.99
CA ASP F 294 -36.28 31.90 62.04
C ASP F 294 -35.81 31.68 63.47
N GLU F 295 -35.60 32.76 64.22
CA GLU F 295 -35.18 32.62 65.60
C GLU F 295 -36.27 32.00 66.46
N ILE F 296 -37.55 32.19 66.10
CA ILE F 296 -38.64 31.60 66.86
C ILE F 296 -38.75 30.11 66.58
N LEU F 297 -38.60 29.70 65.32
CA LEU F 297 -38.69 28.29 64.96
C LEU F 297 -37.57 27.49 65.60
N GLU F 298 -36.35 28.03 65.61
CA GLU F 298 -35.21 27.31 66.17
C GLU F 298 -35.44 26.88 67.61
N VAL F 299 -36.18 27.68 68.38
CA VAL F 299 -36.38 27.41 69.81
C VAL F 299 -37.77 26.86 70.11
N SER F 300 -38.61 26.64 69.11
CA SER F 300 -39.95 26.13 69.31
C SER F 300 -40.04 24.67 68.89
N ASP F 301 -41.05 23.98 69.41
CA ASP F 301 -41.38 22.65 68.90
C ASP F 301 -42.16 22.72 67.60
N GLY F 302 -42.78 23.86 67.29
CA GLY F 302 -43.66 23.95 66.14
C GLY F 302 -44.27 25.34 66.07
N ILE F 303 -45.05 25.55 65.02
CA ILE F 303 -45.57 26.86 64.66
C ILE F 303 -47.06 26.74 64.37
N MET F 304 -47.84 27.71 64.84
CA MET F 304 -49.22 27.88 64.39
C MET F 304 -49.31 29.16 63.57
N VAL F 305 -49.81 29.02 62.35
CA VAL F 305 -50.13 30.18 61.51
C VAL F 305 -51.48 30.72 61.97
N ALA F 306 -51.45 31.69 62.88
CA ALA F 306 -52.67 32.22 63.48
C ALA F 306 -53.24 33.29 62.54
N ARG F 307 -53.95 32.82 61.51
CA ARG F 307 -54.43 33.71 60.44
C ARG F 307 -55.38 34.77 60.96
N GLY F 308 -56.07 34.52 62.07
CA GLY F 308 -57.01 35.46 62.63
C GLY F 308 -56.39 36.79 62.97
N ASP F 309 -55.44 36.79 63.91
CA ASP F 309 -54.78 38.04 64.27
C ASP F 309 -53.84 38.49 63.17
N LEU F 310 -53.19 37.54 62.49
CA LEU F 310 -52.29 37.90 61.39
C LEU F 310 -53.01 38.76 60.35
N GLY F 311 -54.25 38.40 60.02
CA GLY F 311 -55.03 39.16 59.05
C GLY F 311 -55.34 40.58 59.48
N ILE F 312 -55.28 40.87 60.77
CA ILE F 312 -55.45 42.24 61.24
C ILE F 312 -54.10 42.95 61.34
N GLU F 313 -53.06 42.21 61.74
CA GLU F 313 -51.73 42.78 61.96
C GLU F 313 -50.99 43.06 60.66
N ILE F 314 -51.32 42.36 59.58
CA ILE F 314 -50.79 42.65 58.25
C ILE F 314 -51.97 42.69 57.29
N PRO F 315 -51.80 43.35 56.13
CA PRO F 315 -52.89 43.38 55.15
C PRO F 315 -53.45 41.99 54.89
N ALA F 316 -54.78 41.91 54.74
CA ALA F 316 -55.44 40.62 54.62
C ALA F 316 -54.99 39.88 53.35
N GLU F 317 -54.65 40.61 52.29
CA GLU F 317 -54.20 39.96 51.07
C GLU F 317 -52.79 39.40 51.17
N LYS F 318 -52.06 39.70 52.24
CA LYS F 318 -50.71 39.17 52.43
C LYS F 318 -50.66 37.94 53.31
N VAL F 319 -51.78 37.53 53.91
CA VAL F 319 -51.76 36.43 54.87
C VAL F 319 -51.32 35.14 54.20
N PHE F 320 -51.76 34.91 52.96
CA PHE F 320 -51.39 33.65 52.30
C PHE F 320 -49.89 33.58 52.04
N LEU F 321 -49.23 34.73 51.89
CA LEU F 321 -47.77 34.72 51.73
C LEU F 321 -47.08 34.27 53.01
N ALA F 322 -47.57 34.73 54.16
CA ALA F 322 -46.99 34.33 55.43
C ALA F 322 -47.27 32.86 55.73
N GLN F 323 -48.46 32.39 55.37
CA GLN F 323 -48.80 30.99 55.57
C GLN F 323 -47.86 30.10 54.77
N LYS F 324 -47.70 30.39 53.48
CA LYS F 324 -46.90 29.53 52.62
C LYS F 324 -45.42 29.61 52.96
N MET F 325 -44.95 30.78 53.37
CA MET F 325 -43.56 30.90 53.80
C MET F 325 -43.31 30.08 55.07
N MET F 326 -44.19 30.19 56.05
CA MET F 326 -43.97 29.53 57.34
C MET F 326 -44.13 28.02 57.21
N ILE F 327 -45.08 27.58 56.38
CA ILE F 327 -45.24 26.17 56.16
C ILE F 327 -44.00 25.59 55.48
N GLY F 328 -43.46 26.32 54.49
CA GLY F 328 -42.27 25.83 53.81
C GLY F 328 -41.08 25.73 54.74
N ARG F 329 -40.86 26.75 55.54
CA ARG F 329 -39.71 26.73 56.44
C ARG F 329 -39.86 25.68 57.53
N CYS F 330 -41.09 25.44 57.98
CA CYS F 330 -41.32 24.36 58.92
C CYS F 330 -41.08 23.00 58.28
N ASN F 331 -41.55 22.80 57.04
CA ASN F 331 -41.27 21.56 56.33
C ASN F 331 -39.76 21.35 56.18
N LEU F 332 -39.04 22.42 55.84
CA LEU F 332 -37.58 22.34 55.72
C LEU F 332 -36.93 21.96 57.06
N ALA F 333 -37.38 22.56 58.16
CA ALA F 333 -36.86 22.25 59.49
C ALA F 333 -37.33 20.90 60.02
N GLY F 334 -38.35 20.28 59.43
CA GLY F 334 -38.92 19.08 60.01
C GLY F 334 -39.74 19.31 61.27
N LYS F 335 -40.29 20.52 61.46
CA LYS F 335 -41.10 20.79 62.64
C LYS F 335 -42.55 21.00 62.25
N PRO F 336 -43.49 20.54 63.08
CA PRO F 336 -44.91 20.63 62.69
C PRO F 336 -45.41 22.06 62.63
N VAL F 337 -46.36 22.30 61.73
CA VAL F 337 -46.95 23.61 61.53
C VAL F 337 -48.46 23.45 61.45
N VAL F 338 -49.18 24.34 62.12
CA VAL F 338 -50.63 24.28 62.24
C VAL F 338 -51.22 25.45 61.46
N CYS F 339 -52.22 25.16 60.62
CA CYS F 339 -52.99 26.19 59.94
C CYS F 339 -54.32 26.37 60.66
N ALA F 340 -54.65 27.62 61.00
CA ALA F 340 -55.80 27.88 61.87
C ALA F 340 -56.64 29.04 61.33
N THR F 341 -57.89 29.07 61.81
CA THR F 341 -58.83 30.19 61.78
C THR F 341 -59.64 30.27 60.49
N GLN F 342 -60.96 30.14 60.63
CA GLN F 342 -61.93 30.40 59.57
C GLN F 342 -61.77 29.46 58.39
N MET F 343 -61.28 28.24 58.64
CA MET F 343 -61.15 27.26 57.56
C MET F 343 -62.51 26.83 57.04
N LEU F 344 -63.47 26.60 57.93
CA LEU F 344 -64.83 26.21 57.55
C LEU F 344 -65.86 27.12 58.23
N GLU F 345 -65.60 28.43 58.17
CA GLU F 345 -66.31 29.37 59.04
C GLU F 345 -67.81 29.38 58.80
N SER F 346 -68.25 29.28 57.54
CA SER F 346 -69.68 29.33 57.25
C SER F 346 -70.42 28.13 57.84
N MET F 347 -69.72 27.05 58.17
CA MET F 347 -70.37 25.90 58.78
C MET F 347 -70.81 26.14 60.22
N ILE F 348 -70.61 27.35 60.74
CA ILE F 348 -71.19 27.71 62.04
C ILE F 348 -72.72 27.68 61.96
N THR F 349 -73.28 28.14 60.84
CA THR F 349 -74.74 28.19 60.66
C THR F 349 -75.27 27.33 59.53
N LYS F 350 -74.42 26.75 58.69
CA LYS F 350 -74.92 25.97 57.56
C LYS F 350 -74.30 24.58 57.58
N PRO F 351 -75.03 23.55 57.17
CA PRO F 351 -74.47 22.19 57.19
C PRO F 351 -73.46 21.92 56.08
N ARG F 352 -73.33 22.81 55.09
CA ARG F 352 -72.39 22.65 54.00
C ARG F 352 -71.45 23.85 53.92
N PRO F 353 -70.16 23.64 53.72
CA PRO F 353 -69.22 24.76 53.56
C PRO F 353 -69.33 25.38 52.18
N THR F 354 -68.76 26.58 52.05
CA THR F 354 -68.68 27.24 50.76
C THR F 354 -67.51 26.69 49.94
N ARG F 355 -67.51 27.03 48.65
CA ARG F 355 -66.46 26.54 47.76
C ARG F 355 -65.09 27.07 48.16
N ALA F 356 -65.03 28.31 48.68
CA ALA F 356 -63.74 28.84 49.12
C ALA F 356 -63.21 28.09 50.33
N GLU F 357 -64.11 27.67 51.23
CA GLU F 357 -63.67 27.00 52.45
C GLU F 357 -63.11 25.61 52.15
N THR F 358 -63.77 24.87 51.28
CA THR F 358 -63.27 23.55 50.88
C THR F 358 -61.90 23.69 50.22
N SER F 359 -61.74 24.67 49.34
CA SER F 359 -60.44 24.87 48.69
C SER F 359 -59.37 25.30 49.69
N ASP F 360 -59.75 26.08 50.70
CA ASP F 360 -58.77 26.55 51.68
C ASP F 360 -58.21 25.40 52.52
N VAL F 361 -59.06 24.45 52.91
CA VAL F 361 -58.55 23.31 53.66
C VAL F 361 -57.63 22.48 52.78
N ALA F 362 -58.06 22.20 51.54
CA ALA F 362 -57.24 21.40 50.64
C ALA F 362 -55.88 22.06 50.39
N ASN F 363 -55.89 23.37 50.12
CA ASN F 363 -54.64 24.05 49.81
C ASN F 363 -53.69 24.11 51.02
N ALA F 364 -54.24 24.18 52.23
CA ALA F 364 -53.38 24.10 53.43
C ALA F 364 -52.65 22.77 53.50
N VAL F 365 -53.35 21.67 53.19
CA VAL F 365 -52.69 20.37 53.15
C VAL F 365 -51.66 20.33 52.02
N LEU F 366 -52.02 20.84 50.84
CA LEU F 366 -51.09 20.85 49.72
C LEU F 366 -49.86 21.72 50.01
N ASP F 367 -50.04 22.81 50.77
CA ASP F 367 -48.90 23.63 51.19
C ASP F 367 -47.92 22.84 52.04
N GLY F 368 -48.41 21.92 52.88
CA GLY F 368 -47.52 21.14 53.71
C GLY F 368 -47.83 21.18 55.18
N ALA F 369 -48.97 21.77 55.55
CA ALA F 369 -49.36 21.86 56.95
C ALA F 369 -49.57 20.48 57.56
N ASP F 370 -49.14 20.31 58.81
CA ASP F 370 -49.31 19.06 59.53
C ASP F 370 -50.66 18.97 60.23
N CYS F 371 -51.23 20.09 60.65
CA CYS F 371 -52.52 20.09 61.32
C CYS F 371 -53.37 21.22 60.77
N ILE F 372 -54.67 20.99 60.81
CA ILE F 372 -55.66 22.01 60.49
C ILE F 372 -56.57 22.13 61.68
N MET F 373 -57.13 23.32 61.86
CA MET F 373 -57.79 23.68 63.09
C MET F 373 -59.20 24.19 62.80
N LEU F 374 -60.11 23.88 63.72
CA LEU F 374 -61.44 24.46 63.76
C LEU F 374 -61.58 25.22 65.06
N SER F 375 -62.17 26.43 64.97
CA SER F 375 -62.38 27.29 66.13
C SER F 375 -63.87 27.36 66.38
N GLY F 376 -64.56 28.42 65.95
CA GLY F 376 -66.00 28.53 66.19
C GLY F 376 -66.81 27.42 65.55
N GLU F 377 -66.28 26.77 64.52
CA GLU F 377 -66.99 25.66 63.89
C GLU F 377 -67.32 24.58 64.91
N THR F 378 -66.41 24.31 65.84
CA THR F 378 -66.64 23.32 66.88
C THR F 378 -66.94 23.92 68.24
N ALA F 379 -66.48 25.14 68.52
CA ALA F 379 -66.68 25.72 69.83
C ALA F 379 -68.12 26.18 70.03
N LYS F 380 -68.71 26.84 69.04
CA LYS F 380 -70.04 27.41 69.24
C LYS F 380 -70.99 27.24 68.05
N GLY F 381 -70.58 26.59 66.98
CA GLY F 381 -71.45 26.45 65.83
C GLY F 381 -72.52 25.39 66.04
N ASN F 382 -73.39 25.28 65.04
CA ASN F 382 -74.50 24.34 65.08
C ASN F 382 -74.18 22.99 64.48
N PHE F 383 -73.02 22.85 63.83
CA PHE F 383 -72.64 21.60 63.17
C PHE F 383 -71.19 21.25 63.47
N PRO F 384 -70.85 21.07 64.76
CA PRO F 384 -69.44 20.79 65.10
C PRO F 384 -68.96 19.44 64.60
N VAL F 385 -69.79 18.40 64.72
CA VAL F 385 -69.39 17.07 64.26
C VAL F 385 -69.25 17.06 62.73
N GLU F 386 -70.17 17.72 62.03
CA GLU F 386 -70.10 17.77 60.57
C GLU F 386 -68.88 18.54 60.10
N ALA F 387 -68.45 19.56 60.85
CA ALA F 387 -67.24 20.30 60.48
C ALA F 387 -66.00 19.42 60.57
N VAL F 388 -65.92 18.58 61.61
CA VAL F 388 -64.81 17.64 61.73
C VAL F 388 -64.83 16.65 60.58
N LYS F 389 -66.02 16.09 60.30
CA LYS F 389 -66.17 15.17 59.17
C LYS F 389 -65.76 15.83 57.86
N MET F 390 -66.11 17.11 57.66
CA MET F 390 -65.74 17.81 56.45
C MET F 390 -64.21 17.92 56.33
N GLN F 391 -63.55 18.32 57.42
CA GLN F 391 -62.10 18.47 57.36
C GLN F 391 -61.43 17.12 57.11
N HIS F 392 -61.98 16.05 57.69
CA HIS F 392 -61.45 14.72 57.46
C HIS F 392 -61.59 14.32 55.99
N ALA F 393 -62.75 14.61 55.39
CA ALA F 393 -62.98 14.24 54.01
C ALA F 393 -62.11 15.05 53.06
N ILE F 394 -61.97 16.35 53.30
CA ILE F 394 -61.11 17.15 52.43
C ILE F 394 -59.65 16.74 52.57
N ALA F 395 -59.18 16.56 53.81
CA ALA F 395 -57.78 16.21 54.04
C ALA F 395 -57.40 14.92 53.32
N ARG F 396 -58.30 13.92 53.34
CA ARG F 396 -58.00 12.63 52.70
C ARG F 396 -57.75 12.82 51.20
N GLU F 397 -58.61 13.57 50.52
CA GLU F 397 -58.44 13.82 49.10
C GLU F 397 -57.15 14.60 48.82
N ALA F 398 -56.90 15.66 49.59
CA ALA F 398 -55.74 16.51 49.32
C ALA F 398 -54.43 15.79 49.57
N GLU F 399 -54.40 14.85 50.52
CA GLU F 399 -53.15 14.14 50.80
C GLU F 399 -52.74 13.24 49.63
N ALA F 400 -53.72 12.62 48.96
CA ALA F 400 -53.39 11.78 47.80
C ALA F 400 -52.95 12.61 46.60
N ALA F 401 -53.36 13.87 46.53
CA ALA F 401 -53.03 14.77 45.43
C ALA F 401 -51.68 15.47 45.61
N VAL F 402 -51.00 15.24 46.73
CA VAL F 402 -49.68 15.82 46.91
C VAL F 402 -48.72 15.26 45.89
N TYR F 403 -47.91 16.13 45.30
CA TYR F 403 -46.93 15.75 44.27
C TYR F 403 -45.69 15.20 44.96
N HIS F 404 -45.78 13.96 45.41
CA HIS F 404 -44.74 13.40 46.27
C HIS F 404 -43.39 13.36 45.58
N ARG F 405 -43.37 13.20 44.25
CA ARG F 405 -42.11 13.02 43.53
C ARG F 405 -41.17 14.21 43.76
N GLN F 406 -41.68 15.44 43.62
CA GLN F 406 -40.84 16.60 43.85
C GLN F 406 -40.70 16.93 45.33
N LEU F 407 -41.76 16.72 46.11
CA LEU F 407 -41.70 17.01 47.54
C LEU F 407 -40.63 16.19 48.22
N PHE F 408 -40.60 14.88 47.95
CA PHE F 408 -39.61 14.02 48.58
C PHE F 408 -38.21 14.39 48.15
N GLU F 409 -38.02 14.64 46.85
CA GLU F 409 -36.69 14.94 46.35
C GLU F 409 -36.17 16.26 46.91
N GLU F 410 -37.04 17.26 47.04
CA GLU F 410 -36.59 18.55 47.57
C GLU F 410 -36.30 18.45 49.06
N LEU F 411 -37.13 17.72 49.81
CA LEU F 411 -36.84 17.52 51.23
C LEU F 411 -35.58 16.70 51.41
N ARG F 412 -35.37 15.70 50.55
CA ARG F 412 -34.13 14.91 50.57
C ARG F 412 -32.91 15.79 50.46
N ARG F 413 -32.84 16.60 49.39
CA ARG F 413 -31.63 17.36 49.08
C ARG F 413 -31.43 18.52 50.03
N ALA F 414 -32.50 19.02 50.66
CA ALA F 414 -32.35 20.14 51.57
C ALA F 414 -31.96 19.70 52.98
N ALA F 415 -32.24 18.46 53.35
CA ALA F 415 -31.81 17.98 54.65
C ALA F 415 -30.31 17.72 54.63
N PRO F 416 -29.56 18.22 55.60
CA PRO F 416 -28.11 18.04 55.57
C PRO F 416 -27.71 16.60 55.79
N LEU F 417 -26.48 16.29 55.39
CA LEU F 417 -25.88 15.01 55.76
C LEU F 417 -25.80 14.88 57.27
N SER F 418 -25.92 13.64 57.75
CA SER F 418 -26.00 13.39 59.18
C SER F 418 -25.25 12.11 59.53
N ARG F 419 -24.64 12.09 60.70
CA ARG F 419 -24.07 10.88 61.27
C ARG F 419 -24.99 10.22 62.29
N ASP F 420 -26.14 10.83 62.57
CA ASP F 420 -27.08 10.30 63.56
C ASP F 420 -27.78 9.08 62.97
N PRO F 421 -27.61 7.89 63.56
CA PRO F 421 -28.18 6.68 62.93
C PRO F 421 -29.69 6.73 62.77
N THR F 422 -30.39 7.43 63.66
CA THR F 422 -31.84 7.57 63.51
C THR F 422 -32.21 8.34 62.26
N GLU F 423 -31.42 9.37 61.92
CA GLU F 423 -31.65 10.13 60.70
C GLU F 423 -31.27 9.33 59.46
N VAL F 424 -30.18 8.57 59.54
CA VAL F 424 -29.77 7.74 58.42
C VAL F 424 -30.83 6.68 58.16
N THR F 425 -31.29 6.00 59.21
CA THR F 425 -32.30 4.96 59.05
C THR F 425 -33.61 5.54 58.53
N ALA F 426 -33.97 6.72 59.01
CA ALA F 426 -35.27 7.31 58.66
C ALA F 426 -35.39 7.49 57.16
N ILE F 427 -34.39 8.10 56.54
CA ILE F 427 -34.52 8.37 55.11
C ILE F 427 -34.40 7.06 54.31
N GLY F 428 -33.58 6.12 54.78
CA GLY F 428 -33.55 4.81 54.17
C GLY F 428 -34.91 4.13 54.16
N ALA F 429 -35.61 4.18 55.31
CA ALA F 429 -36.92 3.54 55.41
C ALA F 429 -37.97 4.22 54.52
N VAL F 430 -37.91 5.55 54.41
CA VAL F 430 -38.86 6.25 53.56
C VAL F 430 -38.62 5.93 52.09
N GLU F 431 -37.35 5.94 51.68
CA GLU F 431 -37.00 5.53 50.33
C GLU F 431 -37.45 4.11 50.04
N ALA F 432 -37.23 3.20 51.00
CA ALA F 432 -37.72 1.82 50.84
C ALA F 432 -39.23 1.79 50.70
N ALA F 433 -39.95 2.56 51.53
CA ALA F 433 -41.41 2.56 51.46
C ALA F 433 -41.91 3.05 50.10
N PHE F 434 -41.24 4.04 49.52
CA PHE F 434 -41.64 4.47 48.18
C PHE F 434 -41.34 3.40 47.13
N LYS F 435 -40.30 2.60 47.35
CA LYS F 435 -39.88 1.62 46.33
C LYS F 435 -40.92 0.52 46.15
N CYS F 436 -41.58 0.13 47.24
CA CYS F 436 -42.56 -0.96 47.21
C CYS F 436 -43.99 -0.50 47.47
N CYS F 437 -44.21 0.82 47.53
CA CYS F 437 -45.51 1.38 47.94
C CYS F 437 -45.98 0.74 49.25
N ALA F 438 -45.10 0.78 50.25
CA ALA F 438 -45.40 0.15 51.53
C ALA F 438 -46.70 0.71 52.10
N ALA F 439 -47.51 -0.17 52.69
CA ALA F 439 -48.74 0.29 53.31
C ALA F 439 -48.45 1.10 54.57
N ALA F 440 -47.33 0.84 55.23
CA ALA F 440 -47.02 1.55 56.46
C ALA F 440 -45.55 1.40 56.79
N ILE F 441 -45.05 2.34 57.59
CA ILE F 441 -43.79 2.20 58.29
C ILE F 441 -44.12 2.08 59.77
N ILE F 442 -43.78 0.94 60.35
CA ILE F 442 -43.96 0.68 61.79
C ILE F 442 -42.66 1.02 62.49
N VAL F 443 -42.73 1.89 63.50
CA VAL F 443 -41.55 2.34 64.21
C VAL F 443 -41.83 2.30 65.71
N LEU F 444 -40.87 1.76 66.47
CA LEU F 444 -40.92 1.85 67.92
C LEU F 444 -40.27 3.17 68.35
N THR F 445 -40.93 3.89 69.26
CA THR F 445 -40.38 5.15 69.74
C THR F 445 -40.81 5.34 71.19
N THR F 446 -39.98 6.02 71.97
CA THR F 446 -40.37 6.41 73.32
C THR F 446 -40.73 7.89 73.43
N THR F 447 -40.04 8.76 72.70
CA THR F 447 -40.34 10.18 72.70
C THR F 447 -41.08 10.66 71.46
N GLY F 448 -41.18 9.83 70.42
CA GLY F 448 -41.74 10.26 69.15
C GLY F 448 -40.72 10.69 68.13
N ARG F 449 -39.46 10.91 68.53
CA ARG F 449 -38.46 11.46 67.63
C ARG F 449 -38.24 10.59 66.40
N SER F 450 -38.13 9.27 66.59
CA SER F 450 -37.95 8.38 65.45
C SER F 450 -39.13 8.50 64.47
N ALA F 451 -40.34 8.61 65.00
CA ALA F 451 -41.50 8.81 64.14
C ALA F 451 -41.43 10.17 63.44
N GLN F 452 -41.02 11.21 64.16
CA GLN F 452 -40.98 12.56 63.57
C GLN F 452 -39.96 12.64 62.44
N LEU F 453 -38.82 11.98 62.60
CA LEU F 453 -37.81 11.96 61.55
C LEU F 453 -38.30 11.22 60.31
N LEU F 454 -39.23 10.28 60.46
CA LEU F 454 -39.83 9.67 59.27
C LEU F 454 -40.82 10.62 58.61
N SER F 455 -41.75 11.19 59.38
CA SER F 455 -42.75 12.08 58.81
C SER F 455 -42.12 13.32 58.17
N ARG F 456 -40.92 13.68 58.62
CA ARG F 456 -40.15 14.77 58.03
C ARG F 456 -40.01 14.64 56.52
N TYR F 457 -39.94 13.42 56.00
CA TYR F 457 -39.73 13.22 54.58
C TYR F 457 -41.04 13.02 53.84
N ARG F 458 -42.16 13.18 54.53
CA ARG F 458 -43.48 13.07 53.94
C ARG F 458 -43.64 11.76 53.17
N PRO F 459 -43.52 10.60 53.84
CA PRO F 459 -43.81 9.35 53.16
C PRO F 459 -45.28 9.27 52.80
N ARG F 460 -45.56 8.64 51.65
CA ARG F 460 -46.93 8.26 51.34
C ARG F 460 -47.45 7.19 52.30
N ALA F 461 -46.55 6.32 52.77
CA ALA F 461 -46.96 5.27 53.69
C ALA F 461 -47.25 5.84 55.08
N ALA F 462 -48.31 5.34 55.71
CA ALA F 462 -48.62 5.69 57.08
C ALA F 462 -47.47 5.32 58.01
N VAL F 463 -47.16 6.20 58.96
CA VAL F 463 -46.15 5.91 59.97
C VAL F 463 -46.89 5.46 61.23
N ILE F 464 -46.77 4.19 61.57
CA ILE F 464 -47.42 3.61 62.73
C ILE F 464 -46.40 3.60 63.86
N ALA F 465 -46.60 4.45 64.86
CA ALA F 465 -45.67 4.59 65.96
C ALA F 465 -46.18 3.83 67.18
N VAL F 466 -45.43 2.82 67.60
CA VAL F 466 -45.77 2.00 68.76
C VAL F 466 -44.97 2.50 69.95
N THR F 467 -45.67 2.84 71.04
CA THR F 467 -45.00 3.47 72.16
C THR F 467 -45.68 3.10 73.47
N ARG F 468 -44.92 3.15 74.55
CA ARG F 468 -45.46 3.03 75.90
C ARG F 468 -45.73 4.38 76.53
N SER F 469 -45.20 5.47 75.96
CA SER F 469 -45.32 6.79 76.55
C SER F 469 -46.67 7.41 76.15
N ALA F 470 -47.54 7.60 77.14
CA ALA F 470 -48.81 8.26 76.90
C ALA F 470 -48.61 9.65 76.31
N GLN F 471 -47.64 10.41 76.82
CA GLN F 471 -47.42 11.76 76.33
C GLN F 471 -46.95 11.74 74.88
N ALA F 472 -45.99 10.86 74.56
CA ALA F 472 -45.51 10.78 73.19
C ALA F 472 -46.62 10.33 72.25
N ALA F 473 -47.46 9.39 72.69
CA ALA F 473 -48.58 8.96 71.87
C ALA F 473 -49.52 10.11 71.56
N ARG F 474 -49.81 10.96 72.55
CA ARG F 474 -50.68 12.10 72.30
C ARG F 474 -50.01 13.15 71.42
N GLN F 475 -48.71 13.40 71.65
CA GLN F 475 -48.01 14.49 70.98
C GLN F 475 -47.66 14.24 69.53
N VAL F 476 -47.50 12.98 69.10
CA VAL F 476 -47.13 12.74 67.69
C VAL F 476 -48.26 13.04 66.72
N HIS F 477 -49.47 13.31 67.22
CA HIS F 477 -50.50 13.88 66.36
C HIS F 477 -50.06 15.18 65.71
N LEU F 478 -49.04 15.84 66.24
CA LEU F 478 -48.54 17.07 65.64
C LEU F 478 -47.85 16.83 64.30
N CYS F 479 -47.32 15.62 64.07
CA CYS F 479 -46.58 15.32 62.86
C CYS F 479 -47.49 14.63 61.86
N ARG F 480 -47.45 15.09 60.61
CA ARG F 480 -48.31 14.52 59.59
C ARG F 480 -47.98 13.06 59.36
N GLY F 481 -49.01 12.23 59.26
CA GLY F 481 -48.79 10.86 58.85
C GLY F 481 -48.37 9.91 59.95
N VAL F 482 -48.35 10.35 61.20
CA VAL F 482 -47.98 9.49 62.31
C VAL F 482 -49.24 9.08 63.05
N PHE F 483 -49.41 7.77 63.21
CA PHE F 483 -50.57 7.22 63.90
C PHE F 483 -50.08 6.51 65.14
N PRO F 484 -50.35 7.05 66.33
CA PRO F 484 -49.83 6.45 67.56
C PRO F 484 -50.64 5.24 67.98
N LEU F 485 -49.93 4.20 68.43
CA LEU F 485 -50.53 3.05 69.06
C LEU F 485 -49.92 2.90 70.45
N LEU F 486 -50.76 2.85 71.47
CA LEU F 486 -50.28 2.73 72.84
C LEU F 486 -50.17 1.25 73.21
N TYR F 487 -48.98 0.84 73.62
CA TYR F 487 -48.72 -0.51 74.08
C TYR F 487 -48.82 -0.52 75.61
N ARG F 488 -49.70 -1.38 76.14
CA ARG F 488 -49.96 -1.43 77.58
C ARG F 488 -49.33 -2.63 78.27
N GLU F 489 -48.83 -3.61 77.53
CA GLU F 489 -48.39 -4.85 78.13
C GLU F 489 -47.09 -4.65 78.91
N PRO F 490 -46.89 -5.41 80.00
CA PRO F 490 -45.64 -5.29 80.75
C PRO F 490 -44.49 -5.91 79.99
N PRO F 491 -43.26 -5.46 80.25
CA PRO F 491 -42.13 -5.92 79.44
C PRO F 491 -41.88 -7.41 79.58
N GLU F 492 -41.52 -8.05 78.46
CA GLU F 492 -41.06 -9.42 78.49
C GLU F 492 -39.68 -9.50 79.14
N ALA F 493 -39.36 -10.70 79.64
CA ALA F 493 -38.08 -10.88 80.33
C ALA F 493 -36.91 -10.64 79.38
N ILE F 494 -37.05 -11.04 78.12
CA ILE F 494 -36.02 -10.83 77.11
C ILE F 494 -36.40 -9.61 76.28
N TRP F 495 -35.50 -8.63 76.22
CA TRP F 495 -35.81 -7.38 75.52
C TRP F 495 -36.08 -7.63 74.04
N ALA F 496 -35.38 -8.59 73.44
CA ALA F 496 -35.60 -8.87 72.03
C ALA F 496 -37.01 -9.39 71.78
N ASP F 497 -37.59 -10.10 72.75
CA ASP F 497 -38.97 -10.53 72.59
C ASP F 497 -39.96 -9.40 72.87
N ASP F 498 -39.61 -8.47 73.76
CA ASP F 498 -40.47 -7.32 73.97
C ASP F 498 -40.56 -6.46 72.71
N VAL F 499 -39.45 -6.33 72.01
CA VAL F 499 -39.43 -5.58 70.76
C VAL F 499 -40.31 -6.25 69.71
N ASP F 500 -40.21 -7.58 69.58
CA ASP F 500 -40.98 -8.23 68.53
C ASP F 500 -42.47 -8.31 68.88
N ARG F 501 -42.81 -8.40 70.17
CA ARG F 501 -44.21 -8.32 70.55
C ARG F 501 -44.80 -6.95 70.20
N ARG F 502 -44.00 -5.89 70.32
CA ARG F 502 -44.48 -4.56 69.98
C ARG F 502 -44.65 -4.41 68.48
N VAL F 503 -43.70 -4.91 67.69
CA VAL F 503 -43.84 -4.90 66.24
C VAL F 503 -45.10 -5.63 65.83
N GLN F 504 -45.33 -6.81 66.43
CA GLN F 504 -46.51 -7.60 66.10
C GLN F 504 -47.79 -6.88 66.50
N PHE F 505 -47.79 -6.22 67.67
CA PHE F 505 -48.95 -5.45 68.08
C PHE F 505 -49.26 -4.34 67.08
N GLY F 506 -48.23 -3.74 66.47
CA GLY F 506 -48.46 -2.74 65.45
C GLY F 506 -49.06 -3.32 64.18
N ILE F 507 -48.63 -4.51 63.78
CA ILE F 507 -49.21 -5.16 62.61
C ILE F 507 -50.66 -5.55 62.88
N GLU F 508 -50.93 -6.12 64.06
CA GLU F 508 -52.29 -6.56 64.37
C GLU F 508 -53.24 -5.38 64.47
N SER F 509 -52.79 -4.27 65.06
CA SER F 509 -53.64 -3.08 65.11
C SER F 509 -53.80 -2.47 63.72
N GLY F 510 -52.74 -2.45 62.92
CA GLY F 510 -52.85 -1.94 61.57
C GLY F 510 -53.83 -2.72 60.72
N LYS F 511 -53.87 -4.05 60.89
CA LYS F 511 -54.85 -4.86 60.17
C LYS F 511 -56.26 -4.59 60.67
N LEU F 512 -56.42 -4.45 61.99
CA LEU F 512 -57.75 -4.23 62.55
C LEU F 512 -58.33 -2.88 62.10
N ARG F 513 -57.49 -1.87 61.88
CA ARG F 513 -57.94 -0.54 61.52
C ARG F 513 -57.99 -0.28 60.02
N GLY F 514 -57.63 -1.27 59.19
CA GLY F 514 -57.62 -1.09 57.77
C GLY F 514 -56.34 -0.51 57.19
N PHE F 515 -55.32 -0.28 58.02
CA PHE F 515 -54.03 0.15 57.48
C PHE F 515 -53.39 -0.93 56.62
N LEU F 516 -53.47 -2.19 57.07
CA LEU F 516 -52.72 -3.28 56.47
C LEU F 516 -53.65 -4.38 56.02
N ARG F 517 -53.36 -4.94 54.85
CA ARG F 517 -54.03 -6.10 54.32
C ARG F 517 -53.02 -7.21 54.11
N VAL F 518 -53.51 -8.45 54.05
CA VAL F 518 -52.66 -9.59 53.73
C VAL F 518 -51.98 -9.34 52.39
N GLY F 519 -50.66 -9.49 52.37
CA GLY F 519 -49.89 -9.30 51.16
C GLY F 519 -49.25 -7.92 51.04
N ASP F 520 -49.67 -6.96 51.84
CA ASP F 520 -49.00 -5.67 51.84
C ASP F 520 -47.55 -5.84 52.29
N LEU F 521 -46.71 -4.92 51.84
CA LEU F 521 -45.35 -4.80 52.36
C LEU F 521 -45.33 -3.73 53.44
N VAL F 522 -44.42 -3.90 54.39
CA VAL F 522 -44.33 -3.05 55.56
C VAL F 522 -42.86 -2.83 55.88
N ILE F 523 -42.49 -1.61 56.21
CA ILE F 523 -41.15 -1.29 56.68
C ILE F 523 -41.23 -1.19 58.20
N VAL F 524 -40.28 -1.84 58.89
CA VAL F 524 -40.23 -1.83 60.34
C VAL F 524 -38.91 -1.22 60.77
N VAL F 525 -38.98 -0.29 61.71
CA VAL F 525 -37.82 0.48 62.17
C VAL F 525 -37.68 0.27 63.66
N THR F 526 -36.52 -0.22 64.09
CA THR F 526 -36.24 -0.48 65.50
C THR F 526 -34.82 -0.05 65.82
N GLY F 527 -34.39 -0.31 67.06
CA GLY F 527 -33.05 0.02 67.50
C GLY F 527 -32.34 -1.20 68.07
N TRP F 528 -31.07 -1.01 68.41
CA TRP F 528 -30.21 -2.10 68.85
C TRP F 528 -30.13 -2.26 70.37
N ARG F 529 -30.71 -1.35 71.14
CA ARG F 529 -30.66 -1.41 72.59
C ARG F 529 -31.77 -0.52 73.15
N PRO F 530 -32.23 -0.79 74.38
CA PRO F 530 -33.37 -0.04 74.94
C PRO F 530 -33.05 1.43 75.16
N GLY F 531 -34.12 2.21 75.34
CA GLY F 531 -33.99 3.64 75.55
C GLY F 531 -33.94 4.42 74.25
N SER F 532 -34.23 5.72 74.36
CA SER F 532 -34.29 6.60 73.20
C SER F 532 -32.92 6.80 72.56
N GLY F 533 -32.94 7.15 71.28
CA GLY F 533 -31.75 7.60 70.58
C GLY F 533 -30.91 6.52 69.92
N TYR F 534 -31.38 5.26 69.89
CA TYR F 534 -30.59 4.15 69.37
C TYR F 534 -31.26 3.46 68.19
N THR F 535 -32.22 4.12 67.55
CA THR F 535 -32.83 3.60 66.33
C THR F 535 -31.78 3.48 65.23
N ASN F 536 -31.66 2.27 64.66
CA ASN F 536 -30.65 2.08 63.62
C ASN F 536 -30.93 0.88 62.71
N ILE F 537 -32.13 0.32 62.72
CA ILE F 537 -32.43 -0.91 62.00
C ILE F 537 -33.68 -0.69 61.16
N MET F 538 -33.69 -1.25 59.95
CA MET F 538 -34.85 -1.20 59.07
C MET F 538 -35.03 -2.56 58.42
N ARG F 539 -36.24 -3.13 58.53
CA ARG F 539 -36.56 -4.42 57.92
C ARG F 539 -37.75 -4.29 56.97
N VAL F 540 -37.79 -5.16 55.98
CA VAL F 540 -38.89 -5.25 55.02
C VAL F 540 -39.63 -6.55 55.29
N LEU F 541 -40.92 -6.44 55.61
CA LEU F 541 -41.74 -7.60 55.90
C LEU F 541 -43.02 -7.55 55.07
N SER F 542 -43.53 -8.73 54.75
CA SER F 542 -44.85 -8.86 54.17
C SER F 542 -45.86 -9.18 55.28
N ILE F 543 -47.08 -8.68 55.11
CA ILE F 543 -48.08 -8.76 56.16
C ILE F 543 -48.73 -10.13 56.15
N SER F 544 -49.05 -10.64 57.34
CA SER F 544 -49.77 -11.90 57.56
C SER F 544 -48.90 -13.09 57.25
N GLU G 20 -23.68 18.20 60.30
CA GLU G 20 -23.21 17.19 61.23
C GLU G 20 -21.80 16.70 60.88
N LEU G 21 -21.60 16.37 59.60
CA LEU G 21 -20.30 15.91 59.15
C LEU G 21 -19.25 17.01 59.31
N GLY G 22 -18.11 16.64 59.89
CA GLY G 22 -17.04 17.59 60.07
C GLY G 22 -16.43 18.03 58.76
N THR G 23 -15.71 19.16 58.81
CA THR G 23 -15.12 19.73 57.61
C THR G 23 -13.86 18.97 57.18
N ALA G 24 -13.76 17.70 57.59
CA ALA G 24 -12.76 16.79 57.07
C ALA G 24 -13.34 15.86 56.01
N PHE G 25 -14.56 15.37 56.22
CA PHE G 25 -15.28 14.64 55.18
C PHE G 25 -15.39 15.49 53.91
N PHE G 26 -15.83 16.74 54.07
CA PHE G 26 -16.11 17.64 52.96
C PHE G 26 -14.85 18.03 52.19
N GLN G 27 -13.66 17.71 52.68
CA GLN G 27 -12.43 18.06 52.00
C GLN G 27 -11.98 16.98 51.03
N GLN G 28 -12.54 15.77 51.12
CA GLN G 28 -12.10 14.64 50.32
C GLN G 28 -13.22 14.16 49.40
N GLN G 29 -12.82 13.29 48.46
CA GLN G 29 -13.73 12.56 47.57
C GLN G 29 -14.65 13.47 46.77
N GLN G 30 -14.21 14.69 46.46
CA GLN G 30 -15.00 15.62 45.65
C GLN G 30 -16.39 15.83 46.25
N LEU G 31 -16.46 15.81 47.58
CA LEU G 31 -17.75 16.00 48.24
C LEU G 31 -18.43 17.31 47.88
N PRO G 32 -17.75 18.48 47.84
CA PRO G 32 -18.45 19.70 47.41
C PRO G 32 -19.04 19.61 46.02
N ALA G 33 -18.31 19.04 45.07
CA ALA G 33 -18.86 18.83 43.74
C ALA G 33 -20.02 17.85 43.76
N ALA G 34 -20.06 16.96 44.76
CA ALA G 34 -21.14 15.99 44.83
C ALA G 34 -22.44 16.63 45.30
N MET G 35 -22.35 17.69 46.10
CA MET G 35 -23.51 18.38 46.66
C MET G 35 -24.03 19.50 45.77
N ALA G 36 -23.48 19.65 44.56
CA ALA G 36 -23.87 20.75 43.69
C ALA G 36 -25.30 20.57 43.18
N ASP G 37 -25.97 21.71 42.96
CA ASP G 37 -27.36 21.70 42.51
C ASP G 37 -27.52 21.46 41.02
N THR G 38 -26.46 21.63 40.24
CA THR G 38 -26.52 21.44 38.79
C THR G 38 -25.26 20.74 38.34
N PHE G 39 -25.33 20.13 37.16
CA PHE G 39 -24.16 19.47 36.60
C PHE G 39 -23.07 20.49 36.29
N LEU G 40 -23.46 21.66 35.79
CA LEU G 40 -22.49 22.71 35.52
C LEU G 40 -21.76 23.12 36.81
N GLU G 41 -22.50 23.34 37.89
CA GLU G 41 -21.87 23.71 39.14
C GLU G 41 -21.00 22.57 39.67
N HIS G 42 -21.46 21.33 39.49
CA HIS G 42 -20.66 20.17 39.86
C HIS G 42 -19.30 20.19 39.15
N LEU G 43 -19.30 20.50 37.86
CA LEU G 43 -18.02 20.62 37.14
C LEU G 43 -17.15 21.70 37.75
N CYS G 44 -17.73 22.86 38.04
CA CYS G 44 -16.97 24.00 38.56
C CYS G 44 -16.35 23.74 39.92
N LEU G 45 -16.88 22.79 40.68
CA LEU G 45 -16.41 22.55 42.04
C LEU G 45 -15.44 21.37 42.14
N LEU G 46 -15.18 20.68 41.03
CA LEU G 46 -14.18 19.63 41.04
C LEU G 46 -12.83 20.22 41.43
N ASP G 47 -12.09 19.47 42.25
CA ASP G 47 -10.92 19.99 42.93
C ASP G 47 -9.80 18.97 42.86
N ILE G 48 -8.66 19.37 42.29
CA ILE G 48 -7.53 18.46 42.20
C ILE G 48 -6.90 18.17 43.55
N ASP G 49 -7.21 18.96 44.58
CA ASP G 49 -6.71 18.71 45.92
C ASP G 49 -7.62 17.80 46.75
N SER G 50 -8.82 17.47 46.26
CA SER G 50 -9.74 16.56 46.95
C SER G 50 -9.28 15.13 46.72
N GLU G 51 -8.76 14.49 47.77
N GLU G 51 -8.78 14.48 47.76
CA GLU G 51 -8.20 13.16 47.52
CA GLU G 51 -8.20 13.16 47.61
C GLU G 51 -9.28 12.09 47.62
C GLU G 51 -9.29 12.08 47.62
N PRO G 52 -9.22 11.10 46.74
CA PRO G 52 -10.23 10.03 46.73
C PRO G 52 -10.01 9.05 47.86
N VAL G 53 -10.95 8.11 47.99
CA VAL G 53 -10.87 7.06 48.98
C VAL G 53 -10.00 5.94 48.42
N ALA G 54 -9.57 5.01 49.29
CA ALA G 54 -8.66 3.96 48.85
C ALA G 54 -9.36 2.90 48.01
N ALA G 55 -10.68 2.73 48.18
CA ALA G 55 -11.40 1.66 47.51
C ALA G 55 -11.73 2.05 46.08
N ARG G 56 -11.27 1.25 45.12
CA ARG G 56 -11.49 1.50 43.69
C ARG G 56 -12.57 0.56 43.18
N SER G 57 -13.66 1.12 42.68
CA SER G 57 -14.86 0.33 42.41
C SER G 57 -14.93 -0.23 40.99
N THR G 58 -14.18 0.33 40.05
CA THR G 58 -14.18 -0.16 38.67
C THR G 58 -13.15 -1.29 38.54
N SER G 59 -13.61 -2.46 38.10
CA SER G 59 -12.72 -3.61 37.99
C SER G 59 -11.77 -3.44 36.80
N ILE G 60 -10.53 -3.88 36.98
CA ILE G 60 -9.52 -3.85 35.93
C ILE G 60 -9.39 -5.24 35.34
N ILE G 61 -9.53 -5.36 34.02
CA ILE G 61 -9.31 -6.60 33.31
C ILE G 61 -7.99 -6.50 32.58
N ALA G 62 -7.12 -7.49 32.79
CA ALA G 62 -5.79 -7.51 32.21
C ALA G 62 -5.65 -8.77 31.36
N THR G 63 -5.10 -8.61 30.15
CA THR G 63 -4.94 -9.72 29.23
C THR G 63 -3.62 -10.44 29.49
N ILE G 64 -3.67 -11.77 29.57
CA ILE G 64 -2.48 -12.56 29.82
C ILE G 64 -1.73 -12.78 28.51
N GLY G 65 -0.43 -12.48 28.53
CA GLY G 65 0.42 -12.72 27.40
C GLY G 65 1.85 -12.95 27.83
N PRO G 66 2.78 -12.98 26.86
CA PRO G 66 4.20 -13.16 27.20
C PRO G 66 4.69 -12.25 28.32
N ALA G 67 4.22 -11.00 28.35
CA ALA G 67 4.68 -10.05 29.36
C ALA G 67 4.04 -10.28 30.73
N SER G 68 3.00 -11.10 30.81
CA SER G 68 2.24 -11.27 32.05
C SER G 68 1.94 -12.74 32.28
N ARG G 69 2.99 -13.57 32.22
CA ARG G 69 2.85 -15.00 32.43
C ARG G 69 3.68 -15.53 33.58
N SER G 70 4.84 -14.95 33.85
CA SER G 70 5.63 -15.34 35.01
C SER G 70 4.80 -15.17 36.27
N VAL G 71 4.86 -16.19 37.14
CA VAL G 71 4.03 -16.18 38.35
C VAL G 71 4.37 -14.98 39.22
N GLU G 72 5.66 -14.64 39.33
CA GLU G 72 6.05 -13.47 40.11
C GLU G 72 5.61 -12.16 39.46
N ARG G 73 5.41 -12.16 38.14
CA ARG G 73 4.82 -11.00 37.49
C ARG G 73 3.34 -10.87 37.83
N LEU G 74 2.64 -12.00 37.90
CA LEU G 74 1.22 -11.97 38.24
C LEU G 74 1.00 -11.56 39.68
N LYS G 75 1.93 -11.89 40.57
CA LYS G 75 1.85 -11.41 41.95
C LYS G 75 1.94 -9.89 42.01
N GLU G 76 2.74 -9.29 41.14
CA GLU G 76 2.87 -7.83 41.16
C GLU G 76 1.68 -7.13 40.50
N MET G 77 0.94 -7.83 39.63
CA MET G 77 -0.26 -7.24 39.05
C MET G 77 -1.45 -7.33 40.01
N ILE G 78 -1.54 -8.43 40.77
CA ILE G 78 -2.60 -8.56 41.78
C ILE G 78 -2.45 -7.48 42.83
N LYS G 79 -1.23 -7.29 43.33
CA LYS G 79 -0.97 -6.19 44.26
C LYS G 79 -1.24 -4.83 43.63
N ALA G 80 -1.15 -4.74 42.29
CA ALA G 80 -1.36 -3.47 41.62
C ALA G 80 -2.85 -3.17 41.43
N GLY G 81 -3.68 -4.20 41.34
CA GLY G 81 -5.11 -4.00 41.29
C GLY G 81 -5.86 -4.80 40.25
N MET G 82 -5.21 -5.78 39.63
CA MET G 82 -5.88 -6.60 38.62
C MET G 82 -6.93 -7.48 39.28
N ASN G 83 -8.16 -7.42 38.75
CA ASN G 83 -9.28 -8.16 39.31
C ASN G 83 -9.77 -9.29 38.42
N ILE G 84 -9.59 -9.19 37.10
CA ILE G 84 -10.01 -10.21 36.16
C ILE G 84 -8.86 -10.47 35.20
N ALA G 85 -8.57 -11.74 34.95
CA ALA G 85 -7.52 -12.16 34.03
C ALA G 85 -8.17 -12.68 32.76
N ARG G 86 -7.87 -12.03 31.64
CA ARG G 86 -8.45 -12.37 30.35
C ARG G 86 -7.49 -13.27 29.57
N LEU G 87 -8.02 -14.38 29.05
CA LEU G 87 -7.28 -15.29 28.18
C LEU G 87 -7.79 -15.10 26.77
N ASN G 88 -6.95 -14.55 25.89
CA ASN G 88 -7.34 -14.29 24.50
C ASN G 88 -7.07 -15.55 23.69
N PHE G 89 -8.13 -16.31 23.43
CA PHE G 89 -8.02 -17.51 22.63
C PHE G 89 -7.91 -17.23 21.13
N SER G 90 -7.58 -15.99 20.76
CA SER G 90 -7.25 -15.70 19.37
C SER G 90 -5.85 -16.18 19.00
N HIS G 91 -4.98 -16.39 19.99
CA HIS G 91 -3.66 -16.96 19.78
C HIS G 91 -3.38 -17.93 20.92
N GLY G 92 -2.47 -18.87 20.66
CA GLY G 92 -2.09 -19.80 21.70
C GLY G 92 -2.91 -21.06 21.70
N SER G 93 -2.29 -22.14 22.15
CA SER G 93 -2.91 -23.45 22.16
C SER G 93 -3.59 -23.73 23.49
N HIS G 94 -4.29 -24.86 23.56
CA HIS G 94 -4.96 -25.24 24.80
C HIS G 94 -3.96 -25.55 25.90
N GLU G 95 -2.85 -26.21 25.55
CA GLU G 95 -1.80 -26.41 26.55
C GLU G 95 -1.19 -25.08 26.96
N TYR G 96 -1.03 -24.15 26.01
CA TYR G 96 -0.56 -22.81 26.34
C TYR G 96 -1.42 -22.18 27.42
N HIS G 97 -2.75 -22.18 27.22
CA HIS G 97 -3.64 -21.47 28.13
C HIS G 97 -3.77 -22.18 29.48
N ALA G 98 -3.61 -23.50 29.51
CA ALA G 98 -3.73 -24.23 30.77
C ALA G 98 -2.63 -23.82 31.74
N GLU G 99 -1.42 -23.54 31.22
CA GLU G 99 -0.37 -23.01 32.09
C GLU G 99 -0.69 -21.60 32.56
N SER G 100 -1.28 -20.78 31.67
CA SER G 100 -1.75 -19.46 32.08
C SER G 100 -2.70 -19.56 33.26
N ILE G 101 -3.69 -20.44 33.15
CA ILE G 101 -4.68 -20.61 34.23
C ILE G 101 -3.98 -21.06 35.50
N ALA G 102 -3.07 -22.04 35.38
CA ALA G 102 -2.35 -22.54 36.55
C ALA G 102 -1.43 -21.45 37.13
N ASN G 103 -0.79 -20.66 36.26
CA ASN G 103 0.07 -19.59 36.76
C ASN G 103 -0.74 -18.51 37.46
N VAL G 104 -1.94 -18.23 36.95
CA VAL G 104 -2.81 -17.25 37.60
C VAL G 104 -3.26 -17.77 38.96
N ARG G 105 -3.73 -19.02 39.00
CA ARG G 105 -4.16 -19.59 40.27
C ARG G 105 -3.01 -19.70 41.26
N GLU G 106 -1.80 -19.97 40.77
CA GLU G 106 -0.64 -20.00 41.65
C GLU G 106 -0.41 -18.64 42.31
N ALA G 107 -0.41 -17.57 41.51
CA ALA G 107 -0.17 -16.24 42.06
C ALA G 107 -1.30 -15.82 43.00
N VAL G 108 -2.54 -16.21 42.71
CA VAL G 108 -3.67 -15.81 43.54
C VAL G 108 -3.59 -16.47 44.91
N GLU G 109 -3.37 -17.79 44.95
CA GLU G 109 -3.41 -18.49 46.23
C GLU G 109 -2.16 -18.27 47.08
N SER G 110 -1.15 -17.58 46.56
CA SER G 110 -0.02 -17.19 47.40
C SER G 110 -0.41 -16.20 48.49
N PHE G 111 -1.59 -15.58 48.38
CA PHE G 111 -2.06 -14.61 49.35
C PHE G 111 -3.10 -15.18 50.30
N ALA G 112 -3.56 -16.41 50.07
CA ALA G 112 -4.59 -17.01 50.91
C ALA G 112 -4.12 -17.27 52.34
N GLY G 113 -2.82 -17.22 52.60
CA GLY G 113 -2.33 -17.43 53.95
C GLY G 113 -2.81 -16.39 54.94
N SER G 114 -3.09 -15.17 54.45
CA SER G 114 -3.71 -14.13 55.27
C SER G 114 -5.12 -13.87 54.74
N PRO G 115 -6.15 -14.50 55.31
CA PRO G 115 -7.51 -14.34 54.74
C PRO G 115 -8.03 -12.93 54.78
N LEU G 116 -7.53 -12.08 55.68
CA LEU G 116 -8.04 -10.73 55.81
C LEU G 116 -7.67 -9.84 54.63
N SER G 117 -6.62 -10.19 53.87
CA SER G 117 -6.17 -9.37 52.75
C SER G 117 -6.26 -10.12 51.42
N TYR G 118 -6.89 -11.29 51.39
CA TYR G 118 -6.96 -12.09 50.18
C TYR G 118 -7.83 -11.41 49.12
N ARG G 119 -7.29 -11.27 47.91
CA ARG G 119 -8.04 -10.66 46.82
C ARG G 119 -8.44 -11.73 45.82
N PRO G 120 -9.73 -12.07 45.70
CA PRO G 120 -10.16 -12.98 44.63
C PRO G 120 -9.88 -12.40 43.27
N VAL G 121 -9.55 -13.27 42.33
CA VAL G 121 -9.21 -12.88 40.96
C VAL G 121 -9.94 -13.81 40.00
N ALA G 122 -10.80 -13.26 39.15
CA ALA G 122 -11.55 -14.08 38.22
C ALA G 122 -10.74 -14.34 36.96
N ILE G 123 -11.11 -15.40 36.24
CA ILE G 123 -10.48 -15.77 34.99
C ILE G 123 -11.54 -15.74 33.89
N ALA G 124 -11.26 -15.01 32.82
CA ALA G 124 -12.20 -14.82 31.73
C ALA G 124 -11.62 -15.39 30.44
N LEU G 125 -12.49 -15.98 29.62
CA LEU G 125 -12.11 -16.58 28.35
C LEU G 125 -12.67 -15.74 27.22
N ASP G 126 -11.78 -15.09 26.47
CA ASP G 126 -12.17 -14.30 25.31
C ASP G 126 -12.19 -15.21 24.09
N THR G 127 -13.38 -15.42 23.54
CA THR G 127 -13.55 -16.24 22.35
C THR G 127 -12.85 -15.64 21.14
N LYS G 128 -12.26 -16.51 20.31
CA LYS G 128 -11.59 -16.03 19.10
C LYS G 128 -12.59 -15.45 18.11
N GLY G 129 -13.71 -16.15 17.88
CA GLY G 129 -14.75 -15.68 16.99
C GLY G 129 -14.36 -15.77 15.53
N PRO G 130 -15.23 -15.25 14.65
CA PRO G 130 -14.95 -15.34 13.21
C PRO G 130 -13.84 -14.37 12.81
N GLU G 131 -12.89 -14.87 12.02
CA GLU G 131 -11.73 -14.09 11.62
C GLU G 131 -11.41 -14.36 10.16
N ILE G 132 -11.22 -13.29 9.39
CA ILE G 132 -10.85 -13.38 7.98
C ILE G 132 -9.41 -12.89 7.84
N ARG G 133 -8.56 -13.70 7.22
CA ARG G 133 -7.15 -13.41 7.02
C ARG G 133 -6.87 -13.27 5.53
N THR G 134 -5.93 -12.40 5.19
CA THR G 134 -5.45 -12.32 3.81
C THR G 134 -4.46 -13.46 3.53
N GLY G 135 -3.87 -13.44 2.34
CA GLY G 135 -2.98 -14.50 1.91
C GLY G 135 -1.51 -14.13 2.03
N ILE G 136 -0.67 -15.14 1.82
CA ILE G 136 0.78 -14.97 1.90
C ILE G 136 1.29 -14.25 0.66
N GLY G 140 5.03 -13.83 -4.23
CA GLY G 140 4.68 -13.16 -3.00
C GLY G 140 5.21 -13.84 -1.74
N PRO G 141 6.51 -13.69 -1.48
CA PRO G 141 7.12 -14.35 -0.32
C PRO G 141 6.45 -13.96 0.99
N GLU G 142 6.69 -14.75 2.02
CA GLU G 142 6.23 -14.38 3.35
C GLU G 142 7.16 -13.33 3.93
N SER G 143 6.61 -12.50 4.83
CA SER G 143 7.28 -11.39 5.51
C SER G 143 7.58 -10.21 4.59
N GLU G 144 7.19 -10.25 3.32
CA GLU G 144 7.38 -9.12 2.41
C GLU G 144 6.12 -8.26 2.36
N VAL G 145 6.27 -7.06 1.79
CA VAL G 145 5.22 -6.06 1.81
C VAL G 145 5.04 -5.45 0.42
N GLU G 146 3.89 -4.81 0.23
CA GLU G 146 3.56 -4.09 -1.00
C GLU G 146 2.47 -3.08 -0.67
N LEU G 147 2.18 -2.19 -1.64
CA LEU G 147 1.15 -1.17 -1.44
C LEU G 147 0.77 -0.45 -2.73
N VAL G 148 0.26 0.79 -2.57
CA VAL G 148 0.05 1.86 -3.56
C VAL G 148 -1.42 2.25 -3.57
N LYS G 149 -1.69 3.55 -3.51
CA LYS G 149 -3.03 4.12 -3.47
C LYS G 149 -3.58 4.31 -4.87
N GLY G 150 -4.91 4.38 -4.95
CA GLY G 150 -5.60 4.63 -6.22
C GLY G 150 -5.51 3.51 -7.22
N SER G 151 -4.50 2.65 -7.09
CA SER G 151 -4.28 1.57 -8.05
C SER G 151 -5.36 0.51 -7.91
N GLN G 152 -5.91 0.06 -9.03
CA GLN G 152 -6.97 -0.92 -9.03
C GLN G 152 -6.44 -2.33 -8.77
N VAL G 155 -7.74 -10.21 -4.54
CA VAL G 155 -8.97 -9.80 -5.15
C VAL G 155 -9.84 -11.05 -5.31
N THR G 156 -9.28 -12.19 -4.93
CA THR G 156 -9.83 -13.51 -5.28
C THR G 156 -9.82 -14.43 -4.07
N VAL G 157 -10.54 -15.54 -4.20
CA VAL G 157 -10.56 -16.61 -3.20
C VAL G 157 -9.90 -17.89 -3.69
N ASP G 158 -9.63 -18.02 -4.99
CA ASP G 158 -9.03 -19.21 -5.59
C ASP G 158 -7.77 -19.62 -4.82
N PRO G 159 -7.69 -20.86 -4.34
CA PRO G 159 -6.51 -21.28 -3.56
C PRO G 159 -5.19 -21.25 -4.33
N ALA G 160 -5.21 -21.01 -5.64
CA ALA G 160 -3.98 -20.90 -6.39
C ALA G 160 -3.16 -19.69 -5.95
N PHE G 161 -3.82 -18.61 -5.55
CA PHE G 161 -3.14 -17.38 -5.14
C PHE G 161 -2.99 -17.27 -3.63
N ARG G 162 -3.13 -18.38 -2.91
CA ARG G 162 -2.98 -18.35 -1.46
C ARG G 162 -1.58 -17.91 -1.06
N THR G 163 -0.57 -18.38 -1.79
CA THR G 163 0.81 -17.95 -1.60
C THR G 163 1.32 -17.05 -2.71
N ARG G 164 0.60 -16.94 -3.83
CA ARG G 164 0.93 -16.03 -4.92
C ARG G 164 0.22 -14.69 -4.77
N GLY G 165 -0.21 -14.35 -3.56
CA GLY G 165 -1.02 -13.17 -3.35
C GLY G 165 -0.33 -11.86 -3.70
N ASN G 166 0.77 -11.55 -3.00
CA ASN G 166 1.39 -10.24 -3.09
C ASN G 166 1.82 -9.88 -4.50
N ALA G 167 0.86 -9.47 -5.32
CA ALA G 167 1.12 -8.95 -6.66
C ALA G 167 0.09 -7.88 -7.00
N ASN G 168 -0.20 -7.01 -6.04
CA ASN G 168 -1.36 -6.11 -6.10
C ASN G 168 -2.65 -6.89 -6.30
N THR G 169 -2.68 -8.12 -5.78
CA THR G 169 -3.86 -8.94 -5.65
C THR G 169 -3.87 -9.48 -4.23
N VAL G 170 -5.06 -9.71 -3.69
CA VAL G 170 -5.22 -10.13 -2.30
C VAL G 170 -6.09 -11.38 -2.25
N TRP G 171 -5.58 -12.42 -1.63
CA TRP G 171 -6.33 -13.64 -1.37
C TRP G 171 -6.74 -13.66 0.09
N VAL G 172 -7.97 -14.13 0.35
CA VAL G 172 -8.48 -14.23 1.71
C VAL G 172 -9.05 -15.63 1.92
N ASP G 173 -9.07 -16.07 3.19
CA ASP G 173 -9.52 -17.39 3.56
C ASP G 173 -11.03 -17.48 3.79
N TYR G 174 -11.78 -16.46 3.37
CA TYR G 174 -13.24 -16.47 3.42
C TYR G 174 -13.77 -16.58 2.00
N PRO G 175 -14.18 -17.77 1.54
CA PRO G 175 -14.53 -17.91 0.11
C PRO G 175 -15.77 -17.13 -0.28
N ASN G 176 -16.70 -16.88 0.64
CA ASN G 176 -17.96 -16.18 0.32
C ASN G 176 -17.80 -14.66 0.28
N ILE G 177 -16.57 -14.15 0.14
CA ILE G 177 -16.37 -12.71 0.15
C ILE G 177 -16.74 -12.08 -1.19
N VAL G 178 -16.63 -12.84 -2.29
CA VAL G 178 -16.80 -12.27 -3.63
C VAL G 178 -18.19 -11.69 -3.80
N ARG G 179 -19.21 -12.34 -3.25
CA ARG G 179 -20.58 -11.84 -3.33
C ARG G 179 -20.98 -11.02 -2.11
N VAL G 180 -20.40 -11.30 -0.94
CA VAL G 180 -20.79 -10.64 0.30
C VAL G 180 -20.65 -9.11 0.24
N VAL G 181 -19.93 -8.58 -0.75
CA VAL G 181 -19.67 -7.16 -0.87
C VAL G 181 -20.15 -6.70 -2.25
N PRO G 182 -21.08 -5.75 -2.33
CA PRO G 182 -21.57 -5.28 -3.64
C PRO G 182 -20.56 -4.34 -4.29
N VAL G 183 -20.93 -3.82 -5.47
CA VAL G 183 -20.04 -2.93 -6.21
C VAL G 183 -19.70 -1.71 -5.37
N GLY G 184 -20.70 -1.13 -4.72
CA GLY G 184 -20.46 -0.09 -3.75
C GLY G 184 -20.16 -0.69 -2.39
N GLY G 185 -18.97 -1.25 -2.24
CA GLY G 185 -18.61 -1.96 -1.03
C GLY G 185 -17.22 -1.62 -0.58
N ARG G 186 -17.00 -1.74 0.72
CA ARG G 186 -15.75 -1.40 1.37
C ARG G 186 -15.14 -2.63 2.01
N ILE G 187 -13.83 -2.78 1.87
CA ILE G 187 -13.08 -3.85 2.53
C ILE G 187 -11.86 -3.23 3.22
N TYR G 188 -11.65 -3.61 4.47
CA TYR G 188 -10.49 -3.16 5.23
C TYR G 188 -9.55 -4.34 5.47
N ILE G 189 -8.25 -4.06 5.45
CA ILE G 189 -7.24 -5.01 5.89
C ILE G 189 -6.27 -4.35 6.86
N ASP G 190 -5.69 -5.19 7.73
CA ASP G 190 -4.64 -4.79 8.68
C ASP G 190 -5.16 -3.69 9.61
N ASP G 191 -5.99 -4.12 10.56
CA ASP G 191 -6.57 -3.24 11.57
C ASP G 191 -7.41 -2.12 10.93
N GLY G 192 -7.74 -2.24 9.65
CA GLY G 192 -8.40 -1.15 8.97
C GLY G 192 -7.49 0.03 8.70
N LEU G 193 -6.21 -0.20 8.46
CA LEU G 193 -5.28 0.86 8.11
C LEU G 193 -5.23 1.11 6.61
N ILE G 194 -5.71 0.15 5.81
CA ILE G 194 -5.86 0.33 4.37
C ILE G 194 -7.23 -0.19 3.99
N SER G 195 -7.81 0.36 2.92
CA SER G 195 -9.21 0.12 2.61
C SER G 195 -9.41 -0.11 1.11
N LEU G 196 -10.54 -0.73 0.78
CA LEU G 196 -10.94 -0.94 -0.61
C LEU G 196 -12.26 -0.24 -0.91
N VAL G 207 -14.52 -8.12 -9.14
CA VAL G 207 -14.24 -8.09 -7.71
C VAL G 207 -13.16 -7.05 -7.40
N THR G 208 -13.06 -6.05 -8.26
CA THR G 208 -11.93 -5.12 -8.28
C THR G 208 -12.31 -3.79 -7.63
N GLN G 209 -11.39 -3.24 -6.83
CA GLN G 209 -11.65 -1.99 -6.10
C GLN G 209 -10.44 -1.08 -6.22
N VAL G 210 -10.39 -0.06 -5.35
CA VAL G 210 -9.57 1.13 -5.57
C VAL G 210 -8.21 1.07 -4.88
N GLU G 211 -8.13 0.40 -3.73
CA GLU G 211 -6.88 0.19 -2.98
C GLU G 211 -6.25 1.52 -2.57
N ASN G 212 -6.84 2.14 -1.54
CA ASN G 212 -6.34 3.41 -0.99
C ASN G 212 -5.75 3.14 0.40
N GLY G 213 -4.46 2.79 0.43
CA GLY G 213 -3.79 2.54 1.69
C GLY G 213 -2.30 2.39 1.50
N GLY G 214 -1.62 2.08 2.61
CA GLY G 214 -0.18 1.96 2.65
C GLY G 214 0.29 0.51 2.71
N VAL G 215 1.24 0.25 3.61
CA VAL G 215 1.93 -1.04 3.64
C VAL G 215 0.99 -2.20 3.94
N LEU G 216 1.31 -3.37 3.41
CA LEU G 216 0.47 -4.56 3.54
C LEU G 216 1.32 -5.79 3.29
N GLY G 217 1.18 -6.80 4.13
CA GLY G 217 1.89 -8.06 3.91
C GLY G 217 1.65 -9.03 5.03
N SER G 218 1.83 -10.32 4.70
CA SER G 218 1.82 -11.42 5.65
C SER G 218 0.46 -11.62 6.32
N ARG G 219 -0.52 -12.10 5.55
CA ARG G 219 -1.86 -12.46 6.00
C ARG G 219 -2.43 -11.60 7.15
N LYS G 220 -2.85 -10.39 6.83
CA LYS G 220 -3.37 -9.45 7.81
C LYS G 220 -4.88 -9.63 7.98
N GLY G 221 -5.40 -9.09 9.08
CA GLY G 221 -6.81 -9.24 9.39
C GLY G 221 -7.69 -8.42 8.47
N VAL G 222 -8.92 -8.91 8.28
CA VAL G 222 -9.89 -8.32 7.36
C VAL G 222 -11.16 -7.96 8.13
N ASN G 223 -11.79 -6.85 7.71
CA ASN G 223 -13.09 -6.44 8.23
C ASN G 223 -13.96 -6.03 7.06
N LEU G 224 -15.26 -6.34 7.16
CA LEU G 224 -16.24 -6.05 6.11
C LEU G 224 -17.32 -5.14 6.68
N PRO G 225 -17.17 -3.83 6.55
CA PRO G 225 -18.18 -2.91 7.13
C PRO G 225 -19.50 -3.00 6.40
N GLY G 226 -20.58 -2.87 7.16
CA GLY G 226 -21.93 -2.85 6.63
C GLY G 226 -22.25 -4.01 5.72
N ALA G 227 -21.59 -5.15 5.94
CA ALA G 227 -21.73 -6.32 5.09
C ALA G 227 -22.52 -7.40 5.82
N GLN G 228 -23.43 -8.05 5.10
CA GLN G 228 -24.28 -9.08 5.67
C GLN G 228 -23.56 -10.42 5.56
N VAL G 229 -23.13 -10.96 6.70
CA VAL G 229 -22.37 -12.20 6.73
C VAL G 229 -23.29 -13.35 7.11
N ASP G 230 -22.95 -14.54 6.64
CA ASP G 230 -23.57 -15.78 7.09
C ASP G 230 -22.57 -16.74 7.68
N LEU G 231 -21.30 -16.35 7.79
CA LEU G 231 -20.30 -17.13 8.51
C LEU G 231 -20.81 -17.37 9.93
N PRO G 232 -20.72 -18.61 10.45
CA PRO G 232 -21.42 -18.94 11.69
C PRO G 232 -20.96 -18.10 12.87
N GLY G 233 -21.91 -17.79 13.75
CA GLY G 233 -21.61 -17.06 14.96
C GLY G 233 -20.85 -17.85 16.00
N LEU G 234 -20.79 -19.17 15.85
CA LEU G 234 -20.05 -20.03 16.80
C LEU G 234 -19.34 -21.11 15.99
N SER G 235 -18.03 -20.94 15.81
CA SER G 235 -17.23 -21.90 15.07
C SER G 235 -16.95 -23.13 15.93
N GLU G 236 -16.55 -24.21 15.26
CA GLU G 236 -16.21 -25.43 15.98
C GLU G 236 -14.98 -25.24 16.88
N GLN G 237 -14.02 -24.41 16.47
CA GLN G 237 -12.89 -24.11 17.35
C GLN G 237 -13.35 -23.37 18.61
N ASP G 238 -14.38 -22.53 18.48
CA ASP G 238 -14.91 -21.83 19.64
C ASP G 238 -15.61 -22.80 20.59
N VAL G 239 -16.37 -23.75 20.05
CA VAL G 239 -17.05 -24.75 20.88
C VAL G 239 -16.04 -25.57 21.67
N ARG G 240 -14.91 -25.91 21.05
CA ARG G 240 -13.87 -26.63 21.77
C ARG G 240 -13.18 -25.72 22.79
N ASP G 241 -12.97 -24.45 22.44
CA ASP G 241 -12.41 -23.51 23.41
C ASP G 241 -13.35 -23.30 24.59
N LEU G 242 -14.66 -23.30 24.35
CA LEU G 242 -15.61 -23.16 25.45
C LEU G 242 -15.63 -24.40 26.34
N ARG G 243 -15.62 -25.59 25.73
CA ARG G 243 -15.56 -26.82 26.51
C ARG G 243 -14.28 -26.85 27.36
N PHE G 244 -13.16 -26.40 26.80
CA PHE G 244 -11.95 -26.23 27.57
C PHE G 244 -12.19 -25.31 28.77
N GLY G 245 -12.87 -24.19 28.55
CA GLY G 245 -13.13 -23.26 29.64
C GLY G 245 -13.97 -23.87 30.76
N VAL G 246 -15.00 -24.61 30.40
CA VAL G 246 -15.81 -25.32 31.39
C VAL G 246 -14.96 -26.35 32.12
N GLU G 247 -14.06 -27.03 31.40
CA GLU G 247 -13.23 -28.07 32.01
C GLU G 247 -12.26 -27.48 33.03
N HIS G 248 -11.78 -26.26 32.79
CA HIS G 248 -10.83 -25.60 33.69
C HIS G 248 -11.49 -24.62 34.65
N GLY G 249 -12.82 -24.54 34.66
CA GLY G 249 -13.54 -23.69 35.60
C GLY G 249 -13.35 -22.20 35.42
N VAL G 250 -13.45 -21.71 34.18
CA VAL G 250 -13.36 -20.27 33.97
C VAL G 250 -14.62 -19.60 34.50
N ASP G 251 -14.48 -18.35 34.94
CA ASP G 251 -15.60 -17.67 35.57
C ASP G 251 -16.45 -16.89 34.57
N ILE G 252 -15.82 -16.33 33.54
CA ILE G 252 -16.48 -15.44 32.59
C ILE G 252 -16.07 -15.83 31.18
N VAL G 253 -16.98 -15.64 30.24
CA VAL G 253 -16.73 -15.87 28.82
C VAL G 253 -17.05 -14.58 28.06
N PHE G 254 -16.05 -14.07 27.32
CA PHE G 254 -16.26 -12.93 26.42
C PHE G 254 -16.55 -13.50 25.03
N ALA G 255 -17.80 -13.41 24.59
CA ALA G 255 -18.23 -13.99 23.32
C ALA G 255 -18.04 -12.95 22.20
N SER G 256 -17.11 -13.22 21.29
CA SER G 256 -16.76 -12.26 20.26
C SER G 256 -17.83 -12.19 19.17
N PHE G 257 -17.99 -10.99 18.61
CA PHE G 257 -18.82 -10.74 17.42
C PHE G 257 -20.26 -11.24 17.61
N VAL G 258 -20.85 -10.92 18.75
CA VAL G 258 -22.25 -11.24 18.99
C VAL G 258 -23.11 -10.26 18.20
N ARG G 259 -23.96 -10.79 17.32
CA ARG G 259 -24.78 -9.98 16.43
C ARG G 259 -26.27 -10.07 16.72
N LYS G 260 -26.72 -11.06 17.48
CA LYS G 260 -28.14 -11.24 17.77
C LYS G 260 -28.28 -12.18 18.95
N ALA G 261 -29.53 -12.37 19.39
CA ALA G 261 -29.79 -13.17 20.59
C ALA G 261 -29.40 -14.63 20.39
N SER G 262 -29.59 -15.16 19.18
CA SER G 262 -29.25 -16.57 18.95
C SER G 262 -27.77 -16.82 19.13
N ASP G 263 -26.94 -15.80 18.90
CA ASP G 263 -25.49 -15.94 19.11
C ASP G 263 -25.19 -16.31 20.56
N VAL G 264 -25.88 -15.68 21.50
CA VAL G 264 -25.60 -15.93 22.91
C VAL G 264 -26.18 -17.27 23.35
N ALA G 265 -27.35 -17.64 22.82
CA ALA G 265 -27.92 -18.95 23.12
C ALA G 265 -27.04 -20.07 22.58
N ALA G 266 -26.38 -19.84 21.44
CA ALA G 266 -25.43 -20.82 20.93
C ALA G 266 -24.23 -20.95 21.86
N VAL G 267 -23.80 -19.85 22.46
CA VAL G 267 -22.72 -19.90 23.45
C VAL G 267 -23.19 -20.64 24.70
N ARG G 268 -24.40 -20.34 25.18
CA ARG G 268 -24.90 -20.96 26.39
CA ARG G 268 -24.92 -20.96 26.39
C ARG G 268 -25.09 -22.46 26.20
N ALA G 269 -25.53 -22.89 25.01
CA ALA G 269 -25.68 -24.32 24.74
C ALA G 269 -24.33 -25.02 24.71
N ALA G 270 -23.31 -24.34 24.16
CA ALA G 270 -21.98 -24.96 24.09
C ALA G 270 -21.38 -25.15 25.47
N LEU G 271 -21.62 -24.19 26.38
CA LEU G 271 -21.11 -24.35 27.74
C LEU G 271 -21.81 -25.48 28.48
N GLY G 272 -23.08 -25.72 28.18
CA GLY G 272 -23.79 -26.85 28.74
C GLY G 272 -24.11 -26.68 30.21
N PRO G 273 -24.73 -27.71 30.80
CA PRO G 273 -25.08 -27.62 32.24
C PRO G 273 -23.87 -27.54 33.15
N GLU G 274 -22.74 -28.14 32.76
CA GLU G 274 -21.55 -28.08 33.61
C GLU G 274 -21.03 -26.67 33.80
N GLY G 275 -21.37 -25.76 32.90
CA GLY G 275 -20.99 -24.36 33.04
C GLY G 275 -22.20 -23.45 33.06
N HIS G 276 -23.23 -23.86 33.80
CA HIS G 276 -24.44 -23.05 33.89
C HIS G 276 -24.20 -21.76 34.64
N GLY G 277 -23.27 -21.75 35.59
CA GLY G 277 -22.96 -20.59 36.39
C GLY G 277 -21.88 -19.70 35.83
N ILE G 278 -21.44 -19.95 34.60
CA ILE G 278 -20.44 -19.11 33.94
C ILE G 278 -21.14 -17.88 33.36
N LYS G 279 -20.59 -16.70 33.64
CA LYS G 279 -21.15 -15.45 33.14
C LYS G 279 -20.79 -15.25 31.67
N ILE G 280 -21.75 -14.77 30.89
CA ILE G 280 -21.57 -14.56 29.46
C ILE G 280 -21.63 -13.06 29.19
N ILE G 281 -20.48 -12.49 28.78
CA ILE G 281 -20.40 -11.11 28.33
C ILE G 281 -20.34 -11.12 26.81
N SER G 282 -21.29 -10.46 26.17
CA SER G 282 -21.31 -10.37 24.71
C SER G 282 -20.45 -9.22 24.24
N LYS G 283 -19.51 -9.51 23.33
CA LYS G 283 -18.69 -8.48 22.70
C LYS G 283 -19.47 -7.89 21.54
N ILE G 284 -19.84 -6.62 21.63
CA ILE G 284 -20.46 -5.89 20.53
C ILE G 284 -19.33 -5.33 19.66
N GLU G 285 -19.24 -5.82 18.43
CA GLU G 285 -18.07 -5.56 17.60
C GLU G 285 -18.40 -5.05 16.21
N ASN G 286 -19.67 -4.94 15.84
CA ASN G 286 -20.03 -4.56 14.48
C ASN G 286 -21.35 -3.81 14.50
N HIS G 287 -21.77 -3.37 13.31
CA HIS G 287 -22.97 -2.54 13.19
C HIS G 287 -24.22 -3.29 13.65
N GLU G 288 -24.35 -4.57 13.27
CA GLU G 288 -25.56 -5.31 13.60
C GLU G 288 -25.69 -5.52 15.11
N GLY G 289 -24.57 -5.76 15.80
CA GLY G 289 -24.62 -5.88 17.24
C GLY G 289 -25.17 -4.63 17.91
N VAL G 290 -24.85 -3.46 17.36
CA VAL G 290 -25.34 -2.21 17.93
C VAL G 290 -26.83 -2.04 17.63
N LYS G 291 -27.26 -2.36 16.42
CA LYS G 291 -28.65 -2.14 16.02
C LYS G 291 -29.60 -3.10 16.70
N ARG G 292 -29.12 -4.27 17.11
CA ARG G 292 -29.92 -5.24 17.85
C ARG G 292 -29.42 -5.40 19.28
N PHE G 293 -28.87 -4.31 19.84
CA PHE G 293 -28.29 -4.36 21.17
C PHE G 293 -29.30 -4.78 22.23
N ASP G 294 -30.56 -4.36 22.07
CA ASP G 294 -31.56 -4.65 23.11
C ASP G 294 -31.80 -6.15 23.26
N GLU G 295 -31.98 -6.86 22.14
CA GLU G 295 -32.22 -8.29 22.24
C GLU G 295 -30.99 -9.03 22.73
N ILE G 296 -29.80 -8.48 22.52
CA ILE G 296 -28.58 -9.10 23.00
C ILE G 296 -28.43 -8.88 24.50
N LEU G 297 -28.73 -7.66 24.98
CA LEU G 297 -28.65 -7.38 26.41
C LEU G 297 -29.65 -8.22 27.19
N GLU G 298 -30.83 -8.46 26.62
CA GLU G 298 -31.86 -9.22 27.31
C GLU G 298 -31.41 -10.63 27.63
N VAL G 299 -30.51 -11.20 26.83
CA VAL G 299 -30.13 -12.59 26.96
C VAL G 299 -28.77 -12.73 27.63
N SER G 300 -27.90 -11.73 27.47
CA SER G 300 -26.55 -11.80 28.00
C SER G 300 -26.52 -11.36 29.46
N ASP G 301 -25.42 -11.74 30.14
CA ASP G 301 -25.18 -11.29 31.50
C ASP G 301 -24.50 -9.93 31.54
N GLY G 302 -23.98 -9.47 30.41
CA GLY G 302 -23.28 -8.20 30.36
C GLY G 302 -22.84 -7.93 28.93
N ILE G 303 -22.23 -6.78 28.74
CA ILE G 303 -21.85 -6.31 27.42
C ILE G 303 -20.40 -5.84 27.46
N MET G 304 -19.67 -6.08 26.37
CA MET G 304 -18.36 -5.49 26.18
C MET G 304 -18.39 -4.62 24.93
N VAL G 305 -18.04 -3.34 25.10
CA VAL G 305 -17.85 -2.43 23.98
C VAL G 305 -16.46 -2.67 23.40
N ALA G 306 -16.37 -3.53 22.39
CA ALA G 306 -15.09 -3.87 21.78
C ALA G 306 -14.76 -2.83 20.73
N ARG G 307 -14.18 -1.71 21.18
CA ARG G 307 -13.94 -0.58 20.29
C ARG G 307 -12.97 -0.91 19.16
N GLY G 308 -12.10 -1.90 19.35
CA GLY G 308 -11.14 -2.26 18.31
C GLY G 308 -11.81 -2.58 16.99
N ASP G 309 -12.49 -3.73 16.91
CA ASP G 309 -13.18 -4.10 15.68
C ASP G 309 -14.35 -3.18 15.39
N LEU G 310 -14.99 -2.65 16.43
CA LEU G 310 -16.09 -1.71 16.23
C LEU G 310 -15.61 -0.44 15.55
N GLY G 311 -14.41 0.02 15.88
CA GLY G 311 -13.79 1.17 15.24
C GLY G 311 -13.48 0.99 13.76
N ILE G 312 -13.55 -0.24 13.25
CA ILE G 312 -13.40 -0.50 11.83
C ILE G 312 -14.73 -0.79 11.17
N GLU G 313 -15.62 -1.51 11.86
CA GLU G 313 -16.91 -1.86 11.27
C GLU G 313 -17.79 -0.63 11.07
N ILE G 314 -17.71 0.33 11.97
CA ILE G 314 -18.41 1.61 11.84
C ILE G 314 -17.35 2.70 11.84
N PRO G 315 -17.67 3.89 11.33
CA PRO G 315 -16.68 4.97 11.31
C PRO G 315 -16.11 5.26 12.69
N ALA G 316 -14.81 5.55 12.73
CA ALA G 316 -14.12 5.70 14.00
C ALA G 316 -14.70 6.86 14.81
N GLU G 317 -15.11 7.94 14.14
CA GLU G 317 -15.70 9.08 14.83
C GLU G 317 -17.03 8.75 15.49
N LYS G 318 -17.63 7.59 15.21
CA LYS G 318 -18.93 7.23 15.77
C LYS G 318 -18.83 6.30 16.97
N VAL G 319 -17.63 5.84 17.32
CA VAL G 319 -17.50 4.82 18.35
C VAL G 319 -17.93 5.35 19.72
N PHE G 320 -17.58 6.60 20.03
CA PHE G 320 -17.95 7.16 21.32
C PHE G 320 -19.47 7.21 21.49
N LEU G 321 -20.21 7.39 20.40
CA LEU G 321 -21.67 7.35 20.47
C LEU G 321 -22.15 5.97 20.88
N ALA G 322 -21.61 4.92 20.25
CA ALA G 322 -22.03 3.57 20.58
C ALA G 322 -21.61 3.20 22.00
N GLN G 323 -20.42 3.62 22.41
CA GLN G 323 -19.96 3.38 23.78
C GLN G 323 -20.88 4.04 24.79
N LYS G 324 -21.20 5.32 24.59
CA LYS G 324 -22.06 6.00 25.54
C LYS G 324 -23.47 5.43 25.52
N MET G 325 -23.97 5.08 24.34
CA MET G 325 -25.32 4.52 24.26
C MET G 325 -25.39 3.16 24.96
N MET G 326 -24.36 2.34 24.78
CA MET G 326 -24.39 1.00 25.34
C MET G 326 -24.18 1.04 26.85
N ILE G 327 -23.27 1.91 27.32
CA ILE G 327 -23.06 2.01 28.75
C ILE G 327 -24.32 2.53 29.42
N GLY G 328 -25.00 3.48 28.79
CA GLY G 328 -26.23 4.01 29.38
C GLY G 328 -27.31 2.95 29.49
N ARG G 329 -27.50 2.17 28.41
CA ARG G 329 -28.54 1.15 28.44
C ARG G 329 -28.22 0.02 29.41
N CYS G 330 -26.93 -0.28 29.58
CA CYS G 330 -26.54 -1.29 30.55
C CYS G 330 -26.77 -0.80 31.98
N ASN G 331 -26.42 0.47 32.26
CA ASN G 331 -26.70 1.05 33.56
C ASN G 331 -28.20 1.03 33.87
N LEU G 332 -29.01 1.29 32.84
CA LEU G 332 -30.46 1.28 33.01
C LEU G 332 -30.97 -0.14 33.27
N ALA G 333 -30.40 -1.13 32.57
CA ALA G 333 -30.80 -2.52 32.80
C ALA G 333 -30.12 -3.13 34.02
N GLY G 334 -29.20 -2.41 34.67
CA GLY G 334 -28.51 -2.97 35.80
C GLY G 334 -27.60 -4.13 35.48
N LYS G 335 -27.08 -4.19 34.25
CA LYS G 335 -26.15 -5.23 33.85
C LYS G 335 -24.78 -4.64 33.56
N PRO G 336 -23.70 -5.32 33.96
CA PRO G 336 -22.37 -4.74 33.82
C PRO G 336 -21.98 -4.53 32.36
N VAL G 337 -21.10 -3.57 32.15
CA VAL G 337 -20.63 -3.23 30.81
C VAL G 337 -19.13 -2.96 30.88
N VAL G 338 -18.40 -3.52 29.92
CA VAL G 338 -16.95 -3.44 29.87
C VAL G 338 -16.54 -2.54 28.71
N CYS G 339 -15.57 -1.65 28.97
CA CYS G 339 -14.97 -0.82 27.94
C CYS G 339 -13.55 -1.33 27.66
N ALA G 340 -13.24 -1.57 26.39
CA ALA G 340 -12.01 -2.27 26.05
C ALA G 340 -11.32 -1.63 24.85
N THR G 341 -10.01 -1.91 24.76
CA THR G 341 -9.15 -1.74 23.60
C THR G 341 -8.54 -0.34 23.49
N GLN G 342 -7.21 -0.29 23.52
CA GLN G 342 -6.43 0.90 23.19
C GLN G 342 -6.60 2.01 24.21
N MET G 343 -6.92 1.66 25.46
CA MET G 343 -7.12 2.67 26.48
C MET G 343 -5.81 3.25 27.00
N LEU G 344 -4.75 2.44 27.06
CA LEU G 344 -3.42 2.90 27.45
C LEU G 344 -2.39 2.41 26.46
N GLU G 345 -2.74 2.49 25.16
CA GLU G 345 -1.91 1.94 24.10
C GLU G 345 -0.45 2.34 24.20
N SER G 346 -0.17 3.63 24.42
CA SER G 346 1.21 4.12 24.42
C SER G 346 2.06 3.51 25.51
N MET G 347 1.45 2.99 26.58
CA MET G 347 2.20 2.34 27.64
C MET G 347 2.73 0.97 27.25
N ILE G 348 2.42 0.49 26.04
CA ILE G 348 3.04 -0.73 25.54
C ILE G 348 4.55 -0.53 25.44
N THR G 349 4.99 0.66 25.02
CA THR G 349 6.40 1.00 24.90
C THR G 349 6.86 2.14 25.79
N LYS G 350 5.94 2.96 26.32
CA LYS G 350 6.36 4.11 27.10
C LYS G 350 6.02 3.92 28.57
N PRO G 351 6.81 4.48 29.49
CA PRO G 351 6.50 4.33 30.91
C PRO G 351 5.27 5.10 31.36
N ARG G 352 4.89 6.15 30.65
CA ARG G 352 3.76 7.00 31.00
C ARG G 352 2.79 7.08 29.83
N PRO G 353 1.50 7.19 30.12
CA PRO G 353 0.50 7.31 29.05
C PRO G 353 0.40 8.75 28.52
N THR G 354 -0.24 8.88 27.37
CA THR G 354 -0.56 10.20 26.82
C THR G 354 -1.75 10.82 27.56
N ARG G 355 -1.92 12.13 27.38
CA ARG G 355 -3.03 12.83 28.02
C ARG G 355 -4.38 12.31 27.50
N ALA G 356 -4.46 11.95 26.22
CA ALA G 356 -5.71 11.43 25.67
C ALA G 356 -6.07 10.09 26.28
N GLU G 357 -5.07 9.26 26.58
CA GLU G 357 -5.35 7.94 27.12
C GLU G 357 -5.88 8.02 28.55
N THR G 358 -5.27 8.88 29.39
CA THR G 358 -5.77 9.04 30.75
C THR G 358 -7.17 9.64 30.74
N SER G 359 -7.44 10.56 29.82
CA SER G 359 -8.78 11.14 29.74
C SER G 359 -9.79 10.11 29.22
N ASP G 360 -9.34 9.21 28.34
CA ASP G 360 -10.21 8.14 27.85
C ASP G 360 -10.63 7.19 28.96
N VAL G 361 -9.70 6.82 29.84
CA VAL G 361 -10.05 5.92 30.94
C VAL G 361 -10.99 6.64 31.91
N ALA G 362 -10.66 7.87 32.29
CA ALA G 362 -11.50 8.63 33.19
C ALA G 362 -12.92 8.76 32.63
N ASN G 363 -13.03 9.02 31.33
CA ASN G 363 -14.35 9.24 30.75
C ASN G 363 -15.14 7.95 30.64
N ALA G 364 -14.46 6.81 30.52
CA ALA G 364 -15.18 5.54 30.57
C ALA G 364 -15.78 5.32 31.96
N VAL G 365 -15.05 5.68 33.01
CA VAL G 365 -15.56 5.55 34.36
C VAL G 365 -16.72 6.50 34.58
N LEU G 366 -16.59 7.74 34.09
CA LEU G 366 -17.65 8.73 34.24
C LEU G 366 -18.89 8.38 33.43
N ASP G 367 -18.73 7.62 32.35
CA ASP G 367 -19.90 7.21 31.57
C ASP G 367 -20.69 6.14 32.28
N GLY G 368 -20.08 5.41 33.19
CA GLY G 368 -20.74 4.34 33.91
C GLY G 368 -20.24 2.94 33.61
N ALA G 369 -19.05 2.80 33.03
CA ALA G 369 -18.50 1.49 32.76
C ALA G 369 -18.23 0.73 34.06
N ASP G 370 -18.60 -0.54 34.08
CA ASP G 370 -18.31 -1.37 35.25
C ASP G 370 -16.87 -1.87 35.25
N CYS G 371 -16.29 -2.14 34.07
CA CYS G 371 -14.96 -2.70 33.97
C CYS G 371 -14.20 -2.00 32.86
N ILE G 372 -12.89 -1.89 33.05
CA ILE G 372 -11.98 -1.36 32.04
C ILE G 372 -10.93 -2.41 31.75
N MET G 373 -10.54 -2.52 30.49
CA MET G 373 -9.69 -3.61 30.04
C MET G 373 -8.35 -3.10 29.53
N LEU G 374 -7.32 -3.92 29.73
CA LEU G 374 -5.99 -3.73 29.18
C LEU G 374 -5.68 -4.94 28.29
N SER G 375 -5.31 -4.67 27.03
CA SER G 375 -5.01 -5.74 26.09
C SER G 375 -3.50 -5.81 25.91
N GLY G 376 -2.93 -5.24 24.85
CA GLY G 376 -1.51 -5.33 24.61
C GLY G 376 -0.66 -4.65 25.67
N GLU G 377 -1.27 -3.79 26.48
CA GLU G 377 -0.52 -3.11 27.54
C GLU G 377 0.01 -4.11 28.56
N THR G 378 -0.76 -5.16 28.84
CA THR G 378 -0.32 -6.20 29.77
C THR G 378 0.05 -7.51 29.10
N ALA G 379 -0.38 -7.73 27.85
CA ALA G 379 -0.10 -9.00 27.18
C ALA G 379 1.30 -9.03 26.57
N LYS G 380 1.74 -7.92 25.96
CA LYS G 380 3.04 -7.90 25.29
C LYS G 380 3.68 -6.52 25.40
N GLY G 381 3.54 -5.87 26.55
CA GLY G 381 4.14 -4.57 26.79
C GLY G 381 5.35 -4.66 27.68
N ASN G 382 6.05 -3.53 27.79
CA ASN G 382 7.23 -3.45 28.65
C ASN G 382 6.92 -2.91 30.04
N PHE G 383 5.73 -2.35 30.26
CA PHE G 383 5.30 -1.87 31.57
C PHE G 383 3.90 -2.38 31.86
N PRO G 384 3.74 -3.70 32.04
CA PRO G 384 2.39 -4.23 32.30
C PRO G 384 1.90 -3.92 33.72
N VAL G 385 2.79 -3.96 34.72
CA VAL G 385 2.38 -3.63 36.07
C VAL G 385 2.07 -2.14 36.19
N GLU G 386 2.92 -1.30 35.58
CA GLU G 386 2.68 0.14 35.61
C GLU G 386 1.37 0.50 34.90
N ALA G 387 0.97 -0.28 33.89
CA ALA G 387 -0.28 0.00 33.20
C ALA G 387 -1.48 -0.32 34.08
N VAL G 388 -1.39 -1.40 34.87
CA VAL G 388 -2.44 -1.69 35.83
C VAL G 388 -2.46 -0.62 36.92
N LYS G 389 -1.28 -0.21 37.39
CA LYS G 389 -1.21 0.85 38.39
C LYS G 389 -1.85 2.15 37.89
N MET G 390 -1.71 2.43 36.59
CA MET G 390 -2.23 3.67 36.04
C MET G 390 -3.75 3.65 36.02
N GLN G 391 -4.34 2.55 35.53
CA GLN G 391 -5.80 2.44 35.51
C GLN G 391 -6.36 2.54 36.92
N HIS G 392 -5.71 1.92 37.90
CA HIS G 392 -6.18 2.01 39.27
C HIS G 392 -6.18 3.45 39.76
N ALA G 393 -5.11 4.20 39.48
CA ALA G 393 -5.05 5.59 39.91
C ALA G 393 -6.13 6.43 39.23
N ILE G 394 -6.30 6.27 37.92
CA ILE G 394 -7.30 7.06 37.21
C ILE G 394 -8.70 6.72 37.68
N ALA G 395 -8.99 5.42 37.85
CA ALA G 395 -10.34 4.99 38.22
C ALA G 395 -10.74 5.50 39.59
N ARG G 396 -9.78 5.57 40.53
CA ARG G 396 -10.08 6.12 41.85
C ARG G 396 -10.49 7.59 41.75
N GLU G 397 -9.73 8.37 40.99
CA GLU G 397 -10.06 9.79 40.85
C GLU G 397 -11.37 9.98 40.11
N ALA G 398 -11.62 9.17 39.07
CA ALA G 398 -12.81 9.38 38.27
C ALA G 398 -14.07 8.98 39.01
N GLU G 399 -14.00 7.90 39.80
CA GLU G 399 -15.16 7.46 40.56
C GLU G 399 -15.66 8.54 41.50
N ALA G 400 -14.75 9.27 42.14
CA ALA G 400 -15.17 10.35 43.01
C ALA G 400 -15.82 11.50 42.23
N ALA G 401 -15.46 11.67 40.97
CA ALA G 401 -15.93 12.80 40.18
C ALA G 401 -17.29 12.56 39.54
N VAL G 402 -17.91 11.40 39.79
CA VAL G 402 -19.23 11.11 39.27
C VAL G 402 -20.26 11.98 39.99
N TYR G 403 -21.21 12.53 39.21
CA TYR G 403 -22.27 13.38 39.76
C TYR G 403 -23.40 12.48 40.30
N HIS G 404 -23.13 11.88 41.46
CA HIS G 404 -24.03 10.86 42.01
C HIS G 404 -25.44 11.38 42.20
N ARG G 405 -25.59 12.68 42.47
CA ARG G 405 -26.93 13.22 42.75
C ARG G 405 -27.88 12.96 41.58
N GLN G 406 -27.47 13.33 40.37
CA GLN G 406 -28.35 13.13 39.22
C GLN G 406 -28.35 11.67 38.75
N LEU G 407 -27.23 10.96 38.92
CA LEU G 407 -27.20 9.54 38.55
C LEU G 407 -28.14 8.72 39.42
N PHE G 408 -28.03 8.88 40.74
CA PHE G 408 -28.89 8.14 41.65
C PHE G 408 -30.36 8.51 41.44
N GLU G 409 -30.63 9.80 41.26
CA GLU G 409 -31.98 10.26 40.97
C GLU G 409 -32.54 9.60 39.72
N GLU G 410 -31.80 9.65 38.61
CA GLU G 410 -32.32 9.10 37.36
C GLU G 410 -32.44 7.58 37.41
N LEU G 411 -31.52 6.90 38.11
CA LEU G 411 -31.65 5.46 38.25
C LEU G 411 -32.87 5.09 39.09
N ARG G 412 -33.16 5.88 40.13
CA ARG G 412 -34.34 5.61 40.96
C ARG G 412 -35.61 5.72 40.14
N ARG G 413 -35.77 6.82 39.40
CA ARG G 413 -37.02 7.02 38.67
C ARG G 413 -37.17 6.03 37.53
N ALA G 414 -36.05 5.58 36.94
CA ALA G 414 -36.14 4.66 35.82
C ALA G 414 -36.48 3.26 36.28
N ALA G 415 -35.98 2.84 37.43
CA ALA G 415 -36.22 1.49 37.91
C ALA G 415 -37.67 1.34 38.33
N PRO G 416 -38.32 0.23 38.00
CA PRO G 416 -39.73 0.05 38.35
C PRO G 416 -39.92 -0.18 39.84
N LEU G 417 -41.17 -0.04 40.27
CA LEU G 417 -41.52 -0.40 41.64
C LEU G 417 -41.35 -1.91 41.83
N SER G 418 -40.93 -2.30 43.03
CA SER G 418 -40.63 -3.70 43.29
C SER G 418 -41.18 -4.09 44.66
N ARG G 419 -41.69 -5.31 44.74
CA ARG G 419 -42.09 -5.90 46.00
C ARG G 419 -41.14 -7.01 46.46
N ASP G 420 -39.99 -7.15 45.80
CA ASP G 420 -38.97 -8.10 46.22
C ASP G 420 -38.20 -7.50 47.41
N PRO G 421 -38.14 -8.17 48.56
CA PRO G 421 -37.52 -7.54 49.73
C PRO G 421 -36.04 -7.26 49.55
N THR G 422 -35.32 -8.02 48.72
CA THR G 422 -33.91 -7.75 48.51
C THR G 422 -33.71 -6.40 47.82
N GLU G 423 -34.51 -6.09 46.81
CA GLU G 423 -34.35 -4.82 46.11
C GLU G 423 -34.84 -3.65 46.95
N VAL G 424 -35.86 -3.87 47.78
CA VAL G 424 -36.36 -2.81 48.63
C VAL G 424 -35.34 -2.46 49.71
N THR G 425 -34.69 -3.49 50.30
CA THR G 425 -33.61 -3.24 51.23
C THR G 425 -32.43 -2.55 50.55
N ALA G 426 -32.15 -2.93 49.30
CA ALA G 426 -30.97 -2.42 48.62
C ALA G 426 -31.06 -0.92 48.37
N ILE G 427 -32.23 -0.45 47.94
CA ILE G 427 -32.37 0.97 47.71
C ILE G 427 -32.40 1.72 49.04
N GLY G 428 -32.94 1.10 50.10
CA GLY G 428 -32.91 1.73 51.41
C GLY G 428 -31.49 1.84 51.96
N ALA G 429 -30.66 0.82 51.73
CA ALA G 429 -29.28 0.86 52.19
C ALA G 429 -28.43 1.83 51.37
N VAL G 430 -28.68 1.94 50.07
CA VAL G 430 -27.93 2.89 49.26
C VAL G 430 -28.30 4.32 49.65
N GLU G 431 -29.60 4.58 49.82
CA GLU G 431 -30.05 5.90 50.29
C GLU G 431 -29.46 6.23 51.65
N ALA G 432 -29.46 5.26 52.57
CA ALA G 432 -28.88 5.50 53.88
C ALA G 432 -27.39 5.82 53.78
N ALA G 433 -26.68 5.11 52.89
CA ALA G 433 -25.25 5.36 52.71
C ALA G 433 -24.97 6.76 52.20
N PHE G 434 -25.81 7.26 51.29
CA PHE G 434 -25.64 8.62 50.81
C PHE G 434 -25.88 9.62 51.93
N LYS G 435 -26.76 9.29 52.88
CA LYS G 435 -27.14 10.24 53.92
C LYS G 435 -26.00 10.53 54.89
N CYS G 436 -25.15 9.54 55.17
CA CYS G 436 -24.05 9.72 56.12
C CYS G 436 -22.68 9.59 55.50
N CYS G 437 -22.59 9.51 54.17
CA CYS G 437 -21.33 9.20 53.49
C CYS G 437 -20.67 7.98 54.10
N ALA G 438 -21.42 6.89 54.15
CA ALA G 438 -20.94 5.66 54.77
C ALA G 438 -19.66 5.19 54.10
N ALA G 439 -18.73 4.70 54.92
CA ALA G 439 -17.49 4.17 54.35
C ALA G 439 -17.73 2.94 53.51
N ALA G 440 -18.80 2.18 53.80
CA ALA G 440 -19.04 0.94 53.10
C ALA G 440 -20.44 0.42 53.41
N ILE G 441 -20.95 -0.38 52.49
CA ILE G 441 -22.12 -1.21 52.72
C ILE G 441 -21.63 -2.65 52.76
N ILE G 442 -21.74 -3.29 53.92
CA ILE G 442 -21.29 -4.67 54.10
C ILE G 442 -22.51 -5.58 53.92
N VAL G 443 -22.47 -6.43 52.91
CA VAL G 443 -23.60 -7.29 52.57
C VAL G 443 -23.16 -8.74 52.59
N LEU G 444 -23.99 -9.60 53.17
CA LEU G 444 -23.77 -11.03 53.14
C LEU G 444 -24.50 -11.60 51.94
N THR G 445 -23.79 -12.37 51.11
CA THR G 445 -24.40 -12.87 49.90
C THR G 445 -23.87 -14.27 49.61
N THR G 446 -24.74 -15.09 49.03
CA THR G 446 -24.39 -16.45 48.62
C THR G 446 -24.13 -16.55 47.13
N THR G 447 -24.90 -15.84 46.32
CA THR G 447 -24.77 -15.85 44.88
C THR G 447 -24.28 -14.53 44.31
N GLY G 448 -24.12 -13.51 45.14
CA GLY G 448 -23.77 -12.18 44.68
C GLY G 448 -24.96 -11.29 44.36
N ARG G 449 -26.18 -11.83 44.38
CA ARG G 449 -27.31 -11.07 43.89
C ARG G 449 -27.62 -9.86 44.77
N SER G 450 -27.57 -10.01 46.09
CA SER G 450 -27.82 -8.87 46.96
CA SER G 450 -27.82 -8.87 46.96
C SER G 450 -26.76 -7.80 46.76
N ALA G 451 -25.50 -8.20 46.54
CA ALA G 451 -24.46 -7.22 46.27
C ALA G 451 -24.67 -6.56 44.91
N GLN G 452 -25.15 -7.32 43.93
CA GLN G 452 -25.38 -6.77 42.60
C GLN G 452 -26.55 -5.80 42.60
N LEU G 453 -27.58 -6.08 43.41
CA LEU G 453 -28.72 -5.17 43.49
C LEU G 453 -28.34 -3.87 44.19
N LEU G 454 -27.37 -3.91 45.10
CA LEU G 454 -26.86 -2.68 45.69
C LEU G 454 -26.05 -1.89 44.67
N SER G 455 -25.18 -2.59 43.93
CA SER G 455 -24.32 -1.94 42.95
C SER G 455 -25.11 -1.34 41.80
N ARG G 456 -26.31 -1.84 41.54
CA ARG G 456 -27.18 -1.32 40.49
C ARG G 456 -27.54 0.14 40.69
N TYR G 457 -27.45 0.67 41.91
CA TYR G 457 -27.83 2.05 42.19
C TYR G 457 -26.63 2.97 42.28
N ARG G 458 -25.44 2.48 41.95
CA ARG G 458 -24.22 3.28 41.93
C ARG G 458 -23.96 4.05 43.22
N PRO G 459 -23.85 3.36 44.36
CA PRO G 459 -23.53 4.07 45.60
C PRO G 459 -22.11 4.58 45.59
N ARG G 460 -21.88 5.65 46.35
CA ARG G 460 -20.52 6.12 46.58
CA ARG G 460 -20.52 6.13 46.58
C ARG G 460 -19.77 5.22 47.54
N ALA G 461 -20.46 4.64 48.52
CA ALA G 461 -19.84 3.74 49.47
C ALA G 461 -19.47 2.43 48.79
N ALA G 462 -18.32 1.88 49.17
CA ALA G 462 -17.94 0.55 48.71
C ALA G 462 -18.94 -0.50 49.18
N VAL G 463 -19.19 -1.49 48.33
CA VAL G 463 -20.06 -2.61 48.67
C VAL G 463 -19.16 -3.78 49.01
N ILE G 464 -19.00 -4.06 50.30
CA ILE G 464 -18.14 -5.14 50.77
C ILE G 464 -18.99 -6.39 50.88
N ALA G 465 -18.83 -7.30 49.92
CA ALA G 465 -19.65 -8.51 49.84
C ALA G 465 -18.87 -9.65 50.47
N VAL G 466 -19.34 -10.14 51.62
CA VAL G 466 -18.77 -11.31 52.28
C VAL G 466 -19.52 -12.54 51.80
N THR G 467 -18.80 -13.50 51.26
CA THR G 467 -19.42 -14.70 50.73
C THR G 467 -18.55 -15.91 51.02
N ARG G 468 -19.17 -17.09 51.00
CA ARG G 468 -18.45 -18.34 51.13
C ARG G 468 -18.17 -19.00 49.79
N SER G 469 -18.91 -18.64 48.74
CA SER G 469 -18.69 -19.20 47.42
C SER G 469 -17.47 -18.56 46.78
N ALA G 470 -16.49 -19.38 46.42
CA ALA G 470 -15.31 -18.84 45.75
C ALA G 470 -15.66 -18.31 44.37
N GLN G 471 -16.58 -18.98 43.66
CA GLN G 471 -16.92 -18.54 42.31
C GLN G 471 -17.69 -17.24 42.33
N ALA G 472 -18.64 -17.10 43.26
CA ALA G 472 -19.37 -15.83 43.38
C ALA G 472 -18.43 -14.69 43.75
N ALA G 473 -17.42 -14.95 44.58
CA ALA G 473 -16.44 -13.92 44.89
C ALA G 473 -15.73 -13.44 43.63
N ARG G 474 -15.42 -14.36 42.71
CA ARG G 474 -14.73 -13.96 41.49
C ARG G 474 -15.67 -13.25 40.53
N GLN G 475 -16.88 -13.79 40.35
CA GLN G 475 -17.81 -13.24 39.37
C GLN G 475 -18.34 -11.86 39.75
N VAL G 476 -18.35 -11.53 41.05
CA VAL G 476 -18.91 -10.25 41.46
C VAL G 476 -18.00 -9.08 41.11
N HIS G 477 -16.76 -9.35 40.66
CA HIS G 477 -15.91 -8.30 40.13
C HIS G 477 -16.51 -7.62 38.92
N LEU G 478 -17.47 -8.26 38.25
CA LEU G 478 -18.15 -7.64 37.11
C LEU G 478 -19.01 -6.46 37.53
N CYS G 479 -19.47 -6.42 38.79
CA CYS G 479 -20.35 -5.36 39.26
C CYS G 479 -19.54 -4.24 39.89
N ARG G 480 -19.71 -3.02 39.39
CA ARG G 480 -18.98 -1.88 39.91
C ARG G 480 -19.34 -1.63 41.37
N GLY G 481 -18.31 -1.40 42.20
CA GLY G 481 -18.51 -1.05 43.58
C GLY G 481 -18.44 -2.21 44.55
N VAL G 482 -18.42 -3.45 44.07
CA VAL G 482 -18.47 -4.63 44.93
C VAL G 482 -17.04 -5.12 45.15
N PHE G 483 -16.64 -5.22 46.41
CA PHE G 483 -15.34 -5.73 46.80
C PHE G 483 -15.53 -7.08 47.47
N PRO G 484 -15.25 -8.19 46.79
CA PRO G 484 -15.58 -9.51 47.35
C PRO G 484 -14.56 -9.96 48.37
N LEU G 485 -15.07 -10.57 49.44
CA LEU G 485 -14.26 -11.18 50.49
C LEU G 485 -14.64 -12.65 50.60
N LEU G 486 -13.65 -13.53 50.56
CA LEU G 486 -13.88 -14.96 50.64
C LEU G 486 -13.79 -15.40 52.10
N TYR G 487 -14.92 -15.82 52.67
CA TYR G 487 -14.97 -16.34 54.03
C TYR G 487 -14.70 -17.85 54.01
N ARG G 488 -13.78 -18.30 54.86
CA ARG G 488 -13.32 -19.68 54.83
C ARG G 488 -13.67 -20.48 56.08
N GLU G 489 -14.03 -19.82 57.18
CA GLU G 489 -14.33 -20.54 58.40
C GLU G 489 -15.64 -21.32 58.27
N PRO G 490 -15.72 -22.53 58.83
CA PRO G 490 -16.96 -23.31 58.73
C PRO G 490 -18.07 -22.69 59.54
N PRO G 491 -19.33 -23.05 59.27
CA PRO G 491 -20.46 -22.39 59.92
C PRO G 491 -20.48 -22.59 61.43
N GLU G 492 -20.91 -21.55 62.13
CA GLU G 492 -21.11 -21.62 63.57
C GLU G 492 -22.25 -22.57 63.90
N ALA G 493 -22.29 -22.99 65.17
CA ALA G 493 -23.42 -23.79 65.64
C ALA G 493 -24.71 -22.97 65.59
N ILE G 494 -24.66 -21.75 66.10
CA ILE G 494 -25.82 -20.86 66.11
C ILE G 494 -25.72 -19.95 64.90
N TRP G 495 -26.81 -19.89 64.11
CA TRP G 495 -26.77 -19.15 62.85
C TRP G 495 -26.52 -17.67 63.07
N ALA G 496 -27.17 -17.07 64.09
CA ALA G 496 -26.97 -15.65 64.35
C ALA G 496 -25.53 -15.33 64.70
N ASP G 497 -24.84 -16.26 65.37
CA ASP G 497 -23.42 -16.04 65.63
C ASP G 497 -22.60 -16.15 64.35
N ASP G 498 -23.01 -17.02 63.43
CA ASP G 498 -22.30 -17.16 62.16
C ASP G 498 -22.43 -15.89 61.33
N VAL G 499 -23.63 -15.31 61.29
CA VAL G 499 -23.83 -14.04 60.60
C VAL G 499 -22.97 -12.96 61.22
N ASP G 500 -22.91 -12.91 62.56
CA ASP G 500 -22.13 -11.88 63.23
C ASP G 500 -20.64 -12.02 62.94
N ARG G 501 -20.13 -13.26 62.95
CA ARG G 501 -18.73 -13.49 62.63
CA ARG G 501 -18.73 -13.47 62.64
C ARG G 501 -18.40 -13.00 61.23
N ARG G 502 -19.29 -13.25 60.27
CA ARG G 502 -19.03 -12.85 58.90
C ARG G 502 -19.03 -11.33 58.76
N VAL G 503 -19.92 -10.66 59.50
CA VAL G 503 -19.96 -9.20 59.48
C VAL G 503 -18.65 -8.63 60.03
N GLN G 504 -18.17 -9.18 61.14
CA GLN G 504 -16.90 -8.74 61.69
C GLN G 504 -15.74 -9.05 60.75
N PHE G 505 -15.85 -10.13 59.97
CA PHE G 505 -14.85 -10.41 58.95
C PHE G 505 -14.79 -9.30 57.91
N GLY G 506 -15.96 -8.81 57.48
CA GLY G 506 -15.98 -7.68 56.57
C GLY G 506 -15.36 -6.43 57.17
N ILE G 507 -15.67 -6.16 58.44
CA ILE G 507 -15.13 -4.97 59.10
C ILE G 507 -13.61 -5.05 59.20
N GLU G 508 -13.10 -6.17 59.73
CA GLU G 508 -11.66 -6.30 59.97
C GLU G 508 -10.88 -6.31 58.66
N SER G 509 -11.42 -6.95 57.62
CA SER G 509 -10.77 -6.89 56.32
C SER G 509 -10.75 -5.47 55.79
N GLY G 510 -11.86 -4.73 55.95
CA GLY G 510 -11.90 -3.35 55.50
C GLY G 510 -10.95 -2.45 56.27
N LYS G 511 -10.65 -2.80 57.51
CA LYS G 511 -9.67 -2.04 58.28
C LYS G 511 -8.25 -2.34 57.83
N LEU G 512 -7.96 -3.62 57.54
CA LEU G 512 -6.63 -3.99 57.09
C LEU G 512 -6.31 -3.36 55.73
N ARG G 513 -7.31 -3.25 54.86
CA ARG G 513 -7.13 -2.69 53.52
C ARG G 513 -7.28 -1.17 53.48
N GLY G 514 -7.59 -0.54 54.61
CA GLY G 514 -7.73 0.90 54.64
C GLY G 514 -9.03 1.43 54.10
N PHE G 515 -10.09 0.61 54.07
CA PHE G 515 -11.40 1.10 53.63
C PHE G 515 -12.22 1.63 54.79
N LEU G 516 -11.95 1.15 56.01
CA LEU G 516 -12.72 1.50 57.20
C LEU G 516 -11.77 2.04 58.26
N ARG G 517 -12.15 3.16 58.87
CA ARG G 517 -11.43 3.74 60.00
C ARG G 517 -12.33 3.75 61.22
N VAL G 518 -11.70 3.76 62.40
CA VAL G 518 -12.47 3.86 63.63
C VAL G 518 -13.26 5.16 63.63
N GLY G 519 -14.56 5.06 63.91
CA GLY G 519 -15.45 6.20 63.87
C GLY G 519 -16.27 6.29 62.60
N ASP G 520 -15.94 5.52 61.58
CA ASP G 520 -16.70 5.54 60.35
C ASP G 520 -18.07 4.91 60.55
N LEU G 521 -19.02 5.31 59.72
CA LEU G 521 -20.34 4.70 59.69
C LEU G 521 -20.39 3.68 58.56
N VAL G 522 -21.15 2.62 58.78
CA VAL G 522 -21.24 1.51 57.84
C VAL G 522 -22.67 1.00 57.83
N ILE G 523 -23.10 0.55 56.66
CA ILE G 523 -24.42 -0.04 56.47
C ILE G 523 -24.25 -1.53 56.33
N VAL G 524 -24.90 -2.32 57.18
CA VAL G 524 -24.79 -3.77 57.17
C VAL G 524 -26.12 -4.35 56.69
N VAL G 525 -26.06 -5.12 55.61
CA VAL G 525 -27.23 -5.67 54.96
C VAL G 525 -27.19 -7.20 55.09
N THR G 526 -28.19 -7.77 55.77
CA THR G 526 -28.25 -9.22 55.98
C THR G 526 -29.67 -9.71 55.71
N GLY G 527 -29.96 -10.93 56.16
CA GLY G 527 -31.25 -11.55 55.96
C GLY G 527 -31.80 -12.15 57.24
N TRP G 528 -33.00 -12.72 57.12
CA TRP G 528 -33.69 -13.25 58.29
C TRP G 528 -33.60 -14.78 58.41
N ARG G 529 -33.00 -15.46 57.44
CA ARG G 529 -32.82 -16.91 57.51
C ARG G 529 -31.77 -17.33 56.50
N PRO G 530 -31.11 -18.47 56.69
CA PRO G 530 -30.04 -18.88 55.77
C PRO G 530 -30.59 -19.18 54.38
N GLY G 531 -29.67 -19.32 53.43
CA GLY G 531 -30.02 -19.52 52.04
C GLY G 531 -30.17 -18.20 51.31
N SER G 532 -30.15 -18.30 49.97
N SER G 532 -30.15 -18.29 49.98
CA SER G 532 -30.23 -17.12 49.12
CA SER G 532 -30.21 -17.09 49.13
C SER G 532 -31.66 -16.60 49.03
C SER G 532 -31.65 -16.61 48.94
N GLY G 533 -31.80 -15.30 48.81
CA GLY G 533 -33.08 -14.69 48.51
C GLY G 533 -33.85 -14.08 49.67
N TYR G 534 -33.25 -13.98 50.86
CA TYR G 534 -33.98 -13.53 52.05
C TYR G 534 -33.35 -12.31 52.69
N THR G 535 -32.55 -11.56 51.94
CA THR G 535 -32.06 -10.27 52.41
C THR G 535 -33.23 -9.36 52.72
N ASN G 536 -33.25 -8.78 53.93
CA ASN G 536 -34.34 -7.88 54.27
C ASN G 536 -34.04 -6.96 55.44
N ILE G 537 -32.80 -6.90 55.90
CA ILE G 537 -32.43 -6.09 57.06
C ILE G 537 -31.31 -5.14 56.67
N MET G 538 -31.41 -3.90 57.14
CA MET G 538 -30.35 -2.90 57.00
C MET G 538 -30.07 -2.30 58.37
N ARG G 539 -28.80 -2.25 58.77
CA ARG G 539 -28.40 -1.68 60.06
C ARG G 539 -27.31 -0.64 59.85
N VAL G 540 -27.36 0.42 60.67
CA VAL G 540 -26.37 1.49 60.65
C VAL G 540 -25.44 1.29 61.84
N LEU G 541 -24.14 1.14 61.56
CA LEU G 541 -23.15 0.78 62.57
C LEU G 541 -21.95 1.71 62.50
N SER G 542 -21.45 2.09 63.68
CA SER G 542 -20.19 2.83 63.78
C SER G 542 -19.06 1.86 64.08
N ILE G 543 -17.88 2.14 63.52
CA ILE G 543 -16.73 1.26 63.71
C ILE G 543 -16.03 1.59 65.03
N ALA H 24 -34.12 19.60 10.95
CA ALA H 24 -35.44 19.61 11.58
C ALA H 24 -36.02 18.21 11.67
N PHE H 25 -35.64 17.34 10.73
CA PHE H 25 -36.08 15.95 10.78
C PHE H 25 -35.54 15.27 12.03
N PHE H 26 -36.38 14.47 12.68
CA PHE H 26 -36.09 13.92 14.00
C PHE H 26 -35.13 12.75 13.97
N GLN H 27 -34.78 12.20 12.80
CA GLN H 27 -33.77 11.14 12.78
C GLN H 27 -32.36 11.72 12.88
N GLN H 28 -32.14 12.91 12.33
CA GLN H 28 -30.80 13.47 12.21
C GLN H 28 -30.38 14.24 13.45
N GLN H 29 -29.12 14.69 13.46
CA GLN H 29 -28.45 15.45 14.51
C GLN H 29 -28.83 15.04 15.93
N GLN H 30 -29.00 13.74 16.15
CA GLN H 30 -29.34 13.18 17.47
C GLN H 30 -30.55 13.88 18.09
N LEU H 31 -31.56 14.15 17.26
CA LEU H 31 -32.77 14.79 17.77
C LEU H 31 -33.52 13.96 18.81
N PRO H 32 -33.72 12.64 18.66
CA PRO H 32 -34.44 11.92 19.72
C PRO H 32 -33.69 11.90 21.05
N ALA H 33 -32.36 11.91 21.02
CA ALA H 33 -31.59 12.04 22.25
C ALA H 33 -31.57 13.46 22.78
N ALA H 34 -31.90 14.45 21.94
CA ALA H 34 -31.97 15.83 22.41
C ALA H 34 -33.27 16.12 23.14
N MET H 35 -34.37 15.49 22.73
CA MET H 35 -35.67 15.67 23.38
C MET H 35 -35.84 14.80 24.61
N ALA H 36 -34.80 14.08 25.03
CA ALA H 36 -34.91 13.21 26.20
C ALA H 36 -35.08 14.02 27.48
N ASP H 37 -35.88 13.49 28.40
CA ASP H 37 -36.16 14.18 29.65
C ASP H 37 -35.07 14.00 30.71
N THR H 38 -34.23 12.98 30.60
CA THR H 38 -33.14 12.77 31.56
C THR H 38 -31.85 12.54 30.80
N PHE H 39 -30.73 12.71 31.51
CA PHE H 39 -29.45 12.46 30.86
C PHE H 39 -29.28 10.98 30.55
N LEU H 40 -29.73 10.10 31.46
CA LEU H 40 -29.60 8.67 31.22
C LEU H 40 -30.37 8.25 29.97
N GLU H 41 -31.59 8.78 29.79
CA GLU H 41 -32.34 8.47 28.58
C GLU H 41 -31.71 9.12 27.36
N HIS H 42 -31.10 10.29 27.53
CA HIS H 42 -30.36 10.92 26.44
C HIS H 42 -29.25 9.99 25.94
N LEU H 43 -28.47 9.42 26.86
CA LEU H 43 -27.42 8.50 26.45
C LEU H 43 -28.01 7.30 25.73
N CYS H 44 -29.15 6.82 26.23
CA CYS H 44 -29.77 5.60 25.74
C CYS H 44 -30.28 5.77 24.32
N LEU H 45 -30.52 7.01 23.90
CA LEU H 45 -31.09 7.30 22.60
C LEU H 45 -30.06 7.79 21.59
N LEU H 46 -28.80 7.92 21.97
CA LEU H 46 -27.76 8.27 21.00
C LEU H 46 -27.71 7.20 19.92
N ASP H 47 -27.59 7.63 18.67
CA ASP H 47 -27.77 6.74 17.52
C ASP H 47 -26.62 6.94 16.54
N ILE H 48 -25.88 5.86 16.26
CA ILE H 48 -24.77 5.96 15.32
C ILE H 48 -25.26 6.20 13.89
N ASP H 49 -26.53 5.94 13.59
CA ASP H 49 -27.05 6.20 12.26
C ASP H 49 -27.64 7.60 12.11
N SER H 50 -27.57 8.43 13.15
CA SER H 50 -28.09 9.79 13.09
C SER H 50 -26.96 10.68 12.57
N GLU H 51 -27.12 11.17 11.34
CA GLU H 51 -26.05 11.93 10.71
C GLU H 51 -26.05 13.38 11.19
N PRO H 52 -24.86 13.95 11.44
CA PRO H 52 -24.82 15.37 11.81
C PRO H 52 -25.19 16.24 10.63
N VAL H 53 -25.95 17.29 10.91
CA VAL H 53 -26.40 18.24 9.89
C VAL H 53 -25.71 19.59 10.05
N ALA H 54 -25.61 20.09 11.27
CA ALA H 54 -25.07 21.41 11.51
C ALA H 54 -23.58 21.46 11.16
N ALA H 55 -23.15 22.64 10.72
CA ALA H 55 -21.73 22.90 10.51
C ALA H 55 -20.96 22.73 11.81
N ARG H 56 -19.70 22.33 11.68
CA ARG H 56 -18.90 22.01 12.85
C ARG H 56 -18.51 23.29 13.59
N SER H 57 -18.88 23.36 14.88
CA SER H 57 -18.82 24.61 15.64
C SER H 57 -17.59 24.76 16.51
N THR H 58 -16.85 23.69 16.78
CA THR H 58 -15.65 23.75 17.62
C THR H 58 -14.45 24.05 16.72
N SER H 59 -13.79 25.17 16.96
CA SER H 59 -12.68 25.54 16.08
C SER H 59 -11.49 24.62 16.29
N ILE H 60 -10.69 24.47 15.24
CA ILE H 60 -9.49 23.65 15.25
C ILE H 60 -8.28 24.56 15.21
N ILE H 61 -7.38 24.40 16.18
CA ILE H 61 -6.10 25.10 16.20
C ILE H 61 -5.06 24.10 15.74
N ALA H 62 -4.31 24.46 14.71
CA ALA H 62 -3.23 23.65 14.18
C ALA H 62 -1.91 24.38 14.38
N THR H 63 -0.92 23.67 14.90
CA THR H 63 0.40 24.24 15.12
C THR H 63 1.22 24.17 13.83
N ILE H 64 1.78 25.32 13.45
CA ILE H 64 2.59 25.41 12.24
C ILE H 64 3.99 24.88 12.52
N GLY H 65 4.48 23.99 11.65
CA GLY H 65 5.81 23.46 11.76
C GLY H 65 6.30 22.97 10.41
N PRO H 66 7.38 22.19 10.41
CA PRO H 66 7.96 21.73 9.13
C PRO H 66 6.99 20.93 8.28
N ALA H 67 6.03 20.24 8.89
CA ALA H 67 5.08 19.45 8.12
C ALA H 67 3.90 20.26 7.61
N SER H 68 3.78 21.52 8.00
CA SER H 68 2.59 22.31 7.70
C SER H 68 2.94 23.77 7.46
N ARG H 69 4.04 24.00 6.75
CA ARG H 69 4.56 25.35 6.54
C ARG H 69 4.42 25.85 5.12
N SER H 70 4.41 24.96 4.14
CA SER H 70 4.31 25.39 2.76
C SER H 70 2.91 25.92 2.46
N VAL H 71 2.83 26.82 1.48
CA VAL H 71 1.55 27.37 1.07
C VAL H 71 0.61 26.26 0.62
N GLU H 72 1.13 25.29 -0.14
CA GLU H 72 0.30 24.19 -0.61
C GLU H 72 -0.27 23.39 0.54
N ARG H 73 0.57 23.02 1.51
CA ARG H 73 0.07 22.27 2.66
C ARG H 73 -0.94 23.10 3.44
N LEU H 74 -0.67 24.39 3.63
CA LEU H 74 -1.58 25.26 4.37
C LEU H 74 -2.93 25.38 3.66
N LYS H 75 -2.94 25.30 2.34
CA LYS H 75 -4.20 25.32 1.60
C LYS H 75 -5.04 24.07 1.93
N GLU H 76 -4.42 22.90 1.91
CA GLU H 76 -5.15 21.68 2.24
C GLU H 76 -5.70 21.75 3.67
N MET H 77 -4.95 22.33 4.60
CA MET H 77 -5.40 22.37 5.99
C MET H 77 -6.54 23.37 6.19
N ILE H 78 -6.52 24.48 5.46
CA ILE H 78 -7.68 25.38 5.51
C ILE H 78 -8.90 24.67 4.97
N LYS H 79 -8.76 24.01 3.82
CA LYS H 79 -9.85 23.22 3.26
C LYS H 79 -10.29 22.12 4.24
N ALA H 80 -9.35 21.53 4.96
CA ALA H 80 -9.71 20.47 5.90
C ALA H 80 -10.46 21.00 7.12
N GLY H 81 -10.33 22.29 7.43
CA GLY H 81 -11.05 22.84 8.58
C GLY H 81 -10.26 23.64 9.60
N MET H 82 -8.99 23.94 9.33
CA MET H 82 -8.18 24.73 10.27
C MET H 82 -8.71 26.16 10.37
N ASN H 83 -8.95 26.62 11.60
CA ASN H 83 -9.44 27.97 11.85
C ASN H 83 -8.40 28.88 12.46
N ILE H 84 -7.47 28.34 13.23
CA ILE H 84 -6.46 29.11 13.94
C ILE H 84 -5.12 28.44 13.71
N ALA H 85 -4.14 29.22 13.28
CA ALA H 85 -2.78 28.74 13.12
C ALA H 85 -1.96 29.16 14.34
N ARG H 86 -1.30 28.20 14.97
CA ARG H 86 -0.52 28.43 16.17
C ARG H 86 0.97 28.44 15.85
N LEU H 87 1.65 29.52 16.23
CA LEU H 87 3.09 29.62 16.14
C LEU H 87 3.69 29.35 17.51
N ASN H 88 4.48 28.29 17.62
CA ASN H 88 5.09 27.92 18.88
C ASN H 88 6.44 28.62 19.00
N PHE H 89 6.48 29.71 19.77
CA PHE H 89 7.73 30.45 19.92
C PHE H 89 8.68 29.80 20.91
N SER H 90 8.42 28.56 21.33
CA SER H 90 9.41 27.82 22.09
C SER H 90 10.64 27.50 21.26
N HIS H 91 10.50 27.48 19.93
CA HIS H 91 11.61 27.24 19.01
C HIS H 91 11.47 28.14 17.80
N GLY H 92 12.54 28.23 17.04
CA GLY H 92 12.54 29.00 15.80
C GLY H 92 12.84 30.48 16.04
N SER H 93 13.45 31.09 15.02
CA SER H 93 13.81 32.50 15.08
C SER H 93 12.64 33.37 14.64
N HIS H 94 12.79 34.68 14.87
CA HIS H 94 11.79 35.63 14.40
C HIS H 94 11.63 35.54 12.89
N GLU H 95 12.75 35.41 12.18
CA GLU H 95 12.69 35.27 10.72
C GLU H 95 11.92 34.02 10.33
N TYR H 96 12.15 32.91 11.03
CA TYR H 96 11.41 31.68 10.74
C TYR H 96 9.90 31.89 10.92
N HIS H 97 9.48 32.54 12.00
CA HIS H 97 8.06 32.73 12.23
C HIS H 97 7.46 33.78 11.32
N ALA H 98 8.26 34.72 10.83
CA ALA H 98 7.77 35.67 9.83
C ALA H 98 7.39 34.95 8.54
N GLU H 99 8.21 34.00 8.08
CA GLU H 99 7.84 33.25 6.89
C GLU H 99 6.56 32.45 7.14
N SER H 100 6.45 31.80 8.30
CA SER H 100 5.27 31.02 8.62
C SER H 100 4.01 31.87 8.54
N ILE H 101 4.04 33.05 9.16
CA ILE H 101 2.87 33.94 9.10
C ILE H 101 2.55 34.31 7.66
N ALA H 102 3.56 34.73 6.90
CA ALA H 102 3.34 35.11 5.52
C ALA H 102 2.74 33.96 4.71
N ASN H 103 3.27 32.74 4.91
CA ASN H 103 2.75 31.58 4.19
C ASN H 103 1.28 31.32 4.56
N VAL H 104 0.92 31.52 5.83
CA VAL H 104 -0.48 31.38 6.23
C VAL H 104 -1.34 32.41 5.51
N ARG H 105 -0.89 33.68 5.52
CA ARG H 105 -1.66 34.72 4.85
C ARG H 105 -1.75 34.47 3.35
N GLU H 106 -0.71 33.91 2.74
CA GLU H 106 -0.78 33.61 1.31
C GLU H 106 -1.76 32.47 1.04
N ALA H 107 -1.79 31.46 1.92
CA ALA H 107 -2.77 30.40 1.76
C ALA H 107 -4.19 30.93 1.97
N VAL H 108 -4.37 31.88 2.88
CA VAL H 108 -5.70 32.41 3.14
C VAL H 108 -6.19 33.22 1.95
N GLU H 109 -5.35 34.14 1.45
CA GLU H 109 -5.77 35.02 0.37
C GLU H 109 -5.98 34.28 -0.95
N SER H 110 -5.46 33.07 -1.08
CA SER H 110 -5.69 32.28 -2.29
C SER H 110 -7.16 31.86 -2.43
N PHE H 111 -7.94 31.94 -1.36
CA PHE H 111 -9.37 31.68 -1.40
C PHE H 111 -10.20 32.95 -1.44
N ALA H 112 -9.56 34.13 -1.38
CA ALA H 112 -10.28 35.39 -1.34
C ALA H 112 -11.04 35.70 -2.63
N GLY H 113 -10.82 34.94 -3.70
CA GLY H 113 -11.51 35.16 -4.96
C GLY H 113 -13.00 34.90 -4.89
N SER H 114 -13.45 34.06 -3.97
CA SER H 114 -14.87 33.78 -3.75
C SER H 114 -15.27 34.34 -2.39
N PRO H 115 -15.76 35.58 -2.32
CA PRO H 115 -16.07 36.17 -1.01
C PRO H 115 -17.21 35.49 -0.28
N LEU H 116 -18.06 34.74 -0.98
CA LEU H 116 -19.15 34.02 -0.32
C LEU H 116 -18.66 32.77 0.40
N SER H 117 -17.48 32.25 0.06
N SER H 117 -17.47 32.25 0.06
CA SER H 117 -16.95 31.04 0.67
CA SER H 117 -16.95 31.04 0.66
C SER H 117 -15.60 31.21 1.34
C SER H 117 -15.58 31.21 1.30
N TYR H 118 -15.05 32.42 1.34
CA TYR H 118 -13.70 32.64 1.87
C TYR H 118 -13.66 32.42 3.38
N ARG H 119 -12.60 31.77 3.85
CA ARG H 119 -12.51 31.41 5.27
C ARG H 119 -11.39 32.19 5.96
N PRO H 120 -11.70 33.07 6.92
CA PRO H 120 -10.64 33.75 7.66
C PRO H 120 -9.94 32.79 8.60
N VAL H 121 -8.65 33.03 8.82
CA VAL H 121 -7.83 32.21 9.69
C VAL H 121 -7.10 33.13 10.66
N ALA H 122 -7.24 32.86 11.95
CA ALA H 122 -6.54 33.64 12.96
C ALA H 122 -5.14 33.09 13.19
N ILE H 123 -4.22 33.97 13.56
CA ILE H 123 -2.85 33.58 13.86
C ILE H 123 -2.63 33.82 15.36
N ALA H 124 -2.21 32.76 16.04
CA ALA H 124 -2.01 32.78 17.49
C ALA H 124 -0.53 32.61 17.80
N LEU H 125 -0.01 33.48 18.65
CA LEU H 125 1.38 33.42 19.09
C LEU H 125 1.42 32.73 20.45
N ASP H 126 2.07 31.57 20.52
CA ASP H 126 2.24 30.82 21.76
C ASP H 126 3.62 31.15 22.32
N THR H 127 3.66 31.77 23.50
CA THR H 127 4.91 32.29 24.03
C THR H 127 5.77 31.16 24.61
N LYS H 128 7.08 31.40 24.61
CA LYS H 128 8.00 30.48 25.27
C LYS H 128 7.72 30.40 26.76
N GLY H 129 7.59 31.55 27.42
CA GLY H 129 7.27 31.59 28.83
C GLY H 129 8.49 31.43 29.71
N PRO H 130 8.34 31.72 31.01
CA PRO H 130 9.45 31.53 31.94
C PRO H 130 9.88 30.08 31.97
N GLU H 131 11.19 29.86 32.04
CA GLU H 131 11.74 28.52 32.03
C GLU H 131 12.71 28.34 33.20
N ILE H 132 12.83 27.10 33.66
CA ILE H 132 13.88 26.69 34.58
C ILE H 132 14.65 25.56 33.91
N ARG H 133 15.96 25.76 33.74
CA ARG H 133 16.81 24.80 33.05
C ARG H 133 18.03 24.46 33.90
N THR H 134 18.55 23.25 33.70
CA THR H 134 19.79 22.82 34.31
C THR H 134 20.98 23.46 33.59
N GLY H 135 22.19 23.15 34.08
CA GLY H 135 23.40 23.75 33.56
C GLY H 135 24.06 22.90 32.49
N ILE H 136 25.12 23.47 31.91
CA ILE H 136 25.94 22.76 30.93
C ILE H 136 26.80 21.74 31.66
N LEU H 137 27.00 20.57 31.03
CA LEU H 137 27.61 19.42 31.70
C LEU H 137 29.14 19.44 31.67
N GLN H 138 29.73 19.68 30.49
CA GLN H 138 31.14 19.45 30.14
C GLN H 138 31.33 18.02 29.63
N PRO H 141 29.79 19.73 22.52
CA PRO H 141 29.78 19.75 23.98
C PRO H 141 28.54 19.05 24.55
N GLU H 142 28.05 18.03 23.84
CA GLU H 142 26.84 17.32 24.24
C GLU H 142 27.29 16.07 25.01
N SER H 143 27.35 16.21 26.33
CA SER H 143 27.72 15.11 27.21
C SER H 143 26.46 14.57 27.88
N GLU H 144 26.53 13.31 28.30
CA GLU H 144 25.39 12.62 28.89
C GLU H 144 25.80 11.98 30.20
N VAL H 145 25.08 12.29 31.27
CA VAL H 145 25.32 11.68 32.56
C VAL H 145 24.05 10.96 33.00
N GLU H 146 24.22 9.94 33.82
CA GLU H 146 23.10 9.09 34.24
C GLU H 146 22.85 9.29 35.73
N LEU H 147 21.60 9.60 36.08
CA LEU H 147 21.18 9.70 37.47
C LEU H 147 20.56 8.36 37.86
N VAL H 148 21.21 7.65 38.77
CA VAL H 148 20.89 6.26 39.06
C VAL H 148 19.82 6.21 40.14
N LYS H 149 18.70 5.54 39.83
CA LYS H 149 17.61 5.33 40.78
C LYS H 149 18.13 4.96 42.15
N GLY H 150 17.80 5.77 43.16
CA GLY H 150 18.22 5.56 44.52
C GLY H 150 19.42 6.39 44.94
N SER H 151 20.15 6.97 44.00
CA SER H 151 21.37 7.71 44.35
C SER H 151 21.00 9.07 44.96
N GLN H 152 22.00 9.70 45.55
CA GLN H 152 21.86 11.02 46.16
C GLN H 152 22.36 12.07 45.18
N VAL H 153 21.55 13.09 44.93
CA VAL H 153 21.87 14.17 44.02
C VAL H 153 21.66 15.51 44.72
N LEU H 154 22.65 16.38 44.63
CA LEU H 154 22.55 17.72 45.17
C LEU H 154 22.05 18.67 44.09
N VAL H 155 20.97 19.38 44.37
CA VAL H 155 20.50 20.46 43.51
C VAL H 155 20.98 21.76 44.12
N THR H 156 21.78 22.51 43.36
CA THR H 156 22.46 23.69 43.88
C THR H 156 22.25 24.87 42.95
N VAL H 157 22.30 26.08 43.54
CA VAL H 157 22.24 27.33 42.80
C VAL H 157 23.51 28.15 42.99
N ASP H 158 24.54 27.58 43.58
CA ASP H 158 25.81 28.25 43.76
C ASP H 158 26.40 28.60 42.39
N PRO H 159 26.71 29.87 42.12
CA PRO H 159 27.22 30.22 40.78
C PRO H 159 28.50 29.48 40.41
N ALA H 160 29.30 29.09 41.39
CA ALA H 160 30.54 28.37 41.11
C ALA H 160 30.29 26.98 40.54
N PHE H 161 29.08 26.44 40.72
CA PHE H 161 28.74 25.12 40.22
C PHE H 161 27.98 25.18 38.90
N ARG H 162 27.96 26.35 38.25
CA ARG H 162 27.16 26.52 37.03
C ARG H 162 27.53 25.49 35.96
N THR H 163 28.82 25.22 35.79
CA THR H 163 29.30 24.33 34.74
C THR H 163 29.77 22.98 35.28
N ARG H 164 29.53 22.68 36.55
CA ARG H 164 30.11 21.51 37.21
C ARG H 164 29.09 20.39 37.41
N GLY H 165 28.08 20.32 36.53
CA GLY H 165 27.10 19.27 36.65
C GLY H 165 27.70 17.89 36.44
N ASN H 166 27.14 16.91 37.13
CA ASN H 166 27.60 15.53 37.04
C ASN H 166 26.49 14.61 37.54
N ALA H 167 26.83 13.35 37.78
CA ALA H 167 25.85 12.36 38.16
C ALA H 167 25.27 12.57 39.56
N ASN H 168 25.87 13.45 40.36
CA ASN H 168 25.37 13.72 41.71
C ASN H 168 25.09 15.18 41.98
N THR H 169 25.24 16.06 40.99
CA THR H 169 25.13 17.49 41.19
C THR H 169 24.38 18.08 40.01
N VAL H 170 23.32 18.83 40.28
CA VAL H 170 22.54 19.50 39.26
C VAL H 170 22.45 20.97 39.64
N TRP H 171 23.00 21.85 38.80
CA TRP H 171 22.84 23.28 38.93
C TRP H 171 21.61 23.73 38.14
N VAL H 172 20.85 24.69 38.68
CA VAL H 172 19.71 25.27 37.97
C VAL H 172 19.81 26.79 37.98
N ASP H 173 19.20 27.40 36.96
CA ASP H 173 19.25 28.85 36.75
C ASP H 173 18.17 29.60 37.53
N TYR H 174 17.50 28.95 38.48
CA TYR H 174 16.46 29.57 39.29
C TYR H 174 16.90 29.57 40.76
N PRO H 175 17.53 30.65 41.23
CA PRO H 175 18.09 30.63 42.60
C PRO H 175 17.07 30.33 43.69
N ASN H 176 15.84 30.80 43.53
CA ASN H 176 14.82 30.62 44.56
C ASN H 176 14.30 29.19 44.66
N ILE H 177 14.83 28.25 43.88
CA ILE H 177 14.35 26.87 43.96
C ILE H 177 14.61 26.28 45.35
N VAL H 178 15.64 26.77 46.05
CA VAL H 178 15.97 26.23 47.37
C VAL H 178 15.02 26.71 48.46
N ARG H 179 14.14 27.67 48.17
CA ARG H 179 13.21 28.22 49.15
C ARG H 179 11.76 27.93 48.79
N VAL H 180 11.51 26.95 47.94
CA VAL H 180 10.24 26.82 47.24
C VAL H 180 9.83 25.34 47.16
N VAL H 181 10.77 24.44 47.39
CA VAL H 181 10.49 23.01 47.38
C VAL H 181 10.74 22.47 48.79
N PRO H 182 9.71 22.05 49.52
CA PRO H 182 9.91 21.53 50.88
C PRO H 182 10.46 20.11 50.83
N VAL H 183 10.88 19.64 52.02
CA VAL H 183 11.27 18.24 52.17
C VAL H 183 10.10 17.35 51.78
N GLY H 184 10.37 16.38 50.91
CA GLY H 184 9.33 15.56 50.33
C GLY H 184 8.78 16.07 49.01
N GLY H 185 9.06 17.32 48.66
CA GLY H 185 8.67 17.83 47.35
C GLY H 185 9.47 17.18 46.24
N ARG H 186 8.90 17.22 45.03
CA ARG H 186 9.47 16.59 43.87
C ARG H 186 10.04 17.63 42.92
N ILE H 187 11.04 17.20 42.15
CA ILE H 187 11.64 18.00 41.09
C ILE H 187 11.71 17.12 39.84
N TYR H 188 11.11 17.58 38.76
CA TYR H 188 11.17 16.88 37.48
C TYR H 188 12.17 17.54 36.55
N ILE H 189 12.93 16.71 35.84
CA ILE H 189 13.89 17.17 34.85
C ILE H 189 13.62 16.43 33.54
N ASP H 190 13.71 17.16 32.43
CA ASP H 190 13.60 16.56 31.10
C ASP H 190 12.20 15.97 30.89
N ASP H 191 11.24 16.87 30.73
CA ASP H 191 9.84 16.53 30.42
C ASP H 191 9.29 15.52 31.41
N GLY H 192 9.77 15.56 32.66
CA GLY H 192 9.39 14.61 33.68
C GLY H 192 9.99 13.22 33.56
N LEU H 193 11.03 13.04 32.74
CA LEU H 193 11.68 11.75 32.66
C LEU H 193 12.39 11.39 33.96
N ILE H 194 13.06 12.37 34.57
CA ILE H 194 13.81 12.17 35.81
C ILE H 194 13.05 12.84 36.95
N SER H 195 12.90 12.13 38.06
CA SER H 195 12.20 12.62 39.24
C SER H 195 13.13 12.59 40.45
N LEU H 196 13.18 13.69 41.20
CA LEU H 196 13.95 13.79 42.43
C LEU H 196 13.01 14.12 43.58
N VAL H 197 13.29 13.56 44.75
CA VAL H 197 12.52 13.86 45.96
C VAL H 197 13.46 14.52 46.97
N VAL H 198 13.09 15.70 47.44
CA VAL H 198 13.93 16.44 48.38
C VAL H 198 13.93 15.70 49.71
N GLN H 199 15.12 15.39 50.22
CA GLN H 199 15.28 14.76 51.52
C GLN H 199 15.74 15.71 52.60
N LYS H 200 16.56 16.70 52.25
CA LYS H 200 17.11 17.62 53.24
C LYS H 200 17.39 18.94 52.55
N ILE H 201 17.13 20.03 53.26
CA ILE H 201 17.44 21.38 52.81
C ILE H 201 18.56 21.92 53.68
N GLY H 202 19.73 22.13 53.08
CA GLY H 202 20.87 22.70 53.77
C GLY H 202 21.45 23.87 53.00
N PRO H 203 22.39 24.59 53.62
CA PRO H 203 23.00 25.75 52.94
C PRO H 203 23.52 25.43 51.54
N GLU H 204 23.96 24.19 51.32
CA GLU H 204 24.51 23.80 50.03
C GLU H 204 23.45 23.70 48.94
N GLY H 205 22.18 23.52 49.32
CA GLY H 205 21.09 23.36 48.38
C GLY H 205 20.19 22.22 48.82
N LEU H 206 19.47 21.66 47.86
CA LEU H 206 18.52 20.58 48.13
C LEU H 206 19.20 19.24 47.95
N VAL H 207 19.27 18.47 49.03
CA VAL H 207 19.79 17.10 48.97
C VAL H 207 18.62 16.20 48.61
N THR H 208 18.68 15.57 47.44
CA THR H 208 17.58 14.78 46.93
C THR H 208 18.03 13.34 46.68
N GLN H 209 17.05 12.45 46.68
CA GLN H 209 17.21 11.08 46.19
C GLN H 209 16.43 10.96 44.89
N VAL H 210 17.08 10.43 43.85
CA VAL H 210 16.41 10.34 42.57
C VAL H 210 15.36 9.23 42.65
N GLU H 211 14.12 9.58 42.33
CA GLU H 211 13.00 8.65 42.39
C GLU H 211 12.87 7.84 41.11
N ASN H 212 12.96 8.52 39.96
CA ASN H 212 12.99 7.88 38.65
C ASN H 212 14.26 8.32 37.94
N GLY H 213 15.13 7.35 37.64
CA GLY H 213 16.41 7.66 37.04
C GLY H 213 16.35 7.74 35.54
N GLY H 214 17.46 8.19 34.97
CA GLY H 214 17.57 8.29 33.53
C GLY H 214 18.82 9.06 33.14
N VAL H 215 19.09 9.03 31.84
CA VAL H 215 20.22 9.77 31.28
C VAL H 215 19.87 11.24 31.20
N LEU H 216 20.83 12.09 31.55
CA LEU H 216 20.62 13.53 31.64
C LEU H 216 21.58 14.26 30.71
N GLY H 217 21.06 15.25 30.01
CA GLY H 217 21.86 16.11 29.15
C GLY H 217 22.05 17.49 29.75
N SER H 218 22.37 18.45 28.89
CA SER H 218 22.66 19.81 29.31
C SER H 218 21.45 20.72 29.06
N ARG H 219 21.18 21.61 30.02
CA ARG H 219 20.15 22.64 29.89
C ARG H 219 18.78 22.04 29.64
N LYS H 220 18.39 21.08 30.47
CA LYS H 220 17.08 20.45 30.38
C LYS H 220 16.07 21.19 31.26
N GLY H 221 14.82 21.25 30.79
CA GLY H 221 13.79 21.96 31.52
C GLY H 221 13.45 21.29 32.84
N VAL H 222 13.03 22.11 33.80
CA VAL H 222 12.75 21.67 35.15
C VAL H 222 11.35 22.08 35.53
N ASN H 223 10.56 21.15 36.06
CA ASN H 223 9.24 21.45 36.58
C ASN H 223 9.22 21.20 38.08
N LEU H 224 8.50 22.06 38.80
CA LEU H 224 8.44 22.02 40.26
C LEU H 224 6.99 21.84 40.69
N PRO H 225 6.50 20.60 40.68
CA PRO H 225 5.07 20.35 40.95
C PRO H 225 4.65 20.88 42.32
N GLY H 226 3.60 21.69 42.32
CA GLY H 226 3.04 22.22 43.55
C GLY H 226 3.78 23.39 44.15
N ALA H 227 4.85 23.85 43.50
CA ALA H 227 5.67 24.94 44.03
C ALA H 227 5.12 26.31 43.63
N GLN H 228 5.29 27.28 44.53
CA GLN H 228 4.98 28.68 44.26
C GLN H 228 6.23 29.37 43.72
N VAL H 229 6.44 29.23 42.40
CA VAL H 229 7.63 29.79 41.77
C VAL H 229 7.35 31.24 41.39
N ASP H 230 8.26 32.13 41.77
CA ASP H 230 8.06 33.57 41.63
C ASP H 230 8.80 34.16 40.42
N LEU H 231 8.99 33.38 39.37
CA LEU H 231 9.50 33.91 38.11
C LEU H 231 8.52 34.98 37.58
N PRO H 232 9.02 35.96 36.83
CA PRO H 232 8.14 37.04 36.35
C PRO H 232 7.10 36.52 35.37
N GLY H 233 6.10 37.36 35.11
CA GLY H 233 5.09 37.00 34.14
C GLY H 233 5.66 36.76 32.76
N LEU H 234 6.63 37.58 32.36
CA LEU H 234 7.28 37.47 31.07
C LEU H 234 8.79 37.46 31.23
N SER H 235 9.44 36.61 30.45
CA SER H 235 10.88 36.69 30.29
C SER H 235 11.25 37.85 29.36
N GLU H 236 12.55 38.14 29.28
CA GLU H 236 13.02 39.15 28.33
C GLU H 236 12.68 38.75 26.91
N GLN H 237 12.90 37.48 26.56
CA GLN H 237 12.57 36.99 25.22
C GLN H 237 11.06 37.07 24.94
N ASP H 238 10.22 36.92 25.96
CA ASP H 238 8.78 37.04 25.75
C ASP H 238 8.39 38.46 25.37
N VAL H 239 9.05 39.46 25.97
CA VAL H 239 8.80 40.85 25.61
C VAL H 239 9.15 41.09 24.14
N ARG H 240 10.30 40.57 23.70
CA ARG H 240 10.69 40.73 22.31
C ARG H 240 9.75 39.93 21.40
N ASP H 241 9.32 38.75 21.83
CA ASP H 241 8.44 37.94 21.02
C ASP H 241 7.05 38.55 20.92
N LEU H 242 6.57 39.22 21.97
CA LEU H 242 5.27 39.86 21.90
C LEU H 242 5.32 41.11 21.02
N ARG H 243 6.40 41.88 21.12
CA ARG H 243 6.58 43.03 20.23
C ARG H 243 6.62 42.57 18.77
N PHE H 244 7.30 41.45 18.49
CA PHE H 244 7.26 40.85 17.17
C PHE H 244 5.83 40.52 16.75
N GLY H 245 5.01 40.02 17.69
CA GLY H 245 3.66 39.60 17.34
C GLY H 245 2.73 40.76 17.01
N VAL H 246 2.92 41.90 17.67
CA VAL H 246 2.14 43.09 17.34
C VAL H 246 2.49 43.58 15.94
N GLU H 247 3.79 43.64 15.63
CA GLU H 247 4.21 44.17 14.34
C GLU H 247 3.82 43.25 13.19
N HIS H 248 3.68 41.95 13.46
CA HIS H 248 3.27 41.00 12.43
C HIS H 248 1.79 40.66 12.50
N GLY H 249 1.02 41.40 13.30
CA GLY H 249 -0.44 41.33 13.25
C GLY H 249 -1.06 40.03 13.69
N VAL H 250 -0.54 39.41 14.75
CA VAL H 250 -1.21 38.24 15.28
C VAL H 250 -2.50 38.67 15.97
N ASP H 251 -3.44 37.72 16.06
CA ASP H 251 -4.75 38.00 16.64
C ASP H 251 -4.87 37.55 18.08
N ILE H 252 -4.12 36.52 18.46
CA ILE H 252 -4.27 35.83 19.73
C ILE H 252 -2.90 35.58 20.31
N VAL H 253 -2.78 35.72 21.63
CA VAL H 253 -1.59 35.33 22.36
C VAL H 253 -1.99 34.24 23.35
N PHE H 254 -1.33 33.09 23.26
CA PHE H 254 -1.40 32.07 24.31
C PHE H 254 -0.27 32.37 25.29
N ALA H 255 -0.60 32.91 26.46
CA ALA H 255 0.40 33.28 27.45
C ALA H 255 0.79 32.06 28.28
N SER H 256 2.07 31.70 28.23
CA SER H 256 2.53 30.48 28.90
C SER H 256 2.66 30.69 30.41
N PHE H 257 2.34 29.62 31.16
CA PHE H 257 2.71 29.50 32.58
C PHE H 257 2.05 30.57 33.45
N VAL H 258 0.79 30.88 33.16
CA VAL H 258 0.09 31.94 33.88
C VAL H 258 -0.32 31.40 35.24
N ARG H 259 0.09 32.11 36.30
CA ARG H 259 -0.10 31.68 37.67
C ARG H 259 -1.01 32.61 38.47
N LYS H 260 -1.10 33.88 38.09
CA LYS H 260 -1.87 34.87 38.83
C LYS H 260 -2.32 35.96 37.88
N ALA H 261 -3.15 36.87 38.38
CA ALA H 261 -3.71 37.93 37.55
C ALA H 261 -2.63 38.88 37.04
N SER H 262 -1.63 39.16 37.88
CA SER H 262 -0.57 40.08 37.47
C SER H 262 0.27 39.52 36.33
N ASP H 263 0.24 38.21 36.11
CA ASP H 263 0.96 37.62 34.98
C ASP H 263 0.38 38.07 33.64
N VAL H 264 -0.96 38.08 33.53
CA VAL H 264 -1.52 38.49 32.25
C VAL H 264 -1.53 40.01 32.13
N ALA H 265 -1.54 40.72 33.26
CA ALA H 265 -1.32 42.17 33.23
C ALA H 265 0.02 42.50 32.61
N ALA H 266 1.04 41.70 32.89
CA ALA H 266 2.34 41.91 32.26
C ALA H 266 2.26 41.66 30.76
N VAL H 267 1.49 40.65 30.34
CA VAL H 267 1.30 40.39 28.92
C VAL H 267 0.64 41.60 28.25
N ARG H 268 -0.42 42.12 28.87
CA ARG H 268 -1.13 43.26 28.30
C ARG H 268 -0.21 44.46 28.15
N ALA H 269 0.64 44.71 29.15
CA ALA H 269 1.57 45.83 29.10
C ALA H 269 2.57 45.67 27.97
N ALA H 270 3.07 44.45 27.76
CA ALA H 270 4.07 44.22 26.72
C ALA H 270 3.46 44.26 25.33
N LEU H 271 2.15 44.01 25.20
CA LEU H 271 1.50 44.19 23.92
C LEU H 271 1.42 45.65 23.53
N GLY H 272 1.47 46.57 24.49
CA GLY H 272 1.50 47.99 24.20
C GLY H 272 0.16 48.52 23.73
N PRO H 273 0.12 49.82 23.43
CA PRO H 273 -1.14 50.40 22.93
C PRO H 273 -1.51 49.93 21.53
N GLU H 274 -0.53 49.52 20.72
CA GLU H 274 -0.83 49.01 19.39
C GLU H 274 -1.40 47.60 19.42
N GLY H 275 -1.26 46.88 20.55
CA GLY H 275 -1.78 45.53 20.62
C GLY H 275 -3.01 45.42 21.49
N HIS H 276 -3.74 46.52 21.65
CA HIS H 276 -4.91 46.54 22.53
C HIS H 276 -6.02 45.63 22.06
N GLY H 277 -6.09 45.34 20.76
CA GLY H 277 -7.12 44.45 20.24
C GLY H 277 -6.77 42.99 20.25
N ILE H 278 -5.58 42.61 20.72
CA ILE H 278 -5.16 41.21 20.71
C ILE H 278 -5.77 40.49 21.91
N LYS H 279 -6.31 39.29 21.67
CA LYS H 279 -6.88 38.48 22.73
C LYS H 279 -5.77 37.74 23.49
N ILE H 280 -5.82 37.79 24.81
CA ILE H 280 -4.88 37.06 25.66
C ILE H 280 -5.59 35.82 26.17
N ILE H 281 -5.07 34.65 25.81
CA ILE H 281 -5.57 33.36 26.28
C ILE H 281 -4.54 32.83 27.27
N SER H 282 -4.92 32.72 28.53
CA SER H 282 -3.99 32.31 29.58
C SER H 282 -3.85 30.80 29.61
N LYS H 283 -2.62 30.31 29.47
CA LYS H 283 -2.33 28.89 29.57
C LYS H 283 -2.15 28.51 31.03
N ILE H 284 -3.04 27.65 31.53
CA ILE H 284 -2.96 27.15 32.89
C ILE H 284 -2.15 25.87 32.84
N GLU H 285 -0.95 25.91 33.43
CA GLU H 285 0.01 24.81 33.27
C GLU H 285 0.45 24.15 34.56
N ASN H 286 0.15 24.73 35.73
CA ASN H 286 0.65 24.18 36.98
C ASN H 286 -0.42 24.31 38.06
N HIS H 287 -0.04 23.87 39.27
CA HIS H 287 -1.00 23.76 40.37
C HIS H 287 -1.48 25.13 40.84
N GLU H 288 -0.57 26.10 40.95
CA GLU H 288 -0.98 27.44 41.39
C GLU H 288 -1.98 28.06 40.41
N GLY H 289 -1.73 27.89 39.11
CA GLY H 289 -2.67 28.41 38.12
C GLY H 289 -4.06 27.80 38.25
N VAL H 290 -4.13 26.51 38.61
CA VAL H 290 -5.42 25.86 38.79
C VAL H 290 -6.13 26.41 40.02
N LYS H 291 -5.41 26.55 41.13
CA LYS H 291 -6.02 27.02 42.37
C LYS H 291 -6.38 28.50 42.29
N ARG H 292 -5.64 29.28 41.53
CA ARG H 292 -5.94 30.69 41.35
C ARG H 292 -6.66 30.95 40.04
N PHE H 293 -7.38 29.94 39.54
CA PHE H 293 -8.04 30.03 38.25
C PHE H 293 -8.96 31.24 38.17
N ASP H 294 -9.73 31.49 39.24
CA ASP H 294 -10.80 32.48 39.17
C ASP H 294 -10.25 33.89 38.91
N GLU H 295 -9.19 34.27 39.62
CA GLU H 295 -8.62 35.60 39.40
C GLU H 295 -7.95 35.70 38.03
N ILE H 296 -7.47 34.58 37.48
CA ILE H 296 -6.87 34.59 36.15
C ILE H 296 -7.95 34.71 35.08
N LEU H 297 -9.06 34.00 35.26
CA LEU H 297 -10.15 34.05 34.28
C LEU H 297 -10.77 35.45 34.22
N GLU H 298 -11.05 36.06 35.37
CA GLU H 298 -11.67 37.38 35.39
C GLU H 298 -10.86 38.39 34.58
N VAL H 299 -9.55 38.18 34.46
CA VAL H 299 -8.67 39.14 33.82
C VAL H 299 -8.20 38.70 32.43
N SER H 300 -8.47 37.46 32.03
CA SER H 300 -8.08 36.97 30.70
C SER H 300 -9.26 37.04 29.74
N ASP H 301 -8.93 36.99 28.44
CA ASP H 301 -9.97 36.80 27.43
C ASP H 301 -10.41 35.35 27.35
N GLY H 302 -9.58 34.41 27.79
CA GLY H 302 -9.91 33.01 27.71
C GLY H 302 -8.80 32.18 28.31
N ILE H 303 -9.01 30.87 28.27
CA ILE H 303 -8.17 29.91 28.99
C ILE H 303 -7.77 28.80 28.04
N MET H 304 -6.52 28.33 28.18
CA MET H 304 -6.07 27.11 27.55
C MET H 304 -5.73 26.08 28.61
N VAL H 305 -6.29 24.89 28.49
CA VAL H 305 -5.97 23.77 29.37
C VAL H 305 -4.74 23.10 28.77
N ALA H 306 -3.57 23.41 29.31
CA ALA H 306 -2.31 22.95 28.74
C ALA H 306 -1.94 21.62 29.41
N ARG H 307 -2.58 20.54 28.93
CA ARG H 307 -2.45 19.23 29.58
C ARG H 307 -1.02 18.72 29.55
N GLY H 308 -0.22 19.13 28.57
CA GLY H 308 1.17 18.73 28.49
C GLY H 308 1.93 19.06 29.76
N ASP H 309 2.07 20.35 30.06
CA ASP H 309 2.78 20.71 31.29
C ASP H 309 1.95 20.39 32.52
N LEU H 310 0.62 20.50 32.41
CA LEU H 310 -0.24 20.17 33.54
C LEU H 310 -0.03 18.72 33.98
N GLY H 311 0.15 17.80 33.03
CA GLY H 311 0.38 16.41 33.36
C GLY H 311 1.72 16.13 34.02
N ILE H 312 2.59 17.14 34.07
CA ILE H 312 3.85 17.04 34.80
C ILE H 312 3.76 17.77 36.13
N GLU H 313 3.11 18.94 36.16
CA GLU H 313 3.01 19.74 37.37
C GLU H 313 2.03 19.16 38.39
N ILE H 314 1.07 18.37 37.94
CA ILE H 314 0.17 17.65 38.84
C ILE H 314 0.15 16.19 38.42
N PRO H 315 -0.22 15.28 39.32
CA PRO H 315 -0.34 13.87 38.95
C PRO H 315 -1.15 13.69 37.66
N ALA H 316 -0.68 12.77 36.81
CA ALA H 316 -1.30 12.60 35.50
C ALA H 316 -2.76 12.18 35.62
N GLU H 317 -3.13 11.48 36.69
CA GLU H 317 -4.49 11.01 36.88
C GLU H 317 -5.45 12.11 37.31
N LYS H 318 -4.97 13.31 37.58
CA LYS H 318 -5.81 14.42 37.99
C LYS H 318 -6.03 15.45 36.89
N VAL H 319 -5.40 15.28 35.72
CA VAL H 319 -5.50 16.29 34.68
C VAL H 319 -6.95 16.43 34.23
N PHE H 320 -7.66 15.30 34.10
CA PHE H 320 -9.04 15.36 33.65
C PHE H 320 -9.91 16.15 34.62
N LEU H 321 -9.59 16.13 35.91
CA LEU H 321 -10.31 16.95 36.88
C LEU H 321 -10.11 18.43 36.61
N ALA H 322 -8.88 18.82 36.35
CA ALA H 322 -8.58 20.22 36.07
C ALA H 322 -9.19 20.67 34.76
N GLN H 323 -9.18 19.79 33.76
CA GLN H 323 -9.79 20.12 32.47
C GLN H 323 -11.30 20.35 32.62
N LYS H 324 -11.99 19.44 33.31
CA LYS H 324 -13.42 19.58 33.46
C LYS H 324 -13.80 20.75 34.35
N MET H 325 -12.99 21.04 35.36
CA MET H 325 -13.26 22.20 36.20
C MET H 325 -13.12 23.50 35.42
N MET H 326 -12.04 23.63 34.64
CA MET H 326 -11.80 24.88 33.92
C MET H 326 -12.79 25.07 32.77
N ILE H 327 -13.16 23.98 32.10
CA ILE H 327 -14.12 24.10 31.03
C ILE H 327 -15.47 24.54 31.57
N GLY H 328 -15.84 24.02 32.75
CA GLY H 328 -17.10 24.41 33.36
C GLY H 328 -17.13 25.86 33.78
N ARG H 329 -16.04 26.34 34.39
CA ARG H 329 -16.02 27.73 34.83
C ARG H 329 -15.91 28.70 33.67
N CYS H 330 -15.25 28.29 32.59
CA CYS H 330 -15.24 29.11 31.39
C CYS H 330 -16.62 29.18 30.77
N ASN H 331 -17.28 28.02 30.62
CA ASN H 331 -18.65 27.99 30.12
C ASN H 331 -19.55 28.89 30.98
N LEU H 332 -19.41 28.82 32.31
CA LEU H 332 -20.20 29.65 33.20
C LEU H 332 -19.94 31.13 32.95
N ALA H 333 -18.66 31.51 32.83
CA ALA H 333 -18.29 32.90 32.59
C ALA H 333 -18.54 33.35 31.17
N GLY H 334 -18.84 32.44 30.24
CA GLY H 334 -19.00 32.81 28.84
C GLY H 334 -17.70 33.21 28.18
N LYS H 335 -16.60 32.54 28.54
CA LYS H 335 -15.31 32.86 27.96
C LYS H 335 -14.72 31.62 27.28
N PRO H 336 -14.10 31.79 26.13
CA PRO H 336 -13.63 30.61 25.38
C PRO H 336 -12.54 29.87 26.13
N VAL H 337 -12.54 28.55 25.96
CA VAL H 337 -11.57 27.67 26.60
C VAL H 337 -11.05 26.69 25.55
N VAL H 338 -9.73 26.48 25.54
CA VAL H 338 -9.05 25.68 24.55
C VAL H 338 -8.53 24.40 25.22
N CYS H 339 -8.76 23.25 24.58
CA CYS H 339 -8.20 21.98 25.02
C CYS H 339 -7.07 21.59 24.10
N ALA H 340 -5.90 21.31 24.69
CA ALA H 340 -4.68 21.16 23.92
C ALA H 340 -3.92 19.91 24.35
N THR H 341 -3.00 19.50 23.47
CA THR H 341 -1.92 18.56 23.73
C THR H 341 -2.36 17.10 23.62
N GLN H 342 -1.75 16.37 22.70
CA GLN H 342 -1.81 14.92 22.61
C GLN H 342 -3.20 14.39 22.29
N MET H 343 -4.06 15.20 21.69
CA MET H 343 -5.41 14.74 21.35
C MET H 343 -5.39 13.65 20.29
N LEU H 344 -4.47 13.74 19.33
CA LEU H 344 -4.33 12.73 18.27
C LEU H 344 -2.88 12.30 18.13
N GLU H 345 -2.24 12.00 19.26
CA GLU H 345 -0.80 11.76 19.31
C GLU H 345 -0.33 10.73 18.28
N SER H 346 -0.99 9.57 18.25
CA SER H 346 -0.52 8.46 17.42
C SER H 346 -0.56 8.81 15.93
N MET H 347 -1.29 9.85 15.56
CA MET H 347 -1.34 10.24 14.16
C MET H 347 -0.07 10.96 13.69
N ILE H 348 0.86 11.25 14.60
CA ILE H 348 2.17 11.74 14.20
C ILE H 348 2.84 10.74 13.25
N THR H 349 2.61 9.45 13.47
CA THR H 349 3.23 8.42 12.65
C THR H 349 2.26 7.42 12.02
N LYS H 350 0.96 7.46 12.36
CA LYS H 350 0.03 6.52 11.77
C LYS H 350 -1.14 7.28 11.11
N PRO H 351 -1.74 6.70 10.07
CA PRO H 351 -2.85 7.40 9.39
C PRO H 351 -4.18 7.32 10.12
N ARG H 352 -4.31 6.45 11.12
CA ARG H 352 -5.52 6.34 11.90
C ARG H 352 -5.21 6.60 13.38
N PRO H 353 -6.09 7.29 14.09
CA PRO H 353 -5.90 7.48 15.52
C PRO H 353 -6.33 6.24 16.29
N THR H 354 -5.94 6.21 17.57
CA THR H 354 -6.39 5.15 18.46
C THR H 354 -7.80 5.43 18.98
N ARG H 355 -8.39 4.41 19.60
CA ARG H 355 -9.74 4.58 20.13
C ARG H 355 -9.76 5.54 21.32
N ALA H 356 -8.68 5.62 22.07
CA ALA H 356 -8.62 6.57 23.18
C ALA H 356 -8.55 8.00 22.66
N GLU H 357 -7.85 8.21 21.56
CA GLU H 357 -7.72 9.57 21.02
C GLU H 357 -9.05 10.07 20.46
N THR H 358 -9.75 9.22 19.71
CA THR H 358 -11.07 9.58 19.21
C THR H 358 -12.01 9.95 20.35
N SER H 359 -12.02 9.14 21.41
CA SER H 359 -12.85 9.43 22.56
C SER H 359 -12.44 10.73 23.24
N ASP H 360 -11.14 11.03 23.27
CA ASP H 360 -10.66 12.25 23.93
C ASP H 360 -11.14 13.51 23.22
N VAL H 361 -11.06 13.53 21.89
CA VAL H 361 -11.59 14.68 21.15
C VAL H 361 -13.08 14.84 21.39
N ALA H 362 -13.82 13.72 21.30
CA ALA H 362 -15.25 13.79 21.50
C ALA H 362 -15.60 14.31 22.88
N ASN H 363 -14.87 13.86 23.91
CA ASN H 363 -15.24 14.23 25.27
C ASN H 363 -14.86 15.68 25.58
N ALA H 364 -13.81 16.20 24.97
CA ALA H 364 -13.49 17.62 25.12
C ALA H 364 -14.64 18.49 24.61
N VAL H 365 -15.22 18.14 23.46
CA VAL H 365 -16.36 18.86 22.93
C VAL H 365 -17.55 18.69 23.88
N LEU H 366 -17.83 17.45 24.28
CA LEU H 366 -18.93 17.19 25.21
C LEU H 366 -18.74 17.96 26.51
N ASP H 367 -17.50 18.09 26.99
CA ASP H 367 -17.24 18.87 28.19
C ASP H 367 -17.60 20.34 28.01
N GLY H 368 -17.45 20.88 26.79
CA GLY H 368 -17.81 22.26 26.54
C GLY H 368 -16.68 23.11 25.99
N ALA H 369 -15.59 22.46 25.57
CA ALA H 369 -14.46 23.17 25.01
C ALA H 369 -14.88 23.95 23.77
N ASP H 370 -14.35 25.18 23.66
CA ASP H 370 -14.62 25.99 22.47
C ASP H 370 -13.67 25.65 21.32
N CYS H 371 -12.43 25.26 21.62
CA CYS H 371 -11.46 24.94 20.60
C CYS H 371 -10.69 23.70 21.00
N ILE H 372 -10.28 22.94 20.01
CA ILE H 372 -9.36 21.82 20.19
C ILE H 372 -8.12 22.10 19.36
N MET H 373 -7.01 21.51 19.79
CA MET H 373 -5.70 21.88 19.29
C MET H 373 -4.96 20.65 18.81
N LEU H 374 -4.17 20.82 17.76
CA LEU H 374 -3.16 19.87 17.34
C LEU H 374 -1.80 20.53 17.46
N SER H 375 -0.83 19.77 17.98
CA SER H 375 0.53 20.27 18.16
C SER H 375 1.42 19.51 17.20
N GLY H 376 2.18 18.50 17.65
CA GLY H 376 3.04 17.75 16.75
C GLY H 376 2.31 17.04 15.62
N GLU H 377 1.01 16.80 15.78
CA GLU H 377 0.25 16.14 14.72
C GLU H 377 0.28 16.94 13.42
N THR H 378 0.31 18.27 13.52
CA THR H 378 0.42 19.12 12.34
C THR H 378 1.80 19.74 12.16
N ALA H 379 2.55 19.92 13.25
CA ALA H 379 3.88 20.52 13.13
C ALA H 379 4.88 19.54 12.55
N LYS H 380 4.95 18.33 13.11
CA LYS H 380 6.01 17.39 12.77
C LYS H 380 5.54 16.10 12.10
N GLY H 381 4.27 15.73 12.28
CA GLY H 381 3.84 14.40 11.88
C GLY H 381 3.79 14.22 10.37
N ASN H 382 3.52 12.99 9.98
CA ASN H 382 3.47 12.63 8.56
C ASN H 382 2.06 12.71 7.98
N PHE H 383 1.06 13.03 8.78
CA PHE H 383 -0.33 13.11 8.31
C PHE H 383 -1.01 14.36 8.87
N PRO H 384 -0.45 15.55 8.58
CA PRO H 384 -1.03 16.76 9.19
C PRO H 384 -2.43 17.08 8.68
N VAL H 385 -2.71 16.85 7.39
CA VAL H 385 -4.02 17.16 6.86
C VAL H 385 -5.05 16.15 7.36
N GLU H 386 -4.66 14.89 7.47
CA GLU H 386 -5.55 13.87 8.01
C GLU H 386 -5.91 14.14 9.47
N ALA H 387 -4.98 14.72 10.25
CA ALA H 387 -5.28 15.02 11.65
C ALA H 387 -6.35 16.10 11.76
N VAL H 388 -6.27 17.13 10.92
CA VAL H 388 -7.30 18.16 10.90
C VAL H 388 -8.64 17.58 10.47
N LYS H 389 -8.63 16.77 9.42
CA LYS H 389 -9.86 16.13 8.94
C LYS H 389 -10.46 15.24 10.02
N MET H 390 -9.61 14.52 10.76
CA MET H 390 -10.13 13.65 11.81
C MET H 390 -10.75 14.47 12.93
N GLN H 391 -10.08 15.54 13.36
CA GLN H 391 -10.66 16.38 14.41
C GLN H 391 -11.96 17.01 13.94
N HIS H 392 -12.03 17.37 12.66
CA HIS H 392 -13.28 17.91 12.12
C HIS H 392 -14.40 16.89 12.19
N ALA H 393 -14.11 15.64 11.80
CA ALA H 393 -15.16 14.62 11.77
C ALA H 393 -15.65 14.27 13.17
N ILE H 394 -14.73 14.19 14.12
CA ILE H 394 -15.14 13.87 15.50
C ILE H 394 -15.98 14.98 16.08
N ALA H 395 -15.54 16.23 15.88
CA ALA H 395 -16.25 17.36 16.48
C ALA H 395 -17.68 17.47 15.95
N ARG H 396 -17.90 17.18 14.67
CA ARG H 396 -19.26 17.22 14.12
C ARG H 396 -20.17 16.27 14.86
N GLU H 397 -19.71 15.03 15.07
CA GLU H 397 -20.52 14.04 15.77
C GLU H 397 -20.73 14.41 17.22
N ALA H 398 -19.71 14.97 17.86
CA ALA H 398 -19.81 15.24 19.29
C ALA H 398 -20.73 16.42 19.58
N GLU H 399 -20.72 17.42 18.70
CA GLU H 399 -21.58 18.59 18.90
C GLU H 399 -23.05 18.21 18.83
N ALA H 400 -23.41 17.27 17.96
CA ALA H 400 -24.80 16.85 17.87
C ALA H 400 -25.24 16.02 19.06
N ALA H 401 -24.30 15.40 19.77
CA ALA H 401 -24.61 14.56 20.92
C ALA H 401 -24.65 15.33 22.23
N VAL H 402 -24.44 16.65 22.20
CA VAL H 402 -24.52 17.45 23.42
C VAL H 402 -25.96 17.48 23.93
N TYR H 403 -26.13 17.27 25.22
CA TYR H 403 -27.46 17.28 25.85
C TYR H 403 -27.90 18.74 26.00
N HIS H 404 -28.38 19.31 24.88
CA HIS H 404 -28.68 20.73 24.85
C HIS H 404 -29.76 21.12 25.85
N ARG H 405 -30.69 20.20 26.13
CA ARG H 405 -31.81 20.51 27.02
C ARG H 405 -31.32 20.98 28.40
N GLN H 406 -30.45 20.18 29.04
CA GLN H 406 -29.95 20.58 30.35
C GLN H 406 -28.86 21.64 30.25
N LEU H 407 -28.07 21.66 29.16
CA LEU H 407 -27.00 22.64 29.03
C LEU H 407 -27.56 24.06 28.94
N PHE H 408 -28.53 24.26 28.06
CA PHE H 408 -29.12 25.59 27.90
C PHE H 408 -29.83 26.03 29.16
N GLU H 409 -30.60 25.13 29.78
CA GLU H 409 -31.30 25.45 31.01
C GLU H 409 -30.32 25.86 32.11
N GLU H 410 -29.22 25.11 32.28
CA GLU H 410 -28.29 25.42 33.35
C GLU H 410 -27.52 26.70 33.05
N LEU H 411 -27.18 26.95 31.79
CA LEU H 411 -26.47 28.18 31.45
C LEU H 411 -27.37 29.40 31.64
N ARG H 412 -28.64 29.30 31.23
CA ARG H 412 -29.53 30.45 31.39
C ARG H 412 -29.85 30.70 32.86
N ARG H 413 -29.94 29.65 33.68
CA ARG H 413 -30.22 29.83 35.09
C ARG H 413 -29.02 30.37 35.86
N ALA H 414 -27.81 30.14 35.34
CA ALA H 414 -26.60 30.60 36.03
C ALA H 414 -26.20 32.01 35.62
N ALA H 415 -26.52 32.43 34.40
CA ALA H 415 -26.23 33.79 34.00
C ALA H 415 -27.12 34.76 34.78
N PRO H 416 -26.57 35.83 35.32
CA PRO H 416 -27.37 36.74 36.14
C PRO H 416 -28.32 37.58 35.29
N LEU H 417 -29.30 38.17 35.97
CA LEU H 417 -30.17 39.14 35.32
C LEU H 417 -29.33 40.33 34.85
N SER H 418 -29.73 40.91 33.72
CA SER H 418 -28.94 41.94 33.08
C SER H 418 -29.86 43.03 32.54
N ARG H 419 -29.37 44.26 32.58
CA ARG H 419 -30.04 45.39 31.95
C ARG H 419 -29.43 45.76 30.61
N ASP H 420 -28.38 45.06 30.20
CA ASP H 420 -27.74 45.33 28.92
C ASP H 420 -28.60 44.81 27.78
N PRO H 421 -29.05 45.66 26.86
CA PRO H 421 -29.94 45.18 25.77
C PRO H 421 -29.31 44.11 24.90
N THR H 422 -27.99 44.11 24.73
CA THR H 422 -27.34 43.06 23.95
C THR H 422 -27.46 41.70 24.63
N GLU H 423 -27.30 41.66 25.95
CA GLU H 423 -27.47 40.41 26.68
C GLU H 423 -28.93 39.96 26.67
N VAL H 424 -29.86 40.90 26.74
CA VAL H 424 -31.28 40.57 26.73
C VAL H 424 -31.67 39.99 25.38
N THR H 425 -31.28 40.66 24.28
CA THR H 425 -31.59 40.17 22.94
C THR H 425 -30.95 38.80 22.70
N ALA H 426 -29.73 38.60 23.19
CA ALA H 426 -29.00 37.36 22.91
C ALA H 426 -29.74 36.15 23.43
N ILE H 427 -30.25 36.21 24.67
CA ILE H 427 -30.93 35.05 25.22
C ILE H 427 -32.30 34.88 24.58
N GLY H 428 -32.94 35.98 24.19
CA GLY H 428 -34.18 35.88 23.45
C GLY H 428 -33.98 35.25 22.09
N ALA H 429 -32.87 35.57 21.42
CA ALA H 429 -32.60 35.00 20.11
C ALA H 429 -32.30 33.51 20.19
N VAL H 430 -31.57 33.08 21.22
CA VAL H 430 -31.21 31.66 21.34
C VAL H 430 -32.44 30.84 21.67
N GLU H 431 -33.27 31.30 22.60
CA GLU H 431 -34.52 30.61 22.91
C GLU H 431 -35.41 30.53 21.68
N ALA H 432 -35.49 31.61 20.91
CA ALA H 432 -36.27 31.59 19.67
C ALA H 432 -35.68 30.59 18.68
N ALA H 433 -34.35 30.55 18.57
CA ALA H 433 -33.72 29.56 17.69
C ALA H 433 -34.07 28.14 18.09
N PHE H 434 -34.17 27.86 19.40
CA PHE H 434 -34.54 26.52 19.84
C PHE H 434 -36.01 26.22 19.56
N LYS H 435 -36.84 27.25 19.53
CA LYS H 435 -38.27 27.07 19.34
C LYS H 435 -38.60 26.58 17.93
N CYS H 436 -37.85 27.03 16.93
CA CYS H 436 -38.13 26.69 15.54
C CYS H 436 -37.04 25.86 14.90
N CYS H 437 -36.08 25.35 15.67
CA CYS H 437 -34.94 24.62 15.12
C CYS H 437 -34.28 25.43 14.00
N ALA H 438 -33.97 26.69 14.32
CA ALA H 438 -33.41 27.60 13.34
C ALA H 438 -32.09 27.07 12.80
N ALA H 439 -31.91 27.21 11.49
CA ALA H 439 -30.65 26.81 10.88
C ALA H 439 -29.50 27.72 11.32
N ALA H 440 -29.81 28.98 11.62
CA ALA H 440 -28.74 29.91 11.95
C ALA H 440 -29.31 31.10 12.70
N ILE H 441 -28.42 31.77 13.42
CA ILE H 441 -28.65 33.11 13.96
C ILE H 441 -27.64 34.04 13.29
N ILE H 442 -28.15 35.01 12.54
CA ILE H 442 -27.31 35.95 11.80
C ILE H 442 -27.20 37.21 12.63
N VAL H 443 -25.98 37.61 12.96
CA VAL H 443 -25.76 38.75 13.84
C VAL H 443 -24.76 39.69 13.19
N LEU H 444 -25.04 40.98 13.25
CA LEU H 444 -24.09 42.00 12.84
C LEU H 444 -23.26 42.40 14.05
N THR H 445 -21.94 42.42 13.90
CA THR H 445 -21.10 42.78 15.03
C THR H 445 -19.86 43.51 14.52
N THR H 446 -19.32 44.38 15.35
CA THR H 446 -18.09 45.09 15.06
C THR H 446 -16.90 44.53 15.84
N THR H 447 -17.11 44.15 17.10
CA THR H 447 -16.06 43.59 17.92
C THR H 447 -16.19 42.09 18.14
N GLY H 448 -17.33 41.50 17.78
CA GLY H 448 -17.60 40.10 18.09
C GLY H 448 -18.44 39.89 19.33
N ARG H 449 -18.63 40.93 20.14
CA ARG H 449 -19.25 40.76 21.45
C ARG H 449 -20.69 40.25 21.32
N SER H 450 -21.46 40.81 20.38
CA SER H 450 -22.82 40.33 20.16
C SER H 450 -22.83 38.85 19.78
N ALA H 451 -21.85 38.41 18.99
CA ALA H 451 -21.78 37.00 18.63
C ALA H 451 -21.36 36.16 19.83
N GLN H 452 -20.44 36.66 20.64
CA GLN H 452 -19.98 35.92 21.80
C GLN H 452 -21.10 35.77 22.83
N LEU H 453 -21.95 36.78 22.97
CA LEU H 453 -23.06 36.69 23.91
C LEU H 453 -24.10 35.66 23.45
N LEU H 454 -24.26 35.49 22.14
CA LEU H 454 -25.09 34.40 21.66
C LEU H 454 -24.42 33.05 21.91
N SER H 455 -23.13 32.95 21.58
CA SER H 455 -22.41 31.69 21.68
C SER H 455 -22.37 31.16 23.11
N ARG H 456 -22.40 32.05 24.11
CA ARG H 456 -22.29 31.61 25.50
C ARG H 456 -23.50 30.79 25.94
N TYR H 457 -24.63 30.88 25.25
CA TYR H 457 -25.77 30.03 25.57
C TYR H 457 -25.77 28.72 24.81
N ARG H 458 -24.74 28.46 24.01
CA ARG H 458 -24.58 27.21 23.29
C ARG H 458 -25.81 26.86 22.44
N PRO H 459 -26.21 27.73 21.51
CA PRO H 459 -27.31 27.38 20.61
C PRO H 459 -26.91 26.26 19.67
N ARG H 460 -27.91 25.45 19.30
CA ARG H 460 -27.67 24.46 18.25
C ARG H 460 -27.56 25.14 16.89
N ALA H 461 -28.31 26.23 16.69
CA ALA H 461 -28.20 27.01 15.47
C ALA H 461 -26.81 27.64 15.35
N ALA H 462 -26.24 27.56 14.15
CA ALA H 462 -24.98 28.25 13.89
C ALA H 462 -25.15 29.75 14.06
N VAL H 463 -24.13 30.40 14.63
CA VAL H 463 -24.14 31.86 14.78
C VAL H 463 -23.29 32.43 13.65
N ILE H 464 -23.95 33.06 12.69
CA ILE H 464 -23.30 33.65 11.53
C ILE H 464 -23.08 35.13 11.83
N ALA H 465 -21.82 35.51 12.03
CA ALA H 465 -21.46 36.87 12.42
C ALA H 465 -20.94 37.61 11.20
N VAL H 466 -21.67 38.63 10.77
CA VAL H 466 -21.28 39.46 9.65
C VAL H 466 -20.56 40.68 10.19
N THR H 467 -19.34 40.92 9.70
CA THR H 467 -18.53 41.96 10.29
C THR H 467 -17.66 42.59 9.20
N ARG H 468 -17.31 43.87 9.40
CA ARG H 468 -16.26 44.51 8.61
C ARG H 468 -14.90 44.44 9.29
N SER H 469 -14.86 44.17 10.59
CA SER H 469 -13.59 44.14 11.32
C SER H 469 -12.82 42.88 10.99
N ALA H 470 -11.65 43.05 10.37
CA ALA H 470 -10.79 41.90 10.09
C ALA H 470 -10.37 41.19 11.37
N GLN H 471 -10.01 41.96 12.40
CA GLN H 471 -9.55 41.36 13.64
C GLN H 471 -10.66 40.58 14.33
N ALA H 472 -11.87 41.16 14.39
CA ALA H 472 -12.99 40.47 15.01
C ALA H 472 -13.36 39.21 14.23
N ALA H 473 -13.29 39.25 12.90
CA ALA H 473 -13.60 38.07 12.11
C ALA H 473 -12.63 36.94 12.41
N ARG H 474 -11.36 37.27 12.66
CA ARG H 474 -10.38 36.24 13.00
C ARG H 474 -10.55 35.75 14.44
N GLN H 475 -10.76 36.67 15.39
CA GLN H 475 -10.79 36.31 16.80
C GLN H 475 -12.07 35.58 17.20
N VAL H 476 -13.15 35.76 16.45
CA VAL H 476 -14.41 35.12 16.79
C VAL H 476 -14.35 33.61 16.65
N HIS H 477 -13.33 33.08 15.98
CA HIS H 477 -13.11 31.63 15.97
C HIS H 477 -12.88 31.06 17.36
N LEU H 478 -12.58 31.91 18.35
CA LEU H 478 -12.40 31.41 19.71
C LEU H 478 -13.71 30.95 20.33
N CYS H 479 -14.85 31.49 19.88
CA CYS H 479 -16.15 31.19 20.47
C CYS H 479 -16.83 30.06 19.69
N ARG H 480 -17.32 29.06 20.41
CA ARG H 480 -17.96 27.93 19.76
C ARG H 480 -19.18 28.36 18.96
N GLY H 481 -19.30 27.83 17.75
CA GLY H 481 -20.50 28.03 16.97
C GLY H 481 -20.62 29.36 16.28
N VAL H 482 -19.56 30.16 16.25
CA VAL H 482 -19.59 31.46 15.60
C VAL H 482 -18.83 31.35 14.29
N PHE H 483 -19.50 31.65 13.18
CA PHE H 483 -18.90 31.55 11.86
C PHE H 483 -18.75 32.94 11.28
N PRO H 484 -17.53 33.47 11.20
CA PRO H 484 -17.34 34.84 10.74
C PRO H 484 -17.47 34.96 9.23
N LEU H 485 -18.17 35.99 8.79
CA LEU H 485 -18.22 36.36 7.39
C LEU H 485 -17.76 37.80 7.27
N LEU H 486 -16.71 38.02 6.49
CA LEU H 486 -16.17 39.35 6.29
C LEU H 486 -16.91 40.06 5.15
N TYR H 487 -17.45 41.25 5.46
CA TYR H 487 -18.16 42.07 4.49
C TYR H 487 -17.20 43.10 3.92
N ARG H 488 -17.04 43.10 2.59
CA ARG H 488 -16.07 43.96 1.92
C ARG H 488 -16.67 45.21 1.31
N GLU H 489 -17.98 45.24 1.07
CA GLU H 489 -18.61 46.31 0.32
C GLU H 489 -18.48 47.66 1.05
N PRO H 490 -18.37 48.75 0.31
CA PRO H 490 -18.39 50.08 0.93
C PRO H 490 -19.75 50.37 1.53
N PRO H 491 -19.85 51.27 2.51
CA PRO H 491 -21.13 51.49 3.18
C PRO H 491 -22.13 52.15 2.24
N GLU H 492 -23.37 51.67 2.31
CA GLU H 492 -24.46 52.27 1.54
C GLU H 492 -24.75 53.67 2.06
N ALA H 493 -25.37 54.48 1.20
CA ALA H 493 -25.65 55.87 1.56
C ALA H 493 -26.59 55.95 2.76
N ILE H 494 -27.57 55.05 2.83
CA ILE H 494 -28.52 55.00 3.93
C ILE H 494 -28.15 53.84 4.84
N TRP H 495 -28.06 54.10 6.15
CA TRP H 495 -27.56 53.11 7.09
C TRP H 495 -28.47 51.89 7.15
N ALA H 496 -29.79 52.10 7.12
CA ALA H 496 -30.70 50.97 7.16
C ALA H 496 -30.51 50.03 5.97
N ASP H 497 -30.09 50.56 4.82
CA ASP H 497 -29.80 49.71 3.68
C ASP H 497 -28.46 49.02 3.81
N ASP H 498 -27.49 49.67 4.46
CA ASP H 498 -26.23 49.00 4.76
C ASP H 498 -26.46 47.80 5.67
N VAL H 499 -27.37 47.95 6.64
CA VAL H 499 -27.70 46.87 7.55
C VAL H 499 -28.30 45.69 6.79
N ASP H 500 -29.31 45.95 5.96
CA ASP H 500 -30.01 44.83 5.33
C ASP H 500 -29.16 44.18 4.25
N ARG H 501 -28.29 44.95 3.60
CA ARG H 501 -27.37 44.33 2.64
C ARG H 501 -26.40 43.38 3.34
N ARG H 502 -25.98 43.71 4.56
CA ARG H 502 -25.14 42.79 5.32
C ARG H 502 -25.92 41.56 5.76
N VAL H 503 -27.17 41.75 6.20
CA VAL H 503 -28.03 40.62 6.51
C VAL H 503 -28.15 39.70 5.29
N GLN H 504 -28.43 40.29 4.12
CA GLN H 504 -28.58 39.52 2.89
C GLN H 504 -27.28 38.80 2.53
N PHE H 505 -26.14 39.48 2.73
CA PHE H 505 -24.85 38.84 2.48
C PHE H 505 -24.64 37.63 3.39
N GLY H 506 -25.17 37.68 4.61
CA GLY H 506 -25.10 36.52 5.49
C GLY H 506 -25.95 35.37 5.01
N ILE H 507 -27.17 35.67 4.55
CA ILE H 507 -28.05 34.62 4.03
C ILE H 507 -27.46 34.01 2.76
N GLU H 508 -26.95 34.85 1.85
CA GLU H 508 -26.40 34.34 0.60
C GLU H 508 -25.16 33.47 0.86
N SER H 509 -24.29 33.90 1.77
CA SER H 509 -23.11 33.10 2.09
C SER H 509 -23.49 31.81 2.81
N GLY H 510 -24.46 31.90 3.72
CA GLY H 510 -24.95 30.70 4.39
C GLY H 510 -25.56 29.69 3.45
N LYS H 511 -26.20 30.18 2.38
CA LYS H 511 -26.74 29.27 1.36
C LYS H 511 -25.62 28.66 0.52
N LEU H 512 -24.61 29.45 0.19
CA LEU H 512 -23.49 28.96 -0.62
C LEU H 512 -22.72 27.87 0.11
N ARG H 513 -22.59 27.99 1.44
CA ARG H 513 -21.80 27.04 2.22
C ARG H 513 -22.59 25.86 2.75
N GLY H 514 -23.89 25.79 2.45
CA GLY H 514 -24.73 24.73 2.98
C GLY H 514 -25.27 24.96 4.38
N PHE H 515 -25.03 26.14 4.96
CA PHE H 515 -25.62 26.44 6.27
C PHE H 515 -27.14 26.57 6.17
N LEU H 516 -27.64 27.05 5.05
CA LEU H 516 -29.04 27.40 4.90
C LEU H 516 -29.57 26.89 3.56
N ARG H 517 -30.77 26.34 3.59
CA ARG H 517 -31.47 25.98 2.37
C ARG H 517 -32.83 26.65 2.39
N VAL H 518 -33.48 26.66 1.22
CA VAL H 518 -34.77 27.32 1.10
C VAL H 518 -35.77 26.69 2.06
N GLY H 519 -36.49 27.54 2.79
CA GLY H 519 -37.46 27.10 3.75
C GLY H 519 -37.00 27.15 5.19
N ASP H 520 -35.69 27.18 5.43
CA ASP H 520 -35.17 27.23 6.79
C ASP H 520 -35.62 28.50 7.50
N LEU H 521 -35.75 28.42 8.82
CA LEU H 521 -35.98 29.59 9.64
C LEU H 521 -34.65 30.14 10.14
N VAL H 522 -34.60 31.45 10.31
CA VAL H 522 -33.37 32.14 10.69
C VAL H 522 -33.72 33.29 11.63
N ILE H 523 -32.89 33.47 12.65
CA ILE H 523 -33.00 34.59 13.57
C ILE H 523 -31.96 35.64 13.18
N VAL H 524 -32.37 36.89 13.10
CA VAL H 524 -31.48 37.97 12.68
C VAL H 524 -31.40 38.97 13.83
N VAL H 525 -30.19 39.36 14.18
CA VAL H 525 -29.91 40.16 15.36
C VAL H 525 -29.13 41.39 14.94
N THR H 526 -29.71 42.57 15.15
CA THR H 526 -29.10 43.83 14.73
C THR H 526 -29.27 44.84 15.86
N GLY H 527 -28.87 46.08 15.58
CA GLY H 527 -28.98 47.15 16.55
C GLY H 527 -29.72 48.34 15.96
N TRP H 528 -30.04 49.29 16.84
CA TRP H 528 -30.90 50.40 16.46
C TRP H 528 -30.12 51.60 15.92
N ARG H 529 -28.79 51.57 15.95
CA ARG H 529 -27.98 52.68 15.49
C ARG H 529 -26.55 52.19 15.28
N PRO H 530 -25.75 52.91 14.49
CA PRO H 530 -24.40 52.42 14.18
C PRO H 530 -23.48 52.39 15.40
N GLY H 531 -22.38 51.68 15.25
CA GLY H 531 -21.40 51.55 16.30
C GLY H 531 -21.64 50.35 17.21
N SER H 532 -20.64 50.05 18.02
CA SER H 532 -20.68 48.90 18.92
C SER H 532 -21.57 49.17 20.13
N GLY H 533 -22.21 48.11 20.62
CA GLY H 533 -22.92 48.16 21.89
C GLY H 533 -24.40 48.48 21.83
N TYR H 534 -25.02 48.45 20.64
CA TYR H 534 -26.40 48.88 20.49
C TYR H 534 -27.30 47.79 19.91
N THR H 535 -26.83 46.54 19.93
CA THR H 535 -27.68 45.42 19.56
C THR H 535 -28.92 45.38 20.45
N ASN H 536 -30.10 45.28 19.84
CA ASN H 536 -31.33 45.28 20.62
C ASN H 536 -32.52 44.77 19.83
N ILE H 537 -32.28 44.20 18.65
CA ILE H 537 -33.36 43.81 17.75
C ILE H 537 -33.17 42.35 17.37
N MET H 538 -34.27 41.60 17.40
CA MET H 538 -34.30 40.21 16.99
C MET H 538 -35.45 40.04 16.00
N ARG H 539 -35.18 39.41 14.85
CA ARG H 539 -36.20 39.18 13.83
C ARG H 539 -36.22 37.70 13.43
N VAL H 540 -37.40 37.20 13.11
CA VAL H 540 -37.59 35.84 12.61
C VAL H 540 -37.91 35.93 11.13
N LEU H 541 -37.08 35.29 10.31
CA LEU H 541 -37.23 35.29 8.86
C LEU H 541 -37.11 33.88 8.32
N SER H 542 -37.84 33.62 7.25
CA SER H 542 -37.68 32.39 6.48
C SER H 542 -36.72 32.65 5.32
N ILE H 543 -35.95 31.64 4.98
CA ILE H 543 -34.92 31.75 3.94
C ILE H 543 -35.56 31.51 2.59
N SER H 544 -35.22 32.37 1.63
CA SER H 544 -35.59 32.16 0.24
C SER H 544 -34.36 32.17 -0.66
P1 FBP I . 62.26 9.80 -48.39
O1P FBP I . 62.44 9.83 -46.89
O2P FBP I . 61.69 11.12 -48.87
O3P FBP I . 63.58 9.49 -49.05
O1 FBP I . 61.18 8.61 -48.82
C1 FBP I . 61.52 7.26 -48.52
C2 FBP I . 60.24 6.39 -48.53
O2 FBP I . 60.64 5.04 -48.50
C3 FBP I . 59.40 6.69 -49.82
O3 FBP I . 59.77 5.89 -50.84
C4 FBP I . 57.99 6.38 -49.35
O4 FBP I . 56.99 6.94 -50.29
C5 FBP I . 57.99 7.00 -48.15
O5 FBP I . 59.45 6.67 -47.53
C6 FBP I . 56.90 6.48 -47.26
O6 FBP I . 56.43 7.53 -46.42
P2 FBP I . 54.90 7.48 -45.79
O4P FBP I . 54.78 6.26 -44.89
O5P FBP I . 54.62 8.71 -44.98
O6P FBP I . 53.89 7.42 -46.91
MN MN J . 37.01 12.52 -18.38
K K K . 41.11 16.18 -18.65
C PYR L . 38.23 10.00 -17.99
O PYR L . 37.10 10.54 -17.60
OXT PYR L . 38.38 8.70 -17.88
CA PYR L . 39.26 10.77 -18.53
O3 PYR L . 39.10 12.06 -18.68
CB PYR L . 40.55 10.12 -18.93
C14 HVI M . 37.53 -13.62 -26.95
C12 HVI M . 35.74 -16.63 -30.46
C01 HVI M . 39.89 -13.46 -30.83
C03 HVI M . 38.24 -14.09 -29.30
C04 HVI M . 37.82 -14.91 -30.39
C07 HVI M . 36.44 -15.22 -28.56
C08 HVI M . 36.64 -15.65 -29.90
C09 HVI M . 35.32 -15.80 -27.85
C15 HVI M . 41.07 -12.70 -31.42
C16 HVI M . 40.39 -11.41 -31.90
C17 HVI M . 39.60 -11.25 -33.08
C18 HVI M . 39.16 -9.89 -33.06
C21 HVI M . 33.44 -17.29 -27.74
C22 HVI M . 34.07 -18.45 -26.94
C23 HVI M . 34.50 -19.59 -27.60
C24 HVI M . 35.10 -20.63 -26.85
C25 HVI M . 35.22 -20.44 -25.46
C26 HVI M . 34.76 -19.25 -24.89
N02 HVI M . 39.37 -13.30 -29.58
N06 HVI M . 37.40 -14.29 -28.24
N10 HVI M . 34.54 -16.70 -28.47
N11 HVI M . 34.74 -17.11 -29.70
N19 HVI M . 39.66 -9.35 -31.96
N20 HVI M . 40.37 -10.24 -31.28
N27 HVI M . 34.21 -18.31 -25.64
N28 HVI M . 34.87 -19.05 -23.48
O13 HVI M . 35.09 -15.48 -26.71
S05 HVI M . 38.92 -14.60 -31.68
P1 FBP N . 10.71 -38.46 -11.79
O1P FBP N . 9.20 -38.52 -11.95
O2P FBP N . 11.10 -37.19 -11.07
O3P FBP N . 11.24 -39.65 -11.03
O1 FBP N . 11.38 -38.47 -13.31
C1 FBP N . 11.17 -37.33 -14.14
C2 FBP N . 12.37 -37.25 -15.10
O2 FBP N . 12.07 -36.40 -16.18
C3 FBP N . 12.73 -38.67 -15.64
O3 FBP N . 12.00 -38.93 -16.76
C4 FBP N . 14.19 -38.51 -15.95
O4 FBP N . 14.83 -39.84 -16.13
C5 FBP N . 14.62 -37.89 -14.83
O5 FBP N . 13.43 -36.87 -14.44
C6 FBP N . 15.91 -37.15 -15.01
O6 FBP N . 16.60 -37.14 -13.78
P2 FBP N . 18.24 -36.89 -13.73
O4P FBP N . 18.71 -36.88 -12.29
O5P FBP N . 18.63 -35.58 -14.38
O6P FBP N . 18.91 -38.02 -14.48
MN MN O . 44.01 -19.28 -0.57
K K P . 40.92 -20.86 2.88
C PYR Q . 42.63 -18.23 -2.12
O PYR Q . 42.19 -19.15 -1.30
OXT PYR Q . 43.91 -17.93 -2.19
CA PYR Q . 41.73 -17.58 -2.94
O3 PYR Q . 42.19 -16.84 -3.92
CB PYR Q . 40.26 -17.74 -2.68
P1 FBP R . 64.52 -18.98 -60.44
O1P FBP R . 63.01 -19.01 -60.43
O2P FBP R . 65.02 -19.44 -59.09
O3P FBP R . 64.94 -20.03 -61.44
O1 FBP R . 65.17 -17.47 -60.79
C1 FBP R . 64.83 -16.21 -60.13
C2 FBP R . 66.03 -15.20 -60.10
O2 FBP R . 66.99 -15.64 -59.16
C3 FBP R . 65.78 -13.71 -59.64
O3 FBP R . 66.97 -13.21 -59.19
C4 FBP R . 65.46 -12.90 -60.85
O4 FBP R . 64.01 -12.61 -60.90
C5 FBP R . 65.82 -13.66 -61.90
O5 FBP R . 66.44 -15.06 -61.32
C6 FBP R . 66.83 -12.87 -62.66
O6 FBP R . 68.06 -13.55 -62.71
P2 FBP R . 68.80 -13.64 -64.18
O4P FBP R . 67.81 -14.13 -65.19
O5P FBP R . 69.99 -14.57 -64.03
O6P FBP R . 69.23 -12.24 -64.61
MN MN S . 46.20 -46.18 -69.39
K K T . 49.88 -44.90 -73.01
C PYR U . 45.30 -44.15 -69.65
O PYR U . 44.60 -45.13 -69.13
OXT PYR U . 46.42 -44.35 -70.28
CA PYR U . 44.80 -42.87 -69.52
O3 PYR U . 43.69 -42.69 -68.84
CB PYR U . 45.54 -41.72 -70.16
C14 HVI V . 33.36 -27.89 -53.17
C12 HVI V . 32.95 -26.28 -48.48
C01 HVI V . 36.54 -24.88 -52.03
C03 HVI V . 34.69 -26.27 -51.81
C04 HVI V . 34.68 -25.74 -50.49
C07 HVI V . 32.94 -27.23 -50.76
C08 HVI V . 33.54 -26.36 -49.80
C09 HVI V . 31.78 -27.98 -50.33
C15 HVI V . 37.76 -24.21 -52.67
C16 HVI V . 38.80 -25.32 -52.54
C17 HVI V . 39.52 -25.69 -51.36
C18 HVI V . 40.35 -26.77 -51.76
C21 HVI V . 30.14 -28.57 -48.66
C22 HVI V . 28.97 -27.68 -49.09
C23 HVI V . 28.73 -26.50 -48.39
C24 HVI V . 27.66 -25.66 -48.79
C25 HVI V . 26.91 -26.07 -49.90
C26 HVI V . 27.24 -27.27 -50.54
N02 HVI V . 35.72 -25.78 -52.62
N06 HVI V . 33.65 -27.16 -51.94
N10 HVI V . 31.32 -27.83 -49.07
N11 HVI V . 31.87 -27.02 -48.20
N19 HVI V . 40.09 -26.98 -53.05
N20 HVI V . 39.19 -26.14 -53.49
N27 HVI V . 28.26 -28.02 -50.14
N28 HVI V . 26.48 -27.68 -51.67
O13 HVI V . 31.22 -28.73 -51.10
S05 HVI V . 36.02 -24.64 -50.41
P1 FBP W . -2.35 -37.72 -37.42
O1P FBP W . -3.06 -38.69 -36.52
O2P FBP W . -1.86 -38.40 -38.68
O3P FBP W . -3.26 -36.57 -37.84
O1 FBP W . -1.03 -37.09 -36.66
C1 FBP W . -0.15 -36.41 -37.55
C2 FBP W . 1.10 -35.89 -36.82
O2 FBP W . 1.69 -36.85 -35.97
C3 FBP W . 0.73 -34.58 -36.01
O3 FBP W . 1.10 -34.68 -34.71
C4 FBP W . 1.55 -33.53 -36.73
O4 FBP W . 0.87 -32.21 -36.60
C5 FBP W . 1.52 -34.00 -37.99
O5 FBP W . 1.93 -35.53 -37.75
C6 FBP W . 2.54 -33.37 -38.87
O6 FBP W . 2.11 -33.51 -40.22
P2 FBP W . 2.72 -32.44 -41.32
O4P FBP W . 2.57 -31.04 -40.80
O5P FBP W . 2.00 -32.59 -42.65
O6P FBP W . 4.19 -32.75 -41.52
MN MN X . 13.00 -28.82 -72.39
C PYR Y . 15.55 -30.55 -70.87
O PYR Y . 16.46 -30.66 -69.95
OXT PYR Y . 15.81 -29.85 -71.96
CA PYR Y . 14.30 -31.16 -70.71
O3 PYR Y . 13.28 -30.82 -71.46
CB PYR Y . 14.11 -32.20 -69.64
P1 FBP Z . -51.63 47.06 11.33
O1P FBP Z . -52.52 47.25 12.54
O2P FBP Z . -51.00 48.39 10.99
O3P FBP Z . -52.46 46.54 10.17
O1 FBP Z . -50.47 45.92 11.68
C1 FBP Z . -49.61 46.14 12.81
C2 FBP Z . -49.01 44.80 13.31
O2 FBP Z . -47.83 45.05 14.04
C3 FBP Z . -48.67 43.86 12.10
O3 FBP Z . -47.36 44.05 11.76
C4 FBP Z . -48.91 42.51 12.67
O4 FBP Z . -49.02 41.49 11.59
C5 FBP Z . -50.07 42.70 13.34
O5 FBP Z . -49.86 44.12 14.05
C6 FBP Z . -50.33 41.64 14.37
O6 FBP Z . -51.72 41.39 14.47
P2 FBP Z . -52.26 39.95 15.08
O4P FBP Z . -53.76 39.90 15.04
O5P FBP Z . -51.81 39.82 16.52
O6P FBP Z . -51.72 38.79 14.28
MN MN AA . -74.46 27.19 37.18
K K BA . -76.41 30.06 35.47
C PYR CA . -71.93 28.13 38.75
O PYR CA . -72.63 27.02 38.65
OXT PYR CA . -70.91 28.15 39.58
CA PYR CA . -72.25 29.26 38.00
O3 PYR CA . -73.50 29.52 37.70
CB PYR CA . -71.17 30.19 37.53
C14 HVI DA . -47.69 24.12 43.86
C12 HVI DA . -43.59 21.52 42.86
C01 HVI DA . -45.41 25.71 40.32
C03 HVI DA . -45.92 24.34 42.11
C04 HVI DA . -44.73 23.68 41.72
C07 HVI DA . -45.66 22.65 43.55
C08 HVI DA . -44.56 22.57 42.66
C09 HVI DA . -45.73 21.65 44.61
C15 HVI DA . -45.60 26.83 39.30
C16 HVI DA . -46.52 26.13 38.33
C17 HVI DA . -46.17 25.10 37.39
C18 HVI DA . -47.38 24.75 36.74
C21 HVI DA . -44.86 19.74 45.75
C22 HVI DA . -44.15 20.46 46.91
C23 HVI DA . -42.76 20.64 46.85
C24 HVI DA . -42.09 21.31 47.89
C25 HVI DA . -42.90 21.76 48.95
C26 HVI DA . -44.28 21.54 48.92
N02 HVI DA . -46.27 25.44 41.32
N06 HVI DA . -46.46 23.71 43.20
N10 HVI DA . -44.78 20.71 44.68
N11 HVI DA . -43.75 20.65 43.87
N19 HVI DA . -48.33 25.49 37.30
N20 HVI DA . -47.84 26.27 38.23
N27 HVI DA . -44.86 20.92 47.91
N28 HVI DA . -45.08 22.01 49.99
O13 HVI DA . -46.63 21.63 45.41
S05 HVI DA . -44.14 24.56 40.35
P1 FBP EA . -37.49 0.44 74.50
O1P FBP EA . -38.94 0.87 74.44
O2P FBP EA . -37.44 -1.07 74.61
O3P FBP EA . -36.82 1.11 75.67
O1 FBP EA . -36.72 0.89 73.11
C1 FBP EA . -37.23 0.41 71.85
C2 FBP EA . -36.67 1.32 70.75
O2 FBP EA . -36.87 0.74 69.48
C3 FBP EA . -35.13 1.59 70.96
O3 FBP EA . -34.38 0.61 70.38
C4 FBP EA . -34.99 2.92 70.28
O4 FBP EA . -33.72 3.61 70.63
C5 FBP EA . -36.04 3.58 70.78
O5 FBP EA . -37.23 2.50 70.80
C6 FBP EA . -36.43 4.75 69.92
O6 FBP EA . -37.05 5.70 70.75
P2 FBP EA . -36.98 7.29 70.35
O4P FBP EA . -37.56 8.14 71.45
O5P FBP EA . -37.78 7.52 69.07
O6P FBP EA . -35.54 7.67 70.14
MN MN FA . -54.99 34.86 67.90
K K GA . -56.38 32.42 72.42
C PYR HA . -54.95 37.72 70.51
O PYR HA . -54.62 38.98 70.34
OXT PYR HA . -54.14 36.77 70.10
CA PYR HA . -56.17 37.39 71.09
O3 PYR HA . -56.59 36.15 71.10
CB PYR HA . -57.00 38.47 71.74
P1 FBP IA . -26.29 -17.95 54.62
O1P FBP IA . -25.85 -18.14 56.05
O2P FBP IA . -25.04 -17.69 53.82
O3P FBP IA . -27.04 -19.15 54.09
O1 FBP IA . -27.32 -16.65 54.53
C1 FBP IA . -26.81 -15.36 54.88
C2 FBP IA . -27.58 -14.31 54.06
O2 FBP IA . -27.46 -13.04 54.66
C3 FBP IA . -29.10 -14.70 53.95
O3 FBP IA . -29.80 -14.15 54.98
C4 FBP IA . -29.48 -14.09 52.63
O4 FBP IA . -30.77 -14.65 52.15
C5 FBP IA . -28.44 -14.44 51.85
O5 FBP IA . -27.15 -14.28 52.82
C6 FBP IA . -28.29 -13.54 50.66
O6 FBP IA . -27.83 -14.28 49.55
P2 FBP IA . -28.17 -13.81 48.00
O4P FBP IA . -29.67 -13.74 47.76
O5P FBP IA . -27.61 -14.82 47.03
O6P FBP IA . -27.52 -12.46 47.75
MN MN JA . -12.25 -8.35 18.20
K K KA . -10.95 -11.75 19.61
C PYR LA . -11.93 -5.68 20.24
O PYR LA . -11.68 -4.56 20.88
OXT PYR LA . -12.29 -5.62 18.98
CA PYR LA . -11.81 -6.91 20.90
O3 PYR LA . -11.84 -8.02 20.20
CB PYR LA . -11.65 -6.97 22.38
C14 HVI MA . -22.09 14.25 31.36
C12 HVI MA . -26.19 16.86 32.37
C01 HVI MA . -24.36 12.69 34.93
C03 HVI MA . -23.84 14.04 33.11
C04 HVI MA . -25.05 14.70 33.51
C07 HVI MA . -24.12 15.73 31.66
C08 HVI MA . -25.23 15.80 32.56
C09 HVI MA . -24.07 16.73 30.62
C15 HVI MA . -24.23 11.54 35.91
C16 HVI MA . -24.86 10.40 35.10
C17 HVI MA . -26.27 10.19 34.92
C18 HVI MA . -26.36 9.04 34.08
C21 HVI MA . -24.92 18.65 29.49
C22 HVI MA . -24.07 19.75 30.15
C23 HVI MA . -24.61 20.56 31.15
C24 HVI MA . -23.81 21.56 31.75
C25 HVI MA . -22.48 21.66 31.30
C26 HVI MA . -22.02 20.81 30.29
N02 HVI MA . -23.51 12.94 33.91
N06 HVI MA . -23.32 14.67 32.03
N10 HVI MA . -25.03 17.66 30.53
N11 HVI MA . -26.03 17.73 31.37
N19 HVI MA . -25.11 8.66 33.83
N20 HVI MA . -24.24 9.47 34.41
N27 HVI MA . -22.82 19.89 29.77
N28 HVI MA . -20.69 20.90 29.82
O13 HVI MA . -23.17 16.75 29.80
S05 HVI MA . -25.63 13.83 34.89
P1 FBP NA . -22.32 49.32 12.16
O1P FBP NA . -21.42 50.37 12.76
O2P FBP NA . -23.17 49.93 11.07
O3P FBP NA . -21.51 48.20 11.56
O1 FBP NA . -23.30 48.71 13.36
C1 FBP NA . -24.19 47.63 13.06
C2 FBP NA . -24.54 46.89 14.37
O2 FBP NA . -25.62 45.99 14.18
C3 FBP NA . -24.94 47.94 15.47
O3 FBP NA . -26.26 48.22 15.40
C4 FBP NA . -24.58 47.20 16.73
O4 FBP NA . -24.45 48.14 17.88
C5 FBP NA . -23.36 46.72 16.39
O5 FBP NA . -23.50 46.27 14.85
C6 FBP NA . -22.96 45.56 17.25
O6 FBP NA . -21.55 45.52 17.35
P2 FBP NA . -20.86 44.77 18.64
O4P FBP NA . -21.44 45.34 19.91
O5P FBP NA . -21.17 43.28 18.57
O6P FBP NA . -19.38 44.98 18.65
MN MN OA . 2.93 24.34 27.76
C PYR PA . 6.34 25.58 29.77
O PYR PA . 5.90 26.06 30.92
OXT PYR PA . 5.59 25.65 28.70
CA PYR PA . 7.59 24.98 29.69
O3 PYR PA . 7.85 23.93 30.44
CB PYR PA . 8.62 25.51 28.76
#